data_9VMA
#
_entry.id   9VMA
#
_cell.length_a   1.00
_cell.length_b   1.00
_cell.length_c   1.00
_cell.angle_alpha   90.00
_cell.angle_beta   90.00
_cell.angle_gamma   90.00
#
_symmetry.space_group_name_H-M   'P 1'
#
loop_
_entity.id
_entity.type
_entity.pdbx_description
1 polymer 'RNA-dependent DNA polymerase'
2 polymer 'RNA (188-MER)'
3 polymer "DNA (5'-D(P*AP*AP*AP*A)-3')"
4 non-polymer "2'-DEOXYADENOSINE 5'-TRIPHOSPHATE"
5 non-polymer 'MAGNESIUM ION'
#
loop_
_entity_poly.entity_id
_entity_poly.type
_entity_poly.pdbx_seq_one_letter_code
_entity_poly.pdbx_strand_id
1 'polypeptide(L)'
;MKLEQQIQRVILEEAKALIKDYHEYHNRVHLESVRNKKRLGDSAPDKKIHRPNYWSFDKKFDPFYVKSNYKSIARSIANK
IENRTYLPNEPFTKDVPKPDGGIRKVSIYQIPDAAISKLFFNRLLAKNRHRFSSFSYAYRNDRNVHFAIQDISVDLKKNE
RTFLAEFDFSDFFGSISHSFLNEQFNENGFYISPEEKFIIRSFLRERKVGIPQGTSISLFLANLTCWKLDQDLEREGVKF
SRYADDTIIWSQEYSKICNAFNIITNFSKSAGIKINPKKSEGISLLTKKGLPSEITSKNNLDFLGYTLSVENVSIKEKSV
KKIKKQISYILYRNLIQPLKKTSLAGQTIPANDRDKNFLIAICEIRRYMYGGLSKSQIKDYLSGRSNRLYFKGIMSFYPL
VNDVEQLKQLDGWIVSVIYRALKLRCQLLSKWGYNRSHNFPFILDREDIVDKCSKKTIAGRKLFEIPSFLLIHKALQKGL
QESGIEKIMNPQSLNYDYE
;
A,B,C,D,E,F
2 'polyribonucleotide'
;CAUUCUCUCAUAGGGAUAACGGUGUGGCCUUCUACCUGUUAGAAAUAAUGGGUCUUCAGUUGUAAUUCGUUGCAACUGAC
GGGGGGGUGGUGUCAAAGCCGUUUCAACCAAGUGGUAACUUACUUUUACUUGGGUUUAUACCGUGGAAAAGCCUGAGUCU
AACUCAGGCUUUUUUGUUUAGAGGGCUU
;
G,H,I,J,K,L
3 'polydeoxyribonucleotide' (DA)(DA)(DA)(DA) M,N,O,P,Q,R
#
loop_
_chem_comp.id
_chem_comp.type
_chem_comp.name
_chem_comp.formula
A RNA linking ADENOSINE-5'-MONOPHOSPHATE 'C10 H14 N5 O7 P'
C RNA linking CYTIDINE-5'-MONOPHOSPHATE 'C9 H14 N3 O8 P'
DA DNA linking 2'-DEOXYADENOSINE-5'-MONOPHOSPHATE 'C10 H14 N5 O6 P'
DTP non-polymer '2'-DEOXYADENOSINE 5'-TRIPHOSPHATE' 'C10 H16 N5 O12 P3'
G RNA linking GUANOSINE-5'-MONOPHOSPHATE 'C10 H14 N5 O8 P'
MG non-polymer 'MAGNESIUM ION' 'Mg 2'
U RNA linking URIDINE-5'-MONOPHOSPHATE 'C9 H13 N2 O9 P'
#
# COMPACT_ATOMS: atom_id res chain seq x y z
N MET A 1 35.15 -32.21 -37.97
CA MET A 1 34.80 -31.84 -36.60
C MET A 1 33.87 -30.62 -36.62
N LYS A 2 32.77 -30.69 -35.87
CA LYS A 2 31.76 -29.65 -35.96
C LYS A 2 32.28 -28.31 -35.45
N LEU A 3 32.96 -28.31 -34.30
CA LEU A 3 33.44 -27.06 -33.74
C LEU A 3 34.49 -26.42 -34.63
N GLU A 4 35.41 -27.22 -35.17
CA GLU A 4 36.50 -26.66 -35.96
C GLU A 4 35.98 -26.01 -37.23
N GLN A 5 34.97 -26.60 -37.87
CA GLN A 5 34.40 -25.98 -39.06
C GLN A 5 33.75 -24.64 -38.71
N GLN A 6 33.05 -24.58 -37.57
CA GLN A 6 32.43 -23.33 -37.15
C GLN A 6 33.49 -22.25 -36.92
N ILE A 7 34.58 -22.62 -36.23
CA ILE A 7 35.63 -21.66 -35.97
C ILE A 7 36.28 -21.20 -37.27
N GLN A 8 36.52 -22.13 -38.19
CA GLN A 8 37.06 -21.76 -39.50
C GLN A 8 36.17 -20.75 -40.18
N ARG A 9 34.86 -21.01 -40.23
CA ARG A 9 33.95 -20.10 -40.91
C ARG A 9 33.95 -18.73 -40.26
N VAL A 10 33.90 -18.69 -38.93
CA VAL A 10 33.83 -17.41 -38.23
C VAL A 10 35.11 -16.61 -38.46
N ILE A 11 36.26 -17.26 -38.31
CA ILE A 11 37.54 -16.56 -38.50
C ILE A 11 37.67 -16.05 -39.91
N LEU A 12 37.32 -16.88 -40.90
CA LEU A 12 37.41 -16.45 -42.29
C LEU A 12 36.49 -15.28 -42.57
N GLU A 13 35.27 -15.33 -42.06
CA GLU A 13 34.34 -14.23 -42.29
C GLU A 13 34.85 -12.93 -41.66
N GLU A 14 35.35 -13.00 -40.44
CA GLU A 14 35.85 -11.81 -39.77
C GLU A 14 37.04 -11.23 -40.52
N ALA A 15 37.99 -12.08 -40.92
CA ALA A 15 39.17 -11.61 -41.64
C ALA A 15 38.78 -10.99 -42.97
N LYS A 16 37.86 -11.62 -43.70
CA LYS A 16 37.43 -11.08 -44.98
C LYS A 16 36.72 -9.74 -44.80
N ALA A 17 35.91 -9.61 -43.75
CA ALA A 17 35.26 -8.33 -43.49
C ALA A 17 36.29 -7.24 -43.23
N LEU A 18 37.30 -7.55 -42.41
CA LEU A 18 38.34 -6.55 -42.12
C LEU A 18 39.11 -6.18 -43.39
N ILE A 19 39.42 -7.16 -44.23
CA ILE A 19 40.14 -6.88 -45.46
C ILE A 19 39.30 -6.00 -46.39
N LYS A 20 38.01 -6.29 -46.50
CA LYS A 20 37.13 -5.46 -47.31
C LYS A 20 37.08 -4.03 -46.77
N ASP A 21 37.01 -3.89 -45.45
CA ASP A 21 37.01 -2.56 -44.86
C ASP A 21 38.29 -1.81 -45.19
N TYR A 22 39.44 -2.49 -45.09
CA TYR A 22 40.70 -1.83 -45.41
C TYR A 22 40.78 -1.41 -46.87
N HIS A 23 40.33 -2.27 -47.77
CA HIS A 23 40.38 -1.92 -49.19
C HIS A 23 39.46 -0.76 -49.50
N GLU A 24 38.26 -0.75 -48.90
CA GLU A 24 37.38 0.40 -49.04
C GLU A 24 38.06 1.66 -48.50
N TYR A 25 38.74 1.53 -47.36
CA TYR A 25 39.40 2.68 -46.76
C TYR A 25 40.43 3.29 -47.70
N HIS A 26 41.32 2.46 -48.25
CA HIS A 26 42.38 3.04 -49.06
C HIS A 26 41.88 3.51 -50.42
N ASN A 27 40.90 2.83 -51.01
CA ASN A 27 40.30 3.35 -52.24
C ASN A 27 39.63 4.69 -52.00
N ARG A 28 38.89 4.81 -50.89
CA ARG A 28 38.26 6.08 -50.54
C ARG A 28 39.31 7.16 -50.31
N VAL A 29 40.42 6.80 -49.65
CA VAL A 29 41.46 7.78 -49.40
C VAL A 29 42.05 8.28 -50.71
N HIS A 30 42.29 7.39 -51.66
CA HIS A 30 42.80 7.83 -52.96
C HIS A 30 41.81 8.75 -53.67
N LEU A 31 40.53 8.38 -53.67
CA LEU A 31 39.54 9.21 -54.35
C LEU A 31 39.43 10.58 -53.69
N GLU A 32 39.39 10.62 -52.36
CA GLU A 32 39.34 11.88 -51.65
C GLU A 32 40.61 12.69 -51.85
N SER A 33 41.76 12.03 -52.01
CA SER A 33 42.98 12.76 -52.31
C SER A 33 42.90 13.42 -53.68
N VAL A 34 42.34 12.72 -54.67
CA VAL A 34 42.16 13.32 -55.99
C VAL A 34 41.25 14.53 -55.89
N ARG A 35 40.13 14.39 -55.18
CA ARG A 35 39.21 15.52 -55.03
C ARG A 35 39.87 16.67 -54.28
N ASN A 36 40.63 16.36 -53.25
CA ASN A 36 41.30 17.40 -52.46
C ASN A 36 42.32 18.16 -53.30
N LYS A 37 43.08 17.44 -54.15
CA LYS A 37 43.99 18.12 -55.05
C LYS A 37 43.24 19.00 -56.03
N LYS A 38 42.10 18.53 -56.52
CA LYS A 38 41.25 19.39 -57.34
C LYS A 38 40.70 20.57 -56.55
N ARG A 39 40.72 20.50 -55.23
CA ARG A 39 40.22 21.56 -54.37
C ARG A 39 41.31 22.53 -53.91
N LEU A 40 42.37 22.01 -53.30
CA LEU A 40 43.42 22.86 -52.73
C LEU A 40 44.50 23.25 -53.73
N GLY A 41 44.46 22.72 -54.95
CA GLY A 41 45.49 23.06 -55.90
C GLY A 41 46.86 22.58 -55.45
N ASP A 42 47.87 23.42 -55.66
CA ASP A 42 49.25 23.05 -55.38
C ASP A 42 49.54 22.88 -53.90
N SER A 43 48.65 23.32 -53.02
CA SER A 43 48.87 23.21 -51.58
C SER A 43 48.33 21.91 -51.01
N ALA A 44 47.78 21.04 -51.84
CA ALA A 44 47.19 19.80 -51.35
C ALA A 44 48.28 18.87 -50.81
N PRO A 45 48.11 18.29 -49.64
CA PRO A 45 49.08 17.32 -49.13
C PRO A 45 49.00 16.01 -49.89
N ASP A 46 50.05 15.21 -49.74
CA ASP A 46 50.14 13.94 -50.45
C ASP A 46 49.34 12.86 -49.74
N LYS A 47 48.97 11.83 -50.51
CA LYS A 47 48.21 10.71 -49.98
C LYS A 47 49.04 9.97 -48.93
N LYS A 48 48.41 9.61 -47.82
CA LYS A 48 49.07 8.94 -46.71
C LYS A 48 48.23 7.72 -46.31
N ILE A 49 48.73 6.53 -46.62
CA ILE A 49 48.04 5.29 -46.29
C ILE A 49 48.53 4.81 -44.93
N HIS A 50 47.62 4.68 -43.98
CA HIS A 50 47.95 4.27 -42.62
C HIS A 50 47.43 2.86 -42.39
N ARG A 51 48.34 1.91 -42.28
CA ARG A 51 47.92 0.63 -41.72
C ARG A 51 47.80 0.76 -40.20
N PRO A 52 46.81 0.11 -39.59
CA PRO A 52 46.65 0.22 -38.15
C PRO A 52 47.92 -0.21 -37.42
N ASN A 53 48.23 0.49 -36.34
CA ASN A 53 49.50 0.28 -35.65
C ASN A 53 49.60 -1.12 -35.08
N TYR A 54 48.51 -1.63 -34.49
CA TYR A 54 48.58 -2.91 -33.82
C TYR A 54 48.78 -4.09 -34.77
N TRP A 55 48.60 -3.89 -36.08
CA TRP A 55 48.92 -4.96 -37.02
C TRP A 55 50.38 -5.37 -36.93
N SER A 56 51.26 -4.44 -36.55
CA SER A 56 52.66 -4.77 -36.36
C SER A 56 52.93 -5.34 -34.98
N PHE A 57 52.00 -5.20 -34.03
CA PHE A 57 52.22 -5.76 -32.70
C PHE A 57 52.26 -7.28 -32.74
N ASP A 58 51.40 -7.90 -33.52
CA ASP A 58 51.37 -9.35 -33.66
C ASP A 58 50.76 -9.70 -35.01
N LYS A 59 51.21 -10.82 -35.58
CA LYS A 59 50.74 -11.21 -36.90
C LYS A 59 49.26 -11.56 -36.87
N LYS A 60 48.79 -12.18 -35.79
CA LYS A 60 47.38 -12.57 -35.71
C LYS A 60 46.46 -11.36 -35.68
N PHE A 61 46.96 -10.17 -35.35
CA PHE A 61 46.16 -8.97 -35.49
C PHE A 61 45.90 -8.65 -36.96
N ASP A 62 46.85 -8.96 -37.83
CA ASP A 62 46.73 -8.63 -39.24
C ASP A 62 45.66 -9.48 -39.89
N PRO A 63 44.63 -8.89 -40.48
CA PRO A 63 43.65 -9.69 -41.23
C PRO A 63 44.27 -10.47 -42.37
N PHE A 64 45.28 -9.91 -43.04
CA PHE A 64 45.89 -10.61 -44.16
C PHE A 64 46.61 -11.87 -43.71
N TYR A 65 47.35 -11.79 -42.60
CA TYR A 65 48.03 -12.99 -42.10
C TYR A 65 47.03 -14.04 -41.65
N VAL A 66 45.97 -13.63 -40.98
CA VAL A 66 44.95 -14.58 -40.53
C VAL A 66 44.31 -15.25 -41.73
N LYS A 67 43.95 -14.47 -42.76
CA LYS A 67 43.39 -15.07 -43.97
C LYS A 67 44.40 -15.96 -44.67
N SER A 68 45.69 -15.71 -44.46
CA SER A 68 46.72 -16.56 -45.06
C SER A 68 46.63 -17.98 -44.52
N ASN A 69 46.77 -18.14 -43.21
CA ASN A 69 46.63 -19.44 -42.56
C ASN A 69 45.57 -19.33 -41.48
N TYR A 70 44.31 -19.51 -41.87
CA TYR A 70 43.21 -19.55 -40.91
C TYR A 70 42.82 -20.97 -40.55
N LYS A 71 43.03 -21.93 -41.46
CA LYS A 71 42.76 -23.32 -41.12
C LYS A 71 43.63 -23.80 -39.98
N SER A 72 44.93 -23.46 -40.02
CA SER A 72 45.83 -23.87 -38.95
C SER A 72 45.43 -23.21 -37.63
N ILE A 73 45.09 -21.93 -37.67
CA ILE A 73 44.70 -21.22 -36.45
C ILE A 73 43.45 -21.84 -35.87
N ALA A 74 42.46 -22.12 -36.71
CA ALA A 74 41.22 -22.70 -36.22
C ALA A 74 41.45 -24.11 -35.67
N ARG A 75 42.31 -24.89 -36.33
CA ARG A 75 42.62 -26.22 -35.85
C ARG A 75 43.26 -26.18 -34.48
N SER A 76 44.24 -25.28 -34.30
CA SER A 76 44.89 -25.15 -33.01
C SER A 76 43.92 -24.65 -31.95
N ILE A 77 43.05 -23.72 -32.31
CA ILE A 77 42.09 -23.18 -31.34
C ILE A 77 41.13 -24.27 -30.89
N ALA A 78 40.62 -25.07 -31.83
CA ALA A 78 39.71 -26.16 -31.47
C ALA A 78 40.41 -27.19 -30.60
N ASN A 79 41.65 -27.53 -30.95
CA ASN A 79 42.40 -28.50 -30.16
C ASN A 79 42.62 -27.98 -28.74
N LYS A 80 42.93 -26.69 -28.60
CA LYS A 80 43.15 -26.13 -27.27
C LYS A 80 41.85 -26.04 -26.48
N ILE A 81 40.75 -25.73 -27.16
CA ILE A 81 39.46 -25.61 -26.48
C ILE A 81 39.03 -26.96 -25.94
N GLU A 82 39.14 -28.00 -26.76
CA GLU A 82 38.72 -29.32 -26.31
C GLU A 82 39.65 -29.92 -25.28
N ASN A 83 40.86 -29.41 -25.15
CA ASN A 83 41.77 -29.80 -24.08
C ASN A 83 41.58 -28.97 -22.82
N ARG A 84 40.66 -28.00 -22.84
CA ARG A 84 40.43 -27.10 -21.71
C ARG A 84 41.69 -26.35 -21.32
N THR A 85 42.54 -26.04 -22.31
CA THR A 85 43.74 -25.27 -22.09
C THR A 85 43.78 -23.99 -22.90
N TYR A 86 42.72 -23.67 -23.64
CA TYR A 86 42.71 -22.48 -24.47
C TYR A 86 42.69 -21.23 -23.60
N LEU A 87 43.46 -20.23 -24.02
CA LEU A 87 43.52 -18.95 -23.32
C LEU A 87 43.74 -17.84 -24.34
N PRO A 88 42.87 -16.84 -24.39
CA PRO A 88 43.03 -15.77 -25.39
C PRO A 88 44.31 -14.98 -25.15
N ASN A 89 44.93 -14.57 -26.24
CA ASN A 89 46.15 -13.78 -26.15
C ASN A 89 45.83 -12.37 -25.66
N GLU A 90 46.87 -11.70 -25.18
CA GLU A 90 46.67 -10.38 -24.58
C GLU A 90 46.21 -9.39 -25.64
N PRO A 91 45.14 -8.64 -25.37
CA PRO A 91 44.66 -7.65 -26.35
C PRO A 91 45.53 -6.40 -26.33
N PHE A 92 45.35 -5.59 -27.36
CA PHE A 92 45.99 -4.29 -27.47
C PHE A 92 45.04 -3.24 -26.88
N THR A 93 45.39 -2.71 -25.72
CA THR A 93 44.56 -1.72 -25.04
C THR A 93 45.09 -0.33 -25.35
N LYS A 94 44.21 0.56 -25.80
CA LYS A 94 44.55 1.93 -26.08
C LYS A 94 43.62 2.87 -25.30
N ASP A 95 44.05 4.11 -25.17
CA ASP A 95 43.32 5.10 -24.37
C ASP A 95 42.37 5.85 -25.29
N VAL A 96 41.18 5.29 -25.48
CA VAL A 96 40.16 5.99 -26.27
C VAL A 96 39.72 7.25 -25.53
N PRO A 97 39.53 8.38 -26.20
CA PRO A 97 39.23 9.62 -25.50
C PRO A 97 37.83 9.60 -24.88
N LYS A 98 37.77 9.88 -23.59
CA LYS A 98 36.51 10.06 -22.87
C LYS A 98 36.60 11.32 -22.03
N PRO A 99 36.67 12.49 -22.68
CA PRO A 99 36.85 13.74 -21.91
C PRO A 99 35.71 14.02 -20.95
N ASP A 100 34.51 13.49 -21.24
CA ASP A 100 33.41 13.62 -20.29
C ASP A 100 33.73 12.99 -18.95
N GLY A 101 34.51 11.90 -18.96
CA GLY A 101 34.91 11.24 -17.73
C GLY A 101 36.39 10.95 -17.65
N GLY A 102 37.21 11.78 -18.30
CA GLY A 102 38.64 11.59 -18.28
C GLY A 102 39.16 10.78 -19.45
N ILE A 103 39.41 9.49 -19.23
CA ILE A 103 39.87 8.59 -20.27
C ILE A 103 39.14 7.25 -20.12
N ARG A 104 39.14 6.47 -21.19
CA ARG A 104 38.58 5.13 -21.17
C ARG A 104 39.56 4.17 -21.83
N LYS A 105 39.59 2.95 -21.32
CA LYS A 105 40.50 1.91 -21.80
C LYS A 105 39.71 0.89 -22.60
N VAL A 106 39.90 0.92 -23.91
CA VAL A 106 39.28 -0.06 -24.81
C VAL A 106 40.34 -1.09 -25.17
N SER A 107 39.89 -2.30 -25.50
CA SER A 107 40.77 -3.41 -25.80
C SER A 107 40.44 -3.98 -27.17
N ILE A 108 41.45 -4.17 -28.00
CA ILE A 108 41.31 -4.76 -29.32
C ILE A 108 41.92 -6.15 -29.26
N TYR A 109 41.08 -7.17 -29.18
CA TYR A 109 41.58 -8.53 -29.10
C TYR A 109 42.09 -8.98 -30.46
N GLN A 110 42.93 -10.02 -30.45
CA GLN A 110 43.43 -10.58 -31.69
C GLN A 110 42.28 -11.20 -32.47
N ILE A 111 42.47 -11.29 -33.79
CA ILE A 111 41.38 -11.73 -34.66
C ILE A 111 40.85 -13.12 -34.30
N PRO A 112 41.69 -14.13 -34.04
CA PRO A 112 41.13 -15.43 -33.64
C PRO A 112 40.34 -15.36 -32.34
N ASP A 113 40.88 -14.70 -31.32
CA ASP A 113 40.17 -14.62 -30.04
C ASP A 113 38.89 -13.80 -30.17
N ALA A 114 38.93 -12.72 -30.94
CA ALA A 114 37.72 -11.93 -31.16
C ALA A 114 36.67 -12.76 -31.89
N ALA A 115 37.09 -13.56 -32.88
CA ALA A 115 36.17 -14.42 -33.60
C ALA A 115 35.55 -15.45 -32.67
N ILE A 116 36.35 -16.06 -31.80
CA ILE A 116 35.82 -17.05 -30.87
C ILE A 116 34.82 -16.39 -29.93
N SER A 117 35.15 -15.20 -29.44
CA SER A 117 34.23 -14.50 -28.55
C SER A 117 32.93 -14.18 -29.25
N LYS A 118 33.00 -13.73 -30.51
CA LYS A 118 31.79 -13.43 -31.26
C LYS A 118 30.95 -14.68 -31.46
N LEU A 119 31.59 -15.81 -31.80
CA LEU A 119 30.85 -17.04 -32.03
C LEU A 119 30.14 -17.50 -30.77
N PHE A 120 30.84 -17.51 -29.65
CA PHE A 120 30.20 -17.99 -28.42
C PHE A 120 29.20 -16.99 -27.88
N PHE A 121 29.40 -15.70 -28.14
CA PHE A 121 28.38 -14.71 -27.80
C PHE A 121 27.12 -14.93 -28.61
N ASN A 122 27.27 -15.21 -29.91
CA ASN A 122 26.11 -15.49 -30.74
C ASN A 122 25.36 -16.71 -30.22
N ARG A 123 26.09 -17.78 -29.89
CA ARG A 123 25.44 -18.98 -29.37
C ARG A 123 24.70 -18.69 -28.08
N LEU A 124 25.38 -18.06 -27.11
CA LEU A 124 24.78 -17.81 -25.81
C LEU A 124 23.56 -16.90 -25.93
N LEU A 125 23.65 -15.86 -26.75
CA LEU A 125 22.50 -14.98 -26.96
C LEU A 125 21.35 -15.75 -27.60
N ALA A 126 21.65 -16.59 -28.59
CA ALA A 126 20.59 -17.33 -29.27
C ALA A 126 19.85 -18.24 -28.30
N LYS A 127 20.57 -18.95 -27.45
CA LYS A 127 19.91 -19.90 -26.56
C LYS A 127 19.43 -19.29 -25.25
N ASN A 128 19.61 -17.99 -25.03
CA ASN A 128 19.23 -17.37 -23.77
C ASN A 128 18.49 -16.05 -23.90
N ARG A 129 18.34 -15.49 -25.10
CA ARG A 129 17.72 -14.18 -25.22
C ARG A 129 16.27 -14.17 -24.79
N HIS A 130 15.61 -15.33 -24.78
CA HIS A 130 14.24 -15.39 -24.28
C HIS A 130 14.16 -15.15 -22.78
N ARG A 131 15.28 -15.23 -22.06
CA ARG A 131 15.29 -14.95 -20.64
C ARG A 131 15.61 -13.50 -20.33
N PHE A 132 16.21 -12.77 -21.27
CA PHE A 132 16.51 -11.37 -21.04
C PHE A 132 15.22 -10.57 -21.00
N SER A 133 15.20 -9.53 -20.15
CA SER A 133 14.03 -8.68 -20.07
C SER A 133 13.80 -7.98 -21.40
N SER A 134 12.53 -7.79 -21.75
CA SER A 134 12.20 -7.10 -22.99
C SER A 134 12.60 -5.63 -22.95
N PHE A 135 12.97 -5.11 -21.79
CA PHE A 135 13.33 -3.71 -21.62
C PHE A 135 14.84 -3.51 -21.54
N SER A 136 15.62 -4.49 -21.96
CA SER A 136 17.08 -4.35 -22.09
C SER A 136 17.38 -4.27 -23.58
N TYR A 137 17.82 -3.09 -24.03
CA TYR A 137 17.93 -2.80 -25.45
C TYR A 137 19.37 -2.77 -25.95
N ALA A 138 20.31 -3.31 -25.19
CA ALA A 138 21.72 -3.21 -25.52
C ALA A 138 22.25 -4.57 -25.95
N TYR A 139 22.99 -4.58 -27.06
CA TYR A 139 23.73 -5.76 -27.52
C TYR A 139 22.81 -6.93 -27.77
N ARG A 140 21.82 -6.71 -28.63
CA ARG A 140 20.85 -7.75 -28.97
C ARG A 140 20.54 -7.69 -30.46
N ASN A 141 20.12 -8.84 -31.00
CA ASN A 141 19.69 -8.92 -32.38
C ASN A 141 18.19 -8.72 -32.53
N ASP A 142 17.47 -8.54 -31.42
CA ASP A 142 16.04 -8.28 -31.45
C ASP A 142 15.67 -6.96 -30.80
N ARG A 143 16.62 -6.23 -30.24
CA ARG A 143 16.36 -5.00 -29.52
C ARG A 143 17.38 -3.95 -29.92
N ASN A 144 16.99 -2.68 -29.77
CA ASN A 144 17.85 -1.57 -30.15
C ASN A 144 17.30 -0.31 -29.52
N VAL A 145 18.09 0.76 -29.59
CA VAL A 145 17.79 1.98 -28.84
C VAL A 145 16.48 2.60 -29.29
N HIS A 146 16.10 2.39 -30.55
CA HIS A 146 14.90 3.05 -31.05
C HIS A 146 13.64 2.42 -30.50
N PHE A 147 13.64 1.12 -30.23
CA PHE A 147 12.51 0.52 -29.53
C PHE A 147 12.36 1.13 -28.14
N ALA A 148 13.49 1.34 -27.46
CA ALA A 148 13.44 1.95 -26.13
C ALA A 148 12.89 3.37 -26.21
N ILE A 149 13.33 4.14 -27.20
CA ILE A 149 12.86 5.52 -27.31
C ILE A 149 11.36 5.54 -27.64
N GLN A 150 10.92 4.63 -28.51
CA GLN A 150 9.50 4.55 -28.80
C GLN A 150 8.69 4.22 -27.56
N ASP A 151 9.16 3.25 -26.78
CA ASP A 151 8.46 2.87 -25.55
C ASP A 151 8.38 4.04 -24.58
N ILE A 152 9.51 4.72 -24.37
CA ILE A 152 9.53 5.85 -23.45
C ILE A 152 8.61 6.95 -23.93
N SER A 153 8.65 7.24 -25.23
CA SER A 153 7.80 8.31 -25.77
C SER A 153 6.33 8.00 -25.61
N VAL A 154 5.93 6.77 -25.92
CA VAL A 154 4.53 6.39 -25.80
C VAL A 154 4.07 6.48 -24.35
N ASP A 155 4.86 5.90 -23.44
CA ASP A 155 4.47 5.92 -22.03
C ASP A 155 4.43 7.34 -21.48
N LEU A 156 5.38 8.19 -21.88
CA LEU A 156 5.37 9.57 -21.43
C LEU A 156 4.15 10.31 -21.95
N LYS A 157 3.80 10.08 -23.22
CA LYS A 157 2.65 10.76 -23.79
C LYS A 157 1.35 10.29 -23.17
N LYS A 158 1.32 9.07 -22.64
CA LYS A 158 0.08 8.57 -22.03
C LYS A 158 -0.36 9.42 -20.86
N ASN A 159 0.57 9.83 -20.00
CA ASN A 159 0.27 10.59 -18.79
C ASN A 159 0.84 12.00 -18.90
N GLU A 160 0.71 12.75 -17.82
CA GLU A 160 1.20 14.12 -17.75
C GLU A 160 2.30 14.34 -16.72
N ARG A 161 2.27 13.62 -15.60
CA ARG A 161 3.24 13.76 -14.54
C ARG A 161 3.88 12.40 -14.29
N THR A 162 5.20 12.34 -14.43
CA THR A 162 5.92 11.08 -14.30
C THR A 162 7.13 11.26 -13.41
N PHE A 163 7.32 10.33 -12.48
CA PHE A 163 8.51 10.31 -11.64
C PHE A 163 9.56 9.45 -12.32
N LEU A 164 10.69 10.05 -12.67
CA LEU A 164 11.76 9.31 -13.32
C LEU A 164 13.05 9.42 -12.53
N ALA A 165 13.86 8.37 -12.61
CA ALA A 165 15.17 8.33 -12.00
C ALA A 165 16.17 7.83 -13.02
N GLU A 166 17.30 8.52 -13.14
CA GLU A 166 18.33 8.17 -14.09
C GLU A 166 19.61 7.80 -13.35
N PHE A 167 20.20 6.67 -13.73
CA PHE A 167 21.40 6.18 -13.05
C PHE A 167 22.40 5.69 -14.08
N ASP A 168 23.66 6.07 -13.91
CA ASP A 168 24.77 5.51 -14.66
C ASP A 168 25.74 4.88 -13.68
N PHE A 169 26.23 3.69 -14.02
CA PHE A 169 27.18 3.00 -13.18
C PHE A 169 28.58 3.55 -13.41
N SER A 170 29.33 3.75 -12.32
CA SER A 170 30.60 4.45 -12.38
C SER A 170 31.55 3.78 -13.37
N ASP A 171 31.76 2.48 -13.20
CA ASP A 171 32.53 1.70 -14.18
C ASP A 171 31.82 0.35 -14.29
N PHE A 172 30.88 0.26 -15.24
CA PHE A 172 30.04 -0.92 -15.32
C PHE A 172 30.86 -2.15 -15.74
N PHE A 173 31.63 -2.03 -16.81
CA PHE A 173 32.34 -3.20 -17.31
C PHE A 173 33.49 -3.60 -16.39
N GLY A 174 34.27 -2.63 -15.95
CA GLY A 174 35.48 -2.92 -15.22
C GLY A 174 35.36 -3.20 -13.75
N SER A 175 34.15 -3.20 -13.19
CA SER A 175 33.98 -3.37 -11.75
C SER A 175 32.86 -4.36 -11.45
N ILE A 176 32.86 -5.49 -12.12
CA ILE A 176 31.90 -6.57 -11.88
C ILE A 176 32.63 -7.69 -11.15
N SER A 177 32.12 -8.08 -9.99
CA SER A 177 32.74 -9.15 -9.23
C SER A 177 32.57 -10.48 -9.95
N HIS A 178 33.65 -11.26 -9.98
CA HIS A 178 33.59 -12.54 -10.68
C HIS A 178 32.82 -13.58 -9.91
N SER A 179 32.79 -13.48 -8.58
CA SER A 179 31.98 -14.39 -7.79
C SER A 179 30.50 -14.26 -8.15
N PHE A 180 30.03 -13.02 -8.25
CA PHE A 180 28.65 -12.77 -8.64
C PHE A 180 28.37 -13.33 -10.03
N LEU A 181 29.28 -13.10 -10.97
CA LEU A 181 29.08 -13.58 -12.33
C LEU A 181 29.01 -15.10 -12.36
N ASN A 182 29.91 -15.78 -11.65
CA ASN A 182 29.89 -17.23 -11.65
C ASN A 182 28.67 -17.78 -10.91
N GLU A 183 28.12 -17.01 -9.98
CA GLU A 183 26.88 -17.42 -9.34
C GLU A 183 25.68 -17.23 -10.25
N GLN A 184 25.73 -16.26 -11.16
CA GLN A 184 24.61 -15.99 -12.04
C GLN A 184 24.42 -17.06 -13.12
N PHE A 185 25.38 -17.95 -13.31
CA PHE A 185 25.31 -18.91 -14.40
C PHE A 185 24.22 -19.95 -14.20
N ASN A 186 23.79 -20.18 -12.97
CA ASN A 186 22.82 -21.22 -12.65
C ASN A 186 21.50 -20.63 -12.18
N GLU A 187 21.11 -19.49 -12.75
CA GLU A 187 19.91 -18.79 -12.34
C GLU A 187 19.06 -18.46 -13.56
N ASN A 188 17.81 -18.11 -13.29
CA ASN A 188 16.88 -17.63 -14.31
C ASN A 188 16.68 -18.62 -15.44
N GLY A 189 17.01 -19.89 -15.22
CA GLY A 189 16.91 -20.87 -16.29
C GLY A 189 17.83 -20.57 -17.46
N PHE A 190 19.04 -20.09 -17.17
CA PHE A 190 20.02 -19.84 -18.23
C PHE A 190 20.60 -21.15 -18.69
N TYR A 191 20.69 -21.34 -20.00
CA TYR A 191 21.22 -22.56 -20.59
C TYR A 191 22.61 -22.27 -21.12
N ILE A 192 23.61 -22.52 -20.29
CA ILE A 192 25.01 -22.35 -20.65
C ILE A 192 25.70 -23.69 -20.56
N SER A 193 26.16 -24.19 -21.71
CA SER A 193 26.84 -25.47 -21.74
C SER A 193 28.20 -25.37 -21.06
N PRO A 194 28.76 -26.49 -20.61
CA PRO A 194 30.08 -26.45 -19.97
C PRO A 194 31.15 -25.86 -20.86
N GLU A 195 31.07 -26.07 -22.17
CA GLU A 195 32.04 -25.48 -23.09
C GLU A 195 31.95 -23.96 -23.08
N GLU A 196 30.73 -23.44 -23.17
CA GLU A 196 30.55 -21.99 -23.13
C GLU A 196 30.97 -21.42 -21.77
N LYS A 197 30.67 -22.15 -20.69
CA LYS A 197 31.10 -21.70 -19.37
C LYS A 197 32.62 -21.64 -19.27
N PHE A 198 33.30 -22.66 -19.80
CA PHE A 198 34.75 -22.64 -19.80
C PHE A 198 35.29 -21.49 -20.62
N ILE A 199 34.69 -21.23 -21.78
CA ILE A 199 35.16 -20.11 -22.61
C ILE A 199 34.98 -18.80 -21.86
N ILE A 200 33.82 -18.60 -21.23
CA ILE A 200 33.56 -17.38 -20.49
C ILE A 200 34.62 -17.21 -19.39
N ARG A 201 34.87 -18.26 -18.62
CA ARG A 201 35.88 -18.18 -17.58
C ARG A 201 37.26 -17.93 -18.16
N SER A 202 37.52 -18.45 -19.36
CA SER A 202 38.79 -18.20 -20.02
C SER A 202 38.97 -16.72 -20.33
N PHE A 203 37.91 -16.06 -20.80
CA PHE A 203 38.02 -14.64 -21.11
C PHE A 203 38.11 -13.76 -19.88
N LEU A 204 37.84 -14.30 -18.69
CA LEU A 204 37.92 -13.54 -17.45
C LEU A 204 39.15 -13.87 -16.63
N ARG A 205 40.04 -14.74 -17.13
CA ARG A 205 41.13 -15.23 -16.30
C ARG A 205 42.23 -14.20 -16.09
N GLU A 206 42.48 -13.35 -17.08
CA GLU A 206 43.57 -12.39 -16.95
C GLU A 206 43.32 -11.41 -15.82
N ARG A 207 42.09 -10.93 -15.68
CA ARG A 207 41.75 -9.96 -14.64
C ARG A 207 41.13 -10.68 -13.44
N LYS A 208 41.01 -9.93 -12.34
CA LYS A 208 40.40 -10.45 -11.13
C LYS A 208 39.05 -9.81 -10.82
N VAL A 209 38.69 -8.75 -11.50
CA VAL A 209 37.37 -8.13 -11.33
C VAL A 209 37.01 -7.42 -12.62
N GLY A 210 35.73 -7.47 -12.97
CA GLY A 210 35.26 -6.83 -14.17
C GLY A 210 35.44 -7.70 -15.41
N ILE A 211 34.70 -7.34 -16.45
CA ILE A 211 34.71 -8.08 -17.71
C ILE A 211 35.52 -7.27 -18.73
N PRO A 212 36.08 -7.90 -19.76
CA PRO A 212 36.85 -7.16 -20.75
C PRO A 212 35.99 -6.15 -21.50
N GLN A 213 36.66 -5.31 -22.28
CA GLN A 213 36.02 -4.21 -22.97
C GLN A 213 36.47 -4.22 -24.43
N GLY A 214 35.63 -4.75 -25.31
CA GLY A 214 35.98 -4.81 -26.71
C GLY A 214 35.62 -6.13 -27.36
N THR A 215 35.21 -7.10 -26.55
CA THR A 215 34.75 -8.39 -27.06
C THR A 215 33.22 -8.42 -27.07
N SER A 216 32.67 -9.54 -27.52
CA SER A 216 31.23 -9.74 -27.52
C SER A 216 30.75 -10.58 -26.34
N ILE A 217 31.56 -11.53 -25.89
CA ILE A 217 31.22 -12.28 -24.70
C ILE A 217 31.08 -11.34 -23.52
N SER A 218 31.83 -10.23 -23.52
CA SER A 218 31.63 -9.21 -22.50
C SER A 218 30.25 -8.58 -22.61
N LEU A 219 29.77 -8.38 -23.84
CA LEU A 219 28.43 -7.85 -24.03
C LEU A 219 27.38 -8.80 -23.47
N PHE A 220 27.53 -10.10 -23.75
CA PHE A 220 26.57 -11.05 -23.21
C PHE A 220 26.63 -11.09 -21.68
N LEU A 221 27.83 -11.02 -21.12
CA LEU A 221 27.96 -11.03 -19.66
C LEU A 221 27.35 -9.77 -19.05
N ALA A 222 27.49 -8.63 -19.72
CA ALA A 222 26.85 -7.42 -19.24
C ALA A 222 25.33 -7.55 -19.26
N ASN A 223 24.79 -8.14 -20.32
CA ASN A 223 23.34 -8.37 -20.37
C ASN A 223 22.89 -9.32 -19.27
N LEU A 224 23.67 -10.38 -19.03
CA LEU A 224 23.30 -11.38 -18.06
C LEU A 224 23.40 -10.86 -16.63
N THR A 225 24.35 -9.95 -16.37
CA THR A 225 24.57 -9.48 -15.01
C THR A 225 23.34 -8.77 -14.46
N CYS A 226 22.71 -7.93 -15.28
CA CYS A 226 21.54 -7.17 -14.84
C CYS A 226 20.24 -7.89 -15.15
N TRP A 227 20.13 -9.15 -14.73
CA TRP A 227 18.87 -9.88 -14.86
C TRP A 227 18.05 -9.82 -13.57
N LYS A 228 18.69 -9.96 -12.43
CA LYS A 228 17.97 -9.84 -11.16
C LYS A 228 17.46 -8.42 -10.98
N LEU A 229 18.25 -7.42 -11.36
CA LEU A 229 17.79 -6.04 -11.30
C LEU A 229 16.57 -5.84 -12.20
N ASP A 230 16.61 -6.37 -13.41
CA ASP A 230 15.47 -6.22 -14.32
C ASP A 230 14.24 -6.89 -13.76
N GLN A 231 14.39 -8.10 -13.22
CA GLN A 231 13.25 -8.80 -12.64
C GLN A 231 12.68 -8.04 -11.45
N ASP A 232 13.54 -7.50 -10.59
CA ASP A 232 13.07 -6.75 -9.44
C ASP A 232 12.32 -5.49 -9.87
N LEU A 233 12.87 -4.76 -10.85
CA LEU A 233 12.19 -3.56 -11.33
C LEU A 233 10.85 -3.91 -11.95
N GLU A 234 10.79 -4.98 -12.74
CA GLU A 234 9.52 -5.39 -13.32
C GLU A 234 8.52 -5.76 -12.24
N ARG A 235 8.95 -6.51 -11.23
CA ARG A 235 8.04 -6.91 -10.16
C ARG A 235 7.62 -5.74 -9.29
N GLU A 236 8.37 -4.65 -9.29
CA GLU A 236 7.91 -3.46 -8.59
C GLU A 236 6.79 -2.75 -9.34
N GLY A 237 6.62 -3.04 -10.62
CA GLY A 237 5.61 -2.38 -11.42
C GLY A 237 6.08 -1.12 -12.12
N VAL A 238 7.30 -0.68 -11.87
CA VAL A 238 7.83 0.48 -12.57
C VAL A 238 8.13 0.10 -14.01
N LYS A 239 7.97 1.06 -14.91
CA LYS A 239 8.37 0.89 -16.30
C LYS A 239 9.75 1.49 -16.47
N PHE A 240 10.72 0.66 -16.85
CA PHE A 240 12.09 1.09 -16.99
C PHE A 240 12.58 0.79 -18.39
N SER A 241 13.83 1.18 -18.66
CA SER A 241 14.46 0.91 -19.96
C SER A 241 15.95 1.04 -19.77
N ARG A 242 16.68 -0.05 -19.92
CA ARG A 242 18.11 -0.08 -19.69
C ARG A 242 18.84 -0.30 -21.00
N TYR A 243 19.91 0.47 -21.22
CA TYR A 243 20.80 0.29 -22.36
C TYR A 243 22.22 0.30 -21.82
N ALA A 244 22.79 -0.89 -21.66
CA ALA A 244 24.11 -1.08 -21.05
C ALA A 244 24.03 -0.55 -19.63
N ASP A 245 24.85 0.42 -19.23
CA ASP A 245 24.76 0.95 -17.88
C ASP A 245 23.70 2.03 -17.75
N ASP A 246 23.43 2.77 -18.84
CA ASP A 246 22.43 3.82 -18.80
C ASP A 246 21.05 3.25 -18.53
N THR A 247 20.47 3.62 -17.40
CA THR A 247 19.17 3.11 -16.98
C THR A 247 18.25 4.28 -16.74
N ILE A 248 17.02 4.19 -17.24
CA ILE A 248 15.98 5.15 -16.96
C ILE A 248 14.76 4.40 -16.43
N ILE A 249 14.25 4.87 -15.30
CA ILE A 249 13.10 4.25 -14.64
C ILE A 249 12.06 5.34 -14.41
N TRP A 250 10.87 5.13 -14.96
CA TRP A 250 9.79 6.10 -14.81
C TRP A 250 8.53 5.40 -14.35
N SER A 251 7.87 5.97 -13.35
CA SER A 251 6.62 5.44 -12.85
C SER A 251 5.74 6.60 -12.43
N GLN A 252 4.46 6.31 -12.26
CA GLN A 252 3.48 7.33 -11.89
C GLN A 252 3.40 7.54 -10.38
N GLU A 253 4.16 6.78 -9.60
CA GLU A 253 4.09 6.85 -8.14
C GLU A 253 5.47 7.12 -7.56
N TYR A 254 5.51 7.97 -6.54
CA TYR A 254 6.77 8.28 -5.89
C TYR A 254 7.32 7.09 -5.13
N SER A 255 6.45 6.32 -4.47
CA SER A 255 6.90 5.17 -3.70
C SER A 255 7.57 4.14 -4.59
N LYS A 256 7.00 3.89 -5.76
CA LYS A 256 7.60 2.93 -6.69
C LYS A 256 8.99 3.38 -7.11
N ILE A 257 9.17 4.68 -7.35
CA ILE A 257 10.47 5.15 -7.80
C ILE A 257 11.49 5.13 -6.65
N CYS A 258 11.05 5.38 -5.43
CA CYS A 258 11.95 5.24 -4.29
C CYS A 258 12.37 3.79 -4.11
N ASN A 259 11.42 2.86 -4.27
CA ASN A 259 11.77 1.45 -4.21
C ASN A 259 12.69 1.05 -5.35
N ALA A 260 12.54 1.66 -6.51
CA ALA A 260 13.46 1.40 -7.62
C ALA A 260 14.86 1.88 -7.28
N PHE A 261 14.97 3.05 -6.65
CA PHE A 261 16.28 3.52 -6.19
C PHE A 261 16.89 2.52 -5.22
N ASN A 262 16.09 2.05 -4.26
CA ASN A 262 16.61 1.08 -3.29
C ASN A 262 17.03 -0.22 -3.98
N ILE A 263 16.26 -0.65 -4.98
CA ILE A 263 16.57 -1.89 -5.70
C ILE A 263 17.89 -1.75 -6.44
N ILE A 264 18.09 -0.62 -7.11
CA ILE A 264 19.35 -0.42 -7.83
C ILE A 264 20.51 -0.33 -6.85
N THR A 265 20.30 0.30 -5.70
CA THR A 265 21.36 0.36 -4.70
C THR A 265 21.72 -1.05 -4.20
N ASN A 266 20.71 -1.87 -3.93
CA ASN A 266 20.97 -3.24 -3.47
C ASN A 266 21.69 -4.04 -4.55
N PHE A 267 21.28 -3.88 -5.81
CA PHE A 267 21.94 -4.59 -6.89
C PHE A 267 23.39 -4.16 -7.02
N SER A 268 23.66 -2.86 -6.88
CA SER A 268 25.04 -2.38 -6.93
C SER A 268 25.87 -2.95 -5.79
N LYS A 269 25.29 -3.00 -4.59
CA LYS A 269 26.01 -3.59 -3.47
C LYS A 269 26.23 -5.09 -3.68
N SER A 270 25.33 -5.76 -4.40
CA SER A 270 25.49 -7.18 -4.66
C SER A 270 26.52 -7.47 -5.73
N ALA A 271 26.62 -6.60 -6.74
CA ALA A 271 27.53 -6.84 -7.86
C ALA A 271 28.78 -5.96 -7.83
N GLY A 272 28.84 -4.97 -6.95
CA GLY A 272 30.01 -4.14 -6.83
C GLY A 272 30.12 -3.01 -7.82
N ILE A 273 29.11 -2.80 -8.67
CA ILE A 273 29.13 -1.73 -9.67
C ILE A 273 28.46 -0.52 -9.02
N LYS A 274 29.27 0.31 -8.36
CA LYS A 274 28.74 1.51 -7.71
C LYS A 274 28.26 2.52 -8.75
N ILE A 275 27.18 3.22 -8.41
CA ILE A 275 26.61 4.19 -9.34
C ILE A 275 27.50 5.43 -9.40
N ASN A 276 27.37 6.16 -10.51
CA ASN A 276 28.17 7.36 -10.72
C ASN A 276 27.37 8.57 -10.27
N PRO A 277 27.76 9.24 -9.19
CA PRO A 277 26.98 10.40 -8.73
C PRO A 277 26.91 11.53 -9.73
N LYS A 278 27.95 11.75 -10.53
CA LYS A 278 27.96 12.87 -11.45
C LYS A 278 27.01 12.62 -12.63
N LYS A 279 27.07 11.43 -13.23
CA LYS A 279 26.25 11.14 -14.40
C LYS A 279 24.80 10.87 -14.04
N SER A 280 24.50 10.48 -12.81
CA SER A 280 23.15 10.12 -12.42
C SER A 280 22.42 11.35 -11.91
N GLU A 281 21.33 11.72 -12.59
CA GLU A 281 20.57 12.90 -12.19
C GLU A 281 19.73 12.67 -10.95
N GLY A 282 19.50 11.42 -10.57
CA GLY A 282 18.67 11.13 -9.43
C GLY A 282 17.19 11.14 -9.79
N ILE A 283 16.36 11.26 -8.77
CA ILE A 283 14.92 11.20 -8.93
C ILE A 283 14.41 12.59 -9.26
N SER A 284 13.66 12.69 -10.35
CA SER A 284 13.09 13.96 -10.79
C SER A 284 11.60 13.81 -11.00
N LEU A 285 10.97 14.84 -11.56
CA LEU A 285 9.54 14.80 -11.87
C LEU A 285 9.34 15.44 -13.24
N LEU A 286 8.95 14.64 -14.21
CA LEU A 286 8.77 15.11 -15.58
C LEU A 286 7.34 15.61 -15.74
N THR A 287 7.17 16.92 -15.83
CA THR A 287 5.88 17.54 -16.04
C THR A 287 5.81 18.11 -17.45
N LYS A 288 4.72 18.82 -17.73
CA LYS A 288 4.59 19.53 -19.00
C LYS A 288 5.41 20.82 -18.92
N LYS A 289 5.22 21.70 -19.90
CA LYS A 289 6.09 22.88 -19.99
C LYS A 289 5.89 23.82 -18.82
N GLY A 290 4.65 24.03 -18.37
CA GLY A 290 4.40 25.02 -17.35
C GLY A 290 3.62 24.54 -16.15
N LEU A 291 3.57 23.23 -15.95
CA LEU A 291 2.86 22.68 -14.80
C LEU A 291 3.67 22.90 -13.53
N PRO A 292 3.06 23.40 -12.46
CA PRO A 292 3.80 23.55 -11.20
C PRO A 292 4.21 22.20 -10.63
N SER A 293 5.35 22.17 -9.98
CA SER A 293 5.89 20.94 -9.42
C SER A 293 6.29 21.16 -7.97
N GLU A 294 6.20 20.09 -7.18
CA GLU A 294 6.51 20.15 -5.76
C GLU A 294 7.90 19.64 -5.41
N ILE A 295 8.49 18.78 -6.25
CA ILE A 295 9.85 18.33 -6.05
C ILE A 295 10.68 18.75 -7.26
N THR A 296 11.96 18.40 -7.27
CA THR A 296 12.85 18.76 -8.37
C THR A 296 12.25 18.35 -9.70
N SER A 297 12.10 19.32 -10.59
CA SER A 297 11.34 19.14 -11.82
C SER A 297 12.22 19.36 -13.04
N LYS A 298 11.87 18.66 -14.12
CA LYS A 298 12.46 18.90 -15.42
C LYS A 298 11.38 18.72 -16.48
N ASN A 299 11.54 19.43 -17.59
CA ASN A 299 10.56 19.36 -18.66
C ASN A 299 10.91 18.37 -19.75
N ASN A 300 12.18 17.94 -19.82
CA ASN A 300 12.60 16.97 -20.83
C ASN A 300 13.77 16.17 -20.28
N LEU A 301 13.98 15.00 -20.87
CA LEU A 301 15.03 14.08 -20.45
C LEU A 301 15.85 13.68 -21.67
N ASP A 302 17.11 13.32 -21.43
CA ASP A 302 18.02 12.89 -22.48
C ASP A 302 18.25 11.39 -22.38
N PHE A 303 18.19 10.70 -23.51
CA PHE A 303 18.40 9.25 -23.52
C PHE A 303 18.91 8.85 -24.90
N LEU A 304 20.22 8.61 -25.01
CA LEU A 304 20.85 8.06 -26.20
C LEU A 304 20.56 8.92 -27.44
N GLY A 305 20.99 10.17 -27.39
CA GLY A 305 20.87 11.03 -28.53
C GLY A 305 19.49 11.60 -28.77
N TYR A 306 18.54 11.29 -27.90
CA TYR A 306 17.18 11.83 -27.98
C TYR A 306 16.89 12.66 -26.75
N THR A 307 16.23 13.79 -26.94
CA THR A 307 15.73 14.58 -25.82
C THR A 307 14.22 14.36 -25.78
N LEU A 308 13.77 13.61 -24.78
CA LEU A 308 12.37 13.21 -24.69
C LEU A 308 11.67 14.11 -23.70
N SER A 309 10.59 14.75 -24.15
CA SER A 309 9.68 15.48 -23.30
C SER A 309 8.35 14.75 -23.25
N VAL A 310 7.38 15.36 -22.56
CA VAL A 310 6.07 14.73 -22.46
C VAL A 310 5.37 14.73 -23.81
N GLU A 311 5.50 15.82 -24.57
CA GLU A 311 4.72 15.98 -25.78
C GLU A 311 5.40 15.41 -27.02
N ASN A 312 6.70 15.62 -27.18
CA ASN A 312 7.36 15.25 -28.43
C ASN A 312 8.76 14.76 -28.17
N VAL A 313 9.29 14.02 -29.15
CA VAL A 313 10.65 13.50 -29.13
C VAL A 313 11.51 14.39 -30.01
N SER A 314 12.66 14.81 -29.49
CA SER A 314 13.54 15.71 -30.22
C SER A 314 14.98 15.24 -30.11
N ILE A 315 15.81 15.70 -31.06
CA ILE A 315 17.22 15.37 -31.05
C ILE A 315 17.88 15.97 -29.83
N LYS A 316 18.80 15.22 -29.24
CA LYS A 316 19.58 15.72 -28.12
C LYS A 316 20.36 16.95 -28.53
N GLU A 317 20.50 17.90 -27.61
CA GLU A 317 21.15 19.16 -27.94
C GLU A 317 22.60 18.96 -28.35
N LYS A 318 23.30 18.04 -27.69
CA LYS A 318 24.67 17.75 -28.08
C LYS A 318 24.72 17.16 -29.49
N SER A 319 23.76 16.30 -29.83
CA SER A 319 23.71 15.77 -31.18
C SER A 319 23.37 16.84 -32.20
N VAL A 320 22.51 17.79 -31.82
CA VAL A 320 22.24 18.92 -32.71
C VAL A 320 23.51 19.73 -32.94
N LYS A 321 24.30 19.92 -31.88
CA LYS A 321 25.56 20.63 -32.04
C LYS A 321 26.51 19.86 -32.93
N LYS A 322 26.51 18.53 -32.83
CA LYS A 322 27.33 17.71 -33.73
C LYS A 322 26.89 17.89 -35.18
N ILE A 323 25.58 17.91 -35.42
CA ILE A 323 25.08 18.11 -36.77
C ILE A 323 25.50 19.48 -37.30
N LYS A 324 25.36 20.50 -36.46
CA LYS A 324 25.75 21.85 -36.86
C LYS A 324 27.24 21.92 -37.16
N LYS A 325 28.05 21.27 -36.31
CA LYS A 325 29.50 21.25 -36.54
C LYS A 325 29.81 20.60 -37.87
N GLN A 326 29.17 19.46 -38.17
CA GLN A 326 29.48 18.76 -39.42
C GLN A 326 29.07 19.59 -40.63
N ILE A 327 27.87 20.17 -40.62
CA ILE A 327 27.41 20.94 -41.76
C ILE A 327 28.26 22.19 -41.95
N SER A 328 28.52 22.90 -40.85
CA SER A 328 29.32 24.11 -40.94
C SER A 328 30.73 23.81 -41.40
N TYR A 329 31.30 22.68 -40.96
CA TYR A 329 32.63 22.33 -41.41
C TYR A 329 32.63 21.95 -42.89
N ILE A 330 31.56 21.29 -43.36
CA ILE A 330 31.48 21.00 -44.79
C ILE A 330 31.51 22.30 -45.59
N LEU A 331 30.70 23.28 -45.15
CA LEU A 331 30.69 24.57 -45.84
C LEU A 331 32.03 25.26 -45.78
N TYR A 332 32.66 25.26 -44.60
CA TYR A 332 33.95 25.93 -44.43
C TYR A 332 35.04 25.25 -45.26
N ARG A 333 34.99 23.93 -45.35
CA ARG A 333 36.02 23.18 -46.06
C ARG A 333 35.88 23.35 -47.56
N ASN A 334 34.65 23.38 -48.07
CA ASN A 334 34.47 23.48 -49.51
C ASN A 334 34.34 24.91 -50.01
N LEU A 335 34.23 25.90 -49.13
CA LEU A 335 34.03 27.27 -49.56
C LEU A 335 35.13 28.22 -49.09
N ILE A 336 35.50 28.15 -47.82
CA ILE A 336 36.35 29.14 -47.20
C ILE A 336 37.78 28.66 -47.04
N GLN A 337 37.96 27.44 -46.52
CA GLN A 337 39.30 26.94 -46.21
C GLN A 337 40.26 26.98 -47.39
N PRO A 338 39.88 26.61 -48.62
CA PRO A 338 40.83 26.75 -49.73
C PRO A 338 41.29 28.18 -49.96
N LEU A 339 40.44 29.16 -49.68
CA LEU A 339 40.79 30.55 -49.91
C LEU A 339 41.63 31.16 -48.80
N LYS A 340 41.83 30.45 -47.70
CA LYS A 340 42.67 30.94 -46.61
C LYS A 340 44.11 30.50 -46.74
N LYS A 341 44.46 29.77 -47.79
CA LYS A 341 45.84 29.34 -47.99
C LYS A 341 46.70 30.51 -48.44
N THR A 342 48.01 30.28 -48.44
CA THR A 342 48.95 31.32 -48.83
C THR A 342 48.84 31.65 -50.31
N SER A 343 48.58 30.65 -51.15
CA SER A 343 48.44 30.86 -52.58
C SER A 343 47.21 30.14 -53.09
N LEU A 344 46.66 30.65 -54.20
CA LEU A 344 45.50 30.05 -54.84
C LEU A 344 45.88 29.31 -56.13
N ALA A 345 47.15 28.93 -56.27
CA ALA A 345 47.59 28.25 -57.47
C ALA A 345 46.95 26.87 -57.58
N GLY A 346 46.46 26.54 -58.77
CA GLY A 346 45.81 25.27 -59.01
C GLY A 346 44.37 25.18 -58.57
N GLN A 347 43.80 26.26 -58.04
CA GLN A 347 42.42 26.27 -57.59
C GLN A 347 41.54 26.92 -58.65
N THR A 348 40.38 26.32 -58.90
CA THR A 348 39.42 26.91 -59.81
C THR A 348 38.75 28.11 -59.16
N ILE A 349 38.73 29.23 -59.86
CA ILE A 349 38.12 30.46 -59.37
C ILE A 349 36.72 30.58 -59.96
N PRO A 350 35.69 30.81 -59.15
CA PRO A 350 34.33 30.89 -59.70
C PRO A 350 34.22 31.98 -60.74
N ALA A 351 33.50 31.68 -61.82
CA ALA A 351 33.31 32.63 -62.91
C ALA A 351 32.10 32.20 -63.72
N ASN A 352 31.53 33.15 -64.45
CA ASN A 352 30.37 32.92 -65.30
C ASN A 352 29.22 32.32 -64.50
N ASP A 353 29.07 32.74 -63.24
CA ASP A 353 28.00 32.27 -62.36
C ASP A 353 28.01 30.75 -62.21
N ARG A 354 29.22 30.19 -62.10
CA ARG A 354 29.41 28.74 -61.95
C ARG A 354 30.44 28.51 -60.85
N ASP A 355 29.97 28.37 -59.62
CA ASP A 355 30.82 28.05 -58.48
C ASP A 355 30.72 26.54 -58.24
N LYS A 356 31.69 25.79 -58.78
CA LYS A 356 31.67 24.36 -58.58
C LYS A 356 31.83 23.98 -57.11
N ASN A 357 32.57 24.80 -56.35
CA ASN A 357 32.76 24.51 -54.94
C ASN A 357 31.45 24.62 -54.16
N PHE A 358 30.61 25.58 -54.52
CA PHE A 358 29.29 25.67 -53.90
C PHE A 358 28.46 24.44 -54.22
N LEU A 359 28.50 23.98 -55.48
CA LEU A 359 27.78 22.78 -55.85
C LEU A 359 28.30 21.58 -55.08
N ILE A 360 29.62 21.46 -54.94
CA ILE A 360 30.20 20.35 -54.20
C ILE A 360 29.76 20.39 -52.75
N ALA A 361 29.79 21.58 -52.14
CA ALA A 361 29.38 21.71 -50.74
C ALA A 361 27.93 21.33 -50.55
N ILE A 362 27.05 21.80 -51.45
CA ILE A 362 25.63 21.49 -51.32
C ILE A 362 25.40 19.99 -51.49
N CYS A 363 26.07 19.39 -52.48
CA CYS A 363 25.92 17.95 -52.70
C CYS A 363 26.41 17.16 -51.50
N GLU A 364 27.54 17.57 -50.90
CA GLU A 364 28.06 16.85 -49.74
C GLU A 364 27.15 17.02 -48.54
N ILE A 365 26.55 18.21 -48.38
CA ILE A 365 25.58 18.39 -47.30
C ILE A 365 24.38 17.48 -47.51
N ARG A 366 23.87 17.42 -48.74
CA ARG A 366 22.75 16.54 -49.03
C ARG A 366 23.11 15.08 -48.75
N ARG A 367 24.34 14.70 -49.10
CA ARG A 367 24.82 13.36 -48.79
C ARG A 367 24.85 13.13 -47.28
N TYR A 368 25.19 14.16 -46.51
CA TYR A 368 25.31 13.99 -45.07
C TYR A 368 23.96 13.73 -44.43
N MET A 369 22.93 14.49 -44.81
CA MET A 369 21.64 14.42 -44.14
C MET A 369 20.62 13.58 -44.91
N TYR A 370 20.43 13.89 -46.20
CA TYR A 370 19.53 13.07 -47.01
C TYR A 370 20.17 11.73 -47.37
N GLY A 371 21.47 11.73 -47.68
CA GLY A 371 22.10 10.57 -48.25
C GLY A 371 22.14 10.56 -49.76
N GLY A 372 21.89 11.69 -50.40
CA GLY A 372 21.87 11.77 -51.85
C GLY A 372 20.50 11.80 -52.47
N LEU A 373 19.44 11.86 -51.68
CA LEU A 373 18.09 11.87 -52.21
C LEU A 373 17.73 13.27 -52.68
N SER A 374 17.24 13.38 -53.90
CA SER A 374 16.71 14.65 -54.37
C SER A 374 15.34 14.90 -53.75
N LYS A 375 14.96 16.17 -53.69
CA LYS A 375 13.64 16.52 -53.17
C LYS A 375 12.53 15.90 -54.02
N SER A 376 12.77 15.72 -55.31
CA SER A 376 11.77 15.11 -56.18
C SER A 376 11.48 13.68 -55.73
N GLN A 377 12.52 12.92 -55.39
CA GLN A 377 12.31 11.53 -54.96
C GLN A 377 11.51 11.49 -53.67
N ILE A 378 11.85 12.34 -52.70
CA ILE A 378 11.15 12.34 -51.42
C ILE A 378 9.69 12.75 -51.61
N LYS A 379 9.45 13.77 -52.43
CA LYS A 379 8.07 14.18 -52.68
C LYS A 379 7.28 13.10 -53.40
N ASP A 380 7.93 12.40 -54.34
CA ASP A 380 7.28 11.28 -55.02
C ASP A 380 6.90 10.19 -54.04
N TYR A 381 7.80 9.87 -53.12
CA TYR A 381 7.50 8.87 -52.10
C TYR A 381 6.35 9.33 -51.21
N LEU A 382 6.35 10.60 -50.82
CA LEU A 382 5.29 11.10 -49.96
C LEU A 382 3.94 11.04 -50.65
N SER A 383 3.89 11.41 -51.93
CA SER A 383 2.63 11.40 -52.67
C SER A 383 2.12 9.99 -52.92
N GLY A 384 2.94 8.97 -52.72
CA GLY A 384 2.58 7.62 -53.11
C GLY A 384 2.88 7.29 -54.55
N ARG A 385 3.43 8.24 -55.31
CA ARG A 385 3.80 7.96 -56.69
C ARG A 385 4.85 6.86 -56.78
N SER A 386 5.71 6.75 -55.77
CA SER A 386 6.72 5.72 -55.72
C SER A 386 6.62 4.97 -54.39
N ASN A 387 7.15 3.76 -54.38
CA ASN A 387 7.08 2.90 -53.21
C ASN A 387 8.45 2.59 -52.61
N ARG A 388 9.54 2.93 -53.30
CA ARG A 388 10.89 2.63 -52.81
C ARG A 388 11.57 3.93 -52.42
N LEU A 389 12.08 3.97 -51.19
CA LEU A 389 12.89 5.08 -50.72
C LEU A 389 13.89 4.53 -49.72
N TYR A 390 15.12 5.00 -49.80
CA TYR A 390 16.19 4.54 -48.93
C TYR A 390 16.56 5.65 -47.95
N PHE A 391 16.65 5.30 -46.68
CA PHE A 391 16.93 6.26 -45.61
C PHE A 391 18.33 5.96 -45.06
N LYS A 392 19.32 6.73 -45.53
CA LYS A 392 20.67 6.61 -44.97
C LYS A 392 21.32 8.00 -44.93
N GLY A 393 21.18 8.65 -43.78
CA GLY A 393 21.73 9.97 -43.56
C GLY A 393 21.79 10.23 -42.07
N ILE A 394 22.01 11.49 -41.72
CA ILE A 394 22.00 11.83 -40.30
C ILE A 394 20.61 11.64 -39.71
N MET A 395 19.57 11.74 -40.53
CA MET A 395 18.22 11.57 -40.02
C MET A 395 17.88 10.12 -39.76
N SER A 396 18.50 9.19 -40.49
CA SER A 396 18.23 7.77 -40.28
C SER A 396 18.69 7.29 -38.91
N PHE A 397 19.51 8.07 -38.22
CA PHE A 397 19.90 7.75 -36.85
C PHE A 397 18.92 8.30 -35.82
N TYR A 398 17.97 9.13 -36.23
CA TYR A 398 16.92 9.63 -35.35
C TYR A 398 15.57 9.49 -36.05
N PRO A 399 15.13 8.25 -36.32
CA PRO A 399 13.87 8.07 -37.06
C PRO A 399 12.65 8.47 -36.27
N LEU A 400 12.70 8.49 -34.95
CA LEU A 400 11.53 8.72 -34.12
C LEU A 400 11.34 10.17 -33.74
N VAL A 401 12.16 11.08 -34.27
CA VAL A 401 12.02 12.49 -33.93
C VAL A 401 10.73 13.02 -34.54
N ASN A 402 9.83 13.49 -33.68
CA ASN A 402 8.58 14.09 -34.13
C ASN A 402 8.49 15.58 -33.80
N ASP A 403 9.63 16.20 -33.47
CA ASP A 403 9.66 17.62 -33.16
C ASP A 403 9.86 18.37 -34.47
N VAL A 404 8.75 18.83 -35.06
CA VAL A 404 8.85 19.58 -36.32
C VAL A 404 9.46 20.95 -36.09
N GLU A 405 9.23 21.55 -34.92
CA GLU A 405 9.76 22.88 -34.66
C GLU A 405 11.27 22.88 -34.63
N GLN A 406 11.88 21.85 -34.01
CA GLN A 406 13.32 21.78 -33.96
C GLN A 406 13.92 21.64 -35.35
N LEU A 407 13.28 20.83 -36.20
CA LEU A 407 13.76 20.68 -37.57
C LEU A 407 13.57 21.96 -38.36
N LYS A 408 12.50 22.72 -38.10
CA LYS A 408 12.34 24.01 -38.74
C LYS A 408 13.46 24.95 -38.36
N GLN A 409 13.81 24.99 -37.06
CA GLN A 409 14.92 25.82 -36.62
C GLN A 409 16.23 25.37 -37.26
N LEU A 410 16.43 24.06 -37.39
CA LEU A 410 17.65 23.56 -38.02
C LEU A 410 17.71 23.96 -39.49
N ASP A 411 16.58 23.90 -40.19
CA ASP A 411 16.55 24.32 -41.59
C ASP A 411 16.88 25.81 -41.73
N GLY A 412 16.29 26.64 -40.87
CA GLY A 412 16.62 28.05 -40.89
C GLY A 412 18.09 28.28 -40.61
N TRP A 413 18.66 27.54 -39.67
CA TRP A 413 20.08 27.65 -39.38
C TRP A 413 20.91 27.28 -40.60
N ILE A 414 20.52 26.22 -41.30
CA ILE A 414 21.27 25.79 -42.48
C ILE A 414 21.27 26.89 -43.53
N VAL A 415 20.10 27.47 -43.80
CA VAL A 415 20.01 28.51 -44.82
C VAL A 415 20.86 29.72 -44.43
N SER A 416 20.74 30.13 -43.17
CA SER A 416 21.48 31.32 -42.72
C SER A 416 22.98 31.09 -42.78
N VAL A 417 23.43 29.91 -42.35
CA VAL A 417 24.85 29.63 -42.36
C VAL A 417 25.36 29.55 -43.79
N ILE A 418 24.56 29.00 -44.70
CA ILE A 418 24.95 28.97 -46.10
C ILE A 418 25.13 30.39 -46.64
N TYR A 419 24.18 31.27 -46.32
CA TYR A 419 24.28 32.65 -46.78
C TYR A 419 25.52 33.33 -46.22
N ARG A 420 25.79 33.15 -44.93
CA ARG A 420 26.92 33.83 -44.32
C ARG A 420 28.25 33.28 -44.84
N ALA A 421 28.33 31.97 -45.04
CA ALA A 421 29.55 31.38 -45.61
C ALA A 421 29.77 31.87 -47.03
N LEU A 422 28.70 32.01 -47.81
CA LEU A 422 28.83 32.55 -49.15
C LEU A 422 29.32 33.99 -49.11
N LYS A 423 28.81 34.79 -48.16
CA LYS A 423 29.28 36.15 -48.02
C LYS A 423 30.77 36.19 -47.68
N LEU A 424 31.22 35.32 -46.77
CA LEU A 424 32.63 35.28 -46.44
C LEU A 424 33.46 34.84 -47.64
N ARG A 425 32.95 33.90 -48.42
CA ARG A 425 33.67 33.48 -49.63
C ARG A 425 33.79 34.63 -50.61
N CYS A 426 32.72 35.41 -50.77
CA CYS A 426 32.78 36.56 -51.65
C CYS A 426 33.79 37.59 -51.15
N GLN A 427 33.82 37.82 -49.84
CA GLN A 427 34.78 38.76 -49.29
C GLN A 427 36.21 38.29 -49.52
N LEU A 428 36.47 37.00 -49.32
CA LEU A 428 37.81 36.47 -49.54
C LEU A 428 38.20 36.53 -51.00
N LEU A 429 37.27 36.26 -51.90
CA LEU A 429 37.55 36.37 -53.33
C LEU A 429 37.88 37.81 -53.70
N SER A 430 37.14 38.77 -53.14
CA SER A 430 37.45 40.17 -53.38
C SER A 430 38.84 40.52 -52.84
N LYS A 431 39.16 40.03 -51.65
CA LYS A 431 40.48 40.27 -51.07
C LYS A 431 41.59 39.63 -51.91
N TRP A 432 41.27 38.57 -52.65
CA TRP A 432 42.25 37.90 -53.49
C TRP A 432 42.32 38.49 -54.89
N GLY A 433 41.51 39.50 -55.19
CA GLY A 433 41.54 40.13 -56.49
C GLY A 433 40.48 39.68 -57.47
N TYR A 434 39.37 39.15 -57.00
CA TYR A 434 38.29 38.69 -57.88
C TYR A 434 36.97 39.25 -57.36
N ASN A 435 36.32 40.08 -58.16
CA ASN A 435 35.01 40.60 -57.82
C ASN A 435 33.94 39.67 -58.39
N ARG A 436 33.17 39.04 -57.50
CA ARG A 436 32.15 38.08 -57.90
C ARG A 436 30.83 38.33 -57.20
N SER A 437 30.66 39.50 -56.58
CA SER A 437 29.45 39.76 -55.81
C SER A 437 28.19 39.77 -56.66
N HIS A 438 28.32 40.01 -57.97
CA HIS A 438 27.16 40.05 -58.85
C HIS A 438 26.86 38.71 -59.51
N ASN A 439 27.68 37.69 -59.26
CA ASN A 439 27.47 36.40 -59.89
C ASN A 439 26.39 35.61 -59.14
N PHE A 440 26.14 34.39 -59.59
CA PHE A 440 24.99 33.61 -59.12
C PHE A 440 25.04 33.36 -57.61
N PRO A 441 26.01 32.60 -57.09
CA PRO A 441 25.89 32.14 -55.69
C PRO A 441 25.97 33.27 -54.68
N PHE A 442 26.59 34.40 -55.01
CA PHE A 442 26.84 35.45 -54.05
C PHE A 442 25.83 36.57 -54.09
N ILE A 443 25.27 36.88 -55.26
CA ILE A 443 24.27 37.94 -55.37
C ILE A 443 22.97 37.61 -54.67
N LEU A 444 22.79 36.37 -54.24
CA LEU A 444 21.54 35.94 -53.64
C LEU A 444 21.39 36.50 -52.23
N ASP A 445 20.19 36.96 -51.91
CA ASP A 445 19.86 37.31 -50.55
C ASP A 445 19.48 36.06 -49.76
N ARG A 446 19.44 36.19 -48.44
CA ARG A 446 19.10 35.04 -47.60
C ARG A 446 17.70 34.52 -47.91
N GLU A 447 16.76 35.43 -48.16
CA GLU A 447 15.39 35.01 -48.43
C GLU A 447 15.29 34.25 -49.74
N ASP A 448 16.07 34.65 -50.74
CA ASP A 448 15.93 34.10 -52.09
C ASP A 448 16.88 32.95 -52.37
N ILE A 449 17.68 32.52 -51.41
CA ILE A 449 18.65 31.44 -51.67
C ILE A 449 17.93 30.16 -52.03
N VAL A 450 16.96 29.76 -51.20
CA VAL A 450 16.33 28.46 -51.38
C VAL A 450 15.53 28.42 -52.67
N ASP A 451 14.77 29.48 -52.96
CA ASP A 451 13.92 29.48 -54.14
C ASP A 451 14.74 29.40 -55.42
N LYS A 452 15.71 30.30 -55.56
CA LYS A 452 16.52 30.30 -56.77
C LYS A 452 17.37 29.04 -56.89
N CYS A 453 17.87 28.53 -55.77
CA CYS A 453 18.64 27.30 -55.82
C CYS A 453 17.77 26.13 -56.24
N SER A 454 16.51 26.11 -55.83
CA SER A 454 15.58 25.09 -56.30
C SER A 454 15.32 25.24 -57.79
N LYS A 455 15.15 26.47 -58.26
CA LYS A 455 14.93 26.68 -59.70
C LYS A 455 16.15 26.28 -60.52
N LYS A 456 17.34 26.39 -59.96
CA LYS A 456 18.56 26.08 -60.69
C LYS A 456 18.58 24.60 -61.09
N THR A 457 19.11 24.33 -62.28
CA THR A 457 19.15 22.97 -62.81
C THR A 457 20.48 22.75 -63.52
N ILE A 458 21.11 21.60 -63.26
CA ILE A 458 22.34 21.20 -63.93
C ILE A 458 22.20 19.75 -64.36
N ALA A 459 22.51 19.48 -65.63
CA ALA A 459 22.47 18.12 -66.19
C ALA A 459 21.10 17.48 -66.01
N GLY A 460 20.05 18.27 -66.19
CA GLY A 460 18.70 17.77 -66.07
C GLY A 460 18.29 17.35 -64.67
N ARG A 461 19.05 17.74 -63.65
CA ARG A 461 18.71 17.43 -62.27
C ARG A 461 18.91 18.68 -61.42
N LYS A 462 18.20 18.74 -60.30
CA LYS A 462 18.28 19.87 -59.39
C LYS A 462 19.26 19.52 -58.28
N LEU A 463 20.55 19.72 -58.56
CA LEU A 463 21.61 19.45 -57.60
C LEU A 463 21.89 20.62 -56.67
N PHE A 464 21.20 21.74 -56.86
CA PHE A 464 21.47 22.95 -56.09
C PHE A 464 20.44 23.22 -55.00
N GLU A 465 19.37 22.43 -54.92
CA GLU A 465 18.36 22.66 -53.91
C GLU A 465 18.94 22.49 -52.52
N ILE A 466 18.63 23.43 -51.63
CA ILE A 466 19.13 23.38 -50.26
C ILE A 466 18.34 22.31 -49.52
N PRO A 467 19.00 21.32 -48.94
CA PRO A 467 18.27 20.25 -48.25
C PRO A 467 17.52 20.77 -47.03
N SER A 468 16.40 20.12 -46.73
CA SER A 468 15.53 20.52 -45.63
C SER A 468 15.26 19.33 -44.73
N PHE A 469 15.26 19.58 -43.43
CA PHE A 469 14.99 18.51 -42.47
C PHE A 469 13.52 18.12 -42.45
N LEU A 470 12.62 19.06 -42.71
CA LEU A 470 11.19 18.76 -42.61
C LEU A 470 10.75 17.73 -43.64
N LEU A 471 11.26 17.85 -44.87
CA LEU A 471 10.87 16.92 -45.92
C LEU A 471 11.31 15.50 -45.59
N ILE A 472 12.58 15.35 -45.21
CA ILE A 472 13.06 14.02 -44.87
C ILE A 472 12.39 13.51 -43.60
N HIS A 473 11.93 14.41 -42.74
CA HIS A 473 11.17 13.98 -41.57
C HIS A 473 9.82 13.41 -41.97
N LYS A 474 9.15 14.07 -42.92
CA LYS A 474 7.90 13.51 -43.44
C LYS A 474 8.13 12.14 -44.06
N ALA A 475 9.21 12.02 -44.83
CA ALA A 475 9.55 10.72 -45.40
C ALA A 475 9.82 9.69 -44.31
N LEU A 476 10.49 10.10 -43.23
CA LEU A 476 10.75 9.20 -42.12
C LEU A 476 9.47 8.73 -41.47
N GLN A 477 8.51 9.63 -41.28
CA GLN A 477 7.25 9.24 -40.67
C GLN A 477 6.50 8.25 -41.55
N LYS A 478 6.43 8.52 -42.86
CA LYS A 478 5.74 7.59 -43.74
C LYS A 478 6.48 6.26 -43.80
N GLY A 479 7.80 6.28 -43.79
CA GLY A 479 8.56 5.04 -43.78
C GLY A 479 8.36 4.24 -42.51
N LEU A 480 8.23 4.93 -41.39
CA LEU A 480 7.89 4.24 -40.14
C LEU A 480 6.53 3.58 -40.24
N GLN A 481 5.56 4.28 -40.82
CA GLN A 481 4.22 3.70 -40.95
C GLN A 481 4.23 2.48 -41.86
N GLU A 482 4.94 2.55 -42.99
CA GLU A 482 4.89 1.46 -43.96
C GLU A 482 5.80 0.29 -43.59
N SER A 483 7.06 0.57 -43.26
CA SER A 483 8.06 -0.48 -43.11
C SER A 483 8.45 -0.79 -41.67
N GLY A 484 8.26 0.15 -40.75
CA GLY A 484 8.64 -0.07 -39.37
C GLY A 484 10.05 0.40 -39.06
N ILE A 485 10.36 0.40 -37.77
CA ILE A 485 11.60 1.00 -37.29
C ILE A 485 12.81 0.22 -37.82
N GLU A 486 12.75 -1.11 -37.74
CA GLU A 486 13.94 -1.91 -38.11
C GLU A 486 14.38 -1.58 -39.54
N LYS A 487 13.44 -1.54 -40.49
CA LYS A 487 13.80 -1.32 -41.91
C LYS A 487 14.36 0.10 -42.10
N ILE A 488 13.80 1.10 -41.41
CA ILE A 488 14.24 2.51 -41.61
C ILE A 488 15.72 2.64 -41.25
N MET A 489 16.12 2.12 -40.09
CA MET A 489 17.54 2.20 -39.66
C MET A 489 18.27 0.89 -40.01
N ASN A 490 17.67 0.06 -40.87
CA ASN A 490 18.29 -1.24 -41.22
C ASN A 490 19.72 -1.04 -41.74
N PRO A 491 19.96 -0.23 -42.81
CA PRO A 491 21.32 0.04 -43.24
C PRO A 491 22.01 0.92 -42.21
N GLN A 492 21.32 1.93 -41.70
CA GLN A 492 21.94 2.88 -40.75
C GLN A 492 21.95 2.24 -39.34
N SER A 493 22.77 1.21 -39.15
CA SER A 493 22.89 0.61 -37.79
C SER A 493 23.26 1.72 -36.81
N LEU A 494 22.38 2.02 -35.85
CA LEU A 494 22.63 3.11 -34.88
C LEU A 494 23.23 2.53 -33.60
N ASN A 495 23.49 1.22 -33.59
CA ASN A 495 24.07 0.55 -32.39
C ASN A 495 25.34 1.32 -31.98
N TYR A 496 25.34 1.86 -30.76
CA TYR A 496 26.50 2.69 -30.30
C TYR A 496 26.87 3.66 -31.42
N MET B 1 5.03 -5.78 -60.44
CA MET B 1 5.30 -4.73 -59.48
C MET B 1 5.47 -5.34 -58.08
N LYS B 2 5.81 -4.51 -57.09
CA LYS B 2 6.33 -5.04 -55.83
C LYS B 2 5.30 -5.92 -55.13
N LEU B 3 4.09 -5.39 -54.92
CA LEU B 3 3.07 -6.16 -54.21
C LEU B 3 2.70 -7.42 -54.99
N GLU B 4 2.55 -7.30 -56.31
CA GLU B 4 2.12 -8.44 -57.10
C GLU B 4 3.14 -9.57 -57.07
N GLN B 5 4.43 -9.23 -57.11
CA GLN B 5 5.45 -10.27 -57.01
C GLN B 5 5.40 -10.96 -55.65
N GLN B 6 5.19 -10.19 -54.59
CA GLN B 6 5.09 -10.79 -53.25
C GLN B 6 3.91 -11.74 -53.18
N ILE B 7 2.76 -11.32 -53.71
CA ILE B 7 1.57 -12.17 -53.69
C ILE B 7 1.81 -13.44 -54.51
N GLN B 8 2.44 -13.29 -55.68
CA GLN B 8 2.77 -14.45 -56.50
C GLN B 8 3.62 -15.43 -55.71
N ARG B 9 4.68 -14.95 -55.06
CA ARG B 9 5.58 -15.83 -54.33
C ARG B 9 4.85 -16.53 -53.19
N VAL B 10 4.04 -15.78 -52.44
CA VAL B 10 3.35 -16.37 -51.30
C VAL B 10 2.36 -17.43 -51.76
N ILE B 11 1.57 -17.13 -52.78
CA ILE B 11 0.57 -18.08 -53.26
C ILE B 11 1.25 -19.32 -53.81
N LEU B 12 2.33 -19.15 -54.58
CA LEU B 12 3.02 -20.30 -55.13
C LEU B 12 3.61 -21.17 -54.03
N GLU B 13 4.21 -20.55 -53.02
CA GLU B 13 4.79 -21.33 -51.93
C GLU B 13 3.73 -22.10 -51.17
N GLU B 14 2.59 -21.45 -50.88
CA GLU B 14 1.53 -22.13 -50.16
C GLU B 14 0.97 -23.30 -50.97
N ALA B 15 0.71 -23.08 -52.26
CA ALA B 15 0.19 -24.15 -53.10
C ALA B 15 1.17 -25.31 -53.20
N LYS B 16 2.46 -25.01 -53.35
CA LYS B 16 3.45 -26.07 -53.44
C LYS B 16 3.54 -26.85 -52.13
N ALA B 17 3.44 -26.15 -51.00
CA ALA B 17 3.44 -26.84 -49.71
C ALA B 17 2.25 -27.79 -49.60
N LEU B 18 1.06 -27.33 -49.98
CA LEU B 18 -0.12 -28.19 -49.92
C LEU B 18 0.03 -29.39 -50.85
N ILE B 19 0.57 -29.17 -52.05
CA ILE B 19 0.75 -30.27 -52.99
C ILE B 19 1.74 -31.29 -52.44
N LYS B 20 2.84 -30.83 -51.84
CA LYS B 20 3.79 -31.75 -51.23
C LYS B 20 3.14 -32.54 -50.11
N ASP B 21 2.33 -31.87 -49.29
CA ASP B 21 1.63 -32.57 -48.22
C ASP B 21 0.71 -33.66 -48.77
N TYR B 22 -0.03 -33.35 -49.84
CA TYR B 22 -0.92 -34.35 -50.42
C TYR B 22 -0.14 -35.53 -50.98
N HIS B 23 0.97 -35.26 -51.67
CA HIS B 23 1.76 -36.35 -52.23
C HIS B 23 2.34 -37.24 -51.14
N GLU B 24 2.85 -36.62 -50.06
CA GLU B 24 3.28 -37.41 -48.92
C GLU B 24 2.15 -38.24 -48.36
N TYR B 25 0.96 -37.65 -48.25
CA TYR B 25 -0.20 -38.35 -47.71
C TYR B 25 -0.49 -39.61 -48.51
N HIS B 26 -0.61 -39.49 -49.83
CA HIS B 26 -1.03 -40.66 -50.59
C HIS B 26 0.11 -41.68 -50.71
N ASN B 27 1.36 -41.23 -50.76
CA ASN B 27 2.46 -42.19 -50.77
C ASN B 27 2.51 -42.99 -49.48
N ARG B 28 2.41 -42.33 -48.33
CA ARG B 28 2.42 -43.06 -47.08
C ARG B 28 1.17 -43.90 -46.89
N VAL B 29 0.03 -43.48 -47.47
CA VAL B 29 -1.15 -44.32 -47.42
C VAL B 29 -0.92 -45.61 -48.20
N HIS B 30 -0.30 -45.52 -49.37
CA HIS B 30 0.01 -46.74 -50.12
C HIS B 30 0.97 -47.63 -49.35
N LEU B 31 2.01 -47.04 -48.75
CA LEU B 31 2.97 -47.84 -48.00
C LEU B 31 2.30 -48.53 -46.81
N GLU B 32 1.48 -47.79 -46.07
CA GLU B 32 0.76 -48.37 -44.94
C GLU B 32 -0.24 -49.41 -45.40
N SER B 33 -0.81 -49.26 -46.60
CA SER B 33 -1.68 -50.28 -47.13
C SER B 33 -0.91 -51.57 -47.40
N VAL B 34 0.29 -51.45 -47.95
CA VAL B 34 1.11 -52.64 -48.17
C VAL B 34 1.42 -53.33 -46.84
N ARG B 35 1.81 -52.53 -45.84
CA ARG B 35 2.11 -53.11 -44.53
C ARG B 35 0.87 -53.76 -43.92
N ASN B 36 -0.29 -53.10 -44.06
CA ASN B 36 -1.53 -53.63 -43.52
C ASN B 36 -1.89 -54.95 -44.16
N LYS B 37 -1.74 -55.05 -45.49
CA LYS B 37 -1.99 -56.33 -46.15
C LYS B 37 -1.02 -57.40 -45.65
N LYS B 38 0.23 -57.02 -45.43
CA LYS B 38 1.16 -57.95 -44.80
C LYS B 38 0.79 -58.28 -43.36
N ARG B 39 -0.12 -57.50 -42.75
CA ARG B 39 -0.50 -57.71 -41.36
C ARG B 39 -1.82 -58.48 -41.22
N LEU B 40 -2.90 -57.98 -41.82
CA LEU B 40 -4.18 -58.66 -41.74
C LEU B 40 -4.37 -59.77 -42.76
N GLY B 41 -3.47 -59.90 -43.73
CA GLY B 41 -3.66 -60.92 -44.75
C GLY B 41 -4.87 -60.63 -45.60
N ASP B 42 -5.68 -61.66 -45.85
CA ASP B 42 -6.81 -61.54 -46.77
C ASP B 42 -7.92 -60.65 -46.24
N SER B 43 -7.91 -60.29 -44.97
CA SER B 43 -8.94 -59.43 -44.40
C SER B 43 -8.61 -57.95 -44.49
N ALA B 44 -7.47 -57.60 -45.06
CA ALA B 44 -7.07 -56.20 -45.14
C ALA B 44 -7.97 -55.45 -46.11
N PRO B 45 -8.48 -54.27 -45.74
CA PRO B 45 -9.28 -53.48 -46.67
C PRO B 45 -8.42 -52.87 -47.77
N ASP B 46 -9.09 -52.46 -48.83
CA ASP B 46 -8.39 -51.91 -49.99
C ASP B 46 -7.99 -50.45 -49.75
N LYS B 47 -6.96 -50.03 -50.47
CA LYS B 47 -6.48 -48.66 -50.36
C LYS B 47 -7.56 -47.68 -50.81
N LYS B 48 -7.77 -46.64 -50.02
CA LYS B 48 -8.80 -45.64 -50.31
C LYS B 48 -8.17 -44.26 -50.20
N ILE B 49 -8.07 -43.56 -51.33
CA ILE B 49 -7.47 -42.23 -51.38
C ILE B 49 -8.57 -41.19 -51.25
N HIS B 50 -8.45 -40.31 -50.27
CA HIS B 50 -9.45 -39.26 -50.03
C HIS B 50 -8.89 -37.92 -50.50
N ARG B 51 -9.50 -37.36 -51.54
CA ARG B 51 -9.17 -35.95 -51.68
C ARG B 51 -10.05 -35.14 -50.74
N PRO B 52 -9.55 -34.04 -50.19
CA PRO B 52 -10.36 -33.24 -49.27
C PRO B 52 -11.64 -32.78 -49.94
N ASN B 53 -12.73 -32.78 -49.16
CA ASN B 53 -14.04 -32.52 -49.73
C ASN B 53 -14.15 -31.11 -50.30
N TYR B 54 -13.59 -30.12 -49.59
CA TYR B 54 -13.77 -28.73 -50.01
C TYR B 54 -13.03 -28.41 -51.29
N TRP B 55 -12.11 -29.25 -51.74
CA TRP B 55 -11.49 -29.02 -53.04
C TRP B 55 -12.53 -29.01 -54.16
N SER B 56 -13.60 -29.78 -54.01
CA SER B 56 -14.69 -29.75 -54.97
C SER B 56 -15.61 -28.56 -54.77
N PHE B 57 -15.59 -27.93 -53.60
CA PHE B 57 -16.47 -26.78 -53.37
C PHE B 57 -16.12 -25.62 -54.29
N ASP B 58 -14.82 -25.35 -54.46
CA ASP B 58 -14.39 -24.29 -55.35
C ASP B 58 -12.99 -24.62 -55.86
N LYS B 59 -12.72 -24.18 -57.10
CA LYS B 59 -11.44 -24.50 -57.71
C LYS B 59 -10.28 -23.85 -56.97
N LYS B 60 -10.48 -22.62 -56.47
CA LYS B 60 -9.40 -21.93 -55.76
C LYS B 60 -9.02 -22.65 -54.47
N PHE B 61 -9.88 -23.52 -53.94
CA PHE B 61 -9.48 -24.34 -52.81
C PHE B 61 -8.45 -25.37 -53.22
N ASP B 62 -8.52 -25.86 -54.45
CA ASP B 62 -7.62 -26.90 -54.93
C ASP B 62 -6.21 -26.35 -55.07
N PRO B 63 -5.22 -26.91 -54.39
CA PRO B 63 -3.84 -26.48 -54.62
C PRO B 63 -3.40 -26.66 -56.06
N PHE B 64 -3.84 -27.74 -56.72
CA PHE B 64 -3.41 -27.99 -58.09
C PHE B 64 -3.93 -26.92 -59.04
N TYR B 65 -5.20 -26.53 -58.89
CA TYR B 65 -5.74 -25.48 -59.75
C TYR B 65 -5.03 -24.16 -59.50
N VAL B 66 -4.79 -23.82 -58.24
CA VAL B 66 -4.11 -22.56 -57.93
C VAL B 66 -2.71 -22.56 -58.52
N LYS B 67 -1.97 -23.66 -58.37
CA LYS B 67 -0.66 -23.75 -58.99
C LYS B 67 -0.76 -23.70 -60.51
N SER B 68 -1.90 -24.13 -61.07
CA SER B 68 -2.06 -24.07 -62.52
C SER B 68 -2.01 -22.64 -63.02
N ASN B 69 -2.82 -21.76 -62.44
CA ASN B 69 -2.82 -20.34 -62.78
C ASN B 69 -2.76 -19.54 -61.48
N TYR B 70 -1.53 -19.33 -60.98
CA TYR B 70 -1.34 -18.48 -59.82
C TYR B 70 -0.95 -17.06 -60.19
N LYS B 71 -0.32 -16.88 -61.35
CA LYS B 71 0.01 -15.54 -61.80
C LYS B 71 -1.25 -14.71 -62.03
N SER B 72 -2.25 -15.31 -62.68
CA SER B 72 -3.50 -14.59 -62.93
C SER B 72 -4.20 -14.25 -61.62
N ILE B 73 -4.24 -15.19 -60.69
CA ILE B 73 -4.90 -14.95 -59.41
C ILE B 73 -4.19 -13.83 -58.66
N ALA B 74 -2.86 -13.88 -58.62
CA ALA B 74 -2.11 -12.83 -57.92
C ALA B 74 -2.29 -11.48 -58.59
N ARG B 75 -2.31 -11.45 -59.92
CA ARG B 75 -2.52 -10.20 -60.64
C ARG B 75 -3.88 -9.60 -60.30
N SER B 76 -4.92 -10.44 -60.31
CA SER B 76 -6.26 -9.95 -59.98
C SER B 76 -6.33 -9.49 -58.53
N ILE B 77 -5.69 -10.22 -57.62
CA ILE B 77 -5.71 -9.84 -56.22
C ILE B 77 -5.03 -8.50 -56.00
N ALA B 78 -3.87 -8.31 -56.62
CA ALA B 78 -3.16 -7.04 -56.50
C ALA B 78 -3.98 -5.90 -57.09
N ASN B 79 -4.59 -6.13 -58.26
CA ASN B 79 -5.42 -5.10 -58.88
C ASN B 79 -6.59 -4.73 -57.98
N LYS B 80 -7.23 -5.72 -57.35
CA LYS B 80 -8.36 -5.42 -56.47
C LYS B 80 -7.90 -4.72 -55.20
N ILE B 81 -6.74 -5.11 -54.67
CA ILE B 81 -6.24 -4.48 -53.45
C ILE B 81 -5.93 -3.01 -53.71
N GLU B 82 -5.27 -2.71 -54.82
CA GLU B 82 -4.93 -1.32 -55.11
C GLU B 82 -6.18 -0.48 -55.37
N ASN B 83 -7.27 -1.11 -55.83
CA ASN B 83 -8.52 -0.40 -56.03
C ASN B 83 -9.36 -0.31 -54.76
N ARG B 84 -8.88 -0.88 -53.64
CA ARG B 84 -9.61 -0.91 -52.38
C ARG B 84 -10.97 -1.57 -52.52
N THR B 85 -11.08 -2.54 -53.44
CA THR B 85 -12.29 -3.29 -53.64
C THR B 85 -12.13 -4.77 -53.35
N TYR B 86 -10.96 -5.20 -52.91
CA TYR B 86 -10.71 -6.61 -52.66
C TYR B 86 -11.53 -7.09 -51.46
N LEU B 87 -12.13 -8.26 -51.61
CA LEU B 87 -12.89 -8.89 -50.54
C LEU B 87 -12.68 -10.39 -50.58
N PRO B 88 -12.24 -11.00 -49.48
CA PRO B 88 -11.97 -12.44 -49.51
C PRO B 88 -13.25 -13.25 -49.68
N ASN B 89 -13.16 -14.29 -50.50
CA ASN B 89 -14.28 -15.20 -50.68
C ASN B 89 -14.57 -15.93 -49.37
N GLU B 90 -15.85 -16.20 -49.14
CA GLU B 90 -16.25 -16.78 -47.86
C GLU B 90 -15.60 -18.15 -47.70
N PRO B 91 -15.18 -18.51 -46.49
CA PRO B 91 -14.45 -19.77 -46.30
C PRO B 91 -15.40 -20.95 -46.18
N PHE B 92 -14.82 -22.14 -46.23
CA PHE B 92 -15.55 -23.38 -45.96
C PHE B 92 -15.45 -23.66 -44.47
N THR B 93 -16.56 -23.54 -43.77
CA THR B 93 -16.60 -23.74 -42.32
C THR B 93 -17.11 -25.15 -42.03
N LYS B 94 -16.39 -25.87 -41.17
CA LYS B 94 -16.79 -27.20 -40.74
C LYS B 94 -16.80 -27.27 -39.22
N ASP B 95 -17.56 -28.22 -38.70
CA ASP B 95 -17.73 -28.37 -37.25
C ASP B 95 -16.61 -29.25 -36.71
N VAL B 96 -15.50 -28.62 -36.38
CA VAL B 96 -14.40 -29.35 -35.74
C VAL B 96 -14.85 -29.82 -34.36
N PRO B 97 -14.53 -31.03 -33.93
CA PRO B 97 -15.07 -31.54 -32.67
C PRO B 97 -14.46 -30.85 -31.46
N LYS B 98 -15.32 -30.33 -30.59
CA LYS B 98 -14.91 -29.77 -29.31
C LYS B 98 -15.83 -30.32 -28.22
N PRO B 99 -15.78 -31.63 -27.97
CA PRO B 99 -16.70 -32.20 -26.97
C PRO B 99 -16.52 -31.63 -25.57
N ASP B 100 -15.33 -31.10 -25.28
CA ASP B 100 -15.12 -30.44 -23.99
C ASP B 100 -16.04 -29.24 -23.83
N GLY B 101 -16.28 -28.50 -24.91
CA GLY B 101 -17.17 -27.36 -24.88
C GLY B 101 -18.24 -27.38 -25.95
N GLY B 102 -18.70 -28.57 -26.32
CA GLY B 102 -19.75 -28.69 -27.31
C GLY B 102 -19.21 -28.87 -28.72
N ILE B 103 -19.13 -27.78 -29.48
CA ILE B 103 -18.59 -27.82 -30.83
C ILE B 103 -17.86 -26.49 -31.06
N ARG B 104 -16.89 -26.52 -31.97
CA ARG B 104 -16.15 -25.32 -32.33
C ARG B 104 -16.30 -25.03 -33.82
N LYS B 105 -16.27 -23.75 -34.15
CA LYS B 105 -16.56 -23.28 -35.50
C LYS B 105 -15.24 -22.89 -36.17
N VAL B 106 -14.71 -23.80 -36.98
CA VAL B 106 -13.46 -23.55 -37.70
C VAL B 106 -13.78 -23.15 -39.13
N SER B 107 -12.84 -22.48 -39.78
CA SER B 107 -13.02 -22.00 -41.14
C SER B 107 -11.75 -22.21 -41.94
N ILE B 108 -11.91 -22.70 -43.17
CA ILE B 108 -10.81 -22.95 -44.07
C ILE B 108 -10.96 -21.98 -45.24
N TYR B 109 -10.15 -20.92 -45.24
CA TYR B 109 -10.23 -19.94 -46.31
C TYR B 109 -9.66 -20.49 -47.60
N GLN B 110 -10.04 -19.87 -48.71
CA GLN B 110 -9.49 -20.25 -50.00
C GLN B 110 -8.00 -19.95 -50.03
N ILE B 111 -7.29 -20.68 -50.89
CA ILE B 111 -5.83 -20.57 -50.93
C ILE B 111 -5.35 -19.15 -51.20
N PRO B 112 -5.89 -18.42 -52.18
CA PRO B 112 -5.42 -17.03 -52.38
C PRO B 112 -5.67 -16.14 -51.17
N ASP B 113 -6.88 -16.19 -50.61
CA ASP B 113 -7.18 -15.34 -49.45
C ASP B 113 -6.35 -15.76 -48.24
N ALA B 114 -6.16 -17.05 -48.04
CA ALA B 114 -5.32 -17.51 -46.93
C ALA B 114 -3.89 -17.04 -47.12
N ALA B 115 -3.38 -17.10 -48.35
CA ALA B 115 -2.02 -16.64 -48.62
C ALA B 115 -1.89 -15.14 -48.36
N ILE B 116 -2.89 -14.35 -48.77
CA ILE B 116 -2.84 -12.91 -48.54
C ILE B 116 -2.85 -12.63 -47.04
N SER B 117 -3.71 -13.34 -46.30
CA SER B 117 -3.76 -13.15 -44.86
C SER B 117 -2.43 -13.52 -44.21
N LYS B 118 -1.81 -14.61 -44.67
CA LYS B 118 -0.52 -15.00 -44.12
C LYS B 118 0.54 -13.94 -44.40
N LEU B 119 0.56 -13.42 -45.62
CA LEU B 119 1.56 -12.40 -45.98
C LEU B 119 1.39 -11.15 -45.13
N PHE B 120 0.16 -10.67 -44.99
CA PHE B 120 -0.03 -9.44 -44.24
C PHE B 120 0.13 -9.68 -42.74
N PHE B 121 -0.18 -10.88 -42.25
CA PHE B 121 0.12 -11.21 -40.87
C PHE B 121 1.62 -11.20 -40.62
N ASN B 122 2.39 -11.76 -41.56
CA ASN B 122 3.84 -11.73 -41.43
C ASN B 122 4.36 -10.31 -41.37
N ARG B 123 3.85 -9.45 -42.27
CA ARG B 123 4.31 -8.06 -42.27
C ARG B 123 3.96 -7.37 -40.96
N LEU B 124 2.71 -7.47 -40.53
CA LEU B 124 2.28 -6.81 -39.31
C LEU B 124 3.05 -7.30 -38.09
N LEU B 125 3.26 -8.61 -37.99
CA LEU B 125 4.04 -9.14 -36.88
C LEU B 125 5.48 -8.63 -36.93
N ALA B 126 6.07 -8.61 -38.13
CA ALA B 126 7.46 -8.17 -38.24
C ALA B 126 7.62 -6.72 -37.78
N LYS B 127 6.70 -5.84 -38.19
CA LYS B 127 6.87 -4.43 -37.87
C LYS B 127 6.27 -4.05 -36.51
N ASN B 128 5.64 -4.98 -35.80
CA ASN B 128 4.99 -4.64 -34.53
C ASN B 128 5.30 -5.57 -33.38
N ARG B 129 6.03 -6.67 -33.58
CA ARG B 129 6.25 -7.61 -32.50
C ARG B 129 7.05 -7.01 -31.35
N HIS B 130 7.80 -5.94 -31.60
CA HIS B 130 8.51 -5.29 -30.51
C HIS B 130 7.58 -4.60 -29.53
N ARG B 131 6.33 -4.39 -29.92
CA ARG B 131 5.35 -3.79 -29.01
C ARG B 131 4.56 -4.82 -28.22
N PHE B 132 4.54 -6.07 -28.68
CA PHE B 132 3.84 -7.11 -27.94
C PHE B 132 4.57 -7.40 -26.63
N SER B 133 3.79 -7.69 -25.59
CA SER B 133 4.38 -8.04 -24.31
C SER B 133 5.21 -9.31 -24.46
N SER B 134 6.34 -9.35 -23.75
CA SER B 134 7.18 -10.53 -23.80
C SER B 134 6.51 -11.76 -23.21
N PHE B 135 5.40 -11.56 -22.50
CA PHE B 135 4.65 -12.69 -21.91
C PHE B 135 3.54 -13.11 -22.87
N SER B 136 3.51 -12.52 -24.07
CA SER B 136 2.52 -12.93 -25.09
C SER B 136 3.10 -14.05 -25.95
N TYR B 137 3.04 -15.30 -25.45
CA TYR B 137 3.64 -16.44 -26.19
C TYR B 137 2.64 -16.95 -27.22
N ALA B 138 1.47 -16.33 -27.29
CA ALA B 138 0.42 -16.73 -28.26
C ALA B 138 0.97 -16.65 -29.68
N TYR B 139 0.80 -17.71 -30.47
CA TYR B 139 1.26 -17.71 -31.90
C TYR B 139 2.65 -17.10 -31.97
N ARG B 140 2.83 -16.04 -32.77
CA ARG B 140 4.14 -15.32 -32.86
C ARG B 140 5.19 -16.19 -33.57
N ASN B 141 6.45 -15.72 -33.60
CA ASN B 141 7.55 -16.47 -34.25
C ASN B 141 8.80 -16.28 -33.39
N ASP B 142 8.62 -15.66 -32.22
CA ASP B 142 9.76 -15.43 -31.29
C ASP B 142 9.39 -16.03 -29.94
N ARG B 143 8.10 -16.31 -29.73
CA ARG B 143 7.64 -16.83 -28.41
C ARG B 143 6.99 -18.20 -28.59
N ASN B 144 7.34 -19.15 -27.74
CA ASN B 144 6.80 -20.50 -27.79
C ASN B 144 6.07 -20.80 -26.49
N VAL B 145 5.31 -21.89 -26.49
CA VAL B 145 4.69 -22.35 -25.25
C VAL B 145 5.76 -22.77 -24.26
N HIS B 146 6.86 -23.35 -24.75
CA HIS B 146 7.90 -23.85 -23.86
C HIS B 146 8.60 -22.71 -23.13
N PHE B 147 8.75 -21.55 -23.76
CA PHE B 147 9.29 -20.41 -23.03
C PHE B 147 8.39 -20.03 -21.87
N ALA B 148 7.08 -20.05 -22.09
CA ALA B 148 6.14 -19.75 -21.02
C ALA B 148 6.25 -20.76 -19.90
N ILE B 149 6.36 -22.05 -20.24
CA ILE B 149 6.44 -23.07 -19.21
C ILE B 149 7.74 -22.92 -18.42
N GLN B 150 8.84 -22.60 -19.10
CA GLN B 150 10.10 -22.37 -18.41
C GLN B 150 9.98 -21.19 -17.45
N ASP B 151 9.37 -20.10 -17.90
CA ASP B 151 9.21 -18.93 -17.04
C ASP B 151 8.38 -19.27 -15.80
N ILE B 152 7.24 -19.94 -16.01
CA ILE B 152 6.37 -20.30 -14.89
C ILE B 152 7.10 -21.22 -13.94
N SER B 153 7.80 -22.21 -14.47
CA SER B 153 8.49 -23.18 -13.62
C SER B 153 9.55 -22.50 -12.77
N VAL B 154 10.37 -21.63 -13.38
CA VAL B 154 11.41 -20.96 -12.63
C VAL B 154 10.82 -20.07 -11.54
N ASP B 155 9.80 -19.29 -11.91
CA ASP B 155 9.22 -18.38 -10.91
C ASP B 155 8.53 -19.14 -9.79
N LEU B 156 7.86 -20.24 -10.09
CA LEU B 156 7.24 -21.03 -9.04
C LEU B 156 8.28 -21.67 -8.13
N LYS B 157 9.38 -22.16 -8.71
CA LYS B 157 10.42 -22.77 -7.91
C LYS B 157 11.12 -21.75 -7.02
N LYS B 158 11.13 -20.48 -7.43
CA LYS B 158 11.79 -19.46 -6.62
C LYS B 158 11.17 -19.35 -5.22
N ASN B 159 9.84 -19.35 -5.15
CA ASN B 159 9.13 -19.17 -3.89
C ASN B 159 8.43 -20.46 -3.48
N GLU B 160 7.65 -20.38 -2.40
CA GLU B 160 6.93 -21.52 -1.87
C GLU B 160 5.42 -21.35 -1.83
N ARG B 161 4.92 -20.12 -1.87
CA ARG B 161 3.48 -19.87 -1.80
C ARG B 161 3.14 -18.81 -2.83
N THR B 162 2.31 -19.17 -3.80
CA THR B 162 1.97 -18.28 -4.90
C THR B 162 0.45 -18.26 -5.07
N PHE B 163 -0.06 -17.09 -5.45
CA PHE B 163 -1.49 -16.90 -5.67
C PHE B 163 -1.75 -16.97 -7.17
N LEU B 164 -2.44 -18.01 -7.61
CA LEU B 164 -2.73 -18.18 -9.02
C LEU B 164 -4.07 -17.56 -9.38
N ALA B 165 -4.28 -17.36 -10.68
CA ALA B 165 -5.56 -16.89 -11.19
C ALA B 165 -5.63 -17.33 -12.66
N GLU B 166 -6.38 -18.39 -12.93
CA GLU B 166 -6.49 -18.94 -14.27
C GLU B 166 -7.82 -18.53 -14.87
N PHE B 167 -7.78 -17.98 -16.08
CA PHE B 167 -8.98 -17.51 -16.75
C PHE B 167 -8.96 -17.94 -18.21
N ASP B 168 -10.13 -18.31 -18.71
CA ASP B 168 -10.34 -18.55 -20.13
C ASP B 168 -11.46 -17.63 -20.61
N PHE B 169 -11.37 -17.23 -21.87
CA PHE B 169 -12.37 -16.37 -22.47
C PHE B 169 -13.34 -17.25 -23.27
N SER B 170 -14.62 -17.13 -22.97
CA SER B 170 -15.65 -17.90 -23.66
C SER B 170 -15.76 -17.37 -25.09
N ASP B 171 -15.35 -18.20 -26.05
CA ASP B 171 -15.35 -17.83 -27.47
C ASP B 171 -14.58 -16.53 -27.68
N PHE B 172 -13.29 -16.59 -27.38
CA PHE B 172 -12.45 -15.39 -27.43
C PHE B 172 -12.39 -14.81 -28.83
N PHE B 173 -12.20 -15.66 -29.85
CA PHE B 173 -12.10 -15.18 -31.21
C PHE B 173 -13.44 -14.61 -31.69
N GLY B 174 -14.53 -15.27 -31.37
CA GLY B 174 -15.82 -14.93 -31.94
C GLY B 174 -16.59 -13.82 -31.27
N SER B 175 -16.03 -13.15 -30.27
CA SER B 175 -16.76 -12.11 -29.55
C SER B 175 -15.96 -10.83 -29.38
N ILE B 176 -14.97 -10.59 -30.24
CA ILE B 176 -14.21 -9.35 -30.20
C ILE B 176 -15.02 -8.25 -30.88
N SER B 177 -15.23 -7.15 -30.17
CA SER B 177 -15.96 -6.04 -30.75
C SER B 177 -15.11 -5.34 -31.81
N HIS B 178 -15.74 -5.02 -32.94
CA HIS B 178 -15.00 -4.40 -34.03
C HIS B 178 -14.67 -2.95 -33.74
N SER B 179 -15.52 -2.26 -32.98
CA SER B 179 -15.21 -0.90 -32.57
C SER B 179 -13.94 -0.86 -31.74
N PHE B 180 -13.80 -1.79 -30.80
CA PHE B 180 -12.60 -1.89 -30.00
C PHE B 180 -11.37 -2.11 -30.87
N LEU B 181 -11.48 -3.05 -31.82
CA LEU B 181 -10.36 -3.34 -32.70
C LEU B 181 -9.95 -2.11 -33.49
N ASN B 182 -10.92 -1.43 -34.11
CA ASN B 182 -10.60 -0.25 -34.89
C ASN B 182 -10.06 0.89 -34.03
N GLU B 183 -10.42 0.93 -32.75
CA GLU B 183 -9.82 1.90 -31.85
C GLU B 183 -8.41 1.52 -31.44
N GLN B 184 -8.07 0.23 -31.47
CA GLN B 184 -6.75 -0.21 -31.06
C GLN B 184 -5.67 0.06 -32.10
N PHE B 185 -6.03 0.39 -33.33
CA PHE B 185 -5.04 0.53 -34.39
C PHE B 185 -4.13 1.73 -34.19
N ASN B 186 -4.54 2.71 -33.40
CA ASN B 186 -3.77 3.94 -33.21
C ASN B 186 -3.23 4.05 -31.78
N GLU B 187 -2.88 2.92 -31.17
CA GLU B 187 -2.44 2.88 -29.80
C GLU B 187 -1.13 2.11 -29.70
N ASN B 188 -0.46 2.29 -28.56
CA ASN B 188 0.76 1.56 -28.23
C ASN B 188 1.87 1.75 -29.25
N GLY B 189 1.77 2.79 -30.07
CA GLY B 189 2.76 2.99 -31.12
C GLY B 189 2.76 1.87 -32.15
N PHE B 190 1.59 1.33 -32.45
CA PHE B 190 1.51 0.32 -33.49
C PHE B 190 1.69 0.96 -34.86
N TYR B 191 2.41 0.27 -35.74
CA TYR B 191 2.71 0.77 -37.08
C TYR B 191 1.95 -0.09 -38.08
N ILE B 192 0.75 0.36 -38.45
CA ILE B 192 -0.08 -0.34 -39.42
C ILE B 192 -0.29 0.59 -40.61
N SER B 193 0.19 0.17 -41.78
CA SER B 193 0.06 0.98 -42.97
C SER B 193 -1.38 0.96 -43.46
N PRO B 194 -1.77 1.93 -44.29
CA PRO B 194 -3.15 1.93 -44.81
C PRO B 194 -3.52 0.66 -45.55
N GLU B 195 -2.58 0.06 -46.30
CA GLU B 195 -2.90 -1.19 -46.98
C GLU B 195 -3.21 -2.30 -45.98
N GLU B 196 -2.39 -2.41 -44.94
CA GLU B 196 -2.63 -3.44 -43.92
C GLU B 196 -3.94 -3.18 -43.20
N LYS B 197 -4.23 -1.92 -42.87
CA LYS B 197 -5.47 -1.59 -42.20
C LYS B 197 -6.67 -1.93 -43.07
N PHE B 198 -6.59 -1.61 -44.36
CA PHE B 198 -7.69 -1.96 -45.26
C PHE B 198 -7.86 -3.46 -45.37
N ILE B 199 -6.76 -4.20 -45.44
CA ILE B 199 -6.86 -5.66 -45.52
C ILE B 199 -7.50 -6.22 -44.25
N ILE B 200 -7.09 -5.71 -43.09
CA ILE B 200 -7.66 -6.16 -41.84
C ILE B 200 -9.17 -5.92 -41.83
N ARG B 201 -9.58 -4.71 -42.20
CA ARG B 201 -11.00 -4.41 -42.26
C ARG B 201 -11.73 -5.27 -43.27
N SER B 202 -11.04 -5.63 -44.37
CA SER B 202 -11.64 -6.51 -45.36
C SER B 202 -11.92 -7.88 -44.79
N PHE B 203 -11.00 -8.41 -43.99
CA PHE B 203 -11.22 -9.73 -43.41
C PHE B 203 -12.28 -9.72 -42.32
N LEU B 204 -12.70 -8.56 -41.85
CA LEU B 204 -13.73 -8.46 -40.81
C LEU B 204 -15.07 -8.01 -41.36
N ARG B 205 -15.19 -7.87 -42.69
CA ARG B 205 -16.39 -7.24 -43.24
C ARG B 205 -17.60 -8.17 -43.20
N GLU B 206 -17.39 -9.48 -43.41
CA GLU B 206 -18.52 -10.39 -43.49
C GLU B 206 -19.28 -10.46 -42.18
N ARG B 207 -18.57 -10.47 -41.06
CA ARG B 207 -19.19 -10.55 -39.74
C ARG B 207 -19.31 -9.16 -39.13
N LYS B 208 -20.09 -9.09 -38.04
CA LYS B 208 -20.27 -7.85 -37.32
C LYS B 208 -19.62 -7.84 -35.95
N VAL B 209 -19.15 -8.99 -35.47
CA VAL B 209 -18.43 -9.06 -34.20
C VAL B 209 -17.52 -10.28 -34.25
N GLY B 210 -16.38 -10.18 -33.58
CA GLY B 210 -15.41 -11.25 -33.56
C GLY B 210 -14.55 -11.27 -34.80
N ILE B 211 -13.46 -12.04 -34.72
CA ILE B 211 -12.51 -12.16 -35.82
C ILE B 211 -12.64 -13.56 -36.41
N PRO B 212 -12.33 -13.74 -37.70
CA PRO B 212 -12.49 -15.06 -38.31
C PRO B 212 -11.56 -16.08 -37.69
N GLN B 213 -11.98 -17.33 -37.70
CA GLN B 213 -11.24 -18.42 -37.07
C GLN B 213 -10.51 -19.22 -38.15
N GLY B 214 -9.24 -19.50 -37.90
CA GLY B 214 -8.47 -20.33 -38.80
C GLY B 214 -7.73 -19.61 -39.90
N THR B 215 -7.53 -18.30 -39.78
CA THR B 215 -6.72 -17.56 -40.73
C THR B 215 -5.66 -16.78 -39.97
N SER B 216 -4.57 -16.46 -40.69
CA SER B 216 -3.38 -15.93 -40.02
C SER B 216 -3.62 -14.54 -39.43
N ILE B 217 -4.35 -13.68 -40.14
CA ILE B 217 -4.53 -12.31 -39.67
C ILE B 217 -5.23 -12.27 -38.32
N SER B 218 -6.08 -13.27 -38.04
CA SER B 218 -6.75 -13.31 -36.75
C SER B 218 -5.75 -13.50 -35.62
N LEU B 219 -4.63 -14.17 -35.87
CA LEU B 219 -3.63 -14.34 -34.83
C LEU B 219 -3.05 -12.99 -34.41
N PHE B 220 -2.67 -12.16 -35.38
CA PHE B 220 -2.18 -10.84 -35.05
C PHE B 220 -3.26 -10.00 -34.41
N LEU B 221 -4.50 -10.12 -34.88
CA LEU B 221 -5.59 -9.36 -34.28
C LEU B 221 -5.79 -9.74 -32.82
N ALA B 222 -5.73 -11.03 -32.51
CA ALA B 222 -5.86 -11.49 -31.14
C ALA B 222 -4.71 -11.00 -30.28
N ASN B 223 -3.48 -11.07 -30.80
CA ASN B 223 -2.34 -10.57 -30.04
C ASN B 223 -2.46 -9.08 -29.77
N LEU B 224 -2.92 -8.31 -30.77
CA LEU B 224 -3.07 -6.88 -30.62
C LEU B 224 -4.22 -6.53 -29.67
N THR B 225 -5.26 -7.35 -29.64
CA THR B 225 -6.41 -7.04 -28.80
C THR B 225 -6.03 -7.00 -27.33
N CYS B 226 -5.23 -7.97 -26.89
CA CYS B 226 -4.82 -8.05 -25.49
C CYS B 226 -3.50 -7.35 -25.24
N TRP B 227 -3.39 -6.08 -25.65
CA TRP B 227 -2.20 -5.31 -25.34
C TRP B 227 -2.40 -4.41 -24.12
N LYS B 228 -3.57 -3.79 -24.01
CA LYS B 228 -3.85 -2.98 -22.82
C LYS B 228 -3.93 -3.86 -21.58
N LEU B 229 -4.52 -5.04 -21.71
CA LEU B 229 -4.55 -5.98 -20.60
C LEU B 229 -3.14 -6.38 -20.18
N ASP B 230 -2.28 -6.68 -21.15
CA ASP B 230 -0.91 -7.06 -20.83
C ASP B 230 -0.17 -5.92 -20.13
N GLN B 231 -0.33 -4.70 -20.64
CA GLN B 231 0.32 -3.55 -20.02
C GLN B 231 -0.18 -3.34 -18.59
N ASP B 232 -1.49 -3.45 -18.37
CA ASP B 232 -2.03 -3.27 -17.03
C ASP B 232 -1.52 -4.33 -16.08
N LEU B 233 -1.50 -5.59 -16.52
CA LEU B 233 -0.98 -6.65 -15.65
C LEU B 233 0.50 -6.43 -15.35
N GLU B 234 1.28 -6.02 -16.34
CA GLU B 234 2.69 -5.75 -16.11
C GLU B 234 2.88 -4.63 -15.10
N ARG B 235 2.11 -3.55 -15.24
CA ARG B 235 2.27 -2.42 -14.34
C ARG B 235 1.68 -2.69 -12.97
N GLU B 236 0.88 -3.74 -12.82
CA GLU B 236 0.48 -4.15 -11.48
C GLU B 236 1.60 -4.86 -10.74
N GLY B 237 2.63 -5.30 -11.44
CA GLY B 237 3.71 -6.05 -10.83
C GLY B 237 3.49 -7.53 -10.74
N VAL B 238 2.36 -8.04 -11.23
CA VAL B 238 2.11 -9.47 -11.22
C VAL B 238 2.84 -10.12 -12.39
N LYS B 239 3.21 -11.38 -12.20
CA LYS B 239 3.73 -12.18 -13.29
C LYS B 239 2.59 -12.94 -13.95
N PHE B 240 2.63 -13.03 -15.27
CA PHE B 240 1.58 -13.71 -16.00
C PHE B 240 2.15 -14.31 -17.26
N SER B 241 1.34 -15.14 -17.92
CA SER B 241 1.75 -15.78 -19.16
C SER B 241 0.49 -16.10 -19.95
N ARG B 242 0.21 -15.31 -20.96
CA ARG B 242 -0.97 -15.48 -21.79
C ARG B 242 -0.63 -16.26 -23.04
N TYR B 243 -1.49 -17.21 -23.39
CA TYR B 243 -1.37 -17.98 -24.63
C TYR B 243 -2.75 -18.01 -25.26
N ALA B 244 -2.99 -17.12 -26.21
CA ALA B 244 -4.30 -16.94 -26.84
C ALA B 244 -5.27 -16.54 -25.71
N ASP B 245 -6.37 -17.27 -25.51
CA ASP B 245 -7.28 -16.91 -24.43
C ASP B 245 -6.81 -17.43 -23.08
N ASP B 246 -6.07 -18.54 -23.07
CA ASP B 246 -5.62 -19.12 -21.81
C ASP B 246 -4.63 -18.18 -21.13
N THR B 247 -4.98 -17.74 -19.92
CA THR B 247 -4.15 -16.81 -19.17
C THR B 247 -3.93 -17.37 -17.77
N ILE B 248 -2.70 -17.28 -17.29
CA ILE B 248 -2.35 -17.66 -15.92
C ILE B 248 -1.60 -16.49 -15.30
N ILE B 249 -2.07 -16.03 -14.14
CA ILE B 249 -1.43 -14.96 -13.41
C ILE B 249 -1.03 -15.49 -12.04
N TRP B 250 0.22 -15.24 -11.65
CA TRP B 250 0.70 -15.65 -10.34
C TRP B 250 1.51 -14.53 -9.74
N SER B 251 1.22 -14.23 -8.48
CA SER B 251 1.96 -13.22 -7.73
C SER B 251 2.11 -13.70 -6.30
N GLN B 252 2.95 -13.00 -5.55
CA GLN B 252 3.20 -13.33 -4.16
C GLN B 252 2.24 -12.66 -3.21
N GLU B 253 1.37 -11.78 -3.70
CA GLU B 253 0.47 -11.00 -2.86
C GLU B 253 -0.97 -11.21 -3.28
N TYR B 254 -1.85 -11.33 -2.29
CA TYR B 254 -3.27 -11.50 -2.58
C TYR B 254 -3.86 -10.25 -3.22
N SER B 255 -3.45 -9.07 -2.76
CA SER B 255 -4.00 -7.83 -3.29
C SER B 255 -3.69 -7.69 -4.77
N LYS B 256 -2.47 -8.03 -5.17
CA LYS B 256 -2.10 -7.94 -6.57
C LYS B 256 -2.94 -8.87 -7.43
N ILE B 257 -3.22 -10.08 -6.93
CA ILE B 257 -4.00 -11.01 -7.72
C ILE B 257 -5.46 -10.58 -7.78
N CYS B 258 -5.99 -9.97 -6.72
CA CYS B 258 -7.35 -9.44 -6.78
C CYS B 258 -7.42 -8.29 -7.79
N ASN B 259 -6.41 -7.43 -7.80
CA ASN B 259 -6.37 -6.36 -8.79
C ASN B 259 -6.24 -6.92 -10.20
N ALA B 260 -5.51 -8.02 -10.36
CA ALA B 260 -5.43 -8.66 -11.68
C ALA B 260 -6.79 -9.18 -12.11
N PHE B 261 -7.53 -9.77 -11.18
CA PHE B 261 -8.89 -10.20 -11.50
C PHE B 261 -9.74 -9.01 -11.96
N ASN B 262 -9.65 -7.89 -11.22
CA ASN B 262 -10.43 -6.72 -11.60
C ASN B 262 -10.00 -6.18 -12.96
N ILE B 263 -8.69 -6.24 -13.25
CA ILE B 263 -8.17 -5.75 -14.52
C ILE B 263 -8.71 -6.60 -15.66
N ILE B 264 -8.71 -7.93 -15.50
CA ILE B 264 -9.24 -8.79 -16.55
C ILE B 264 -10.74 -8.55 -16.72
N THR B 265 -11.46 -8.35 -15.62
CA THR B 265 -12.89 -8.06 -15.73
C THR B 265 -13.13 -6.77 -16.50
N ASN B 266 -12.35 -5.72 -16.20
CA ASN B 266 -12.50 -4.46 -16.91
C ASN B 266 -12.16 -4.61 -18.38
N PHE B 267 -11.10 -5.37 -18.69
CA PHE B 267 -10.74 -5.58 -20.09
C PHE B 267 -11.83 -6.34 -20.82
N SER B 268 -12.42 -7.35 -20.18
CA SER B 268 -13.51 -8.08 -20.80
C SER B 268 -14.72 -7.18 -21.05
N LYS B 269 -15.04 -6.31 -20.10
CA LYS B 269 -16.13 -5.37 -20.31
C LYS B 269 -15.82 -4.38 -21.41
N SER B 270 -14.53 -4.05 -21.60
CA SER B 270 -14.14 -3.12 -22.65
C SER B 270 -14.18 -3.77 -24.02
N ALA B 271 -13.80 -5.03 -24.12
CA ALA B 271 -13.71 -5.72 -25.40
C ALA B 271 -14.87 -6.68 -25.66
N GLY B 272 -15.72 -6.93 -24.67
CA GLY B 272 -16.87 -7.80 -24.88
C GLY B 272 -16.55 -9.27 -24.92
N ILE B 273 -15.44 -9.71 -24.32
CA ILE B 273 -15.11 -11.12 -24.27
C ILE B 273 -15.29 -11.64 -22.85
N LYS B 274 -16.47 -12.19 -22.56
CA LYS B 274 -16.75 -12.67 -21.23
C LYS B 274 -15.97 -13.95 -20.93
N ILE B 275 -15.73 -14.20 -19.64
CA ILE B 275 -14.98 -15.35 -19.19
C ILE B 275 -15.98 -16.44 -18.79
N ASN B 276 -15.74 -17.66 -19.27
CA ASN B 276 -16.60 -18.77 -18.91
C ASN B 276 -16.24 -19.26 -17.51
N PRO B 277 -17.18 -19.27 -16.56
CA PRO B 277 -16.85 -19.75 -15.21
C PRO B 277 -16.44 -21.21 -15.17
N LYS B 278 -16.76 -22.00 -16.20
CA LYS B 278 -16.43 -23.41 -16.18
C LYS B 278 -14.93 -23.63 -16.32
N LYS B 279 -14.34 -23.17 -17.43
CA LYS B 279 -12.92 -23.39 -17.66
C LYS B 279 -12.03 -22.49 -16.80
N SER B 280 -12.55 -21.37 -16.31
CA SER B 280 -11.78 -20.47 -15.47
C SER B 280 -11.84 -20.96 -14.04
N GLU B 281 -10.68 -21.28 -13.46
CA GLU B 281 -10.62 -21.88 -12.14
C GLU B 281 -10.59 -20.86 -11.01
N GLY B 282 -10.55 -19.57 -11.33
CA GLY B 282 -10.57 -18.57 -10.29
C GLY B 282 -9.23 -18.43 -9.60
N ILE B 283 -9.27 -17.81 -8.43
CA ILE B 283 -8.06 -17.51 -7.67
C ILE B 283 -7.79 -18.66 -6.71
N SER B 284 -6.56 -19.18 -6.77
CA SER B 284 -6.16 -20.29 -5.92
C SER B 284 -4.90 -19.93 -5.16
N LEU B 285 -4.30 -20.90 -4.48
CA LEU B 285 -3.06 -20.69 -3.74
C LEU B 285 -2.18 -21.91 -3.94
N LEU B 286 -1.13 -21.76 -4.73
CA LEU B 286 -0.25 -22.87 -5.05
C LEU B 286 0.79 -23.01 -3.95
N THR B 287 0.68 -24.05 -3.14
CA THR B 287 1.61 -24.33 -2.07
C THR B 287 2.40 -25.59 -2.40
N LYS B 288 3.22 -26.03 -1.45
CA LYS B 288 3.93 -27.30 -1.58
C LYS B 288 2.96 -28.44 -1.28
N LYS B 289 3.49 -29.65 -1.18
CA LYS B 289 2.61 -30.82 -1.09
C LYS B 289 1.83 -30.84 0.22
N GLY B 290 2.46 -30.46 1.33
CA GLY B 290 1.80 -30.59 2.62
C GLY B 290 1.76 -29.32 3.45
N LEU B 291 1.83 -28.17 2.78
CA LEU B 291 1.77 -26.90 3.50
C LEU B 291 0.32 -26.51 3.75
N PRO B 292 -0.06 -26.20 4.98
CA PRO B 292 -1.44 -25.77 5.23
C PRO B 292 -1.73 -24.46 4.53
N SER B 293 -2.98 -24.32 4.06
CA SER B 293 -3.40 -23.14 3.33
C SER B 293 -4.68 -22.58 3.93
N GLU B 294 -4.79 -21.25 3.91
CA GLU B 294 -5.93 -20.57 4.48
C GLU B 294 -7.06 -20.34 3.49
N ILE B 295 -6.76 -20.35 2.19
CA ILE B 295 -7.81 -20.20 1.18
C ILE B 295 -7.75 -21.42 0.26
N THR B 296 -8.58 -21.42 -0.78
CA THR B 296 -8.62 -22.55 -1.70
C THR B 296 -7.24 -22.85 -2.24
N SER B 297 -6.82 -24.10 -2.13
CA SER B 297 -5.45 -24.50 -2.37
C SER B 297 -5.37 -25.60 -3.42
N LYS B 298 -4.29 -25.58 -4.20
CA LYS B 298 -3.95 -26.65 -5.11
C LYS B 298 -2.45 -26.86 -5.07
N ASN B 299 -2.03 -28.09 -5.28
CA ASN B 299 -0.60 -28.40 -5.25
C ASN B 299 0.05 -28.36 -6.62
N ASN B 300 -0.73 -28.34 -7.69
CA ASN B 300 -0.18 -28.26 -9.04
C ASN B 300 -1.20 -27.61 -9.95
N LEU B 301 -0.70 -27.05 -11.06
CA LEU B 301 -1.55 -26.38 -12.04
C LEU B 301 -1.23 -26.94 -13.42
N ASP B 302 -2.23 -26.90 -14.30
CA ASP B 302 -2.11 -27.38 -15.67
C ASP B 302 -2.03 -26.19 -16.61
N PHE B 303 -1.07 -26.22 -17.53
CA PHE B 303 -0.91 -25.13 -18.49
C PHE B 303 -0.36 -25.72 -19.78
N LEU B 304 -1.24 -26.01 -20.74
CA LEU B 304 -0.87 -26.38 -22.09
C LEU B 304 0.02 -27.62 -22.11
N GLY B 305 -0.55 -28.72 -21.64
CA GLY B 305 0.13 -30.00 -21.69
C GLY B 305 1.14 -30.24 -20.60
N TYR B 306 1.35 -29.28 -19.71
CA TYR B 306 2.27 -29.43 -18.59
C TYR B 306 1.49 -29.28 -17.30
N THR B 307 1.75 -30.15 -16.34
CA THR B 307 1.21 -30.01 -14.99
C THR B 307 2.33 -29.44 -14.14
N LEU B 308 2.22 -28.16 -13.79
CA LEU B 308 3.27 -27.45 -13.10
C LEU B 308 2.97 -27.46 -11.60
N SER B 309 3.92 -27.95 -10.82
CA SER B 309 3.89 -27.86 -9.37
C SER B 309 4.99 -26.92 -8.92
N VAL B 310 5.11 -26.74 -7.60
CA VAL B 310 6.15 -25.87 -7.07
C VAL B 310 7.52 -26.46 -7.34
N GLU B 311 7.66 -27.78 -7.20
CA GLU B 311 8.98 -28.40 -7.24
C GLU B 311 9.40 -28.83 -8.64
N ASN B 312 8.49 -29.41 -9.43
CA ASN B 312 8.87 -30.00 -10.70
C ASN B 312 7.78 -29.80 -11.73
N VAL B 313 8.18 -29.93 -12.99
CA VAL B 313 7.28 -29.85 -14.14
C VAL B 313 7.02 -31.25 -14.65
N SER B 314 5.76 -31.57 -14.92
CA SER B 314 5.39 -32.90 -15.34
C SER B 314 4.37 -32.82 -16.47
N ILE B 315 4.25 -33.92 -17.21
CA ILE B 315 3.27 -33.99 -18.28
C ILE B 315 1.86 -33.91 -17.71
N LYS B 316 0.99 -33.21 -18.42
CA LYS B 316 -0.41 -33.12 -18.02
C LYS B 316 -1.03 -34.51 -18.01
N GLU B 317 -1.93 -34.74 -17.05
CA GLU B 317 -2.50 -36.07 -16.89
C GLU B 317 -3.26 -36.51 -18.13
N LYS B 318 -3.99 -35.59 -18.76
CA LYS B 318 -4.70 -35.91 -19.99
C LYS B 318 -3.72 -36.27 -21.10
N SER B 319 -2.58 -35.56 -21.17
CA SER B 319 -1.57 -35.90 -22.16
C SER B 319 -0.93 -37.24 -21.86
N VAL B 320 -0.76 -37.57 -20.57
CA VAL B 320 -0.26 -38.90 -20.21
C VAL B 320 -1.24 -39.96 -20.66
N LYS B 321 -2.54 -39.71 -20.50
CA LYS B 321 -3.54 -40.64 -20.98
C LYS B 321 -3.49 -40.78 -22.49
N LYS B 322 -3.24 -39.68 -23.20
CA LYS B 322 -3.08 -39.74 -24.65
C LYS B 322 -1.88 -40.63 -25.03
N ILE B 323 -0.76 -40.46 -24.32
CA ILE B 323 0.42 -41.27 -24.58
C ILE B 323 0.12 -42.74 -24.34
N LYS B 324 -0.55 -43.03 -23.23
CA LYS B 324 -0.90 -44.41 -22.92
C LYS B 324 -1.84 -44.98 -23.97
N LYS B 325 -2.81 -44.19 -24.42
CA LYS B 325 -3.73 -44.65 -25.46
C LYS B 325 -2.97 -44.97 -26.73
N GLN B 326 -2.05 -44.11 -27.13
CA GLN B 326 -1.31 -44.35 -28.36
C GLN B 326 -0.44 -45.59 -28.27
N ILE B 327 0.29 -45.76 -27.17
CA ILE B 327 1.18 -46.91 -27.04
C ILE B 327 0.38 -48.19 -26.96
N SER B 328 -0.68 -48.20 -26.13
CA SER B 328 -1.50 -49.39 -26.00
C SER B 328 -2.18 -49.74 -27.31
N TYR B 329 -2.60 -48.74 -28.07
CA TYR B 329 -3.22 -49.04 -29.36
C TYR B 329 -2.19 -49.58 -30.35
N ILE B 330 -0.96 -49.08 -30.30
CA ILE B 330 0.08 -49.65 -31.16
C ILE B 330 0.25 -51.13 -30.85
N LEU B 331 0.33 -51.46 -29.56
CA LEU B 331 0.49 -52.87 -29.17
C LEU B 331 -0.72 -53.69 -29.60
N TYR B 332 -1.92 -53.19 -29.36
CA TYR B 332 -3.14 -53.92 -29.72
C TYR B 332 -3.24 -54.11 -31.23
N ARG B 333 -2.90 -53.09 -31.99
CA ARG B 333 -3.03 -53.15 -33.44
C ARG B 333 -2.02 -54.12 -34.04
N ASN B 334 -0.79 -54.12 -33.53
CA ASN B 334 0.22 -54.98 -34.11
C ASN B 334 0.30 -56.37 -33.49
N LEU B 335 -0.41 -56.62 -32.39
CA LEU B 335 -0.31 -57.90 -31.72
C LEU B 335 -1.64 -58.63 -31.62
N ILE B 336 -2.70 -57.95 -31.19
CA ILE B 336 -3.96 -58.59 -30.84
C ILE B 336 -5.00 -58.45 -31.93
N GLN B 337 -5.15 -57.24 -32.47
CA GLN B 337 -6.21 -57.00 -33.46
C GLN B 337 -6.17 -57.94 -34.66
N PRO B 338 -5.03 -58.26 -35.27
CA PRO B 338 -5.05 -59.23 -36.37
C PRO B 338 -5.58 -60.59 -35.97
N LEU B 339 -5.38 -60.99 -34.71
CA LEU B 339 -5.81 -62.31 -34.27
C LEU B 339 -7.29 -62.35 -33.88
N LYS B 340 -7.96 -61.21 -33.81
CA LYS B 340 -9.38 -61.18 -33.48
C LYS B 340 -10.27 -61.25 -34.71
N LYS B 341 -9.69 -61.37 -35.90
CA LYS B 341 -10.48 -61.47 -37.12
C LYS B 341 -11.10 -62.85 -37.23
N THR B 342 -12.02 -62.98 -38.20
CA THR B 342 -12.70 -64.25 -38.41
C THR B 342 -11.76 -65.33 -38.92
N SER B 343 -10.80 -64.96 -39.76
CA SER B 343 -9.84 -65.91 -40.30
C SER B 343 -8.44 -65.34 -40.22
N LEU B 344 -7.45 -66.24 -40.13
CA LEU B 344 -6.05 -65.85 -40.09
C LEU B 344 -5.35 -66.10 -41.41
N ALA B 345 -6.09 -66.17 -42.51
CA ALA B 345 -5.49 -66.42 -43.81
C ALA B 345 -4.61 -65.24 -44.22
N GLY B 346 -3.42 -65.55 -44.73
CA GLY B 346 -2.50 -64.52 -45.15
C GLY B 346 -1.70 -63.88 -44.05
N GLN B 347 -1.85 -64.33 -42.82
CA GLN B 347 -1.11 -63.79 -41.68
C GLN B 347 0.06 -64.70 -41.33
N THR B 348 1.16 -64.10 -40.90
CA THR B 348 2.34 -64.87 -40.52
C THR B 348 2.25 -65.24 -39.05
N ILE B 349 2.05 -66.53 -38.79
CA ILE B 349 1.97 -67.02 -37.42
C ILE B 349 3.37 -67.09 -36.83
N PRO B 350 3.61 -66.53 -35.65
CA PRO B 350 4.96 -66.57 -35.08
C PRO B 350 5.44 -68.00 -34.88
N ALA B 351 6.71 -68.23 -35.17
CA ALA B 351 7.31 -69.54 -35.03
C ALA B 351 8.82 -69.40 -34.95
N ASN B 352 9.46 -70.43 -34.42
CA ASN B 352 10.92 -70.48 -34.29
C ASN B 352 11.44 -69.29 -33.48
N ASP B 353 10.67 -68.85 -32.48
CA ASP B 353 11.06 -67.73 -31.63
C ASP B 353 11.31 -66.47 -32.44
N ARG B 354 10.50 -66.25 -33.46
CA ARG B 354 10.61 -65.07 -34.33
C ARG B 354 9.20 -64.52 -34.55
N ASP B 355 8.79 -63.59 -33.69
CA ASP B 355 7.51 -62.91 -33.83
C ASP B 355 7.77 -61.55 -34.47
N LYS B 356 7.61 -61.49 -35.79
CA LYS B 356 7.85 -60.23 -36.49
C LYS B 356 6.88 -59.16 -36.05
N ASN B 357 5.64 -59.54 -35.73
CA ASN B 357 4.66 -58.56 -35.28
C ASN B 357 5.09 -57.89 -33.99
N PHE B 358 5.69 -58.66 -33.08
CA PHE B 358 6.23 -58.05 -31.87
C PHE B 358 7.36 -57.08 -32.19
N LEU B 359 8.24 -57.47 -33.11
CA LEU B 359 9.32 -56.57 -33.53
C LEU B 359 8.74 -55.31 -34.16
N ILE B 360 7.73 -55.44 -35.01
CA ILE B 360 7.11 -54.28 -35.65
C ILE B 360 6.49 -53.38 -34.59
N ALA B 361 5.80 -53.96 -33.62
CA ALA B 361 5.17 -53.15 -32.57
C ALA B 361 6.22 -52.41 -31.76
N ILE B 362 7.31 -53.08 -31.40
CA ILE B 362 8.35 -52.43 -30.60
C ILE B 362 9.00 -51.31 -31.41
N CYS B 363 9.28 -51.55 -32.68
CA CYS B 363 9.87 -50.52 -33.53
C CYS B 363 8.95 -49.32 -33.68
N GLU B 364 7.65 -49.57 -33.85
CA GLU B 364 6.71 -48.47 -33.97
C GLU B 364 6.58 -47.70 -32.67
N ILE B 365 6.64 -48.38 -31.54
CA ILE B 365 6.62 -47.69 -30.25
C ILE B 365 7.85 -46.81 -30.13
N ARG B 366 9.03 -47.35 -30.46
CA ARG B 366 10.25 -46.56 -30.41
C ARG B 366 10.17 -45.35 -31.32
N ARG B 367 9.60 -45.53 -32.51
CA ARG B 367 9.38 -44.41 -33.42
C ARG B 367 8.46 -43.38 -32.79
N TYR B 368 7.47 -43.83 -32.02
CA TYR B 368 6.51 -42.89 -31.45
C TYR B 368 7.15 -41.98 -30.40
N MET B 369 7.96 -42.54 -29.52
CA MET B 369 8.52 -41.77 -28.41
C MET B 369 9.95 -41.32 -28.65
N TYR B 370 10.83 -42.24 -29.03
CA TYR B 370 12.20 -41.86 -29.35
C TYR B 370 12.26 -41.16 -30.71
N GLY B 371 11.52 -41.68 -31.69
CA GLY B 371 11.69 -41.25 -33.05
C GLY B 371 12.60 -42.13 -33.88
N GLY B 372 12.94 -43.31 -33.38
CA GLY B 372 13.84 -44.21 -34.07
C GLY B 372 15.24 -44.27 -33.51
N LEU B 373 15.51 -43.58 -32.41
CA LEU B 373 16.84 -43.59 -31.82
C LEU B 373 17.05 -44.87 -31.02
N SER B 374 18.17 -45.54 -31.26
CA SER B 374 18.54 -46.68 -30.43
C SER B 374 19.10 -46.18 -29.10
N LYS B 375 19.06 -47.06 -28.09
CA LYS B 375 19.64 -46.72 -26.80
C LYS B 375 21.13 -46.46 -26.92
N SER B 376 21.80 -47.12 -27.86
CA SER B 376 23.22 -46.89 -28.05
C SER B 376 23.50 -45.44 -28.45
N GLN B 377 22.68 -44.89 -29.36
CA GLN B 377 22.89 -43.51 -29.79
C GLN B 377 22.67 -42.53 -28.64
N ILE B 378 21.61 -42.75 -27.85
CA ILE B 378 21.33 -41.85 -26.75
C ILE B 378 22.43 -41.92 -25.70
N LYS B 379 22.89 -43.13 -25.39
CA LYS B 379 23.97 -43.27 -24.42
C LYS B 379 25.26 -42.64 -24.93
N ASP B 380 25.54 -42.79 -26.23
CA ASP B 380 26.71 -42.15 -26.81
C ASP B 380 26.62 -40.63 -26.68
N TYR B 381 25.45 -40.07 -26.96
CA TYR B 381 25.28 -38.63 -26.81
C TYR B 381 25.46 -38.20 -25.37
N LEU B 382 24.90 -38.96 -24.43
CA LEU B 382 25.02 -38.61 -23.02
C LEU B 382 26.48 -38.64 -22.57
N SER B 383 27.22 -39.66 -22.98
CA SER B 383 28.62 -39.78 -22.59
C SER B 383 29.49 -38.69 -23.20
N GLY B 384 28.99 -37.99 -24.21
CA GLY B 384 29.82 -37.07 -24.97
C GLY B 384 30.57 -37.71 -26.10
N ARG B 385 30.42 -39.03 -26.29
CA ARG B 385 31.09 -39.69 -27.40
C ARG B 385 30.63 -39.13 -28.75
N SER B 386 29.39 -38.67 -28.82
CA SER B 386 28.85 -38.08 -30.03
C SER B 386 28.27 -36.71 -29.70
N ASN B 387 28.17 -35.87 -30.73
CA ASN B 387 27.66 -34.52 -30.56
C ASN B 387 26.36 -34.26 -31.31
N ARG B 388 25.91 -35.18 -32.14
CA ARG B 388 24.69 -35.02 -32.92
C ARG B 388 23.62 -35.97 -32.41
N LEU B 389 22.47 -35.42 -32.04
CA LEU B 389 21.32 -36.22 -31.67
C LEU B 389 20.07 -35.44 -32.04
N TYR B 390 19.17 -36.08 -32.76
CA TYR B 390 17.93 -35.44 -33.19
C TYR B 390 16.79 -35.84 -32.26
N PHE B 391 15.94 -34.87 -31.93
CA PHE B 391 14.85 -35.07 -30.97
C PHE B 391 13.54 -34.90 -31.71
N LYS B 392 12.90 -36.01 -32.08
CA LYS B 392 11.57 -35.94 -32.67
C LYS B 392 10.78 -37.16 -32.23
N GLY B 393 10.02 -37.01 -31.17
CA GLY B 393 9.14 -38.05 -30.70
C GLY B 393 8.05 -37.43 -29.88
N ILE B 394 7.42 -38.24 -29.04
CA ILE B 394 6.42 -37.67 -28.13
C ILE B 394 7.11 -36.81 -27.08
N MET B 395 8.37 -37.09 -26.77
CA MET B 395 9.07 -36.34 -25.74
C MET B 395 9.51 -34.97 -26.24
N SER B 396 9.73 -34.82 -27.54
CA SER B 396 10.14 -33.52 -28.07
C SER B 396 9.06 -32.47 -27.91
N PHE B 397 7.83 -32.87 -27.63
CA PHE B 397 6.76 -31.93 -27.32
C PHE B 397 6.72 -31.56 -25.85
N TYR B 398 7.49 -32.22 -25.00
CA TYR B 398 7.60 -31.88 -23.59
C TYR B 398 9.07 -31.83 -23.18
N PRO B 399 9.84 -30.91 -23.76
CA PRO B 399 11.28 -30.88 -23.44
C PRO B 399 11.59 -30.47 -22.02
N LEU B 400 10.68 -29.75 -21.36
CA LEU B 400 10.97 -29.19 -20.04
C LEU B 400 10.50 -30.06 -18.89
N VAL B 401 10.07 -31.29 -19.17
CA VAL B 401 9.63 -32.18 -18.11
C VAL B 401 10.84 -32.60 -17.29
N ASN B 402 10.82 -32.27 -15.99
CA ASN B 402 11.89 -32.66 -15.08
C ASN B 402 11.38 -33.62 -14.00
N ASP B 403 10.19 -34.18 -14.20
CA ASP B 403 9.62 -35.15 -13.25
C ASP B 403 10.13 -36.53 -13.63
N VAL B 404 11.20 -36.98 -12.98
CA VAL B 404 11.74 -38.29 -13.26
C VAL B 404 10.82 -39.38 -12.75
N GLU B 405 10.11 -39.13 -11.65
CA GLU B 405 9.23 -40.14 -11.08
C GLU B 405 8.09 -40.49 -12.03
N GLN B 406 7.50 -39.47 -12.66
CA GLN B 406 6.42 -39.73 -13.60
C GLN B 406 6.90 -40.56 -14.79
N LEU B 407 8.10 -40.25 -15.29
CA LEU B 407 8.63 -41.04 -16.40
C LEU B 407 8.97 -42.45 -15.96
N LYS B 408 9.42 -42.63 -14.72
CA LYS B 408 9.65 -43.98 -14.20
C LYS B 408 8.35 -44.77 -14.18
N GLN B 409 7.27 -44.14 -13.69
CA GLN B 409 5.98 -44.81 -13.69
C GLN B 409 5.52 -45.13 -15.09
N LEU B 410 5.76 -44.22 -16.04
CA LEU B 410 5.38 -44.47 -17.42
C LEU B 410 6.16 -45.64 -18.02
N ASP B 411 7.46 -45.74 -17.71
CA ASP B 411 8.25 -46.86 -18.19
C ASP B 411 7.75 -48.18 -17.61
N GLY B 412 7.45 -48.20 -16.31
CA GLY B 412 6.89 -49.40 -15.73
C GLY B 412 5.57 -49.77 -16.37
N TRP B 413 4.74 -48.78 -16.66
CA TRP B 413 3.47 -49.05 -17.34
C TRP B 413 3.71 -49.65 -18.71
N ILE B 414 4.70 -49.13 -19.44
CA ILE B 414 5.00 -49.65 -20.77
C ILE B 414 5.40 -51.12 -20.69
N VAL B 415 6.29 -51.44 -19.76
CA VAL B 415 6.75 -52.82 -19.64
C VAL B 415 5.59 -53.74 -19.27
N SER B 416 4.78 -53.32 -18.29
CA SER B 416 3.68 -54.17 -17.86
C SER B 416 2.67 -54.38 -18.97
N VAL B 417 2.33 -53.32 -19.70
CA VAL B 417 1.36 -53.44 -20.78
C VAL B 417 1.91 -54.32 -21.89
N ILE B 418 3.21 -54.22 -22.17
CA ILE B 418 3.81 -55.11 -23.16
C ILE B 418 3.67 -56.55 -22.73
N TYR B 419 3.95 -56.84 -21.46
CA TYR B 419 3.85 -58.21 -20.96
C TYR B 419 2.41 -58.72 -21.08
N ARG B 420 1.44 -57.90 -20.68
CA ARG B 420 0.05 -58.35 -20.70
C ARG B 420 -0.45 -58.55 -22.12
N ALA B 421 -0.06 -57.65 -23.04
CA ALA B 421 -0.45 -57.81 -24.43
C ALA B 421 0.17 -59.06 -25.03
N LEU B 422 1.42 -59.36 -24.67
CA LEU B 422 2.03 -60.59 -25.14
C LEU B 422 1.30 -61.82 -24.60
N LYS B 423 0.89 -61.77 -23.33
CA LYS B 423 0.12 -62.88 -22.77
C LYS B 423 -1.19 -63.06 -23.51
N LEU B 424 -1.89 -61.97 -23.82
CA LEU B 424 -3.14 -62.08 -24.57
C LEU B 424 -2.89 -62.62 -25.97
N ARG B 425 -1.79 -62.21 -26.60
CA ARG B 425 -1.46 -62.74 -27.92
C ARG B 425 -1.20 -64.23 -27.86
N CYS B 426 -0.49 -64.69 -26.82
CA CYS B 426 -0.26 -66.12 -26.65
C CYS B 426 -1.56 -66.86 -26.45
N GLN B 427 -2.46 -66.30 -25.64
CA GLN B 427 -3.76 -66.95 -25.42
C GLN B 427 -4.55 -67.05 -26.72
N LEU B 428 -4.55 -65.99 -27.51
CA LEU B 428 -5.28 -66.02 -28.78
C LEU B 428 -4.66 -67.00 -29.76
N LEU B 429 -3.33 -67.08 -29.79
CA LEU B 429 -2.67 -68.07 -30.64
C LEU B 429 -3.03 -69.48 -30.21
N SER B 430 -3.07 -69.73 -28.91
CA SER B 430 -3.49 -71.04 -28.42
C SER B 430 -4.93 -71.34 -28.82
N LYS B 431 -5.81 -70.33 -28.70
CA LYS B 431 -7.20 -70.51 -29.09
C LYS B 431 -7.34 -70.75 -30.58
N TRP B 432 -6.36 -70.28 -31.37
CA TRP B 432 -6.39 -70.49 -32.81
C TRP B 432 -5.68 -71.76 -33.24
N GLY B 433 -5.17 -72.55 -32.29
CA GLY B 433 -4.53 -73.80 -32.61
C GLY B 433 -3.01 -73.76 -32.71
N TYR B 434 -2.37 -72.77 -32.12
CA TYR B 434 -0.91 -72.66 -32.15
C TYR B 434 -0.40 -72.49 -30.73
N ASN B 435 0.40 -73.44 -30.26
CA ASN B 435 1.03 -73.35 -28.96
C ASN B 435 2.39 -72.69 -29.13
N ARG B 436 2.56 -71.51 -28.52
CA ARG B 436 3.81 -70.76 -28.64
C ARG B 436 4.29 -70.23 -27.30
N SER B 437 3.76 -70.75 -26.19
CA SER B 437 4.08 -70.22 -24.88
C SER B 437 5.55 -70.41 -24.52
N HIS B 438 6.23 -71.36 -25.14
CA HIS B 438 7.64 -71.62 -24.84
C HIS B 438 8.59 -70.87 -25.76
N ASN B 439 8.08 -70.12 -26.73
CA ASN B 439 8.94 -69.41 -27.67
C ASN B 439 9.44 -68.11 -27.04
N PHE B 440 10.19 -67.34 -27.83
CA PHE B 440 10.91 -66.19 -27.27
C PHE B 440 9.99 -65.15 -26.66
N PRO B 441 9.12 -64.47 -27.42
CA PRO B 441 8.43 -63.29 -26.85
C PRO B 441 7.47 -63.65 -25.74
N PHE B 442 6.92 -64.85 -25.72
CA PHE B 442 5.87 -65.19 -24.76
C PHE B 442 6.40 -65.83 -23.50
N ILE B 443 7.49 -66.61 -23.58
CA ILE B 443 8.03 -67.27 -22.40
C ILE B 443 8.62 -66.28 -21.40
N LEU B 444 8.78 -65.03 -21.78
CA LEU B 444 9.46 -64.05 -20.94
C LEU B 444 8.56 -63.60 -19.80
N ASP B 445 9.11 -63.59 -18.60
CA ASP B 445 8.41 -63.01 -17.46
C ASP B 445 8.50 -61.49 -17.53
N ARG B 446 7.67 -60.82 -16.73
CA ARG B 446 7.66 -59.36 -16.75
C ARG B 446 9.00 -58.79 -16.32
N GLU B 447 9.65 -59.42 -15.35
CA GLU B 447 10.94 -58.92 -14.87
C GLU B 447 12.00 -59.05 -15.95
N ASP B 448 11.97 -60.13 -16.72
CA ASP B 448 13.03 -60.44 -17.66
C ASP B 448 12.79 -59.92 -19.07
N ILE B 449 11.68 -59.21 -19.30
CA ILE B 449 11.40 -58.73 -20.65
C ILE B 449 12.47 -57.73 -21.09
N VAL B 450 12.77 -56.76 -20.23
CA VAL B 450 13.68 -55.69 -20.63
C VAL B 450 15.08 -56.24 -20.88
N ASP B 451 15.59 -57.07 -19.96
CA ASP B 451 16.95 -57.56 -20.08
C ASP B 451 17.14 -58.42 -21.32
N LYS B 452 16.27 -59.42 -21.49
CA LYS B 452 16.40 -60.31 -22.64
C LYS B 452 16.16 -59.58 -23.94
N CYS B 453 15.21 -58.63 -23.96
CA CYS B 453 14.96 -57.85 -25.16
C CYS B 453 16.18 -57.00 -25.52
N SER B 454 16.85 -56.44 -24.52
CA SER B 454 18.07 -55.67 -24.77
C SER B 454 19.17 -56.59 -25.32
N LYS B 455 19.30 -57.79 -24.76
CA LYS B 455 20.32 -58.71 -25.25
C LYS B 455 20.03 -59.17 -26.67
N LYS B 456 18.77 -59.25 -27.06
CA LYS B 456 18.41 -59.71 -28.39
C LYS B 456 18.98 -58.78 -29.46
N THR B 457 19.44 -59.37 -30.56
CA THR B 457 20.06 -58.61 -31.64
C THR B 457 19.58 -59.14 -32.98
N ILE B 458 19.22 -58.24 -33.89
CA ILE B 458 18.82 -58.59 -35.24
C ILE B 458 19.57 -57.69 -36.21
N ALA B 459 20.20 -58.31 -37.22
CA ALA B 459 20.91 -57.58 -38.28
C ALA B 459 21.97 -56.65 -37.71
N GLY B 460 22.67 -57.11 -36.67
CA GLY B 460 23.71 -56.32 -36.07
C GLY B 460 23.24 -55.12 -35.30
N ARG B 461 21.95 -55.01 -35.02
CA ARG B 461 21.40 -53.89 -34.26
C ARG B 461 20.42 -54.43 -33.23
N LYS B 462 20.22 -53.65 -32.18
CA LYS B 462 19.31 -54.03 -31.10
C LYS B 462 17.96 -53.36 -31.34
N LEU B 463 17.17 -53.98 -32.22
CA LEU B 463 15.85 -53.48 -32.54
C LEU B 463 14.78 -53.91 -31.53
N PHE B 464 15.12 -54.76 -30.56
CA PHE B 464 14.15 -55.31 -29.64
C PHE B 464 14.18 -54.64 -28.27
N GLU B 465 15.10 -53.72 -28.02
CA GLU B 465 15.16 -53.07 -26.72
C GLU B 465 13.89 -52.29 -26.45
N ILE B 466 13.35 -52.44 -25.24
CA ILE B 466 12.12 -51.76 -24.87
C ILE B 466 12.47 -50.30 -24.59
N PRO B 467 11.81 -49.36 -25.27
CA PRO B 467 12.16 -47.94 -25.06
C PRO B 467 11.83 -47.47 -23.66
N SER B 468 12.62 -46.51 -23.18
CA SER B 468 12.50 -46.00 -21.84
C SER B 468 12.42 -44.48 -21.86
N PHE B 469 11.56 -43.92 -21.02
CA PHE B 469 11.40 -42.47 -20.96
C PHE B 469 12.56 -41.80 -20.24
N LEU B 470 13.16 -42.47 -19.26
CA LEU B 470 14.20 -41.83 -18.48
C LEU B 470 15.42 -41.51 -19.33
N LEU B 471 15.80 -42.43 -20.22
CA LEU B 471 16.97 -42.21 -21.06
C LEU B 471 16.77 -41.02 -21.98
N ILE B 472 15.64 -40.97 -22.67
CA ILE B 472 15.39 -39.85 -23.56
C ILE B 472 15.21 -38.57 -22.76
N HIS B 473 14.78 -38.67 -21.51
CA HIS B 473 14.71 -37.47 -20.67
C HIS B 473 16.10 -36.95 -20.34
N LYS B 474 17.04 -37.85 -20.04
CA LYS B 474 18.42 -37.41 -19.82
C LYS B 474 18.98 -36.76 -21.08
N ALA B 475 18.70 -37.36 -22.24
CA ALA B 475 19.13 -36.76 -23.49
C ALA B 475 18.49 -35.39 -23.70
N LEU B 476 17.22 -35.26 -23.33
CA LEU B 476 16.53 -33.97 -23.46
C LEU B 476 17.18 -32.92 -22.58
N GLN B 477 17.53 -33.27 -21.35
CA GLN B 477 18.18 -32.31 -20.46
C GLN B 477 19.53 -31.87 -21.01
N LYS B 478 20.33 -32.82 -21.48
CA LYS B 478 21.63 -32.45 -22.05
C LYS B 478 21.45 -31.60 -23.30
N GLY B 479 20.46 -31.94 -24.13
CA GLY B 479 20.19 -31.15 -25.32
C GLY B 479 19.73 -29.75 -25.00
N LEU B 480 18.95 -29.60 -23.92
CA LEU B 480 18.57 -28.26 -23.49
C LEU B 480 19.78 -27.47 -23.04
N GLN B 481 20.72 -28.11 -22.36
CA GLN B 481 21.89 -27.40 -21.80
C GLN B 481 22.93 -27.08 -22.89
N GLU B 482 22.83 -27.71 -24.07
CA GLU B 482 23.86 -27.55 -25.12
C GLU B 482 23.30 -26.90 -26.39
N SER B 483 22.00 -27.03 -26.65
CA SER B 483 21.38 -26.51 -27.89
C SER B 483 20.42 -25.36 -27.55
N GLY B 484 19.47 -25.61 -26.64
CA GLY B 484 18.55 -24.54 -26.22
C GLY B 484 17.12 -24.85 -26.61
N ILE B 485 16.16 -24.30 -25.88
CA ILE B 485 14.75 -24.49 -26.17
C ILE B 485 14.51 -24.47 -27.69
N GLU B 486 15.12 -23.51 -28.37
CA GLU B 486 14.82 -23.36 -29.82
C GLU B 486 15.12 -24.67 -30.56
N LYS B 487 16.28 -25.28 -30.30
CA LYS B 487 16.67 -26.50 -31.05
C LYS B 487 15.73 -27.67 -30.70
N ILE B 488 15.32 -27.78 -29.45
CA ILE B 488 14.47 -28.94 -29.02
C ILE B 488 13.16 -28.92 -29.81
N MET B 489 12.48 -27.76 -29.88
CA MET B 489 11.20 -27.66 -30.61
C MET B 489 11.46 -27.11 -32.02
N ASN B 490 12.72 -27.11 -32.47
CA ASN B 490 13.05 -26.54 -33.81
C ASN B 490 12.21 -27.22 -34.89
N PRO B 491 12.23 -28.56 -35.06
CA PRO B 491 11.37 -29.21 -36.03
C PRO B 491 9.93 -29.12 -35.55
N GLN B 492 9.69 -29.46 -34.28
CA GLN B 492 8.29 -29.54 -33.77
C GLN B 492 7.70 -28.14 -33.54
N SER B 493 7.26 -27.48 -34.61
CA SER B 493 6.58 -26.17 -34.44
C SER B 493 5.37 -26.36 -33.52
N LEU B 494 5.45 -25.83 -32.29
CA LEU B 494 4.33 -25.97 -31.31
C LEU B 494 3.06 -25.37 -31.90
N ASN B 495 2.33 -26.12 -32.74
CA ASN B 495 1.04 -25.63 -33.27
C ASN B 495 -0.08 -26.18 -32.40
N TYR B 496 0.24 -27.16 -31.55
CA TYR B 496 -0.78 -27.76 -30.63
C TYR B 496 -1.95 -28.27 -31.46
N MET C 1 -53.51 20.95 -19.98
CA MET C 1 -52.45 19.96 -19.95
C MET C 1 -51.43 20.28 -18.85
N LYS C 2 -50.90 19.24 -18.22
CA LYS C 2 -50.01 19.45 -17.08
C LYS C 2 -48.76 20.22 -17.48
N LEU C 3 -48.15 19.88 -18.62
CA LEU C 3 -46.92 20.56 -19.02
C LEU C 3 -47.17 22.02 -19.34
N GLU C 4 -48.25 22.31 -20.07
CA GLU C 4 -48.51 23.69 -20.47
C GLU C 4 -48.79 24.58 -19.27
N GLN C 5 -49.53 24.07 -18.28
CA GLN C 5 -49.76 24.85 -17.07
C GLN C 5 -48.45 25.14 -16.35
N GLN C 6 -47.57 24.14 -16.27
CA GLN C 6 -46.28 24.35 -15.62
C GLN C 6 -45.48 25.43 -16.34
N ILE C 7 -45.44 25.37 -17.67
CA ILE C 7 -44.69 26.36 -18.43
C ILE C 7 -45.30 27.74 -18.24
N GLN C 8 -46.63 27.83 -18.24
CA GLN C 8 -47.30 29.10 -17.98
C GLN C 8 -46.87 29.68 -16.65
N ARG C 9 -46.93 28.85 -15.60
CA ARG C 9 -46.59 29.34 -14.27
C ARG C 9 -45.14 29.80 -14.19
N VAL C 10 -44.23 29.02 -14.78
CA VAL C 10 -42.81 29.37 -14.71
C VAL C 10 -42.53 30.66 -15.45
N ILE C 11 -43.08 30.79 -16.66
CA ILE C 11 -42.86 32.00 -17.46
C ILE C 11 -43.43 33.22 -16.75
N LEU C 12 -44.65 33.09 -16.22
CA LEU C 12 -45.28 34.22 -15.54
C LEU C 12 -44.47 34.62 -14.31
N GLU C 13 -44.00 33.66 -13.53
CA GLU C 13 -43.23 33.98 -12.34
C GLU C 13 -41.92 34.68 -12.72
N GLU C 14 -41.23 34.18 -13.74
CA GLU C 14 -39.97 34.80 -14.15
C GLU C 14 -40.19 36.22 -14.64
N ALA C 15 -41.22 36.42 -15.48
CA ALA C 15 -41.50 37.75 -16.00
C ALA C 15 -41.87 38.71 -14.88
N LYS C 16 -42.68 38.26 -13.92
CA LYS C 16 -43.06 39.11 -12.81
C LYS C 16 -41.86 39.47 -11.95
N ALA C 17 -40.95 38.51 -11.74
CA ALA C 17 -39.73 38.79 -10.99
C ALA C 17 -38.90 39.86 -11.68
N LEU C 18 -38.73 39.73 -13.00
CA LEU C 18 -37.95 40.72 -13.73
C LEU C 18 -38.61 42.10 -13.69
N ILE C 19 -39.94 42.14 -13.79
CA ILE C 19 -40.66 43.41 -13.73
C ILE C 19 -40.48 44.06 -12.36
N LYS C 20 -40.59 43.27 -11.30
CA LYS C 20 -40.37 43.80 -9.96
C LYS C 20 -38.97 44.34 -9.80
N ASP C 21 -37.98 43.61 -10.34
CA ASP C 21 -36.60 44.10 -10.27
C ASP C 21 -36.45 45.43 -10.99
N TYR C 22 -37.05 45.56 -12.17
CA TYR C 22 -36.94 46.83 -12.91
C TYR C 22 -37.61 47.97 -12.15
N HIS C 23 -38.78 47.71 -11.56
CA HIS C 23 -39.46 48.77 -10.83
C HIS C 23 -38.66 49.20 -9.61
N GLU C 24 -38.09 48.23 -8.89
CA GLU C 24 -37.19 48.58 -7.79
C GLU C 24 -36.01 49.40 -8.28
N TYR C 25 -35.46 49.01 -9.43
CA TYR C 25 -34.31 49.72 -9.99
C TYR C 25 -34.64 51.19 -10.23
N HIS C 26 -35.71 51.46 -10.94
CA HIS C 26 -35.97 52.85 -11.29
C HIS C 26 -36.45 53.66 -10.09
N ASN C 27 -37.18 53.04 -9.16
CA ASN C 27 -37.56 53.76 -7.95
C ASN C 27 -36.34 54.15 -7.12
N ARG C 28 -35.42 53.21 -6.91
CA ARG C 28 -34.22 53.55 -6.15
C ARG C 28 -33.33 54.50 -6.91
N VAL C 29 -33.34 54.47 -8.24
CA VAL C 29 -32.57 55.45 -9.00
C VAL C 29 -33.14 56.84 -8.78
N HIS C 30 -34.46 56.98 -8.77
CA HIS C 30 -35.05 58.29 -8.50
C HIS C 30 -34.70 58.77 -7.09
N LEU C 31 -34.79 57.86 -6.11
CA LEU C 31 -34.47 58.25 -4.74
C LEU C 31 -33.01 58.67 -4.61
N GLU C 32 -32.10 57.91 -5.22
CA GLU C 32 -30.69 58.27 -5.17
C GLU C 32 -30.41 59.54 -5.94
N SER C 33 -31.19 59.83 -6.99
CA SER C 33 -31.05 61.10 -7.68
C SER C 33 -31.45 62.26 -6.78
N VAL C 34 -32.52 62.10 -6.01
CA VAL C 34 -32.91 63.14 -5.06
C VAL C 34 -31.80 63.35 -4.04
N ARG C 35 -31.25 62.26 -3.51
CA ARG C 35 -30.17 62.38 -2.53
C ARG C 35 -28.94 63.03 -3.16
N ASN C 36 -28.62 62.67 -4.40
CA ASN C 36 -27.49 63.26 -5.09
C ASN C 36 -27.65 64.76 -5.26
N LYS C 37 -28.84 65.21 -5.65
CA LYS C 37 -29.09 66.63 -5.76
C LYS C 37 -28.96 67.32 -4.41
N LYS C 38 -29.42 66.66 -3.35
CA LYS C 38 -29.19 67.19 -2.01
C LYS C 38 -27.71 67.15 -1.63
N ARG C 39 -26.89 66.41 -2.37
CA ARG C 39 -25.47 66.28 -2.05
C ARG C 39 -24.58 67.16 -2.92
N LEU C 40 -24.67 67.06 -4.24
CA LEU C 40 -23.85 67.87 -5.12
C LEU C 40 -24.43 69.25 -5.41
N GLY C 41 -25.66 69.53 -4.99
CA GLY C 41 -26.24 70.82 -5.30
C GLY C 41 -26.46 70.97 -6.79
N ASP C 42 -26.09 72.14 -7.32
CA ASP C 42 -26.35 72.48 -8.71
C ASP C 42 -25.52 71.66 -9.69
N SER C 43 -24.49 70.96 -9.23
CA SER C 43 -23.64 70.17 -10.11
C SER C 43 -24.13 68.74 -10.28
N ALA C 44 -25.23 68.38 -9.65
CA ALA C 44 -25.73 67.01 -9.73
C ALA C 44 -26.26 66.73 -11.14
N PRO C 45 -25.89 65.60 -11.74
CA PRO C 45 -26.42 65.25 -13.05
C PRO C 45 -27.89 64.84 -12.96
N ASP C 46 -28.55 64.88 -14.11
CA ASP C 46 -29.97 64.57 -14.18
C ASP C 46 -30.19 63.05 -14.13
N LYS C 47 -31.38 62.68 -13.67
CA LYS C 47 -31.75 61.27 -13.61
C LYS C 47 -31.76 60.66 -15.00
N LYS C 48 -31.18 59.48 -15.13
CA LYS C 48 -31.08 58.80 -16.42
C LYS C 48 -31.53 57.36 -16.22
N ILE C 49 -32.69 57.02 -16.79
CA ILE C 49 -33.26 55.68 -16.68
C ILE C 49 -32.78 54.85 -17.86
N HIS C 50 -32.16 53.70 -17.56
CA HIS C 50 -31.66 52.80 -18.59
C HIS C 50 -32.56 51.56 -18.67
N ARG C 51 -33.15 51.35 -19.82
CA ARG C 51 -33.71 50.03 -20.09
C ARG C 51 -32.63 49.15 -20.70
N PRO C 52 -32.57 47.88 -20.31
CA PRO C 52 -31.50 47.01 -20.83
C PRO C 52 -31.54 46.96 -22.35
N ASN C 53 -30.35 46.95 -22.95
CA ASN C 53 -30.25 47.08 -24.40
C ASN C 53 -30.91 45.92 -25.12
N TYR C 54 -30.74 44.70 -24.61
CA TYR C 54 -31.25 43.54 -25.32
C TYR C 54 -32.76 43.46 -25.34
N TRP C 55 -33.45 44.24 -24.51
CA TRP C 55 -34.91 44.29 -24.60
C TRP C 55 -35.36 44.78 -25.97
N SER C 56 -34.57 45.63 -26.60
CA SER C 56 -34.87 46.06 -27.96
C SER C 56 -34.45 45.04 -29.01
N PHE C 57 -33.57 44.10 -28.66
CA PHE C 57 -33.15 43.10 -29.63
C PHE C 57 -34.30 42.22 -30.06
N ASP C 58 -35.14 41.81 -29.10
CA ASP C 58 -36.29 40.98 -29.41
C ASP C 58 -37.35 41.20 -28.35
N LYS C 59 -38.62 41.09 -28.77
CA LYS C 59 -39.71 41.35 -27.85
C LYS C 59 -39.75 40.33 -26.71
N LYS C 60 -39.44 39.07 -27.02
CA LYS C 60 -39.47 38.04 -25.98
C LYS C 60 -38.43 38.28 -24.90
N PHE C 61 -37.41 39.10 -25.17
CA PHE C 61 -36.50 39.49 -24.10
C PHE C 61 -37.19 40.41 -23.09
N ASP C 62 -38.12 41.22 -23.56
CA ASP C 62 -38.78 42.19 -22.70
C ASP C 62 -39.69 41.48 -21.71
N PRO C 63 -39.50 41.64 -20.40
CA PRO C 63 -40.45 41.07 -19.44
C PRO C 63 -41.87 41.57 -19.63
N PHE C 64 -42.02 42.85 -20.00
CA PHE C 64 -43.37 43.41 -20.15
C PHE C 64 -44.10 42.75 -21.31
N TYR C 65 -43.43 42.55 -22.44
CA TYR C 65 -44.07 41.89 -23.58
C TYR C 65 -44.43 40.45 -23.24
N VAL C 66 -43.52 39.74 -22.57
CA VAL C 66 -43.80 38.35 -22.22
C VAL C 66 -45.00 38.28 -21.27
N LYS C 67 -45.04 39.15 -20.26
CA LYS C 67 -46.19 39.19 -19.39
C LYS C 67 -47.45 39.58 -20.13
N SER C 68 -47.32 40.34 -21.23
CA SER C 68 -48.48 40.72 -22.01
C SER C 68 -49.18 39.50 -22.59
N ASN C 69 -48.43 38.64 -23.29
CA ASN C 69 -48.96 37.39 -23.83
C ASN C 69 -48.02 36.27 -23.43
N TYR C 70 -48.22 35.72 -22.24
CA TYR C 70 -47.46 34.55 -21.82
C TYR C 70 -48.21 33.26 -22.04
N LYS C 71 -49.54 33.30 -22.04
CA LYS C 71 -50.32 32.11 -22.34
C LYS C 71 -50.04 31.60 -23.75
N SER C 72 -50.00 32.52 -24.72
CA SER C 72 -49.73 32.12 -26.10
C SER C 72 -48.32 31.54 -26.23
N ILE C 73 -47.34 32.19 -25.60
CA ILE C 73 -45.97 31.70 -25.68
C ILE C 73 -45.86 30.32 -25.07
N ALA C 74 -46.47 30.12 -23.89
CA ALA C 74 -46.42 28.82 -23.24
C ALA C 74 -47.12 27.76 -24.07
N ARG C 75 -48.25 28.11 -24.66
CA ARG C 75 -48.98 27.17 -25.52
C ARG C 75 -48.13 26.74 -26.70
N SER C 76 -47.49 27.70 -27.37
CA SER C 76 -46.64 27.37 -28.50
C SER C 76 -45.43 26.54 -28.06
N ILE C 77 -44.85 26.87 -26.91
CA ILE C 77 -43.69 26.12 -26.43
C ILE C 77 -44.08 24.68 -26.13
N ALA C 78 -45.21 24.48 -25.46
CA ALA C 78 -45.66 23.12 -25.16
C ALA C 78 -45.96 22.34 -26.44
N ASN C 79 -46.61 22.99 -27.40
CA ASN C 79 -46.91 22.34 -28.66
C ASN C 79 -45.63 21.93 -29.39
N LYS C 80 -44.62 22.80 -29.38
CA LYS C 80 -43.38 22.48 -30.05
C LYS C 80 -42.62 21.37 -29.31
N ILE C 81 -42.67 21.38 -27.98
CA ILE C 81 -41.99 20.36 -27.20
C ILE C 81 -42.60 18.99 -27.46
N GLU C 82 -43.93 18.91 -27.47
CA GLU C 82 -44.57 17.63 -27.73
C GLU C 82 -44.30 17.14 -29.14
N ASN C 83 -44.08 18.04 -30.09
CA ASN C 83 -43.75 17.65 -31.45
C ASN C 83 -42.27 17.35 -31.63
N ARG C 84 -41.47 17.51 -30.58
CA ARG C 84 -40.02 17.29 -30.65
C ARG C 84 -39.36 18.19 -31.67
N THR C 85 -39.94 19.36 -31.90
CA THR C 85 -39.38 20.35 -32.82
C THR C 85 -38.96 21.62 -32.12
N TYR C 86 -39.08 21.69 -30.80
CA TYR C 86 -38.73 22.90 -30.07
C TYR C 86 -37.24 23.15 -30.12
N LEU C 87 -36.87 24.41 -30.34
CA LEU C 87 -35.47 24.83 -30.36
C LEU C 87 -35.35 26.22 -29.76
N PRO C 88 -34.52 26.39 -28.74
CA PRO C 88 -34.42 27.71 -28.10
C PRO C 88 -33.86 28.75 -29.05
N ASN C 89 -34.37 29.97 -28.94
CA ASN C 89 -33.90 31.06 -29.78
C ASN C 89 -32.49 31.48 -29.39
N GLU C 90 -31.83 32.16 -30.30
CA GLU C 90 -30.43 32.54 -30.08
C GLU C 90 -30.33 33.51 -28.92
N PRO C 91 -29.45 33.26 -27.96
CA PRO C 91 -29.28 34.20 -26.84
C PRO C 91 -28.49 35.42 -27.25
N PHE C 92 -28.49 36.41 -26.37
CA PHE C 92 -27.70 37.63 -26.54
C PHE C 92 -26.41 37.47 -25.75
N THR C 93 -25.31 37.24 -26.46
CA THR C 93 -24.02 37.05 -25.82
C THR C 93 -23.26 38.36 -25.76
N LYS C 94 -22.79 38.73 -24.58
CA LYS C 94 -22.03 39.95 -24.38
C LYS C 94 -20.67 39.62 -23.78
N ASP C 95 -19.82 40.64 -23.68
CA ASP C 95 -18.45 40.48 -23.20
C ASP C 95 -18.39 40.90 -21.74
N VAL C 96 -18.77 39.98 -20.87
CA VAL C 96 -18.64 40.25 -19.43
C VAL C 96 -17.17 40.36 -19.08
N PRO C 97 -16.76 41.30 -18.21
CA PRO C 97 -15.33 41.52 -17.99
C PRO C 97 -14.70 40.39 -17.19
N LYS C 98 -13.62 39.82 -17.73
CA LYS C 98 -12.77 38.87 -17.02
C LYS C 98 -11.32 39.26 -17.22
N PRO C 99 -10.92 40.42 -16.68
CA PRO C 99 -9.53 40.87 -16.89
C PRO C 99 -8.50 39.92 -16.32
N ASP C 100 -8.88 39.13 -15.30
CA ASP C 100 -7.96 38.12 -14.78
C ASP C 100 -7.58 37.11 -15.85
N GLY C 101 -8.47 36.84 -16.80
CA GLY C 101 -8.19 35.91 -17.87
C GLY C 101 -8.61 36.41 -19.24
N GLY C 102 -8.57 37.72 -19.45
CA GLY C 102 -8.97 38.29 -20.72
C GLY C 102 -10.41 38.74 -20.75
N ILE C 103 -11.29 37.91 -21.31
CA ILE C 103 -12.72 38.18 -21.33
C ILE C 103 -13.47 36.86 -21.15
N ARG C 104 -14.71 36.97 -20.71
CA ARG C 104 -15.59 35.82 -20.54
C ARG C 104 -16.86 36.03 -21.35
N LYS C 105 -17.29 34.99 -22.06
CA LYS C 105 -18.50 35.06 -22.89
C LYS C 105 -19.68 34.55 -22.07
N VAL C 106 -20.65 35.43 -21.83
CA VAL C 106 -21.88 35.06 -21.14
C VAL C 106 -23.03 35.26 -22.10
N SER C 107 -24.10 34.48 -21.89
CA SER C 107 -25.25 34.50 -22.77
C SER C 107 -26.51 34.73 -21.97
N ILE C 108 -27.34 35.66 -22.44
CA ILE C 108 -28.63 35.97 -21.81
C ILE C 108 -29.70 35.40 -22.73
N TYR C 109 -30.26 34.26 -22.35
CA TYR C 109 -31.29 33.64 -23.17
C TYR C 109 -32.60 34.42 -23.08
N GLN C 110 -33.46 34.20 -24.07
CA GLN C 110 -34.77 34.82 -24.04
C GLN C 110 -35.58 34.30 -22.86
N ILE C 111 -36.54 35.12 -22.42
CA ILE C 111 -37.29 34.78 -21.22
C ILE C 111 -38.01 33.43 -21.32
N PRO C 112 -38.70 33.11 -22.42
CA PRO C 112 -39.33 31.77 -22.48
C PRO C 112 -38.32 30.63 -22.43
N ASP C 113 -37.25 30.72 -23.21
CA ASP C 113 -36.26 29.66 -23.21
C ASP C 113 -35.55 29.56 -21.85
N ALA C 114 -35.24 30.69 -21.24
CA ALA C 114 -34.64 30.67 -19.92
C ALA C 114 -35.58 30.04 -18.90
N ALA C 115 -36.86 30.35 -18.99
CA ALA C 115 -37.83 29.76 -18.07
C ALA C 115 -37.93 28.26 -18.27
N ILE C 116 -37.93 27.80 -19.52
CA ILE C 116 -37.99 26.36 -19.78
C ILE C 116 -36.74 25.68 -19.24
N SER C 117 -35.58 26.28 -19.44
CA SER C 117 -34.35 25.72 -18.91
C SER C 117 -34.39 25.65 -17.40
N LYS C 118 -34.89 26.70 -16.74
CA LYS C 118 -34.99 26.69 -15.29
C LYS C 118 -35.93 25.59 -14.81
N LEU C 119 -37.07 25.43 -15.47
CA LEU C 119 -38.04 24.42 -15.06
C LEU C 119 -37.45 23.02 -15.18
N PHE C 120 -36.82 22.73 -16.32
CA PHE C 120 -36.29 21.39 -16.51
C PHE C 120 -35.05 21.15 -15.65
N PHE C 121 -34.27 22.19 -15.36
CA PHE C 121 -33.18 22.06 -14.40
C PHE C 121 -33.72 21.74 -13.02
N ASN C 122 -34.79 22.41 -12.61
CA ASN C 122 -35.40 22.11 -11.31
C ASN C 122 -35.85 20.65 -11.26
N ARG C 123 -36.51 20.18 -12.31
CA ARG C 123 -36.97 18.80 -12.33
C ARG C 123 -35.79 17.83 -12.25
N LEU C 124 -34.78 18.03 -13.09
CA LEU C 124 -33.65 17.12 -13.12
C LEU C 124 -32.91 17.11 -11.80
N LEU C 125 -32.69 18.29 -11.21
CA LEU C 125 -32.03 18.33 -9.91
C LEU C 125 -32.86 17.64 -8.85
N ALA C 126 -34.18 17.85 -8.86
CA ALA C 126 -35.02 17.24 -7.85
C ALA C 126 -34.96 15.72 -7.93
N LYS C 127 -34.98 15.17 -9.14
CA LYS C 127 -35.05 13.69 -9.28
C LYS C 127 -33.66 13.05 -9.35
N ASN C 128 -32.58 13.84 -9.25
CA ASN C 128 -31.25 13.28 -9.36
C ASN C 128 -30.25 13.78 -8.32
N ARG C 129 -30.60 14.74 -7.48
CA ARG C 129 -29.62 15.30 -6.56
C ARG C 129 -29.13 14.27 -5.54
N HIS C 130 -29.88 13.21 -5.31
CA HIS C 130 -29.42 12.17 -4.40
C HIS C 130 -28.23 11.40 -4.98
N ARG C 131 -27.98 11.51 -6.28
CA ARG C 131 -26.83 10.86 -6.90
C ARG C 131 -25.60 11.75 -6.93
N PHE C 132 -25.77 13.06 -6.81
CA PHE C 132 -24.61 13.95 -6.80
C PHE C 132 -23.81 13.74 -5.53
N SER C 133 -22.48 13.84 -5.66
CA SER C 133 -21.61 13.71 -4.50
C SER C 133 -21.93 14.81 -3.50
N SER C 134 -21.86 14.47 -2.22
CA SER C 134 -22.12 15.46 -1.17
C SER C 134 -21.07 16.56 -1.14
N PHE C 135 -19.97 16.39 -1.85
CA PHE C 135 -18.89 17.37 -1.86
C PHE C 135 -18.90 18.24 -3.10
N SER C 136 -19.99 18.26 -3.85
CA SER C 136 -20.18 19.18 -4.97
C SER C 136 -21.15 20.26 -4.51
N TYR C 137 -20.62 21.46 -4.28
CA TYR C 137 -21.37 22.52 -3.61
C TYR C 137 -21.88 23.59 -4.56
N ALA C 138 -21.86 23.35 -5.87
CA ALA C 138 -22.21 24.34 -6.85
C ALA C 138 -23.56 24.03 -7.48
N TYR C 139 -24.41 25.05 -7.58
CA TYR C 139 -25.67 24.96 -8.32
C TYR C 139 -26.59 23.90 -7.72
N ARG C 140 -26.83 24.01 -6.43
CA ARG C 140 -27.68 23.06 -5.72
C ARG C 140 -28.56 23.79 -4.71
N ASN C 141 -29.71 23.21 -4.43
CA ASN C 141 -30.59 23.73 -3.40
C ASN C 141 -30.33 23.11 -2.03
N ASP C 142 -29.41 22.15 -1.94
CA ASP C 142 -29.06 21.52 -0.69
C ASP C 142 -27.61 21.76 -0.26
N ARG C 143 -26.82 22.45 -1.08
CA ARG C 143 -25.43 22.74 -0.77
C ARG C 143 -25.12 24.18 -1.15
N ASN C 144 -24.13 24.76 -0.47
CA ASN C 144 -23.65 26.10 -0.79
C ASN C 144 -22.15 26.15 -0.48
N VAL C 145 -21.55 27.29 -0.78
CA VAL C 145 -20.12 27.46 -0.58
C VAL C 145 -19.76 27.38 0.90
N HIS C 146 -20.66 27.85 1.77
CA HIS C 146 -20.34 27.88 3.19
C HIS C 146 -20.23 26.49 3.78
N PHE C 147 -21.03 25.54 3.30
CA PHE C 147 -20.86 24.17 3.77
C PHE C 147 -19.48 23.64 3.38
N ALA C 148 -19.03 23.96 2.16
CA ALA C 148 -17.69 23.53 1.74
C ALA C 148 -16.62 24.15 2.61
N ILE C 149 -16.74 25.45 2.92
CA ILE C 149 -15.72 26.10 3.73
C ILE C 149 -15.72 25.52 5.14
N GLN C 150 -16.90 25.24 5.69
CA GLN C 150 -16.95 24.61 7.00
C GLN C 150 -16.27 23.25 6.99
N ASP C 151 -16.54 22.44 5.97
CA ASP C 151 -15.91 21.12 5.87
C ASP C 151 -14.40 21.25 5.79
N ILE C 152 -13.91 22.13 4.92
CA ILE C 152 -12.47 22.29 4.75
C ILE C 152 -11.84 22.78 6.05
N SER C 153 -12.48 23.75 6.70
CA SER C 153 -11.93 24.31 7.93
C SER C 153 -11.82 23.25 9.01
N VAL C 154 -12.89 22.47 9.20
CA VAL C 154 -12.88 21.44 10.23
C VAL C 154 -11.80 20.40 9.94
N ASP C 155 -11.73 19.94 8.69
CA ASP C 155 -10.76 18.90 8.36
C ASP C 155 -9.34 19.41 8.50
N LEU C 156 -9.08 20.65 8.09
CA LEU C 156 -7.73 21.21 8.24
C LEU C 156 -7.37 21.37 9.71
N LYS C 157 -8.33 21.81 10.53
CA LYS C 157 -8.04 21.98 11.95
C LYS C 157 -7.79 20.65 12.64
N LYS C 158 -8.36 19.56 12.10
CA LYS C 158 -8.15 18.25 12.74
C LYS C 158 -6.68 17.87 12.77
N ASN C 159 -5.97 18.08 11.67
CA ASN C 159 -4.57 17.66 11.55
C ASN C 159 -3.66 18.89 11.50
N GLU C 160 -2.37 18.64 11.27
CA GLU C 160 -1.37 19.70 11.21
C GLU C 160 -0.63 19.78 9.89
N ARG C 161 -0.59 18.70 9.11
CA ARG C 161 0.13 18.67 7.84
C ARG C 161 -0.78 18.02 6.80
N THR C 162 -1.19 18.78 5.80
CA THR C 162 -2.10 18.31 4.78
C THR C 162 -1.51 18.57 3.40
N PHE C 163 -1.69 17.61 2.49
CA PHE C 163 -1.22 17.73 1.12
C PHE C 163 -2.36 18.28 0.28
N LEU C 164 -2.17 19.45 -0.31
CA LEU C 164 -3.22 20.07 -1.09
C LEU C 164 -3.02 19.82 -2.58
N ALA C 165 -4.07 20.06 -3.34
CA ALA C 165 -4.00 20.00 -4.80
C ALA C 165 -5.14 20.86 -5.34
N GLU C 166 -4.81 22.07 -5.78
CA GLU C 166 -5.80 23.01 -6.28
C GLU C 166 -5.75 23.04 -7.79
N PHE C 167 -6.90 22.84 -8.43
CA PHE C 167 -7.00 22.78 -9.88
C PHE C 167 -8.16 23.64 -10.36
N ASP C 168 -7.96 24.29 -11.49
CA ASP C 168 -9.01 24.98 -12.20
C ASP C 168 -9.09 24.44 -13.61
N PHE C 169 -10.30 24.40 -14.15
CA PHE C 169 -10.53 23.95 -15.51
C PHE C 169 -10.60 25.16 -16.42
N SER C 170 -9.84 25.13 -17.51
CA SER C 170 -9.84 26.22 -18.46
C SER C 170 -11.11 26.15 -19.31
N ASP C 171 -11.89 27.21 -19.29
CA ASP C 171 -13.18 27.30 -19.97
C ASP C 171 -13.98 26.00 -19.80
N PHE C 172 -14.25 25.69 -18.54
CA PHE C 172 -14.87 24.42 -18.19
C PHE C 172 -16.21 24.25 -18.89
N PHE C 173 -17.02 25.30 -18.93
CA PHE C 173 -18.33 25.19 -19.56
C PHE C 173 -18.21 24.99 -21.07
N GLY C 174 -17.25 25.65 -21.71
CA GLY C 174 -17.21 25.69 -23.15
C GLY C 174 -16.32 24.66 -23.82
N SER C 175 -15.95 23.60 -23.11
CA SER C 175 -15.09 22.60 -23.73
C SER C 175 -15.50 21.17 -23.42
N ILE C 176 -16.72 20.96 -22.92
CA ILE C 176 -17.20 19.61 -22.63
C ILE C 176 -17.66 18.95 -23.92
N SER C 177 -17.13 17.77 -24.20
CA SER C 177 -17.53 17.05 -25.41
C SER C 177 -18.96 16.54 -25.28
N HIS C 178 -19.73 16.68 -26.36
CA HIS C 178 -21.12 16.26 -26.33
C HIS C 178 -21.26 14.75 -26.33
N SER C 179 -20.31 14.04 -26.92
CA SER C 179 -20.34 12.58 -26.85
C SER C 179 -20.25 12.10 -25.41
N PHE C 180 -19.36 12.71 -24.63
CA PHE C 180 -19.24 12.35 -23.22
C PHE C 180 -20.55 12.61 -22.49
N LEU C 181 -21.17 13.76 -22.72
CA LEU C 181 -22.42 14.08 -22.06
C LEU C 181 -23.51 13.08 -22.41
N ASN C 182 -23.66 12.78 -23.70
CA ASN C 182 -24.68 11.83 -24.11
C ASN C 182 -24.41 10.43 -23.58
N GLU C 183 -23.14 10.11 -23.33
CA GLU C 183 -22.82 8.84 -22.69
C GLU C 183 -23.10 8.85 -21.20
N GLN C 184 -23.07 10.02 -20.56
CA GLN C 184 -23.29 10.11 -19.12
C GLN C 184 -24.75 9.95 -18.74
N PHE C 185 -25.69 10.07 -19.68
CA PHE C 185 -27.11 10.06 -19.34
C PHE C 185 -27.59 8.72 -18.81
N ASN C 186 -26.86 7.64 -19.08
CA ASN C 186 -27.26 6.30 -18.69
C ASN C 186 -26.34 5.69 -17.64
N GLU C 187 -25.78 6.54 -16.78
CA GLU C 187 -24.81 6.09 -15.78
C GLU C 187 -25.24 6.56 -14.40
N ASN C 188 -24.64 5.97 -13.38
CA ASN C 188 -24.82 6.37 -11.99
C ASN C 188 -26.27 6.28 -11.54
N GLY C 189 -27.10 5.55 -12.27
CA GLY C 189 -28.51 5.50 -11.94
C GLY C 189 -29.20 6.84 -12.06
N PHE C 190 -28.81 7.64 -13.04
CA PHE C 190 -29.48 8.90 -13.29
C PHE C 190 -30.85 8.64 -13.90
N TYR C 191 -31.84 9.42 -13.42
CA TYR C 191 -33.23 9.29 -13.92
C TYR C 191 -33.54 10.50 -14.77
N ILE C 192 -33.36 10.39 -16.08
CA ILE C 192 -33.67 11.46 -17.02
C ILE C 192 -34.74 10.96 -17.97
N SER C 193 -35.91 11.59 -17.94
CA SER C 193 -37.00 11.19 -18.81
C SER C 193 -36.71 11.59 -20.25
N PRO C 194 -37.40 10.97 -21.21
CA PRO C 194 -37.17 11.35 -22.62
C PRO C 194 -37.41 12.82 -22.91
N GLU C 195 -38.40 13.44 -22.26
CA GLU C 195 -38.64 14.87 -22.46
C GLU C 195 -37.44 15.68 -21.98
N GLU C 196 -36.92 15.36 -20.80
CA GLU C 196 -35.76 16.08 -20.29
C GLU C 196 -34.54 15.85 -21.15
N LYS C 197 -34.34 14.62 -21.62
CA LYS C 197 -33.20 14.33 -22.49
C LYS C 197 -33.31 15.11 -23.80
N PHE C 198 -34.50 15.16 -24.39
CA PHE C 198 -34.69 15.91 -25.61
C PHE C 198 -34.45 17.40 -25.38
N ILE C 199 -34.92 17.93 -24.26
CA ILE C 199 -34.69 19.34 -23.97
C ILE C 199 -33.20 19.62 -23.82
N ILE C 200 -32.49 18.75 -23.09
CA ILE C 200 -31.05 18.92 -22.92
C ILE C 200 -30.36 18.94 -24.27
N ARG C 201 -30.68 17.97 -25.13
CA ARG C 201 -30.07 17.95 -26.45
C ARG C 201 -30.45 19.18 -27.26
N SER C 202 -31.67 19.70 -27.05
CA SER C 202 -32.08 20.91 -27.75
C SER C 202 -31.22 22.09 -27.36
N PHE C 203 -30.90 22.22 -26.07
CA PHE C 203 -30.09 23.34 -25.64
C PHE C 203 -28.63 23.22 -26.07
N LEU C 204 -28.21 22.06 -26.57
CA LEU C 204 -26.84 21.86 -27.03
C LEU C 204 -26.73 21.84 -28.54
N ARG C 205 -27.82 22.07 -29.27
CA ARG C 205 -27.81 21.85 -30.71
C ARG C 205 -27.08 22.96 -31.47
N GLU C 206 -27.16 24.19 -30.99
CA GLU C 206 -26.54 25.30 -31.72
C GLU C 206 -25.03 25.13 -31.81
N ARG C 207 -24.39 24.72 -30.72
CA ARG C 207 -22.96 24.51 -30.68
C ARG C 207 -22.63 23.05 -30.93
N LYS C 208 -21.34 22.76 -30.96
CA LYS C 208 -20.86 21.40 -31.15
C LYS C 208 -20.06 20.86 -29.98
N VAL C 209 -19.37 21.72 -29.23
CA VAL C 209 -18.61 21.33 -28.06
C VAL C 209 -18.88 22.32 -26.94
N GLY C 210 -19.18 21.82 -25.76
CA GLY C 210 -19.41 22.67 -24.61
C GLY C 210 -20.88 23.00 -24.41
N ILE C 211 -21.20 23.38 -23.18
CA ILE C 211 -22.57 23.68 -22.78
C ILE C 211 -22.75 25.21 -22.77
N PRO C 212 -23.96 25.72 -22.95
CA PRO C 212 -24.15 27.18 -22.96
C PRO C 212 -23.84 27.79 -21.60
N GLN C 213 -23.64 29.10 -21.62
CA GLN C 213 -23.26 29.85 -20.42
C GLN C 213 -24.39 30.80 -20.07
N GLY C 214 -25.03 30.55 -18.94
CA GLY C 214 -26.08 31.46 -18.49
C GLY C 214 -27.45 30.82 -18.38
N THR C 215 -27.50 29.49 -18.41
CA THR C 215 -28.74 28.76 -18.26
C THR C 215 -28.62 27.74 -17.13
N SER C 216 -29.76 27.44 -16.50
CA SER C 216 -29.76 26.51 -15.38
C SER C 216 -29.47 25.08 -15.84
N ILE C 217 -29.99 24.70 -17.01
CA ILE C 217 -29.71 23.37 -17.53
C ILE C 217 -28.21 23.19 -17.73
N SER C 218 -27.49 24.28 -18.04
CA SER C 218 -26.04 24.21 -18.08
C SER C 218 -25.47 23.89 -16.71
N LEU C 219 -26.05 24.45 -15.65
CA LEU C 219 -25.57 24.14 -14.31
C LEU C 219 -25.77 22.67 -13.98
N PHE C 220 -26.94 22.13 -14.34
CA PHE C 220 -27.16 20.71 -14.08
C PHE C 220 -26.21 19.84 -14.89
N LEU C 221 -25.96 20.21 -16.15
CA LEU C 221 -25.04 19.44 -16.97
C LEU C 221 -23.61 19.50 -16.41
N ALA C 222 -23.22 20.66 -15.89
CA ALA C 222 -21.91 20.78 -15.27
C ALA C 222 -21.80 19.89 -14.04
N ASN C 223 -22.86 19.87 -13.21
CA ASN C 223 -22.83 18.99 -12.04
C ASN C 223 -22.79 17.53 -12.46
N LEU C 224 -23.55 17.15 -13.48
CA LEU C 224 -23.60 15.76 -13.91
C LEU C 224 -22.29 15.32 -14.55
N THR C 225 -21.60 16.23 -15.23
CA THR C 225 -20.39 15.86 -15.94
C THR C 225 -19.32 15.34 -14.99
N CYS C 226 -19.15 16.01 -13.84
CA CYS C 226 -18.13 15.63 -12.88
C CYS C 226 -18.68 14.66 -11.83
N TRP C 227 -19.32 13.58 -12.26
CA TRP C 227 -19.75 12.54 -11.33
C TRP C 227 -18.75 11.41 -11.23
N LYS C 228 -18.19 10.97 -12.36
CA LYS C 228 -17.18 9.93 -12.33
C LYS C 228 -15.94 10.41 -11.61
N LEU C 229 -15.56 11.67 -11.83
CA LEU C 229 -14.42 12.24 -11.11
C LEU C 229 -14.67 12.26 -9.61
N ASP C 230 -15.88 12.67 -9.20
CA ASP C 230 -16.21 12.71 -7.79
C ASP C 230 -16.16 11.31 -7.18
N GLN C 231 -16.72 10.33 -7.89
CA GLN C 231 -16.71 8.96 -7.39
C GLN C 231 -15.28 8.43 -7.26
N ASP C 232 -14.44 8.70 -8.26
CA ASP C 232 -13.06 8.23 -8.19
C ASP C 232 -12.31 8.88 -7.03
N LEU C 233 -12.49 10.19 -6.85
CA LEU C 233 -11.81 10.87 -5.74
C LEU C 233 -12.30 10.33 -4.41
N GLU C 234 -13.60 10.10 -4.27
CA GLU C 234 -14.12 9.52 -3.04
C GLU C 234 -13.53 8.14 -2.79
N ARG C 235 -13.48 7.31 -3.82
CA ARG C 235 -12.96 5.95 -3.66
C ARG C 235 -11.46 5.94 -3.40
N GLU C 236 -10.74 7.01 -3.76
CA GLU C 236 -9.34 7.09 -3.39
C GLU C 236 -9.15 7.38 -1.90
N GLY C 237 -10.20 7.80 -1.21
CA GLY C 237 -10.09 8.14 0.20
C GLY C 237 -9.65 9.56 0.48
N VAL C 238 -9.40 10.36 -0.55
CA VAL C 238 -9.04 11.75 -0.34
C VAL C 238 -10.29 12.56 -0.01
N LYS C 239 -10.09 13.69 0.65
CA LYS C 239 -11.16 14.65 0.88
C LYS C 239 -11.05 15.75 -0.16
N PHE C 240 -12.19 16.12 -0.75
CA PHE C 240 -12.21 17.14 -1.77
C PHE C 240 -13.48 17.96 -1.64
N SER C 241 -13.49 19.11 -2.31
CA SER C 241 -14.64 20.02 -2.30
C SER C 241 -14.63 20.77 -3.63
N ARG C 242 -15.49 20.33 -4.55
CA ARG C 242 -15.51 20.95 -5.90
C ARG C 242 -16.66 21.95 -6.01
N TYR C 243 -16.36 23.18 -6.45
CA TYR C 243 -17.42 24.18 -6.71
C TYR C 243 -17.26 24.59 -8.15
N ALA C 244 -18.16 24.13 -9.02
CA ALA C 244 -18.00 24.39 -10.47
C ALA C 244 -16.69 23.75 -10.93
N ASP C 245 -15.74 24.56 -11.43
CA ASP C 245 -14.42 24.03 -11.83
C ASP C 245 -13.49 24.00 -10.61
N ASP C 246 -13.56 25.02 -9.76
CA ASP C 246 -12.67 25.10 -8.59
C ASP C 246 -12.72 23.79 -7.80
N THR C 247 -11.59 23.12 -7.66
CA THR C 247 -11.51 21.83 -6.97
C THR C 247 -10.34 21.88 -5.99
N ILE C 248 -10.64 21.73 -4.71
CA ILE C 248 -9.63 21.63 -3.67
C ILE C 248 -9.62 20.19 -3.19
N ILE C 249 -8.50 19.51 -3.37
CA ILE C 249 -8.30 18.16 -2.86
C ILE C 249 -7.24 18.22 -1.78
N TRP C 250 -7.55 17.66 -0.62
CA TRP C 250 -6.58 17.63 0.47
C TRP C 250 -6.61 16.26 1.12
N SER C 251 -5.43 15.70 1.35
CA SER C 251 -5.31 14.39 1.98
C SER C 251 -4.09 14.43 2.90
N GLN C 252 -4.00 13.40 3.74
CA GLN C 252 -2.89 13.28 4.67
C GLN C 252 -1.72 12.52 4.07
N GLU C 253 -1.87 11.96 2.87
CA GLU C 253 -0.85 11.14 2.25
C GLU C 253 -0.46 11.69 0.89
N TYR C 254 0.85 11.67 0.61
CA TYR C 254 1.33 12.14 -0.68
C TYR C 254 0.85 11.23 -1.82
N SER C 255 0.84 9.93 -1.59
CA SER C 255 0.43 9.00 -2.64
C SER C 255 -1.01 9.23 -3.05
N LYS C 256 -1.89 9.46 -2.08
CA LYS C 256 -3.29 9.72 -2.40
C LYS C 256 -3.45 10.98 -3.24
N ILE C 257 -2.68 12.02 -2.92
CA ILE C 257 -2.80 13.26 -3.67
C ILE C 257 -2.22 13.12 -5.06
N CYS C 258 -1.16 12.33 -5.22
CA CYS C 258 -0.65 12.07 -6.57
C CYS C 258 -1.66 11.28 -7.39
N ASN C 259 -2.31 10.30 -6.76
CA ASN C 259 -3.36 9.57 -7.46
C ASN C 259 -4.53 10.46 -7.80
N ALA C 260 -4.84 11.44 -6.94
CA ALA C 260 -5.88 12.40 -7.26
C ALA C 260 -5.51 13.25 -8.46
N PHE C 261 -4.25 13.66 -8.53
CA PHE C 261 -3.78 14.37 -9.72
C PHE C 261 -3.97 13.53 -10.97
N ASN C 262 -3.57 12.25 -10.90
CA ASN C 262 -3.72 11.38 -12.06
C ASN C 262 -5.19 11.18 -12.41
N ILE C 263 -6.05 11.09 -11.41
CA ILE C 263 -7.49 10.92 -11.66
C ILE C 263 -8.06 12.12 -12.37
N ILE C 264 -7.69 13.33 -11.93
CA ILE C 264 -8.18 14.52 -12.59
C ILE C 264 -7.64 14.61 -14.02
N THR C 265 -6.38 14.23 -14.21
CA THR C 265 -5.83 14.22 -15.56
C THR C 265 -6.59 13.26 -16.46
N ASN C 266 -6.89 12.06 -15.97
CA ASN C 266 -7.64 11.09 -16.76
C ASN C 266 -9.05 11.59 -17.06
N PHE C 267 -9.70 12.21 -16.07
CA PHE C 267 -11.03 12.76 -16.31
C PHE C 267 -11.00 13.87 -17.35
N SER C 268 -9.98 14.73 -17.29
CA SER C 268 -9.85 15.79 -18.29
C SER C 268 -9.64 15.21 -19.68
N LYS C 269 -8.81 14.17 -19.79
CA LYS C 269 -8.62 13.52 -21.09
C LYS C 269 -9.89 12.84 -21.56
N SER C 270 -10.73 12.37 -20.64
CA SER C 270 -11.97 11.72 -21.02
C SER C 270 -13.02 12.72 -21.48
N ALA C 271 -13.08 13.89 -20.83
CA ALA C 271 -14.11 14.89 -21.12
C ALA C 271 -13.60 16.06 -21.96
N GLY C 272 -12.29 16.16 -22.19
CA GLY C 272 -11.76 17.22 -23.00
C GLY C 272 -11.69 18.58 -22.33
N ILE C 273 -11.72 18.63 -21.01
CA ILE C 273 -11.62 19.90 -20.28
C ILE C 273 -10.23 20.01 -19.68
N LYS C 274 -9.31 20.65 -20.40
CA LYS C 274 -7.94 20.77 -19.93
C LYS C 274 -7.85 21.76 -18.77
N ILE C 275 -6.79 21.61 -17.98
CA ILE C 275 -6.56 22.45 -16.81
C ILE C 275 -5.55 23.53 -17.18
N ASN C 276 -5.86 24.77 -16.84
CA ASN C 276 -4.95 25.87 -17.10
C ASN C 276 -3.85 25.87 -16.05
N PRO C 277 -2.57 25.77 -16.44
CA PRO C 277 -1.50 25.79 -15.45
C PRO C 277 -1.40 27.08 -14.66
N LYS C 278 -2.00 28.16 -15.17
CA LYS C 278 -1.91 29.44 -14.47
C LYS C 278 -2.71 29.43 -13.19
N LYS C 279 -4.03 29.22 -13.29
CA LYS C 279 -4.88 29.25 -12.11
C LYS C 279 -4.74 28.02 -11.23
N SER C 280 -4.25 26.91 -11.77
CA SER C 280 -4.06 25.69 -11.00
C SER C 280 -2.71 25.75 -10.29
N GLU C 281 -2.74 25.71 -8.96
CA GLU C 281 -1.54 25.90 -8.17
C GLU C 281 -0.76 24.61 -7.95
N GLY C 282 -1.26 23.47 -8.41
CA GLY C 282 -0.54 22.23 -8.27
C GLY C 282 -0.62 21.67 -6.85
N ILE C 283 0.29 20.77 -6.56
CA ILE C 283 0.32 20.05 -5.29
C ILE C 283 1.19 20.83 -4.31
N SER C 284 0.64 21.13 -3.14
CA SER C 284 1.36 21.87 -2.12
C SER C 284 1.33 21.11 -0.81
N LEU C 285 1.78 21.73 0.27
CA LEU C 285 1.76 21.12 1.59
C LEU C 285 1.37 22.19 2.61
N LEU C 286 0.16 22.09 3.14
CA LEU C 286 -0.36 23.07 4.08
C LEU C 286 0.12 22.70 5.48
N THR C 287 1.01 23.51 6.04
CA THR C 287 1.52 23.32 7.38
C THR C 287 1.07 24.48 8.26
N LYS C 288 1.58 24.51 9.50
CA LYS C 288 1.33 25.63 10.38
C LYS C 288 2.26 26.78 10.00
N LYS C 289 2.32 27.81 10.83
CA LYS C 289 3.03 29.03 10.45
C LYS C 289 4.53 28.80 10.36
N GLY C 290 5.10 28.01 11.27
CA GLY C 290 6.54 27.86 11.30
C GLY C 290 7.04 26.43 11.27
N LEU C 291 6.24 25.52 10.71
CA LEU C 291 6.66 24.13 10.61
C LEU C 291 7.53 23.94 9.37
N PRO C 292 8.71 23.35 9.49
CA PRO C 292 9.53 23.09 8.30
C PRO C 292 8.84 22.11 7.37
N SER C 293 9.01 22.33 6.07
CA SER C 293 8.38 21.50 5.06
C SER C 293 9.44 21.01 4.08
N GLU C 294 9.24 19.78 3.60
CA GLU C 294 10.19 19.16 2.69
C GLU C 294 9.86 19.40 1.23
N ILE C 295 8.63 19.82 0.91
CA ILE C 295 8.24 20.15 -0.45
C ILE C 295 7.62 21.55 -0.46
N THR C 296 7.12 21.96 -1.61
CA THR C 296 6.51 23.27 -1.76
C THR C 296 5.43 23.48 -0.72
N SER C 297 5.57 24.54 0.06
CA SER C 297 4.76 24.76 1.25
C SER C 297 4.00 26.06 1.16
N LYS C 298 2.79 26.07 1.74
CA LYS C 298 2.01 27.28 1.92
C LYS C 298 1.34 27.21 3.28
N ASN C 299 1.18 28.38 3.91
CA ASN C 299 0.56 28.43 5.22
C ASN C 299 -0.93 28.64 5.17
N ASN C 300 -1.49 29.05 4.03
CA ASN C 300 -2.92 29.25 3.91
C ASN C 300 -3.33 29.05 2.46
N LEU C 301 -4.60 28.75 2.26
CA LEU C 301 -5.16 28.52 0.93
C LEU C 301 -6.36 29.43 0.73
N ASP C 302 -6.61 29.79 -0.51
CA ASP C 302 -7.75 30.63 -0.87
C ASP C 302 -8.80 29.77 -1.54
N PHE C 303 -10.06 29.92 -1.11
CA PHE C 303 -11.15 29.16 -1.69
C PHE C 303 -12.41 30.00 -1.63
N LEU C 304 -12.69 30.72 -2.71
CA LEU C 304 -13.99 31.37 -2.91
C LEU C 304 -14.31 32.36 -1.79
N GLY C 305 -13.46 33.38 -1.69
CA GLY C 305 -13.66 34.45 -0.75
C GLY C 305 -13.16 34.19 0.65
N TYR C 306 -12.63 33.00 0.91
CA TYR C 306 -12.08 32.65 2.22
C TYR C 306 -10.63 32.28 2.06
N THR C 307 -9.77 32.79 2.94
CA THR C 307 -8.39 32.37 3.02
C THR C 307 -8.29 31.40 4.19
N LEU C 308 -8.19 30.11 3.89
CA LEU C 308 -8.22 29.07 4.90
C LEU C 308 -6.79 28.70 5.28
N SER C 309 -6.48 28.81 6.56
CA SER C 309 -5.24 28.31 7.13
C SER C 309 -5.55 27.10 8.00
N VAL C 310 -4.51 26.55 8.62
CA VAL C 310 -4.71 25.41 9.49
C VAL C 310 -5.51 25.80 10.72
N GLU C 311 -5.24 26.97 11.28
CA GLU C 311 -5.82 27.34 12.56
C GLU C 311 -7.14 28.08 12.44
N ASN C 312 -7.26 29.01 11.49
CA ASN C 312 -8.44 29.86 11.44
C ASN C 312 -8.84 30.15 10.00
N VAL C 313 -10.09 30.57 9.83
CA VAL C 313 -10.65 30.96 8.54
C VAL C 313 -10.73 32.47 8.48
N SER C 314 -10.26 33.06 7.39
CA SER C 314 -10.21 34.50 7.26
C SER C 314 -10.70 34.91 5.88
N ILE C 315 -11.09 36.17 5.77
CA ILE C 315 -11.52 36.71 4.49
C ILE C 315 -10.37 36.71 3.50
N LYS C 316 -10.67 36.40 2.25
CA LYS C 316 -9.65 36.44 1.20
C LYS C 316 -9.11 37.86 1.07
N GLU C 317 -7.81 37.95 0.77
CA GLU C 317 -7.18 39.27 0.73
C GLU C 317 -7.79 40.15 -0.34
N LYS C 318 -8.13 39.57 -1.49
CA LYS C 318 -8.78 40.35 -2.53
C LYS C 318 -10.16 40.83 -2.07
N SER C 319 -10.88 39.99 -1.34
CA SER C 319 -12.17 40.43 -0.80
C SER C 319 -12.00 41.50 0.27
N VAL C 320 -10.92 41.42 1.06
CA VAL C 320 -10.64 42.48 2.01
C VAL C 320 -10.35 43.79 1.28
N LYS C 321 -9.63 43.71 0.16
CA LYS C 321 -9.39 44.91 -0.64
C LYS C 321 -10.69 45.45 -1.23
N LYS C 322 -11.60 44.57 -1.61
CA LYS C 322 -12.92 45.02 -2.08
C LYS C 322 -13.67 45.74 -0.97
N ILE C 323 -13.64 45.20 0.25
CA ILE C 323 -14.31 45.85 1.37
C ILE C 323 -13.70 47.21 1.64
N LYS C 324 -12.37 47.29 1.63
CA LYS C 324 -11.70 48.56 1.84
C LYS C 324 -12.05 49.56 0.75
N LYS C 325 -12.09 49.10 -0.51
CA LYS C 325 -12.46 49.98 -1.61
C LYS C 325 -13.87 50.52 -1.42
N GLN C 326 -14.81 49.66 -1.04
CA GLN C 326 -16.19 50.11 -0.88
C GLN C 326 -16.32 51.12 0.26
N ILE C 327 -15.70 50.83 1.41
CA ILE C 327 -15.83 51.73 2.55
C ILE C 327 -15.16 53.07 2.26
N SER C 328 -13.94 53.01 1.71
CA SER C 328 -13.22 54.24 1.40
C SER C 328 -13.95 55.05 0.36
N TYR C 329 -14.57 54.39 -0.62
CA TYR C 329 -15.31 55.14 -1.62
C TYR C 329 -16.56 55.75 -1.02
N ILE C 330 -17.21 55.06 -0.08
CA ILE C 330 -18.35 55.67 0.60
C ILE C 330 -17.93 56.96 1.29
N LEU C 331 -16.81 56.89 2.01
CA LEU C 331 -16.32 58.08 2.71
C LEU C 331 -15.96 59.19 1.73
N TYR C 332 -15.25 58.84 0.65
CA TYR C 332 -14.84 59.85 -0.32
C TYR C 332 -16.04 60.47 -1.01
N ARG C 333 -17.03 59.66 -1.35
CA ARG C 333 -18.20 60.14 -2.06
C ARG C 333 -19.05 61.06 -1.19
N ASN C 334 -19.21 60.71 0.09
CA ASN C 334 -20.06 61.51 0.95
C ASN C 334 -19.33 62.64 1.67
N LEU C 335 -18.00 62.68 1.61
CA LEU C 335 -17.25 63.70 2.34
C LEU C 335 -16.39 64.57 1.45
N ILE C 336 -15.63 63.98 0.54
CA ILE C 336 -14.60 64.71 -0.20
C ILE C 336 -15.06 65.06 -1.61
N GLN C 337 -15.65 64.10 -2.31
CA GLN C 337 -16.02 64.32 -3.71
C GLN C 337 -16.91 65.54 -3.93
N PRO C 338 -17.93 65.82 -3.12
CA PRO C 338 -18.70 67.05 -3.35
C PRO C 338 -17.87 68.31 -3.25
N LEU C 339 -16.83 68.31 -2.42
CA LEU C 339 -16.01 69.50 -2.23
C LEU C 339 -14.95 69.68 -3.30
N LYS C 340 -14.76 68.70 -4.18
CA LYS C 340 -13.79 68.81 -5.25
C LYS C 340 -14.39 69.37 -6.53
N LYS C 341 -15.67 69.73 -6.52
CA LYS C 341 -16.31 70.30 -7.69
C LYS C 341 -15.88 71.74 -7.88
N THR C 342 -16.23 72.29 -9.05
CA THR C 342 -15.87 73.66 -9.37
C THR C 342 -16.58 74.67 -8.48
N SER C 343 -17.83 74.40 -8.13
CA SER C 343 -18.61 75.28 -7.28
C SER C 343 -19.31 74.48 -6.19
N LEU C 344 -19.57 75.14 -5.06
CA LEU C 344 -20.28 74.53 -3.95
C LEU C 344 -21.72 75.01 -3.85
N ALA C 345 -22.28 75.51 -4.94
CA ALA C 345 -23.65 76.01 -4.91
C ALA C 345 -24.63 74.87 -4.67
N GLY C 346 -25.59 75.11 -3.79
CA GLY C 346 -26.59 74.10 -3.47
C GLY C 346 -26.14 73.05 -2.49
N GLN C 347 -24.92 73.15 -1.96
CA GLN C 347 -24.41 72.19 -0.99
C GLN C 347 -24.53 72.76 0.42
N THR C 348 -24.79 71.89 1.38
CA THR C 348 -24.91 72.31 2.77
C THR C 348 -23.54 72.27 3.43
N ILE C 349 -23.01 73.44 3.75
CA ILE C 349 -21.71 73.53 4.42
C ILE C 349 -21.89 73.19 5.89
N PRO C 350 -21.09 72.28 6.44
CA PRO C 350 -21.25 71.93 7.86
C PRO C 350 -21.07 73.14 8.76
N ALA C 351 -21.91 73.23 9.78
CA ALA C 351 -21.85 74.33 10.73
C ALA C 351 -22.54 73.91 12.01
N ASN C 352 -22.23 74.63 13.08
CA ASN C 352 -22.82 74.39 14.40
C ASN C 352 -22.59 72.96 14.86
N ASP C 353 -21.43 72.39 14.52
CA ASP C 353 -21.07 71.03 14.89
C ASP C 353 -22.10 70.02 14.40
N ARG C 354 -22.62 70.24 13.20
CA ARG C 354 -23.62 69.35 12.59
C ARG C 354 -23.22 69.13 11.14
N ASP C 355 -22.44 68.08 10.90
CA ASP C 355 -22.04 67.69 9.54
C ASP C 355 -22.94 66.55 9.11
N LYS C 356 -24.01 66.89 8.38
CA LYS C 356 -24.94 65.86 7.93
C LYS C 356 -24.27 64.89 6.98
N ASN C 357 -23.32 65.37 6.17
CA ASN C 357 -22.63 64.48 5.24
C ASN C 357 -21.84 63.41 5.99
N PHE C 358 -21.23 63.77 7.11
CA PHE C 358 -20.55 62.77 7.93
C PHE C 358 -21.55 61.76 8.47
N LEU C 359 -22.70 62.23 8.94
CA LEU C 359 -23.73 61.32 9.43
C LEU C 359 -24.21 60.40 8.32
N ILE C 360 -24.41 60.94 7.12
CA ILE C 360 -24.85 60.13 5.99
C ILE C 360 -23.81 59.07 5.65
N ALA C 361 -22.53 59.47 5.65
CA ALA C 361 -21.47 58.52 5.34
C ALA C 361 -21.40 57.41 6.37
N ILE C 362 -21.51 57.75 7.65
CA ILE C 362 -21.46 56.74 8.70
C ILE C 362 -22.65 55.80 8.59
N CYS C 363 -23.84 56.36 8.35
CA CYS C 363 -25.02 55.51 8.21
C CYS C 363 -24.89 54.59 7.01
N GLU C 364 -24.36 55.08 5.89
CA GLU C 364 -24.21 54.24 4.71
C GLU C 364 -23.17 53.14 4.97
N ILE C 365 -22.10 53.47 5.69
CA ILE C 365 -21.11 52.46 6.04
C ILE C 365 -21.75 51.38 6.89
N ARG C 366 -22.52 51.80 7.91
CA ARG C 366 -23.20 50.82 8.76
C ARG C 366 -24.15 49.96 7.95
N ARG C 367 -24.86 50.56 6.99
CA ARG C 367 -25.71 49.80 6.10
C ARG C 367 -24.90 48.79 5.29
N TYR C 368 -23.68 49.16 4.91
CA TYR C 368 -22.88 48.28 4.07
C TYR C 368 -22.46 47.02 4.82
N MET C 369 -21.98 47.17 6.06
CA MET C 369 -21.43 46.04 6.80
C MET C 369 -22.43 45.45 7.79
N TYR C 370 -23.02 46.28 8.65
CA TYR C 370 -24.03 45.78 9.56
C TYR C 370 -25.34 45.49 8.83
N GLY C 371 -25.74 46.37 7.92
CA GLY C 371 -27.06 46.33 7.35
C GLY C 371 -28.06 47.23 8.02
N GLY C 372 -27.60 48.15 8.87
CA GLY C 372 -28.49 49.04 9.60
C GLY C 372 -28.69 48.70 11.05
N LEU C 373 -27.98 47.70 11.57
CA LEU C 373 -28.13 47.31 12.96
C LEU C 373 -27.33 48.24 13.86
N SER C 374 -27.98 48.77 14.89
CA SER C 374 -27.26 49.54 15.88
C SER C 374 -26.48 48.62 16.80
N LYS C 375 -25.45 49.16 17.44
CA LYS C 375 -24.67 48.38 18.39
C LYS C 375 -25.55 47.91 19.55
N SER C 376 -26.57 48.69 19.90
CA SER C 376 -27.46 48.28 20.98
C SER C 376 -28.17 46.98 20.63
N GLN C 377 -28.66 46.87 19.39
CA GLN C 377 -29.36 45.64 18.99
C GLN C 377 -28.44 44.44 19.03
N ILE C 378 -27.21 44.60 18.52
CA ILE C 378 -26.27 43.48 18.50
C ILE C 378 -25.90 43.07 19.91
N LYS C 379 -25.65 44.04 20.79
CA LYS C 379 -25.33 43.72 22.17
C LYS C 379 -26.50 43.06 22.88
N ASP C 380 -27.72 43.51 22.60
CA ASP C 380 -28.90 42.87 23.16
C ASP C 380 -29.00 41.43 22.73
N TYR C 381 -28.76 41.17 21.44
CA TYR C 381 -28.80 39.80 20.94
C TYR C 381 -27.72 38.95 21.61
N LEU C 382 -26.51 39.50 21.75
CA LEU C 382 -25.43 38.74 22.36
C LEU C 382 -25.74 38.40 23.81
N SER C 383 -26.29 39.36 24.56
CA SER C 383 -26.61 39.11 25.96
C SER C 383 -27.75 38.12 26.13
N GLY C 384 -28.49 37.82 25.07
CA GLY C 384 -29.68 37.03 25.19
C GLY C 384 -30.93 37.83 25.53
N ARG C 385 -30.80 39.15 25.69
CA ARG C 385 -31.96 39.97 25.97
C ARG C 385 -32.98 39.90 24.84
N SER C 386 -32.52 39.69 23.60
CA SER C 386 -33.39 39.57 22.45
C SER C 386 -33.06 38.27 21.72
N ASN C 387 -34.03 37.80 20.94
CA ASN C 387 -33.86 36.56 20.20
C ASN C 387 -33.91 36.75 18.69
N ARG C 388 -34.24 37.94 18.20
CA ARG C 388 -34.33 38.21 16.77
C ARG C 388 -33.20 39.13 16.36
N LEU C 389 -32.44 38.71 15.35
CA LEU C 389 -31.42 39.55 14.75
C LEU C 389 -31.23 39.11 13.31
N TYR C 390 -31.28 40.07 12.39
CA TYR C 390 -31.14 39.78 10.97
C TYR C 390 -29.71 40.08 10.53
N PHE C 391 -29.21 39.27 9.61
CA PHE C 391 -27.83 39.38 9.15
C PHE C 391 -27.86 39.65 7.65
N LYS C 392 -27.80 40.92 7.26
CA LYS C 392 -27.68 41.28 5.84
C LYS C 392 -26.66 42.41 5.73
N GLY C 393 -25.41 42.05 5.53
CA GLY C 393 -24.36 43.01 5.34
C GLY C 393 -23.22 42.38 4.58
N ILE C 394 -22.06 43.04 4.61
CA ILE C 394 -20.91 42.45 3.97
C ILE C 394 -20.45 41.20 4.72
N MET C 395 -20.69 41.15 6.03
CA MET C 395 -20.23 40.00 6.80
C MET C 395 -21.20 38.83 6.72
N SER C 396 -22.43 39.05 6.24
CA SER C 396 -23.33 37.94 6.02
C SER C 396 -22.89 37.07 4.85
N PHE C 397 -21.95 37.56 4.05
CA PHE C 397 -21.34 36.74 3.00
C PHE C 397 -20.14 35.96 3.48
N TYR C 398 -19.67 36.22 4.70
CA TYR C 398 -18.56 35.47 5.29
C TYR C 398 -18.93 35.04 6.70
N PRO C 399 -19.96 34.20 6.86
CA PRO C 399 -20.40 33.83 8.21
C PRO C 399 -19.38 33.00 8.97
N LEU C 400 -18.49 32.30 8.29
CA LEU C 400 -17.60 31.34 8.93
C LEU C 400 -16.24 31.93 9.28
N VAL C 401 -16.07 33.25 9.17
CA VAL C 401 -14.80 33.87 9.50
C VAL C 401 -14.61 33.84 11.01
N ASN C 402 -13.56 33.15 11.46
CA ASN C 402 -13.21 33.11 12.86
C ASN C 402 -11.89 33.78 13.17
N ASP C 403 -11.37 34.59 12.23
CA ASP C 403 -10.13 35.32 12.42
C ASP C 403 -10.46 36.65 13.08
N VAL C 404 -10.35 36.70 14.41
CA VAL C 404 -10.64 37.93 15.13
C VAL C 404 -9.57 38.97 14.86
N GLU C 405 -8.32 38.54 14.65
CA GLU C 405 -7.23 39.49 14.44
C GLU C 405 -7.44 40.27 13.14
N GLN C 406 -7.87 39.59 12.07
CA GLN C 406 -8.10 40.29 10.81
C GLN C 406 -9.21 41.32 10.95
N LEU C 407 -10.27 40.98 11.68
CA LEU C 407 -11.35 41.94 11.88
C LEU C 407 -10.91 43.10 12.76
N LYS C 408 -10.03 42.84 13.73
CA LYS C 408 -9.46 43.92 14.52
C LYS C 408 -8.67 44.88 13.65
N GLN C 409 -7.86 44.33 12.75
CA GLN C 409 -7.10 45.17 11.82
C GLN C 409 -8.03 45.97 10.91
N LEU C 410 -9.11 45.34 10.45
CA LEU C 410 -10.08 46.03 9.61
C LEU C 410 -10.75 47.17 10.37
N ASP C 411 -11.09 46.95 11.65
CA ASP C 411 -11.69 48.00 12.45
C ASP C 411 -10.73 49.18 12.63
N GLY C 412 -9.47 48.88 12.93
CA GLY C 412 -8.49 49.94 13.04
C GLY C 412 -8.34 50.71 11.73
N TRP C 413 -8.35 49.99 10.61
CA TRP C 413 -8.29 50.64 9.32
C TRP C 413 -9.47 51.56 9.10
N ILE C 414 -10.66 51.11 9.49
CA ILE C 414 -11.86 51.93 9.31
C ILE C 414 -11.74 53.22 10.11
N VAL C 415 -11.33 53.11 11.37
CA VAL C 415 -11.21 54.30 12.20
C VAL C 415 -10.18 55.26 11.63
N SER C 416 -9.01 54.73 11.24
CA SER C 416 -7.96 55.60 10.72
C SER C 416 -8.38 56.27 9.43
N VAL C 417 -9.03 55.53 8.52
CA VAL C 417 -9.46 56.11 7.26
C VAL C 417 -10.52 57.16 7.50
N ILE C 418 -11.41 56.93 8.46
CA ILE C 418 -12.41 57.95 8.79
C ILE C 418 -11.73 59.22 9.27
N TYR C 419 -10.73 59.07 10.15
CA TYR C 419 -10.03 60.25 10.65
C TYR C 419 -9.33 61.00 9.52
N ARG C 420 -8.66 60.28 8.63
CA ARG C 420 -7.92 60.94 7.56
C ARG C 420 -8.86 61.61 6.56
N ALA C 421 -9.98 60.96 6.25
CA ALA C 421 -10.96 61.57 5.37
C ALA C 421 -11.57 62.81 5.98
N LEU C 422 -11.82 62.79 7.30
CA LEU C 422 -12.32 63.99 7.97
C LEU C 422 -11.29 65.11 7.92
N LYS C 423 -10.00 64.78 8.10
CA LYS C 423 -8.97 65.80 8.00
C LYS C 423 -8.93 66.40 6.60
N LEU C 424 -9.04 65.57 5.57
CA LEU C 424 -9.05 66.10 4.21
C LEU C 424 -10.27 66.96 3.96
N ARG C 425 -11.42 66.56 4.51
CA ARG C 425 -12.63 67.37 4.37
C ARG C 425 -12.45 68.72 5.04
N CYS C 426 -11.83 68.75 6.22
CA CYS C 426 -11.56 70.01 6.90
C CYS C 426 -10.62 70.88 6.08
N GLN C 427 -9.58 70.28 5.49
CA GLN C 427 -8.66 71.03 4.66
C GLN C 427 -9.37 71.63 3.46
N LEU C 428 -10.23 70.85 2.81
CA LEU C 428 -10.96 71.36 1.65
C LEU C 428 -11.92 72.47 2.04
N LEU C 429 -12.59 72.33 3.19
CA LEU C 429 -13.47 73.38 3.66
C LEU C 429 -12.69 74.66 3.95
N SER C 430 -11.51 74.54 4.54
CA SER C 430 -10.67 75.71 4.76
C SER C 430 -10.25 76.33 3.43
N LYS C 431 -9.89 75.51 2.46
CA LYS C 431 -9.52 76.01 1.14
C LYS C 431 -10.69 76.69 0.45
N TRP C 432 -11.92 76.31 0.80
CA TRP C 432 -13.11 76.91 0.22
C TRP C 432 -13.60 78.11 0.99
N GLY C 433 -12.92 78.50 2.06
CA GLY C 433 -13.29 79.66 2.83
C GLY C 433 -14.14 79.39 4.05
N TYR C 434 -14.06 78.19 4.64
CA TYR C 434 -14.82 77.85 5.83
C TYR C 434 -13.89 77.20 6.84
N ASN C 435 -13.72 77.84 7.98
CA ASN C 435 -12.93 77.27 9.07
C ASN C 435 -13.86 76.47 9.98
N ARG C 436 -13.64 75.15 10.03
CA ARG C 436 -14.47 74.27 10.83
C ARG C 436 -13.64 73.31 11.68
N SER C 437 -12.35 73.58 11.84
CA SER C 437 -11.47 72.66 12.55
C SER C 437 -11.84 72.49 14.02
N HIS C 438 -12.56 73.45 14.59
CA HIS C 438 -12.95 73.37 15.99
C HIS C 438 -14.32 72.77 16.20
N ASN C 439 -15.03 72.40 15.13
CA ASN C 439 -16.36 71.84 15.26
C ASN C 439 -16.30 70.36 15.59
N PHE C 440 -17.47 69.72 15.70
CA PHE C 440 -17.54 68.36 16.22
C PHE C 440 -16.75 67.35 15.40
N PRO C 441 -17.07 67.08 14.13
CA PRO C 441 -16.44 65.94 13.46
C PRO C 441 -14.96 66.13 13.21
N PHE C 442 -14.48 67.37 13.09
CA PHE C 442 -13.10 67.60 12.70
C PHE C 442 -12.16 67.78 13.88
N ILE C 443 -12.62 68.37 14.99
CA ILE C 443 -11.77 68.56 16.15
C ILE C 443 -11.37 67.24 16.80
N LEU C 444 -12.00 66.14 16.41
CA LEU C 444 -11.75 64.87 17.07
C LEU C 444 -10.39 64.29 16.68
N ASP C 445 -9.67 63.77 17.67
CA ASP C 445 -8.46 63.02 17.40
C ASP C 445 -8.82 61.59 17.03
N ARG C 446 -7.83 60.88 16.47
CA ARG C 446 -8.09 59.50 16.05
C ARG C 446 -8.48 58.62 17.22
N GLU C 447 -7.84 58.82 18.37
CA GLU C 447 -8.16 58.00 19.55
C GLU C 447 -9.58 58.24 20.03
N ASP C 448 -10.03 59.48 19.98
CA ASP C 448 -11.30 59.85 20.59
C ASP C 448 -12.48 59.80 19.63
N ILE C 449 -12.26 59.41 18.37
CA ILE C 449 -13.36 59.37 17.41
C ILE C 449 -14.43 58.38 17.85
N VAL C 450 -14.01 57.16 18.21
CA VAL C 450 -14.98 56.11 18.51
C VAL C 450 -15.78 56.47 19.76
N ASP C 451 -15.10 56.92 20.82
CA ASP C 451 -15.77 57.18 22.08
C ASP C 451 -16.79 58.30 21.94
N LYS C 452 -16.37 59.45 21.41
CA LYS C 452 -17.27 60.58 21.29
C LYS C 452 -18.39 60.30 20.29
N CYS C 453 -18.08 59.57 19.22
CA CYS C 453 -19.12 59.21 18.26
C CYS C 453 -20.15 58.30 18.90
N SER C 454 -19.72 57.37 19.74
CA SER C 454 -20.67 56.53 20.47
C SER C 454 -21.51 57.35 21.43
N LYS C 455 -20.89 58.31 22.12
CA LYS C 455 -21.65 59.15 23.04
C LYS C 455 -22.66 60.03 22.32
N LYS C 456 -22.36 60.41 21.08
CA LYS C 456 -23.26 61.30 20.33
C LYS C 456 -24.61 60.63 20.10
N THR C 457 -25.67 61.40 20.20
CA THR C 457 -27.03 60.90 20.05
C THR C 457 -27.84 61.87 19.21
N ILE C 458 -28.59 61.32 18.25
CA ILE C 458 -29.47 62.10 17.39
C ILE C 458 -30.83 61.42 17.37
N ALA C 459 -31.89 62.17 17.64
CA ALA C 459 -33.27 61.68 17.57
C ALA C 459 -33.47 60.46 18.47
N GLY C 460 -32.83 60.47 19.63
CA GLY C 460 -32.97 59.37 20.56
C GLY C 460 -32.28 58.10 20.16
N ARG C 461 -31.43 58.12 19.13
CA ARG C 461 -30.70 56.95 18.69
C ARG C 461 -29.26 57.34 18.44
N LYS C 462 -28.38 56.34 18.53
CA LYS C 462 -26.95 56.55 18.33
C LYS C 462 -26.60 56.22 16.88
N LEU C 463 -26.87 57.18 16.00
CA LEU C 463 -26.58 57.02 14.58
C LEU C 463 -25.13 57.31 14.24
N PHE C 464 -24.33 57.78 15.19
CA PHE C 464 -22.97 58.20 14.91
C PHE C 464 -21.92 57.20 15.33
N GLU C 465 -22.31 56.09 15.96
CA GLU C 465 -21.34 55.11 16.40
C GLU C 465 -20.61 54.51 15.21
N ILE C 466 -19.30 54.40 15.32
CA ILE C 466 -18.49 53.86 14.23
C ILE C 466 -18.67 52.35 14.23
N PRO C 467 -19.10 51.76 13.12
CA PRO C 467 -19.33 50.31 13.09
C PRO C 467 -18.05 49.52 13.28
N SER C 468 -18.18 48.35 13.89
CA SER C 468 -17.05 47.50 14.22
C SER C 468 -17.29 46.09 13.70
N PHE C 469 -16.25 45.48 13.15
CA PHE C 469 -16.35 44.12 12.62
C PHE C 469 -16.43 43.09 13.75
N LEU C 470 -15.77 43.35 14.88
CA LEU C 470 -15.72 42.35 15.94
C LEU C 470 -17.10 42.08 16.52
N LEU C 471 -17.90 43.14 16.72
CA LEU C 471 -19.22 42.96 17.30
C LEU C 471 -20.10 42.12 16.39
N ILE C 472 -20.14 42.45 15.11
CA ILE C 472 -20.96 41.68 14.18
C ILE C 472 -20.41 40.27 14.05
N HIS C 473 -19.10 40.08 14.25
CA HIS C 473 -18.56 38.72 14.22
C HIS C 473 -19.06 37.92 15.41
N LYS C 474 -19.10 38.52 16.59
CA LYS C 474 -19.66 37.83 17.74
C LYS C 474 -21.12 37.47 17.50
N ALA C 475 -21.87 38.42 16.94
CA ALA C 475 -23.27 38.15 16.61
C ALA C 475 -23.38 37.01 15.61
N LEU C 476 -22.48 36.98 14.62
CA LEU C 476 -22.50 35.92 13.63
C LEU C 476 -22.21 34.56 14.25
N GLN C 477 -21.26 34.51 15.17
CA GLN C 477 -20.96 33.25 15.84
C GLN C 477 -22.16 32.74 16.64
N LYS C 478 -22.79 33.63 17.39
CA LYS C 478 -23.98 33.21 18.14
C LYS C 478 -25.11 32.80 17.21
N GLY C 479 -25.27 33.52 16.10
CA GLY C 479 -26.30 33.16 15.14
C GLY C 479 -26.04 31.83 14.48
N LEU C 480 -24.77 31.51 14.24
CA LEU C 480 -24.43 30.19 13.72
C LEU C 480 -24.77 29.11 14.73
N GLN C 481 -24.48 29.35 16.00
CA GLN C 481 -24.80 28.36 17.02
C GLN C 481 -26.31 28.15 17.13
N GLU C 482 -27.09 29.23 17.10
CA GLU C 482 -28.55 29.13 17.32
C GLU C 482 -29.28 28.79 16.02
N SER C 483 -28.61 28.95 14.87
CA SER C 483 -29.24 28.67 13.55
C SER C 483 -28.15 28.24 12.54
N GLY C 484 -28.41 27.16 11.79
CA GLY C 484 -27.40 26.66 10.83
C GLY C 484 -26.94 27.75 9.87
N ILE C 485 -25.68 27.70 9.46
CA ILE C 485 -25.12 28.73 8.52
C ILE C 485 -26.15 28.99 7.41
N GLU C 486 -26.70 27.93 6.84
CA GLU C 486 -27.67 28.06 5.72
C GLU C 486 -28.50 29.34 5.86
N LYS C 487 -29.24 29.51 6.96
CA LYS C 487 -30.18 30.66 7.04
C LYS C 487 -29.41 31.99 7.12
N ILE C 488 -28.29 32.01 7.85
CA ILE C 488 -27.54 33.28 8.05
C ILE C 488 -27.07 33.81 6.68
N MET C 489 -26.46 32.95 5.86
CA MET C 489 -25.97 33.37 4.52
C MET C 489 -27.01 33.00 3.45
N ASN C 490 -28.24 32.68 3.86
CA ASN C 490 -29.29 32.26 2.88
C ASN C 490 -29.45 33.34 1.81
N PRO C 491 -29.76 34.63 2.10
CA PRO C 491 -29.98 35.60 1.03
C PRO C 491 -28.73 35.79 0.20
N GLN C 492 -27.65 35.12 0.57
CA GLN C 492 -26.36 35.33 -0.14
C GLN C 492 -25.90 33.99 -0.76
N SER C 493 -26.79 33.30 -1.45
CA SER C 493 -26.42 32.03 -2.12
C SER C 493 -26.05 32.30 -3.59
N LEU C 494 -25.39 33.42 -3.88
CA LEU C 494 -25.08 33.73 -5.30
C LEU C 494 -23.57 33.52 -5.54
N ASN C 495 -22.90 34.50 -6.14
CA ASN C 495 -21.46 34.35 -6.46
C ASN C 495 -20.79 35.72 -6.64
N TYR C 496 -19.51 35.83 -6.31
CA TYR C 496 -18.76 37.11 -6.48
C TYR C 496 -19.65 38.28 -6.04
N MET D 1 -44.26 35.20 22.76
CA MET D 1 -42.98 34.53 22.96
C MET D 1 -42.75 33.53 21.82
N LYS D 2 -41.56 33.58 21.22
CA LYS D 2 -41.31 32.80 20.02
C LYS D 2 -41.36 31.31 20.30
N LEU D 3 -40.70 30.87 21.37
CA LEU D 3 -40.66 29.44 21.69
C LEU D 3 -42.05 28.90 22.00
N GLU D 4 -42.82 29.66 22.79
CA GLU D 4 -44.13 29.17 23.23
C GLU D 4 -45.07 29.00 22.04
N GLN D 5 -45.03 29.91 21.08
CA GLN D 5 -45.87 29.75 19.88
C GLN D 5 -45.48 28.50 19.11
N GLN D 6 -44.18 28.24 18.98
CA GLN D 6 -43.73 27.04 18.28
C GLN D 6 -44.22 25.79 18.99
N ILE D 7 -44.11 25.75 20.31
CA ILE D 7 -44.55 24.59 21.07
C ILE D 7 -46.06 24.41 20.94
N GLN D 8 -46.81 25.52 20.98
CA GLN D 8 -48.25 25.45 20.79
C GLN D 8 -48.58 24.82 19.44
N ARG D 9 -47.94 25.31 18.39
CA ARG D 9 -48.22 24.80 17.04
C ARG D 9 -47.89 23.32 16.94
N VAL D 10 -46.74 22.91 17.47
CA VAL D 10 -46.33 21.52 17.35
C VAL D 10 -47.28 20.61 18.11
N ILE D 11 -47.62 20.99 19.34
CA ILE D 11 -48.50 20.17 20.16
C ILE D 11 -49.87 20.06 19.51
N LEU D 12 -50.40 21.18 19.02
CA LEU D 12 -51.72 21.16 18.40
C LEU D 12 -51.71 20.29 17.15
N GLU D 13 -50.66 20.39 16.33
CA GLU D 13 -50.60 19.57 15.12
C GLU D 13 -50.53 18.09 15.46
N GLU D 14 -49.70 17.73 16.45
CA GLU D 14 -49.58 16.33 16.82
C GLU D 14 -50.90 15.78 17.36
N ALA D 15 -51.55 16.54 18.24
CA ALA D 15 -52.82 16.10 18.80
C ALA D 15 -53.88 15.95 17.72
N LYS D 16 -53.95 16.91 16.79
CA LYS D 16 -54.93 16.83 15.72
C LYS D 16 -54.66 15.64 14.81
N ALA D 17 -53.39 15.35 14.54
CA ALA D 17 -53.06 14.18 13.74
C ALA D 17 -53.51 12.91 14.43
N LEU D 18 -53.26 12.78 15.74
CA LEU D 18 -53.68 11.59 16.46
C LEU D 18 -55.20 11.46 16.47
N ILE D 19 -55.90 12.59 16.64
CA ILE D 19 -57.37 12.55 16.64
C ILE D 19 -57.90 12.12 15.29
N LYS D 20 -57.32 12.64 14.21
CA LYS D 20 -57.73 12.22 12.87
C LYS D 20 -57.49 10.73 12.67
N ASP D 21 -56.34 10.24 13.14
CA ASP D 21 -56.06 8.80 13.03
C ASP D 21 -57.10 7.98 13.77
N TYR D 22 -57.47 8.40 14.98
CA TYR D 22 -58.47 7.66 15.74
C TYR D 22 -59.82 7.67 15.05
N HIS D 23 -60.22 8.82 14.51
CA HIS D 23 -61.52 8.89 13.84
C HIS D 23 -61.54 8.02 12.60
N GLU D 24 -60.45 8.03 11.82
CA GLU D 24 -60.35 7.12 10.69
C GLU D 24 -60.43 5.68 11.15
N TYR D 25 -59.75 5.35 12.26
CA TYR D 25 -59.76 3.99 12.77
C TYR D 25 -61.18 3.52 13.07
N HIS D 26 -61.92 4.30 13.84
CA HIS D 26 -63.24 3.81 14.24
C HIS D 26 -64.23 3.84 13.07
N ASN D 27 -64.10 4.81 12.16
CA ASN D 27 -64.97 4.81 10.99
C ASN D 27 -64.72 3.57 10.12
N ARG D 28 -63.46 3.25 9.85
CA ARG D 28 -63.18 2.07 9.05
C ARG D 28 -63.51 0.79 9.80
N VAL D 29 -63.44 0.80 11.13
CA VAL D 29 -63.86 -0.37 11.89
C VAL D 29 -65.35 -0.59 11.72
N HIS D 30 -66.14 0.47 11.76
CA HIS D 30 -67.58 0.33 11.54
C HIS D 30 -67.87 -0.19 10.13
N LEU D 31 -67.17 0.38 9.13
CA LEU D 31 -67.40 -0.06 7.76
C LEU D 31 -67.02 -1.53 7.57
N GLU D 32 -65.88 -1.94 8.12
CA GLU D 32 -65.47 -3.33 8.03
C GLU D 32 -66.40 -4.24 8.81
N SER D 33 -66.99 -3.75 9.91
CA SER D 33 -67.98 -4.54 10.62
C SER D 33 -69.22 -4.77 9.77
N VAL D 34 -69.66 -3.74 9.05
CA VAL D 34 -70.80 -3.91 8.14
C VAL D 34 -70.46 -4.94 7.07
N ARG D 35 -69.27 -4.83 6.48
CA ARG D 35 -68.87 -5.80 5.45
C ARG D 35 -68.77 -7.20 6.03
N ASN D 36 -68.25 -7.32 7.25
CA ASN D 36 -68.12 -8.63 7.89
C ASN D 36 -69.48 -9.26 8.12
N LYS D 37 -70.45 -8.46 8.58
CA LYS D 37 -71.80 -9.00 8.76
C LYS D 37 -72.39 -9.42 7.42
N LYS D 38 -72.13 -8.65 6.36
CA LYS D 38 -72.55 -9.08 5.04
C LYS D 38 -71.78 -10.32 4.56
N ARG D 39 -70.66 -10.65 5.21
CA ARG D 39 -69.85 -11.79 4.84
C ARG D 39 -70.12 -13.02 5.70
N LEU D 40 -69.97 -12.90 7.01
CA LEU D 40 -70.08 -14.04 7.91
C LEU D 40 -71.52 -14.35 8.31
N GLY D 41 -72.49 -13.55 7.88
CA GLY D 41 -73.86 -13.83 8.26
C GLY D 41 -74.07 -13.66 9.75
N ASP D 42 -74.92 -14.52 10.32
CA ASP D 42 -75.30 -14.42 11.72
C ASP D 42 -74.15 -14.71 12.67
N SER D 43 -73.05 -15.29 12.19
CA SER D 43 -71.91 -15.62 13.03
C SER D 43 -70.93 -14.46 13.18
N ALA D 44 -71.19 -13.33 12.54
CA ALA D 44 -70.27 -12.21 12.60
C ALA D 44 -70.23 -11.64 14.01
N PRO D 45 -69.04 -11.38 14.56
CA PRO D 45 -68.97 -10.77 15.89
C PRO D 45 -69.36 -9.31 15.86
N ASP D 46 -69.63 -8.78 17.04
CA ASP D 46 -70.09 -7.39 17.16
C ASP D 46 -68.91 -6.43 17.07
N LYS D 47 -69.24 -5.20 16.67
CA LYS D 47 -68.23 -4.14 16.57
C LYS D 47 -67.63 -3.86 17.94
N LYS D 48 -66.30 -3.77 17.98
CA LYS D 48 -65.58 -3.56 19.24
C LYS D 48 -64.57 -2.42 19.04
N ILE D 49 -64.87 -1.27 19.62
CA ILE D 49 -63.98 -0.11 19.55
C ILE D 49 -63.01 -0.17 20.71
N HIS D 50 -61.72 -0.01 20.41
CA HIS D 50 -60.68 -0.04 21.42
C HIS D 50 -60.01 1.32 21.48
N ARG D 51 -60.10 1.96 22.64
CA ARG D 51 -59.21 3.09 22.87
C ARG D 51 -57.87 2.57 23.38
N PRO D 52 -56.76 3.17 22.96
CA PRO D 52 -55.46 2.69 23.41
C PRO D 52 -55.37 2.69 24.93
N ASN D 53 -54.73 1.66 25.48
CA ASN D 53 -54.73 1.46 26.92
C ASN D 53 -54.05 2.60 27.65
N TYR D 54 -52.94 3.10 27.10
CA TYR D 54 -52.17 4.12 27.80
C TYR D 54 -52.89 5.45 27.90
N TRP D 55 -53.96 5.66 27.12
CA TRP D 55 -54.73 6.89 27.28
C TRP D 55 -55.31 7.00 28.70
N SER D 56 -55.61 5.86 29.32
CA SER D 56 -56.07 5.87 30.70
C SER D 56 -54.93 6.01 31.71
N PHE D 57 -53.69 5.74 31.29
CA PHE D 57 -52.57 5.86 32.21
C PHE D 57 -52.36 7.30 32.66
N ASP D 58 -52.49 8.25 31.74
CA ASP D 58 -52.36 9.66 32.06
C ASP D 58 -53.14 10.48 31.05
N LYS D 59 -53.66 11.62 31.50
CA LYS D 59 -54.49 12.45 30.63
C LYS D 59 -53.69 13.04 29.49
N LYS D 60 -52.42 13.39 29.74
CA LYS D 60 -51.60 13.96 28.68
C LYS D 60 -51.33 12.97 27.55
N PHE D 61 -51.49 11.66 27.79
CA PHE D 61 -51.43 10.71 26.70
C PHE D 61 -52.61 10.86 25.76
N ASP D 62 -53.77 11.24 26.29
CA ASP D 62 -54.98 11.33 25.48
C ASP D 62 -54.86 12.51 24.53
N PRO D 63 -54.97 12.30 23.22
CA PRO D 63 -54.99 13.43 22.29
C PRO D 63 -56.14 14.38 22.53
N PHE D 64 -57.30 13.87 22.96
CA PHE D 64 -58.45 14.75 23.19
C PHE D 64 -58.20 15.68 24.36
N TYR D 65 -57.63 15.17 25.45
CA TYR D 65 -57.33 16.04 26.58
C TYR D 65 -56.28 17.08 26.22
N VAL D 66 -55.25 16.67 25.47
CA VAL D 66 -54.22 17.63 25.07
C VAL D 66 -54.80 18.72 24.19
N LYS D 67 -55.63 18.33 23.22
CA LYS D 67 -56.30 19.32 22.39
C LYS D 67 -57.24 20.19 23.20
N SER D 68 -57.74 19.68 24.33
CA SER D 68 -58.61 20.47 25.19
C SER D 68 -57.87 21.68 25.74
N ASN D 69 -56.79 21.44 26.47
CA ASN D 69 -55.94 22.51 27.00
C ASN D 69 -54.51 22.27 26.53
N TYR D 70 -54.21 22.77 25.33
CA TYR D 70 -52.85 22.72 24.82
C TYR D 70 -52.10 24.03 25.03
N LYS D 71 -52.82 25.14 25.10
CA LYS D 71 -52.16 26.41 25.40
C LYS D 71 -51.54 26.40 26.78
N SER D 72 -52.26 25.88 27.77
CA SER D 72 -51.71 25.80 29.12
C SER D 72 -50.50 24.89 29.18
N ILE D 73 -50.58 23.73 28.50
CA ILE D 73 -49.47 22.79 28.51
C ILE D 73 -48.25 23.42 27.86
N ALA D 74 -48.44 24.09 26.72
CA ALA D 74 -47.32 24.72 26.03
C ALA D 74 -46.73 25.84 26.87
N ARG D 75 -47.58 26.63 27.53
CA ARG D 75 -47.10 27.70 28.39
C ARG D 75 -46.24 27.15 29.51
N SER D 76 -46.72 26.10 30.18
CA SER D 76 -45.95 25.50 31.26
C SER D 76 -44.65 24.89 30.75
N ILE D 77 -44.69 24.25 29.58
CA ILE D 77 -43.49 23.64 29.03
C ILE D 77 -42.45 24.71 28.71
N ALA D 78 -42.87 25.81 28.08
CA ALA D 78 -41.94 26.88 27.77
C ALA D 78 -41.36 27.50 29.04
N ASN D 79 -42.21 27.71 30.04
CA ASN D 79 -41.73 28.28 31.30
C ASN D 79 -40.71 27.36 31.96
N LYS D 80 -40.96 26.04 31.93
CA LYS D 80 -40.03 25.10 32.53
C LYS D 80 -38.73 25.01 31.73
N ILE D 81 -38.83 25.09 30.41
CA ILE D 81 -37.62 25.00 29.57
C ILE D 81 -36.72 26.20 29.81
N GLU D 82 -37.31 27.40 29.83
CA GLU D 82 -36.50 28.58 30.04
C GLU D 82 -35.99 28.72 31.46
N ASN D 83 -36.55 27.98 32.41
CA ASN D 83 -36.01 27.90 33.76
C ASN D 83 -34.98 26.79 33.91
N ARG D 84 -34.70 26.04 32.84
CA ARG D 84 -33.77 24.91 32.88
C ARG D 84 -34.18 23.88 33.92
N THR D 85 -35.49 23.73 34.13
CA THR D 85 -36.03 22.74 35.04
C THR D 85 -36.95 21.74 34.36
N TYR D 86 -37.12 21.83 33.05
CA TYR D 86 -38.02 20.94 32.33
C TYR D 86 -37.48 19.52 32.34
N LEU D 87 -38.37 18.56 32.54
CA LEU D 87 -38.03 17.14 32.53
C LEU D 87 -39.20 16.35 31.97
N PRO D 88 -38.98 15.57 30.91
CA PRO D 88 -40.09 14.82 30.32
C PRO D 88 -40.64 13.79 31.29
N ASN D 89 -41.96 13.61 31.24
CA ASN D 89 -42.61 12.64 32.11
C ASN D 89 -42.28 11.22 31.65
N GLU D 90 -42.48 10.27 32.55
CA GLU D 90 -42.13 8.89 32.28
C GLU D 90 -42.97 8.34 31.13
N PRO D 91 -42.38 7.72 30.14
CA PRO D 91 -43.15 7.16 29.03
C PRO D 91 -43.82 5.85 29.43
N PHE D 92 -44.69 5.37 28.55
CA PHE D 92 -45.32 4.06 28.72
C PHE D 92 -44.55 3.06 27.86
N THR D 93 -43.84 2.16 28.51
CA THR D 93 -43.03 1.15 27.83
C THR D 93 -43.82 -0.14 27.74
N LYS D 94 -43.83 -0.74 26.56
CA LYS D 94 -44.50 -2.01 26.34
C LYS D 94 -43.55 -2.98 25.66
N ASP D 95 -43.85 -4.27 25.81
CA ASP D 95 -43.00 -5.33 25.27
C ASP D 95 -43.43 -5.60 23.83
N VAL D 96 -42.88 -4.80 22.92
CA VAL D 96 -43.16 -5.03 21.50
C VAL D 96 -42.55 -6.36 21.08
N PRO D 97 -43.23 -7.15 20.26
CA PRO D 97 -42.73 -8.49 19.95
C PRO D 97 -41.52 -8.44 19.02
N LYS D 98 -40.44 -9.07 19.45
CA LYS D 98 -39.24 -9.23 18.63
C LYS D 98 -38.78 -10.69 18.71
N PRO D 99 -39.59 -11.62 18.18
CA PRO D 99 -39.22 -13.04 18.31
C PRO D 99 -37.90 -13.38 17.64
N ASP D 100 -37.48 -12.59 16.65
CA ASP D 100 -36.17 -12.79 16.04
C ASP D 100 -35.06 -12.62 17.07
N GLY D 101 -35.21 -11.66 17.97
CA GLY D 101 -34.21 -11.42 18.99
C GLY D 101 -34.75 -11.44 20.41
N GLY D 102 -35.85 -12.17 20.63
CA GLY D 102 -36.44 -12.25 21.95
C GLY D 102 -37.54 -11.23 22.17
N ILE D 103 -37.20 -10.13 22.83
CA ILE D 103 -38.14 -9.05 23.08
C ILE D 103 -37.44 -7.73 22.79
N ARG D 104 -38.24 -6.69 22.52
CA ARG D 104 -37.71 -5.34 22.36
C ARG D 104 -38.52 -4.39 23.23
N LYS D 105 -37.84 -3.36 23.73
CA LYS D 105 -38.43 -2.39 24.65
C LYS D 105 -38.68 -1.10 23.90
N VAL D 106 -39.95 -0.81 23.62
CA VAL D 106 -40.35 0.43 22.98
C VAL D 106 -41.05 1.31 24.02
N SER D 107 -40.95 2.62 23.83
CA SER D 107 -41.49 3.58 24.78
C SER D 107 -42.38 4.57 24.04
N ILE D 108 -43.56 4.84 24.59
CA ILE D 108 -44.50 5.80 24.05
C ILE D 108 -44.49 7.00 25.01
N TYR D 109 -43.84 8.08 24.60
CA TYR D 109 -43.79 9.26 25.43
C TYR D 109 -45.13 9.99 25.41
N GLN D 110 -45.34 10.82 26.42
CA GLN D 110 -46.55 11.63 26.46
C GLN D 110 -46.56 12.62 25.32
N ILE D 111 -47.77 13.04 24.93
CA ILE D 111 -47.91 13.89 23.75
C ILE D 111 -47.11 15.18 23.86
N PRO D 112 -47.14 15.92 24.97
CA PRO D 112 -46.30 17.13 25.04
C PRO D 112 -44.81 16.84 24.91
N ASP D 113 -44.31 15.84 25.63
CA ASP D 113 -42.88 15.52 25.54
C ASP D 113 -42.51 15.01 24.16
N ALA D 114 -43.37 14.18 23.56
CA ALA D 114 -43.10 13.71 22.21
C ALA D 114 -43.08 14.86 21.22
N ALA D 115 -43.99 15.83 21.38
CA ALA D 115 -44.01 16.99 20.51
C ALA D 115 -42.74 17.82 20.67
N ILE D 116 -42.29 18.01 21.91
CA ILE D 116 -41.06 18.78 22.14
C ILE D 116 -39.87 18.07 21.51
N SER D 117 -39.81 16.74 21.67
CA SER D 117 -38.72 15.99 21.07
C SER D 117 -38.75 16.10 19.56
N LYS D 118 -39.94 16.02 18.96
CA LYS D 118 -40.05 16.15 17.51
C LYS D 118 -39.60 17.53 17.04
N LEU D 119 -40.01 18.57 17.76
CA LEU D 119 -39.64 19.92 17.37
C LEU D 119 -38.13 20.13 17.43
N PHE D 120 -37.51 19.69 18.53
CA PHE D 120 -36.07 19.90 18.66
C PHE D 120 -35.29 18.98 17.73
N PHE D 121 -35.82 17.80 17.44
CA PHE D 121 -35.20 16.94 16.43
C PHE D 121 -35.25 17.59 15.06
N ASN D 122 -36.38 18.20 14.71
CA ASN D 122 -36.47 18.90 13.44
C ASN D 122 -35.45 20.02 13.36
N ARG D 123 -35.35 20.81 14.42
CA ARG D 123 -34.39 21.91 14.43
C ARG D 123 -32.96 21.41 14.28
N LEU D 124 -32.58 20.42 15.10
CA LEU D 124 -31.22 19.92 15.08
C LEU D 124 -30.87 19.30 13.73
N LEU D 125 -31.79 18.53 13.16
CA LEU D 125 -31.55 17.96 11.85
C LEU D 125 -31.42 19.04 10.79
N ALA D 126 -32.27 20.07 10.86
CA ALA D 126 -32.21 21.14 9.87
C ALA D 126 -30.87 21.84 9.90
N LYS D 127 -30.37 22.16 11.09
CA LYS D 127 -29.13 22.93 11.16
C LYS D 127 -27.88 22.07 11.13
N ASN D 128 -28.00 20.74 11.05
CA ASN D 128 -26.83 19.87 11.09
C ASN D 128 -26.80 18.79 10.03
N ARG D 129 -27.84 18.62 9.22
CA ARG D 129 -27.87 17.52 8.27
C ARG D 129 -26.79 17.64 7.21
N HIS D 130 -26.26 18.85 6.98
CA HIS D 130 -25.16 18.99 6.04
C HIS D 130 -23.88 18.36 6.54
N ARG D 131 -23.80 18.04 7.83
CA ARG D 131 -22.62 17.36 8.38
C ARG D 131 -22.76 15.84 8.38
N PHE D 132 -23.97 15.33 8.29
CA PHE D 132 -24.17 13.89 8.23
C PHE D 132 -23.64 13.34 6.93
N SER D 133 -23.08 12.13 6.98
CA SER D 133 -22.59 11.50 5.78
C SER D 133 -23.73 11.25 4.80
N SER D 134 -23.44 11.39 3.52
CA SER D 134 -24.46 11.14 2.51
C SER D 134 -24.88 9.67 2.46
N PHE D 135 -24.13 8.79 3.11
CA PHE D 135 -24.41 7.36 3.11
C PHE D 135 -25.12 6.90 4.38
N SER D 136 -25.66 7.82 5.17
CA SER D 136 -26.50 7.48 6.31
C SER D 136 -27.94 7.78 5.93
N TYR D 137 -28.74 6.73 5.75
CA TYR D 137 -30.06 6.85 5.16
C TYR D 137 -31.19 6.71 6.18
N ALA D 138 -30.87 6.82 7.46
CA ALA D 138 -31.86 6.57 8.51
C ALA D 138 -32.27 7.88 9.15
N TYR D 139 -33.58 8.09 9.29
CA TYR D 139 -34.14 9.19 10.05
C TYR D 139 -33.73 10.55 9.46
N ARG D 140 -34.01 10.74 8.18
CA ARG D 140 -33.66 11.96 7.49
C ARG D 140 -34.79 12.37 6.55
N ASN D 141 -34.88 13.66 6.27
CA ASN D 141 -35.82 14.17 5.29
C ASN D 141 -35.21 14.28 3.91
N ASP D 142 -33.96 13.88 3.73
CA ASP D 142 -33.29 13.91 2.44
C ASP D 142 -32.71 12.56 2.04
N ARG D 143 -32.81 11.55 2.89
CA ARG D 143 -32.28 10.22 2.60
C ARG D 143 -33.33 9.17 2.90
N ASN D 144 -33.42 8.18 2.01
CA ASN D 144 -34.39 7.10 2.08
C ASN D 144 -33.66 5.77 2.03
N VAL D 145 -34.39 4.70 2.35
CA VAL D 145 -33.81 3.38 2.18
C VAL D 145 -33.64 3.08 0.70
N HIS D 146 -34.50 3.65 -0.14
CA HIS D 146 -34.43 3.37 -1.57
C HIS D 146 -33.21 4.00 -2.20
N PHE D 147 -32.77 5.16 -1.72
CA PHE D 147 -31.52 5.72 -2.20
C PHE D 147 -30.36 4.78 -1.89
N ALA D 148 -30.35 4.21 -0.68
CA ALA D 148 -29.31 3.26 -0.32
C ALA D 148 -29.33 2.04 -1.22
N ILE D 149 -30.53 1.51 -1.50
CA ILE D 149 -30.62 0.32 -2.33
C ILE D 149 -30.17 0.65 -3.75
N GLN D 150 -30.53 1.82 -4.25
CA GLN D 150 -30.08 2.22 -5.59
C GLN D 150 -28.57 2.32 -5.65
N ASP D 151 -27.96 2.96 -4.64
CA ASP D 151 -26.51 3.09 -4.61
C ASP D 151 -25.84 1.72 -4.58
N ILE D 152 -26.32 0.83 -3.71
CA ILE D 152 -25.73 -0.50 -3.60
C ILE D 152 -25.87 -1.24 -4.91
N SER D 153 -27.05 -1.19 -5.52
CA SER D 153 -27.28 -1.91 -6.76
C SER D 153 -26.38 -1.41 -7.88
N VAL D 154 -26.27 -0.09 -8.02
CA VAL D 154 -25.42 0.46 -9.07
C VAL D 154 -23.97 0.05 -8.85
N ASP D 155 -23.48 0.20 -7.62
CA ASP D 155 -22.08 -0.13 -7.38
C ASP D 155 -21.80 -1.62 -7.55
N LEU D 156 -22.72 -2.48 -7.14
CA LEU D 156 -22.55 -3.90 -7.35
C LEU D 156 -22.56 -4.25 -8.83
N LYS D 157 -23.43 -3.60 -9.60
CA LYS D 157 -23.49 -3.88 -11.03
C LYS D 157 -22.25 -3.40 -11.75
N LYS D 158 -21.57 -2.38 -11.23
CA LYS D 158 -20.37 -1.89 -11.89
C LYS D 158 -19.30 -2.98 -11.99
N ASN D 159 -19.08 -3.72 -10.92
CA ASN D 159 -18.02 -4.74 -10.87
C ASN D 159 -18.63 -6.13 -10.83
N GLU D 160 -17.76 -7.13 -10.69
CA GLU D 160 -18.18 -8.52 -10.63
C GLU D 160 -17.86 -9.20 -9.32
N ARG D 161 -16.79 -8.79 -8.63
CA ARG D 161 -16.38 -9.41 -7.37
C ARG D 161 -16.26 -8.32 -6.33
N THR D 162 -17.02 -8.43 -5.26
CA THR D 162 -17.05 -7.41 -4.20
C THR D 162 -16.91 -8.09 -2.85
N PHE D 163 -16.19 -7.44 -1.95
CA PHE D 163 -16.01 -7.93 -0.59
C PHE D 163 -17.02 -7.23 0.31
N LEU D 164 -17.90 -8.01 0.93
CA LEU D 164 -18.93 -7.43 1.79
C LEU D 164 -18.54 -7.53 3.25
N ALA D 165 -19.28 -6.80 4.08
CA ALA D 165 -19.12 -6.87 5.53
C ALA D 165 -20.40 -6.33 6.13
N GLU D 166 -21.18 -7.20 6.76
CA GLU D 166 -22.47 -6.84 7.34
C GLU D 166 -22.36 -6.90 8.85
N PHE D 167 -22.78 -5.83 9.51
CA PHE D 167 -22.69 -5.74 10.96
C PHE D 167 -23.97 -5.14 11.53
N ASP D 168 -24.51 -5.79 12.55
CA ASP D 168 -25.61 -5.24 13.33
C ASP D 168 -25.15 -5.08 14.76
N PHE D 169 -25.41 -3.92 15.34
CA PHE D 169 -25.05 -3.69 16.73
C PHE D 169 -26.04 -4.38 17.65
N SER D 170 -25.52 -4.95 18.75
CA SER D 170 -26.33 -5.79 19.62
C SER D 170 -27.55 -5.03 20.13
N ASP D 171 -27.32 -3.94 20.86
CA ASP D 171 -28.39 -3.06 21.31
C ASP D 171 -27.92 -1.64 21.02
N PHE D 172 -28.20 -1.15 19.82
CA PHE D 172 -27.65 0.13 19.40
C PHE D 172 -28.21 1.27 20.23
N PHE D 173 -29.54 1.34 20.36
CA PHE D 173 -30.14 2.46 21.07
C PHE D 173 -29.88 2.39 22.57
N GLY D 174 -29.79 1.19 23.13
CA GLY D 174 -29.72 1.02 24.56
C GLY D 174 -28.34 0.85 25.15
N SER D 175 -27.27 1.14 24.42
CA SER D 175 -25.94 1.00 24.98
C SER D 175 -24.99 2.12 24.60
N ILE D 176 -25.51 3.27 24.17
CA ILE D 176 -24.66 4.41 23.87
C ILE D 176 -24.20 5.04 25.18
N SER D 177 -22.90 5.18 25.37
CA SER D 177 -22.37 5.79 26.57
C SER D 177 -22.63 7.29 26.54
N HIS D 178 -23.14 7.83 27.65
CA HIS D 178 -23.50 9.25 27.68
C HIS D 178 -22.26 10.13 27.65
N SER D 179 -21.14 9.65 28.17
CA SER D 179 -19.90 10.42 28.06
C SER D 179 -19.52 10.62 26.60
N PHE D 180 -19.63 9.57 25.80
CA PHE D 180 -19.33 9.67 24.38
C PHE D 180 -20.25 10.69 23.71
N LEU D 181 -21.54 10.63 23.99
CA LEU D 181 -22.48 11.55 23.38
C LEU D 181 -22.16 12.99 23.77
N ASN D 182 -21.93 13.24 25.06
CA ASN D 182 -21.61 14.59 25.49
C ASN D 182 -20.29 15.08 24.94
N GLU D 183 -19.36 14.18 24.61
CA GLU D 183 -18.15 14.58 23.94
C GLU D 183 -18.37 14.87 22.45
N GLN D 184 -19.34 14.21 21.83
CA GLN D 184 -19.59 14.39 20.41
C GLN D 184 -20.23 15.73 20.08
N PHE D 185 -20.77 16.44 21.07
CA PHE D 185 -21.51 17.67 20.78
C PHE D 185 -20.63 18.79 20.25
N ASN D 186 -19.32 18.71 20.46
CA ASN D 186 -18.40 19.78 20.05
C ASN D 186 -17.47 19.32 18.93
N GLU D 187 -17.93 18.43 18.07
CA GLU D 187 -17.12 17.86 17.02
C GLU D 187 -17.80 18.03 15.68
N ASN D 188 -17.02 17.84 14.61
CA ASN D 188 -17.52 17.84 13.24
C ASN D 188 -18.23 19.14 12.86
N GLY D 189 -17.99 20.21 13.60
CA GLY D 189 -18.69 21.45 13.33
C GLY D 189 -20.18 21.35 13.53
N PHE D 190 -20.62 20.61 14.54
CA PHE D 190 -22.04 20.51 14.85
C PHE D 190 -22.51 21.78 15.53
N TYR D 191 -23.64 22.31 15.08
CA TYR D 191 -24.20 23.54 15.63
C TYR D 191 -25.37 23.17 16.51
N ILE D 192 -25.11 23.02 17.80
CA ILE D 192 -26.14 22.72 18.79
C ILE D 192 -26.18 23.86 19.80
N SER D 193 -27.29 24.56 19.84
CA SER D 193 -27.44 25.67 20.77
C SER D 193 -27.54 25.16 22.20
N PRO D 194 -27.24 25.99 23.19
CA PRO D 194 -27.35 25.54 24.58
C PRO D 194 -28.74 25.06 24.95
N GLU D 195 -29.79 25.65 24.36
CA GLU D 195 -31.13 25.17 24.64
C GLU D 195 -31.34 23.76 24.13
N GLU D 196 -30.91 23.48 22.90
CA GLU D 196 -31.02 22.14 22.36
C GLU D 196 -30.16 21.16 23.15
N LYS D 197 -28.97 21.59 23.57
CA LYS D 197 -28.12 20.72 24.38
C LYS D 197 -28.79 20.38 25.70
N PHE D 198 -29.41 21.37 26.35
CA PHE D 198 -30.11 21.11 27.59
C PHE D 198 -31.28 20.17 27.37
N ILE D 199 -32.02 20.34 26.27
CA ILE D 199 -33.14 19.45 26.00
C ILE D 199 -32.64 18.02 25.79
N ILE D 200 -31.57 17.87 25.03
CA ILE D 200 -31.01 16.54 24.78
C ILE D 200 -30.61 15.89 26.10
N ARG D 201 -29.89 16.63 26.95
CA ARG D 201 -29.51 16.08 28.25
C ARG D 201 -30.73 15.77 29.11
N SER D 202 -31.80 16.56 28.95
CA SER D 202 -33.02 16.30 29.69
C SER D 202 -33.62 14.96 29.29
N PHE D 203 -33.62 14.65 28.00
CA PHE D 203 -34.19 13.38 27.56
C PHE D 203 -33.32 12.19 27.92
N LEU D 204 -32.08 12.41 28.36
CA LEU D 204 -31.19 11.32 28.74
C LEU D 204 -31.02 11.20 30.25
N ARG D 205 -31.75 11.98 31.04
CA ARG D 205 -31.49 12.03 32.47
C ARG D 205 -32.01 10.81 33.21
N GLU D 206 -33.14 10.24 32.76
CA GLU D 206 -33.72 9.12 33.48
C GLU D 206 -32.79 7.91 33.49
N ARG D 207 -32.16 7.62 32.36
CA ARG D 207 -31.25 6.49 32.23
C ARG D 207 -29.81 6.93 32.42
N LYS D 208 -28.92 5.94 32.53
CA LYS D 208 -27.50 6.20 32.67
C LYS D 208 -26.68 5.74 31.47
N VAL D 209 -27.29 5.00 30.55
CA VAL D 209 -26.61 4.58 29.32
C VAL D 209 -27.67 4.33 28.27
N GLY D 210 -27.34 4.64 27.03
CA GLY D 210 -28.27 4.48 25.92
C GLY D 210 -29.23 5.64 25.81
N ILE D 211 -29.93 5.67 24.67
CA ILE D 211 -30.87 6.74 24.36
C ILE D 211 -32.29 6.17 24.37
N PRO D 212 -33.32 6.97 24.63
CA PRO D 212 -34.67 6.43 24.68
C PRO D 212 -35.13 5.91 23.33
N GLN D 213 -36.09 5.00 23.38
CA GLN D 213 -36.59 4.31 22.21
C GLN D 213 -38.01 4.81 21.92
N GLY D 214 -38.18 5.48 20.79
CA GLY D 214 -39.48 5.98 20.40
C GLY D 214 -39.62 7.48 20.39
N THR D 215 -38.57 8.24 20.65
CA THR D 215 -38.61 9.70 20.53
C THR D 215 -37.84 10.13 19.30
N SER D 216 -38.24 11.28 18.75
CA SER D 216 -37.58 11.78 17.56
C SER D 216 -36.15 12.20 17.85
N ILE D 217 -35.90 12.77 19.03
CA ILE D 217 -34.57 13.26 19.36
C ILE D 217 -33.57 12.11 19.39
N SER D 218 -34.02 10.91 19.75
CA SER D 218 -33.13 9.77 19.75
C SER D 218 -32.65 9.43 18.35
N LEU D 219 -33.46 9.72 17.33
CA LEU D 219 -33.04 9.48 15.96
C LEU D 219 -31.86 10.38 15.59
N PHE D 220 -31.95 11.66 15.93
CA PHE D 220 -30.83 12.56 15.68
C PHE D 220 -29.61 12.15 16.50
N LEU D 221 -29.82 11.71 17.74
CA LEU D 221 -28.69 11.26 18.55
C LEU D 221 -28.02 10.04 17.93
N ALA D 222 -28.81 9.12 17.40
CA ALA D 222 -28.24 7.94 16.74
C ALA D 222 -27.45 8.34 15.50
N ASN D 223 -28.00 9.26 14.70
CA ASN D 223 -27.28 9.72 13.51
C ASN D 223 -25.98 10.41 13.89
N LEU D 224 -26.02 11.23 14.95
CA LEU D 224 -24.83 11.95 15.37
C LEU D 224 -23.78 11.02 15.97
N THR D 225 -24.21 9.92 16.60
CA THR D 225 -23.27 9.03 17.25
C THR D 225 -22.31 8.40 16.24
N CYS D 226 -22.84 7.97 15.10
CA CYS D 226 -22.03 7.32 14.07
C CYS D 226 -21.53 8.32 13.03
N TRP D 227 -20.91 9.41 13.47
CA TRP D 227 -20.28 10.33 12.54
C TRP D 227 -18.80 10.06 12.36
N LYS D 228 -18.09 9.76 13.45
CA LYS D 228 -16.68 9.40 13.34
C LYS D 228 -16.51 8.10 12.58
N LEU D 229 -17.41 7.14 12.81
CA LEU D 229 -17.37 5.90 12.05
C LEU D 229 -17.57 6.15 10.56
N ASP D 230 -18.54 6.99 10.22
CA ASP D 230 -18.80 7.31 8.82
C ASP D 230 -17.60 7.99 8.18
N GLN D 231 -17.00 8.96 8.89
CA GLN D 231 -15.82 9.64 8.36
C GLN D 231 -14.66 8.68 8.16
N ASP D 232 -14.43 7.78 9.13
CA ASP D 232 -13.34 6.83 9.00
C ASP D 232 -13.56 5.89 7.83
N LEU D 233 -14.79 5.39 7.67
CA LEU D 233 -15.08 4.50 6.54
C LEU D 233 -14.91 5.22 5.22
N GLU D 234 -15.37 6.47 5.14
CA GLU D 234 -15.17 7.24 3.91
C GLU D 234 -13.70 7.44 3.61
N ARG D 235 -12.91 7.79 4.64
CA ARG D 235 -11.49 8.03 4.43
C ARG D 235 -10.73 6.75 4.11
N GLU D 236 -11.29 5.59 4.44
CA GLU D 236 -10.67 4.34 4.00
C GLU D 236 -10.90 4.08 2.51
N GLY D 237 -11.83 4.77 1.89
CA GLY D 237 -12.13 4.55 0.50
C GLY D 237 -13.13 3.45 0.23
N VAL D 238 -13.73 2.87 1.26
CA VAL D 238 -14.74 1.85 1.07
C VAL D 238 -16.09 2.52 0.85
N LYS D 239 -16.98 1.81 0.16
CA LYS D 239 -18.35 2.24 0.02
C LYS D 239 -19.19 1.54 1.08
N PHE D 240 -20.05 2.29 1.76
CA PHE D 240 -20.89 1.72 2.80
C PHE D 240 -22.26 2.36 2.72
N SER D 241 -23.19 1.83 3.52
CA SER D 241 -24.55 2.36 3.58
C SER D 241 -25.11 1.98 4.93
N ARG D 242 -25.15 2.94 5.86
CA ARG D 242 -25.64 2.70 7.20
C ARG D 242 -27.09 3.13 7.29
N TYR D 243 -27.93 2.24 7.83
CA TYR D 243 -29.33 2.54 8.11
C TYR D 243 -29.58 2.14 9.56
N ALA D 244 -29.50 3.11 10.46
CA ALA D 244 -29.60 2.88 11.91
C ALA D 244 -28.43 1.97 12.28
N ASP D 245 -28.66 0.82 12.90
CA ASP D 245 -27.55 -0.06 13.24
C ASP D 245 -27.13 -0.92 12.06
N ASP D 246 -28.05 -1.27 11.17
CA ASP D 246 -27.74 -2.12 10.02
C ASP D 246 -26.73 -1.43 9.11
N THR D 247 -25.52 -1.96 9.07
CA THR D 247 -24.43 -1.39 8.28
C THR D 247 -24.00 -2.40 7.23
N ILE D 248 -23.84 -1.94 6.00
CA ILE D 248 -23.27 -2.73 4.92
C ILE D 248 -22.04 -1.99 4.40
N ILE D 249 -20.93 -2.71 4.28
CA ILE D 249 -19.69 -2.16 3.73
C ILE D 249 -19.24 -3.06 2.60
N TRP D 250 -18.96 -2.48 1.45
CA TRP D 250 -18.47 -3.24 0.31
C TRP D 250 -17.36 -2.48 -0.37
N SER D 251 -16.32 -3.20 -0.76
CA SER D 251 -15.19 -2.62 -1.48
C SER D 251 -14.57 -3.70 -2.36
N GLN D 252 -13.75 -3.26 -3.30
CA GLN D 252 -13.12 -4.16 -4.24
C GLN D 252 -11.83 -4.78 -3.71
N GLU D 253 -11.40 -4.40 -2.51
CA GLU D 253 -10.14 -4.86 -1.95
C GLU D 253 -10.37 -5.52 -0.59
N TYR D 254 -9.64 -6.60 -0.35
CA TYR D 254 -9.74 -7.30 0.93
C TYR D 254 -9.16 -6.47 2.07
N SER D 255 -8.05 -5.79 1.81
CA SER D 255 -7.41 -5.00 2.85
C SER D 255 -8.33 -3.88 3.34
N LYS D 256 -9.02 -3.22 2.41
CA LYS D 256 -9.95 -2.16 2.80
C LYS D 256 -11.06 -2.70 3.68
N ILE D 257 -11.57 -3.89 3.36
CA ILE D 257 -12.67 -4.44 4.15
C ILE D 257 -12.18 -4.91 5.51
N CYS D 258 -10.95 -5.41 5.60
CA CYS D 258 -10.40 -5.75 6.91
C CYS D 258 -10.21 -4.49 7.76
N ASN D 259 -9.72 -3.41 7.14
CA ASN D 259 -9.60 -2.16 7.86
C ASN D 259 -10.96 -1.62 8.27
N ALA D 260 -11.99 -1.85 7.45
CA ALA D 260 -13.34 -1.44 7.84
C ALA D 260 -13.81 -2.23 9.05
N PHE D 261 -13.52 -3.53 9.09
CA PHE D 261 -13.84 -4.32 10.27
C PHE D 261 -13.15 -3.74 11.50
N ASN D 262 -11.86 -3.43 11.36
CA ASN D 262 -11.12 -2.88 12.50
C ASN D 262 -11.69 -1.54 12.92
N ILE D 263 -12.09 -0.71 11.96
CA ILE D 263 -12.66 0.60 12.26
C ILE D 263 -13.97 0.46 13.02
N ILE D 264 -14.83 -0.46 12.58
CA ILE D 264 -16.09 -0.66 13.28
C ILE D 264 -15.84 -1.19 14.69
N THR D 265 -14.87 -2.10 14.83
CA THR D 265 -14.55 -2.60 16.16
C THR D 265 -14.05 -1.49 17.07
N ASN D 266 -13.19 -0.61 16.56
CA ASN D 266 -12.69 0.50 17.36
C ASN D 266 -13.83 1.45 17.73
N PHE D 267 -14.73 1.73 16.79
CA PHE D 267 -15.87 2.59 17.10
C PHE D 267 -16.75 1.97 18.16
N SER D 268 -16.98 0.66 18.09
CA SER D 268 -17.78 -0.01 19.10
C SER D 268 -17.12 0.07 20.47
N LYS D 269 -15.80 -0.12 20.51
CA LYS D 269 -15.08 0.01 21.78
C LYS D 269 -15.12 1.44 22.30
N SER D 270 -15.18 2.42 21.40
CA SER D 270 -15.23 3.81 21.83
C SER D 270 -16.60 4.20 22.34
N ALA D 271 -17.67 3.68 21.73
CA ALA D 271 -19.03 4.05 22.08
C ALA D 271 -19.74 3.01 22.94
N GLY D 272 -19.17 1.81 23.09
CA GLY D 272 -19.77 0.81 23.94
C GLY D 272 -20.92 0.05 23.33
N ILE D 273 -21.10 0.12 22.02
CA ILE D 273 -22.17 -0.60 21.33
C ILE D 273 -21.51 -1.81 20.66
N LYS D 274 -21.50 -2.93 21.37
CA LYS D 274 -20.89 -4.14 20.85
C LYS D 274 -21.71 -4.69 19.69
N ILE D 275 -21.03 -5.26 18.70
CA ILE D 275 -21.71 -5.81 17.54
C ILE D 275 -22.40 -7.12 17.92
N ASN D 276 -23.45 -7.46 17.17
CA ASN D 276 -24.21 -8.67 17.43
C ASN D 276 -23.64 -9.80 16.60
N PRO D 277 -23.01 -10.81 17.22
CA PRO D 277 -22.42 -11.90 16.42
C PRO D 277 -23.43 -12.68 15.59
N LYS D 278 -24.66 -12.84 16.08
CA LYS D 278 -25.64 -13.65 15.36
C LYS D 278 -26.14 -12.94 14.12
N LYS D 279 -26.47 -11.65 14.23
CA LYS D 279 -27.00 -10.92 13.08
C LYS D 279 -25.91 -10.56 12.07
N SER D 280 -24.70 -10.30 12.54
CA SER D 280 -23.62 -9.87 11.65
C SER D 280 -23.07 -11.07 10.90
N GLU D 281 -23.15 -11.03 9.57
CA GLU D 281 -22.68 -12.14 8.75
C GLU D 281 -21.18 -12.17 8.60
N GLY D 282 -20.49 -11.09 8.94
CA GLY D 282 -19.06 -11.03 8.79
C GLY D 282 -18.66 -10.65 7.37
N ILE D 283 -17.41 -10.95 7.04
CA ILE D 283 -16.83 -10.60 5.76
C ILE D 283 -17.10 -11.72 4.77
N SER D 284 -17.68 -11.37 3.63
CA SER D 284 -18.00 -12.35 2.59
C SER D 284 -17.43 -11.90 1.26
N LEU D 285 -17.78 -12.59 0.19
CA LEU D 285 -17.33 -12.23 -1.15
C LEU D 285 -18.51 -12.40 -2.10
N LEU D 286 -19.04 -11.29 -2.60
CA LEU D 286 -20.21 -11.31 -3.46
C LEU D 286 -19.75 -11.49 -4.91
N THR D 287 -19.94 -12.69 -5.44
CA THR D 287 -19.59 -13.00 -6.81
C THR D 287 -20.86 -13.14 -7.65
N LYS D 288 -20.68 -13.56 -8.90
CA LYS D 288 -21.82 -13.86 -9.76
C LYS D 288 -22.36 -15.23 -9.39
N LYS D 289 -23.26 -15.77 -10.22
CA LYS D 289 -23.95 -17.00 -9.85
C LYS D 289 -23.00 -18.20 -9.79
N GLY D 290 -22.06 -18.28 -10.72
CA GLY D 290 -21.23 -19.48 -10.79
C GLY D 290 -19.73 -19.23 -10.78
N LEU D 291 -19.31 -18.04 -10.39
CA LEU D 291 -17.89 -17.73 -10.34
C LEU D 291 -17.24 -18.43 -9.15
N PRO D 292 -16.11 -19.10 -9.34
CA PRO D 292 -15.43 -19.72 -8.20
C PRO D 292 -14.91 -18.65 -7.23
N SER D 293 -14.91 -18.99 -5.95
CA SER D 293 -14.49 -18.07 -4.91
C SER D 293 -13.48 -18.74 -4.00
N GLU D 294 -12.53 -17.94 -3.52
CA GLU D 294 -11.45 -18.44 -2.68
C GLU D 294 -11.76 -18.36 -1.20
N ILE D 295 -12.70 -17.51 -0.79
CA ILE D 295 -13.11 -17.37 0.60
C ILE D 295 -14.62 -17.54 0.66
N THR D 296 -15.17 -17.36 1.86
CA THR D 296 -16.60 -17.51 2.06
C THR D 296 -17.38 -16.65 1.09
N SER D 297 -18.28 -17.28 0.34
CA SER D 297 -18.93 -16.65 -0.80
C SER D 297 -20.45 -16.67 -0.65
N LYS D 298 -21.08 -15.64 -1.19
CA LYS D 298 -22.53 -15.57 -1.31
C LYS D 298 -22.87 -14.93 -2.64
N ASN D 299 -23.97 -15.38 -3.24
CA ASN D 299 -24.39 -14.86 -4.53
C ASN D 299 -25.33 -13.66 -4.41
N ASN D 300 -25.92 -13.44 -3.24
CA ASN D 300 -26.79 -12.30 -3.02
C ASN D 300 -26.80 -11.97 -1.53
N LEU D 301 -27.16 -10.73 -1.21
CA LEU D 301 -27.27 -10.30 0.18
C LEU D 301 -28.58 -9.54 0.38
N ASP D 302 -29.00 -9.46 1.64
CA ASP D 302 -30.27 -8.87 2.02
C ASP D 302 -30.02 -7.53 2.70
N PHE D 303 -30.82 -6.53 2.34
CA PHE D 303 -30.68 -5.21 2.95
C PHE D 303 -32.04 -4.52 2.92
N LEU D 304 -32.74 -4.51 4.06
CA LEU D 304 -33.98 -3.77 4.25
C LEU D 304 -35.03 -4.15 3.21
N GLY D 305 -35.41 -5.42 3.24
CA GLY D 305 -36.47 -5.89 2.39
C GLY D 305 -36.10 -6.14 0.94
N TYR D 306 -34.85 -5.92 0.58
CA TYR D 306 -34.36 -6.19 -0.77
C TYR D 306 -33.30 -7.26 -0.70
N THR D 307 -33.36 -8.21 -1.63
CA THR D 307 -32.29 -9.19 -1.81
C THR D 307 -31.48 -8.75 -3.03
N LEU D 308 -30.30 -8.20 -2.79
CA LEU D 308 -29.48 -7.63 -3.84
C LEU D 308 -28.45 -8.66 -4.30
N SER D 309 -28.39 -8.89 -5.60
CA SER D 309 -27.35 -9.68 -6.22
C SER D 309 -26.50 -8.78 -7.10
N VAL D 310 -25.54 -9.37 -7.79
CA VAL D 310 -24.69 -8.59 -8.69
C VAL D 310 -25.49 -8.10 -9.89
N GLU D 311 -26.40 -8.93 -10.39
CA GLU D 311 -27.09 -8.61 -11.64
C GLU D 311 -28.38 -7.84 -11.43
N ASN D 312 -29.18 -8.20 -10.43
CA ASN D 312 -30.52 -7.62 -10.30
C ASN D 312 -30.90 -7.47 -8.84
N VAL D 313 -31.88 -6.59 -8.61
CA VAL D 313 -32.43 -6.34 -7.29
C VAL D 313 -33.76 -7.07 -7.18
N SER D 314 -33.95 -7.81 -6.09
CA SER D 314 -35.15 -8.61 -5.90
C SER D 314 -35.68 -8.43 -4.49
N ILE D 315 -36.97 -8.73 -4.34
CA ILE D 315 -37.60 -8.65 -3.02
C ILE D 315 -36.97 -9.68 -2.09
N LYS D 316 -36.79 -9.29 -0.83
CA LYS D 316 -36.29 -10.21 0.17
C LYS D 316 -37.25 -11.40 0.32
N GLU D 317 -36.67 -12.57 0.57
CA GLU D 317 -37.49 -13.78 0.62
C GLU D 317 -38.51 -13.71 1.74
N LYS D 318 -38.14 -13.15 2.88
CA LYS D 318 -39.09 -12.99 3.97
C LYS D 318 -40.22 -12.05 3.58
N SER D 319 -39.90 -10.99 2.84
CA SER D 319 -40.94 -10.08 2.38
C SER D 319 -41.84 -10.76 1.33
N VAL D 320 -41.25 -11.62 0.50
CA VAL D 320 -42.07 -12.38 -0.44
C VAL D 320 -43.02 -13.31 0.32
N LYS D 321 -42.53 -13.91 1.39
CA LYS D 321 -43.40 -14.75 2.22
C LYS D 321 -44.50 -13.92 2.86
N LYS D 322 -44.19 -12.70 3.28
CA LYS D 322 -45.22 -11.82 3.82
C LYS D 322 -46.28 -11.51 2.76
N ILE D 323 -45.85 -11.22 1.54
CA ILE D 323 -46.80 -10.96 0.46
C ILE D 323 -47.68 -12.17 0.21
N LYS D 324 -47.07 -13.35 0.16
CA LYS D 324 -47.83 -14.58 -0.05
C LYS D 324 -48.82 -14.80 1.07
N LYS D 325 -48.39 -14.57 2.32
CA LYS D 325 -49.29 -14.72 3.46
C LYS D 325 -50.47 -13.79 3.34
N GLN D 326 -50.23 -12.53 2.98
CA GLN D 326 -51.31 -11.56 2.89
C GLN D 326 -52.30 -11.94 1.80
N ILE D 327 -51.79 -12.27 0.61
CA ILE D 327 -52.69 -12.60 -0.49
C ILE D 327 -53.47 -13.87 -0.21
N SER D 328 -52.78 -14.90 0.29
CA SER D 328 -53.45 -16.16 0.60
C SER D 328 -54.48 -15.97 1.69
N TYR D 329 -54.19 -15.12 2.69
CA TYR D 329 -55.17 -14.89 3.73
C TYR D 329 -56.37 -14.13 3.20
N ILE D 330 -56.15 -13.20 2.28
CA ILE D 330 -57.28 -12.51 1.67
C ILE D 330 -58.19 -13.51 0.97
N LEU D 331 -57.60 -14.42 0.20
CA LEU D 331 -58.39 -15.43 -0.48
C LEU D 331 -59.10 -16.34 0.51
N TYR D 332 -58.40 -16.79 1.55
CA TYR D 332 -59.00 -17.67 2.54
C TYR D 332 -60.14 -16.97 3.30
N ARG D 333 -59.96 -15.70 3.62
CA ARG D 333 -60.94 -14.97 4.38
C ARG D 333 -62.19 -14.68 3.57
N ASN D 334 -62.02 -14.36 2.29
CA ASN D 334 -63.19 -14.02 1.48
C ASN D 334 -63.80 -15.21 0.75
N LEU D 335 -63.15 -16.37 0.76
CA LEU D 335 -63.65 -17.52 0.02
C LEU D 335 -63.94 -18.73 0.90
N ILE D 336 -63.03 -19.08 1.78
CA ILE D 336 -63.08 -20.35 2.49
C ILE D 336 -63.55 -20.17 3.93
N GLN D 337 -63.00 -19.19 4.64
CA GLN D 337 -63.31 -19.03 6.06
C GLN D 337 -64.79 -18.91 6.36
N PRO D 338 -65.60 -18.13 5.61
CA PRO D 338 -67.04 -18.11 5.91
C PRO D 338 -67.69 -19.48 5.79
N LEU D 339 -67.20 -20.35 4.91
CA LEU D 339 -67.81 -21.65 4.72
C LEU D 339 -67.37 -22.68 5.75
N LYS D 340 -66.42 -22.36 6.61
CA LYS D 340 -65.98 -23.27 7.65
C LYS D 340 -66.72 -23.06 8.96
N LYS D 341 -67.67 -22.13 9.00
CA LYS D 341 -68.44 -21.89 10.21
C LYS D 341 -69.45 -23.02 10.43
N THR D 342 -70.02 -23.04 11.64
CA THR D 342 -71.00 -24.07 11.98
C THR D 342 -72.27 -23.93 11.15
N SER D 343 -72.70 -22.71 10.89
CA SER D 343 -73.91 -22.46 10.12
C SER D 343 -73.62 -21.46 9.01
N LEU D 344 -74.38 -21.56 7.93
CA LEU D 344 -74.26 -20.64 6.79
C LEU D 344 -75.39 -19.62 6.76
N ALA D 345 -76.08 -19.42 7.87
CA ALA D 345 -77.20 -18.50 7.91
C ALA D 345 -76.73 -17.06 7.70
N GLY D 346 -77.46 -16.32 6.88
CA GLY D 346 -77.14 -14.95 6.58
C GLY D 346 -76.05 -14.74 5.56
N GLN D 347 -75.52 -15.81 4.98
CA GLN D 347 -74.47 -15.71 3.97
C GLN D 347 -75.09 -15.87 2.58
N THR D 348 -74.52 -15.16 1.61
CA THR D 348 -74.99 -15.26 0.24
C THR D 348 -74.27 -16.42 -0.46
N ILE D 349 -75.05 -17.39 -0.91
CA ILE D 349 -74.50 -18.56 -1.61
C ILE D 349 -74.36 -18.21 -3.08
N PRO D 350 -73.20 -18.44 -3.69
CA PRO D 350 -73.02 -18.11 -5.10
C PRO D 350 -74.02 -18.85 -5.97
N ALA D 351 -74.58 -18.14 -6.94
CA ALA D 351 -75.55 -18.72 -7.85
C ALA D 351 -75.61 -17.87 -9.10
N ASN D 352 -76.13 -18.48 -10.17
CA ASN D 352 -76.27 -17.81 -11.47
C ASN D 352 -74.95 -17.26 -11.97
N ASP D 353 -73.86 -17.97 -11.69
CA ASP D 353 -72.51 -17.57 -12.12
C ASP D 353 -72.15 -16.19 -11.60
N ARG D 354 -72.55 -15.90 -10.36
CA ARG D 354 -72.28 -14.61 -9.73
C ARG D 354 -71.82 -14.88 -8.29
N ASP D 355 -70.51 -14.99 -8.11
CA ASP D 355 -69.91 -15.17 -6.79
C ASP D 355 -69.36 -13.83 -6.34
N LYS D 356 -70.15 -13.09 -5.56
CA LYS D 356 -69.71 -11.78 -5.09
C LYS D 356 -68.49 -11.90 -4.20
N ASN D 357 -68.36 -13.00 -3.46
CA ASN D 357 -67.20 -13.18 -2.59
C ASN D 357 -65.92 -13.29 -3.41
N PHE D 358 -65.98 -13.97 -4.54
CA PHE D 358 -64.81 -14.01 -5.43
C PHE D 358 -64.47 -12.63 -5.95
N LEU D 359 -65.48 -11.85 -6.34
CA LEU D 359 -65.24 -10.49 -6.79
C LEU D 359 -64.64 -9.65 -5.67
N ILE D 360 -65.14 -9.79 -4.44
CA ILE D 360 -64.60 -9.04 -3.32
C ILE D 360 -63.15 -9.41 -3.08
N ALA D 361 -62.84 -10.71 -3.13
CA ALA D 361 -61.47 -11.15 -2.90
C ALA D 361 -60.53 -10.61 -3.97
N ILE D 362 -60.95 -10.66 -5.23
CA ILE D 362 -60.10 -10.16 -6.30
C ILE D 362 -59.89 -8.66 -6.16
N CYS D 363 -60.96 -7.92 -5.85
CA CYS D 363 -60.83 -6.48 -5.68
C CYS D 363 -59.91 -6.14 -4.51
N GLU D 364 -60.02 -6.89 -3.41
CA GLU D 364 -59.16 -6.62 -2.27
C GLU D 364 -57.71 -6.99 -2.55
N ILE D 365 -57.48 -8.04 -3.35
CA ILE D 365 -56.11 -8.35 -3.76
C ILE D 365 -55.55 -7.22 -4.61
N ARG D 366 -56.34 -6.72 -5.55
CA ARG D 366 -55.90 -5.60 -6.38
C ARG D 366 -55.60 -4.37 -5.53
N ARG D 367 -56.45 -4.11 -4.54
CA ARG D 367 -56.20 -3.00 -3.63
C ARG D 367 -54.90 -3.19 -2.87
N TYR D 368 -54.65 -4.41 -2.39
CA TYR D 368 -53.41 -4.68 -1.66
C TYR D 368 -52.19 -4.52 -2.56
N MET D 369 -52.28 -5.01 -3.79
CA MET D 369 -51.11 -5.12 -4.65
C MET D 369 -50.96 -3.91 -5.57
N TYR D 370 -51.96 -3.66 -6.42
CA TYR D 370 -51.93 -2.45 -7.24
C TYR D 370 -52.26 -1.21 -6.43
N GLY D 371 -53.26 -1.29 -5.57
CA GLY D 371 -53.82 -0.11 -4.95
C GLY D 371 -55.14 0.34 -5.54
N GLY D 372 -55.79 -0.49 -6.35
CA GLY D 372 -57.03 -0.12 -6.98
C GLY D 372 -56.92 0.23 -8.45
N LEU D 373 -55.74 0.10 -9.04
CA LEU D 373 -55.55 0.47 -10.44
C LEU D 373 -56.01 -0.66 -11.35
N SER D 374 -56.84 -0.34 -12.33
CA SER D 374 -57.20 -1.31 -13.34
C SER D 374 -56.03 -1.50 -14.31
N LYS D 375 -56.01 -2.65 -14.98
CA LYS D 375 -54.98 -2.90 -15.97
C LYS D 375 -55.06 -1.91 -17.11
N SER D 376 -56.26 -1.41 -17.43
CA SER D 376 -56.40 -0.41 -18.48
C SER D 376 -55.64 0.86 -18.13
N GLN D 377 -55.73 1.32 -16.89
CA GLN D 377 -55.03 2.52 -16.49
C GLN D 377 -53.52 2.35 -16.60
N ILE D 378 -53.00 1.21 -16.14
CA ILE D 378 -51.57 0.98 -16.17
C ILE D 378 -51.08 0.88 -17.62
N LYS D 379 -51.84 0.19 -18.47
CA LYS D 379 -51.45 0.10 -19.88
C LYS D 379 -51.50 1.47 -20.55
N ASP D 380 -52.50 2.28 -20.21
CA ASP D 380 -52.58 3.63 -20.75
C ASP D 380 -51.37 4.45 -20.34
N TYR D 381 -50.96 4.35 -19.08
CA TYR D 381 -49.78 5.06 -18.62
C TYR D 381 -48.54 4.57 -19.35
N LEU D 382 -48.41 3.26 -19.53
CA LEU D 382 -47.24 2.71 -20.21
C LEU D 382 -47.17 3.20 -21.65
N SER D 383 -48.30 3.21 -22.35
CA SER D 383 -48.31 3.65 -23.74
C SER D 383 -48.04 5.13 -23.89
N GLY D 384 -48.10 5.91 -22.81
CA GLY D 384 -48.03 7.34 -22.90
C GLY D 384 -49.36 8.01 -23.18
N ARG D 385 -50.44 7.25 -23.31
CA ARG D 385 -51.75 7.84 -23.51
C ARG D 385 -52.14 8.73 -22.34
N SER D 386 -51.68 8.40 -21.15
CA SER D 386 -51.97 9.18 -19.95
C SER D 386 -50.66 9.53 -19.26
N ASN D 387 -50.70 10.58 -18.45
CA ASN D 387 -49.53 11.06 -17.74
C ASN D 387 -49.64 10.95 -16.22
N ARG D 388 -50.81 10.65 -15.68
CA ARG D 388 -51.02 10.55 -14.25
C ARG D 388 -51.23 9.11 -13.85
N LEU D 389 -50.45 8.64 -12.89
CA LEU D 389 -50.63 7.33 -12.30
C LEU D 389 -50.13 7.39 -10.86
N TYR D 390 -50.92 6.84 -9.94
CA TYR D 390 -50.57 6.86 -8.52
C TYR D 390 -50.12 5.47 -8.10
N PHE D 391 -49.00 5.40 -7.40
CA PHE D 391 -48.39 4.15 -6.97
C PHE D 391 -48.55 4.03 -5.47
N LYS D 392 -49.58 3.32 -5.01
CA LYS D 392 -49.69 2.99 -3.59
C LYS D 392 -50.24 1.56 -3.48
N GLY D 393 -49.32 0.61 -3.37
CA GLY D 393 -49.65 -0.78 -3.17
C GLY D 393 -48.50 -1.47 -2.49
N ILE D 394 -48.46 -2.79 -2.51
CA ILE D 394 -47.29 -3.48 -1.96
C ILE D 394 -46.06 -3.21 -2.81
N MET D 395 -46.25 -2.91 -4.09
CA MET D 395 -45.11 -2.68 -4.97
C MET D 395 -44.48 -1.32 -4.74
N SER D 396 -45.25 -0.35 -4.25
CA SER D 396 -44.69 0.98 -4.00
C SER D 396 -43.65 0.96 -2.88
N PHE D 397 -43.60 -0.11 -2.10
CA PHE D 397 -42.57 -0.27 -1.09
C PHE D 397 -41.31 -0.92 -1.62
N TYR D 398 -41.34 -1.42 -2.85
CA TYR D 398 -40.15 -1.97 -3.52
C TYR D 398 -40.08 -1.41 -4.93
N PRO D 399 -39.89 -0.10 -5.07
CA PRO D 399 -39.88 0.49 -6.42
C PRO D 399 -38.68 0.10 -7.25
N LEU D 400 -37.57 -0.30 -6.64
CA LEU D 400 -36.34 -0.55 -7.35
C LEU D 400 -36.16 -2.00 -7.75
N VAL D 401 -37.16 -2.85 -7.53
CA VAL D 401 -37.05 -4.26 -7.91
C VAL D 401 -37.02 -4.36 -9.42
N ASN D 402 -35.92 -4.89 -9.96
CA ASN D 402 -35.79 -5.13 -11.39
C ASN D 402 -35.73 -6.61 -11.74
N ASP D 403 -36.09 -7.48 -10.80
CA ASP D 403 -36.09 -8.92 -11.04
C ASP D 403 -37.43 -9.29 -11.64
N VAL D 404 -37.48 -9.37 -12.98
CA VAL D 404 -38.73 -9.73 -13.65
C VAL D 404 -39.06 -11.19 -13.42
N GLU D 405 -38.05 -12.05 -13.28
CA GLU D 405 -38.30 -13.48 -13.09
C GLU D 405 -39.02 -13.74 -11.76
N GLN D 406 -38.61 -13.05 -10.70
CA GLN D 406 -39.27 -13.24 -9.41
C GLN D 406 -40.73 -12.81 -9.47
N LEU D 407 -41.01 -11.70 -10.16
CA LEU D 407 -42.39 -11.26 -10.30
C LEU D 407 -43.19 -12.21 -11.16
N LYS D 408 -42.56 -12.82 -12.17
CA LYS D 408 -43.25 -13.83 -12.97
C LYS D 408 -43.63 -15.02 -12.10
N GLN D 409 -42.70 -15.47 -11.25
CA GLN D 409 -43.01 -16.58 -10.34
C GLN D 409 -44.11 -16.19 -9.37
N LEU D 410 -44.09 -14.95 -8.89
CA LEU D 410 -45.15 -14.50 -7.98
C LEU D 410 -46.51 -14.48 -8.67
N ASP D 411 -46.55 -14.04 -9.93
CA ASP D 411 -47.80 -14.04 -10.68
C ASP D 411 -48.33 -15.45 -10.87
N GLY D 412 -47.44 -16.38 -11.24
CA GLY D 412 -47.86 -17.76 -11.36
C GLY D 412 -48.38 -18.31 -10.05
N TRP D 413 -47.72 -17.97 -8.94
CA TRP D 413 -48.20 -18.38 -7.63
C TRP D 413 -49.58 -17.84 -7.34
N ILE D 414 -49.81 -16.56 -7.69
CA ILE D 414 -51.12 -15.96 -7.43
C ILE D 414 -52.20 -16.70 -8.19
N VAL D 415 -51.95 -16.97 -9.48
CA VAL D 415 -52.97 -17.65 -10.29
C VAL D 415 -53.24 -19.04 -9.74
N SER D 416 -52.18 -19.79 -9.42
CA SER D 416 -52.36 -21.14 -8.93
C SER D 416 -53.10 -21.17 -7.60
N VAL D 417 -52.75 -20.26 -6.70
CA VAL D 417 -53.42 -20.22 -5.39
C VAL D 417 -54.87 -19.83 -5.56
N ILE D 418 -55.16 -18.92 -6.49
CA ILE D 418 -56.56 -18.56 -6.75
C ILE D 418 -57.33 -19.78 -7.23
N TYR D 419 -56.74 -20.55 -8.15
CA TYR D 419 -57.42 -21.74 -8.65
C TYR D 419 -57.67 -22.75 -7.54
N ARG D 420 -56.67 -22.97 -6.70
CA ARG D 420 -56.81 -23.98 -5.66
C ARG D 420 -57.82 -23.54 -4.59
N ALA D 421 -57.80 -22.25 -4.24
CA ALA D 421 -58.78 -21.75 -3.29
C ALA D 421 -60.19 -21.84 -3.84
N LEU D 422 -60.35 -21.57 -5.14
CA LEU D 422 -61.66 -21.74 -5.76
C LEU D 422 -62.10 -23.19 -5.74
N LYS D 423 -61.18 -24.12 -5.97
CA LYS D 423 -61.52 -25.54 -5.90
C LYS D 423 -61.96 -25.92 -4.48
N LEU D 424 -61.26 -25.43 -3.47
CA LEU D 424 -61.65 -25.72 -2.10
C LEU D 424 -63.00 -25.12 -1.78
N ARG D 425 -63.27 -23.91 -2.28
CA ARG D 425 -64.58 -23.30 -2.08
C ARG D 425 -65.68 -24.13 -2.72
N CYS D 426 -65.43 -24.64 -3.93
CA CYS D 426 -66.41 -25.50 -4.59
C CYS D 426 -66.65 -26.77 -3.78
N GLN D 427 -65.58 -27.37 -3.26
CA GLN D 427 -65.73 -28.57 -2.46
C GLN D 427 -66.54 -28.30 -1.21
N LEU D 428 -66.28 -27.18 -0.54
CA LEU D 428 -67.03 -26.83 0.66
C LEU D 428 -68.49 -26.56 0.35
N LEU D 429 -68.76 -25.89 -0.76
CA LEU D 429 -70.14 -25.65 -1.17
C LEU D 429 -70.86 -26.96 -1.45
N SER D 430 -70.18 -27.89 -2.12
CA SER D 430 -70.77 -29.21 -2.35
C SER D 430 -71.05 -29.91 -1.03
N LYS D 431 -70.10 -29.83 -0.08
CA LYS D 431 -70.30 -30.46 1.21
C LYS D 431 -71.44 -29.80 1.98
N TRP D 432 -71.74 -28.54 1.68
CA TRP D 432 -72.82 -27.82 2.34
C TRP D 432 -74.17 -27.99 1.63
N GLY D 433 -74.20 -28.73 0.53
CA GLY D 433 -75.43 -28.98 -0.18
C GLY D 433 -75.69 -28.09 -1.39
N TYR D 434 -74.64 -27.53 -1.99
CA TYR D 434 -74.79 -26.68 -3.16
C TYR D 434 -73.80 -27.12 -4.22
N ASN D 435 -74.30 -27.57 -5.36
CA ASN D 435 -73.46 -27.94 -6.49
C ASN D 435 -73.26 -26.72 -7.37
N ARG D 436 -72.02 -26.25 -7.46
CA ARG D 436 -71.71 -25.05 -8.25
C ARG D 436 -70.51 -25.25 -9.16
N SER D 437 -70.10 -26.51 -9.36
CA SER D 437 -68.88 -26.77 -10.14
C SER D 437 -69.01 -26.32 -11.59
N HIS D 438 -70.22 -26.21 -12.10
CA HIS D 438 -70.43 -25.81 -13.49
C HIS D 438 -70.62 -24.31 -13.66
N ASN D 439 -70.64 -23.54 -12.57
CA ASN D 439 -70.85 -22.11 -12.65
C ASN D 439 -69.56 -21.40 -13.04
N PHE D 440 -69.61 -20.07 -13.06
CA PHE D 440 -68.51 -19.29 -13.63
C PHE D 440 -67.19 -19.47 -12.87
N PRO D 441 -67.10 -19.07 -11.60
CA PRO D 441 -65.76 -19.01 -10.97
C PRO D 441 -65.12 -20.37 -10.79
N PHE D 442 -65.90 -21.44 -10.72
CA PHE D 442 -65.37 -22.75 -10.38
C PHE D 442 -65.10 -23.63 -11.60
N ILE D 443 -65.88 -23.50 -12.66
CA ILE D 443 -65.68 -24.31 -13.86
C ILE D 443 -64.37 -23.97 -14.57
N LEU D 444 -63.71 -22.88 -14.19
CA LEU D 444 -62.52 -22.45 -14.89
C LEU D 444 -61.34 -23.34 -14.56
N ASP D 445 -60.54 -23.66 -15.59
CA ASP D 445 -59.28 -24.33 -15.38
C ASP D 445 -58.22 -23.30 -15.01
N ARG D 446 -57.08 -23.79 -14.52
CA ARG D 446 -56.00 -22.89 -14.11
C ARG D 446 -55.49 -22.08 -15.28
N GLU D 447 -55.40 -22.72 -16.46
CA GLU D 447 -54.87 -22.00 -17.63
C GLU D 447 -55.81 -20.89 -18.09
N ASP D 448 -57.11 -21.07 -17.92
CA ASP D 448 -58.09 -20.14 -18.47
C ASP D 448 -58.61 -19.13 -17.47
N ILE D 449 -58.07 -19.11 -16.25
CA ILE D 449 -58.59 -18.18 -15.24
C ILE D 449 -58.35 -16.75 -15.66
N VAL D 450 -57.10 -16.43 -16.03
CA VAL D 450 -56.77 -15.06 -16.39
C VAL D 450 -57.48 -14.65 -17.67
N ASP D 451 -57.47 -15.52 -18.67
CA ASP D 451 -58.03 -15.18 -19.97
C ASP D 451 -59.51 -14.88 -19.88
N LYS D 452 -60.26 -15.71 -19.17
CA LYS D 452 -61.70 -15.49 -19.06
C LYS D 452 -62.01 -14.37 -18.08
N CYS D 453 -61.24 -14.25 -17.00
CA CYS D 453 -61.48 -13.20 -16.03
C CYS D 453 -61.22 -11.81 -16.61
N SER D 454 -60.29 -11.71 -17.57
CA SER D 454 -60.08 -10.42 -18.23
C SER D 454 -61.29 -10.01 -19.03
N LYS D 455 -61.93 -10.95 -19.73
CA LYS D 455 -63.09 -10.62 -20.54
C LYS D 455 -64.30 -10.26 -19.67
N LYS D 456 -64.42 -10.86 -18.49
CA LYS D 456 -65.56 -10.61 -17.63
C LYS D 456 -65.66 -9.14 -17.27
N THR D 457 -66.85 -8.57 -17.39
CA THR D 457 -67.08 -7.15 -17.17
C THR D 457 -68.29 -6.95 -16.28
N ILE D 458 -68.16 -6.08 -15.29
CA ILE D 458 -69.26 -5.70 -14.41
C ILE D 458 -69.32 -4.18 -14.33
N ALA D 459 -70.51 -3.62 -14.54
CA ALA D 459 -70.73 -2.17 -14.45
C ALA D 459 -69.80 -1.41 -15.38
N GLY D 460 -69.59 -1.95 -16.58
CA GLY D 460 -68.73 -1.29 -17.56
C GLY D 460 -67.27 -1.24 -17.19
N ARG D 461 -66.83 -2.01 -16.21
CA ARG D 461 -65.43 -2.05 -15.82
C ARG D 461 -65.02 -3.50 -15.63
N LYS D 462 -63.72 -3.75 -15.78
CA LYS D 462 -63.17 -5.09 -15.63
C LYS D 462 -62.63 -5.25 -14.22
N LEU D 463 -63.54 -5.57 -13.29
CA LEU D 463 -63.18 -5.77 -11.89
C LEU D 463 -62.72 -7.19 -11.60
N PHE D 464 -62.74 -8.08 -12.59
CA PHE D 464 -62.41 -9.47 -12.38
C PHE D 464 -61.03 -9.87 -12.87
N GLU D 465 -60.30 -8.95 -13.52
CA GLU D 465 -58.98 -9.29 -14.02
C GLU D 465 -58.05 -9.64 -12.86
N ILE D 466 -57.31 -10.73 -13.01
CA ILE D 466 -56.38 -11.15 -11.98
C ILE D 466 -55.17 -10.22 -12.05
N PRO D 467 -54.83 -9.53 -10.98
CA PRO D 467 -53.74 -8.56 -11.04
C PRO D 467 -52.39 -9.25 -11.17
N SER D 468 -51.47 -8.57 -11.85
CA SER D 468 -50.18 -9.13 -12.20
C SER D 468 -49.05 -8.21 -11.73
N PHE D 469 -47.99 -8.81 -11.21
CA PHE D 469 -46.86 -8.03 -10.73
C PHE D 469 -46.07 -7.40 -11.87
N LEU D 470 -45.99 -8.08 -13.02
CA LEU D 470 -45.14 -7.59 -14.11
C LEU D 470 -45.64 -6.25 -14.64
N LEU D 471 -46.96 -6.10 -14.78
CA LEU D 471 -47.51 -4.86 -15.31
C LEU D 471 -47.19 -3.68 -14.39
N ILE D 472 -47.46 -3.85 -13.10
CA ILE D 472 -47.18 -2.77 -12.17
C ILE D 472 -45.68 -2.55 -12.05
N HIS D 473 -44.87 -3.57 -12.32
CA HIS D 473 -43.43 -3.35 -12.35
C HIS D 473 -43.01 -2.48 -13.52
N LYS D 474 -43.61 -2.72 -14.69
CA LYS D 474 -43.34 -1.85 -15.83
C LYS D 474 -43.75 -0.42 -15.52
N ALA D 475 -44.92 -0.26 -14.89
CA ALA D 475 -45.36 1.07 -14.49
C ALA D 475 -44.39 1.69 -13.50
N LEU D 476 -43.86 0.90 -12.57
CA LEU D 476 -42.89 1.39 -11.61
C LEU D 476 -41.62 1.87 -12.30
N GLN D 477 -41.14 1.12 -13.28
CA GLN D 477 -39.93 1.52 -14.00
C GLN D 477 -40.15 2.83 -14.75
N LYS D 478 -41.28 2.94 -15.44
CA LYS D 478 -41.54 4.19 -16.16
C LYS D 478 -41.72 5.35 -15.19
N GLY D 479 -42.38 5.08 -14.07
CA GLY D 479 -42.55 6.13 -13.06
C GLY D 479 -41.19 6.59 -12.59
N LEU D 480 -40.34 5.64 -12.25
CA LEU D 480 -38.98 6.00 -11.77
C LEU D 480 -38.28 6.88 -12.82
N GLN D 481 -38.36 6.50 -14.10
CA GLN D 481 -37.59 7.26 -15.12
C GLN D 481 -38.17 8.67 -15.23
N GLU D 482 -39.44 8.85 -14.90
CA GLU D 482 -40.09 10.18 -15.10
C GLU D 482 -40.20 10.93 -13.77
N SER D 483 -40.60 10.25 -12.70
CA SER D 483 -40.83 10.96 -11.42
C SER D 483 -39.60 10.86 -10.51
N GLY D 484 -39.02 9.66 -10.40
CA GLY D 484 -37.86 9.48 -9.51
C GLY D 484 -38.26 8.79 -8.22
N ILE D 485 -37.33 8.07 -7.60
CA ILE D 485 -37.67 7.28 -6.38
C ILE D 485 -38.55 8.12 -5.44
N GLU D 486 -38.11 9.33 -5.07
CA GLU D 486 -38.87 10.14 -4.09
C GLU D 486 -40.36 10.10 -4.42
N LYS D 487 -40.77 10.77 -5.50
CA LYS D 487 -42.21 10.87 -5.83
C LYS D 487 -42.83 9.47 -5.86
N ILE D 488 -42.17 8.51 -6.50
CA ILE D 488 -42.76 7.14 -6.63
C ILE D 488 -43.16 6.66 -5.22
N MET D 489 -42.20 6.61 -4.29
CA MET D 489 -42.53 6.08 -2.95
C MET D 489 -43.04 7.21 -2.05
N ASN D 490 -43.22 8.42 -2.60
CA ASN D 490 -43.79 9.53 -1.79
C ASN D 490 -45.07 9.04 -1.11
N PRO D 491 -46.13 8.54 -1.81
CA PRO D 491 -47.29 8.02 -1.11
C PRO D 491 -46.89 6.83 -0.27
N GLN D 492 -45.99 5.99 -0.79
CA GLN D 492 -45.60 4.75 -0.07
C GLN D 492 -45.11 5.15 1.33
N SER D 493 -44.33 6.23 1.43
CA SER D 493 -43.76 6.63 2.74
C SER D 493 -43.26 5.39 3.47
N LEU D 494 -42.33 4.65 2.86
CA LEU D 494 -41.80 3.40 3.47
C LEU D 494 -41.67 3.53 4.99
N ASN D 495 -40.99 4.59 5.46
CA ASN D 495 -40.77 4.77 6.92
C ASN D 495 -40.23 3.47 7.52
N TYR D 496 -41.00 2.85 8.43
CA TYR D 496 -40.57 1.57 9.06
C TYR D 496 -39.05 1.47 9.05
N MET E 1 10.13 -3.88 60.07
CA MET E 1 9.16 -3.68 59.00
C MET E 1 9.89 -3.57 57.67
N LYS E 2 9.35 -4.23 56.64
CA LYS E 2 10.07 -4.35 55.37
C LYS E 2 10.26 -2.99 54.70
N LEU E 3 9.18 -2.22 54.57
CA LEU E 3 9.29 -0.94 53.89
C LEU E 3 10.22 0.02 54.64
N GLU E 4 10.11 0.07 55.97
CA GLU E 4 10.91 1.00 56.74
C GLU E 4 12.40 0.70 56.63
N GLN E 5 12.77 -0.59 56.62
CA GLN E 5 14.17 -0.94 56.44
C GLN E 5 14.67 -0.50 55.07
N GLN E 6 13.85 -0.69 54.03
CA GLN E 6 14.24 -0.26 52.69
C GLN E 6 14.46 1.25 52.64
N ILE E 7 13.54 2.01 53.24
CA ILE E 7 13.68 3.47 53.25
C ILE E 7 14.92 3.88 54.02
N GLN E 8 15.19 3.22 55.16
CA GLN E 8 16.40 3.49 55.91
C GLN E 8 17.63 3.28 55.05
N ARG E 9 17.71 2.14 54.37
CA ARG E 9 18.87 1.84 53.55
C ARG E 9 19.05 2.87 52.45
N VAL E 10 17.96 3.22 51.77
CA VAL E 10 18.06 4.15 50.64
C VAL E 10 18.50 5.53 51.12
N ILE E 11 17.88 6.02 52.19
CA ILE E 11 18.22 7.34 52.71
C ILE E 11 19.67 7.38 53.18
N LEU E 12 20.09 6.34 53.90
CA LEU E 12 21.46 6.31 54.40
C LEU E 12 22.46 6.28 53.25
N GLU E 13 22.19 5.47 52.22
CA GLU E 13 23.10 5.40 51.10
C GLU E 13 23.19 6.73 50.36
N GLU E 14 22.04 7.38 50.14
CA GLU E 14 22.05 8.66 49.44
C GLU E 14 22.81 9.72 50.23
N ALA E 15 22.55 9.78 51.55
CA ALA E 15 23.24 10.77 52.38
C ALA E 15 24.73 10.51 52.41
N LYS E 16 25.14 9.25 52.52
CA LYS E 16 26.57 8.94 52.55
C LYS E 16 27.22 9.28 51.22
N ALA E 17 26.53 9.05 50.10
CA ALA E 17 27.06 9.43 48.80
C ALA E 17 27.27 10.94 48.72
N LEU E 18 26.28 11.71 49.18
CA LEU E 18 26.43 13.16 49.15
C LEU E 18 27.57 13.64 50.04
N ILE E 19 27.71 13.02 51.21
CA ILE E 19 28.80 13.40 52.12
C ILE E 19 30.15 13.09 51.50
N LYS E 20 30.27 11.92 50.86
CA LYS E 20 31.53 11.58 50.19
C LYS E 20 31.83 12.57 49.07
N ASP E 21 30.80 12.97 48.32
CA ASP E 21 31.01 13.95 47.26
C ASP E 21 31.50 15.27 47.82
N TYR E 22 30.91 15.73 48.93
CA TYR E 22 31.35 16.98 49.52
C TYR E 22 32.78 16.90 50.03
N HIS E 23 33.14 15.79 50.67
CA HIS E 23 34.50 15.65 51.17
C HIS E 23 35.50 15.64 50.03
N GLU E 24 35.19 14.92 48.95
CA GLU E 24 36.04 14.96 47.77
C GLU E 24 36.15 16.38 47.23
N TYR E 25 35.04 17.10 47.20
CA TYR E 25 35.05 18.47 46.69
C TYR E 25 36.01 19.35 47.46
N HIS E 26 35.90 19.34 48.79
CA HIS E 26 36.73 20.28 49.55
C HIS E 26 38.18 19.81 49.58
N ASN E 27 38.44 18.50 49.58
CA ASN E 27 39.82 18.05 49.52
C ASN E 27 40.48 18.46 48.21
N ARG E 28 39.80 18.23 47.08
CA ARG E 28 40.39 18.65 45.82
C ARG E 28 40.46 20.15 45.68
N VAL E 29 39.56 20.89 46.33
CA VAL E 29 39.68 22.35 46.33
C VAL E 29 40.94 22.78 47.06
N HIS E 30 41.24 22.16 48.20
CA HIS E 30 42.48 22.49 48.89
C HIS E 30 43.70 22.15 48.05
N LEU E 31 43.68 20.97 47.41
CA LEU E 31 44.83 20.58 46.59
C LEU E 31 45.01 21.55 45.42
N GLU E 32 43.92 21.91 44.74
CA GLU E 32 44.01 22.85 43.65
C GLU E 32 44.42 24.24 44.12
N SER E 33 44.05 24.61 45.35
CA SER E 33 44.52 25.88 45.89
C SER E 33 46.02 25.87 46.10
N VAL E 34 46.56 24.75 46.59
CA VAL E 34 48.01 24.62 46.73
C VAL E 34 48.68 24.74 45.37
N ARG E 35 48.14 24.05 44.37
CA ARG E 35 48.71 24.12 43.02
C ARG E 35 48.61 25.54 42.46
N ASN E 36 47.49 26.22 42.72
CA ASN E 36 47.32 27.59 42.25
C ASN E 36 48.35 28.52 42.86
N LYS E 37 48.59 28.39 44.17
CA LYS E 37 49.61 29.20 44.80
C LYS E 37 50.99 28.89 44.22
N LYS E 38 51.25 27.62 43.93
CA LYS E 38 52.50 27.30 43.24
C LYS E 38 52.52 27.82 41.81
N ARG E 39 51.37 28.21 41.27
CA ARG E 39 51.28 28.70 39.89
C ARG E 39 51.24 30.22 39.81
N LEU E 40 50.32 30.86 40.52
CA LEU E 40 50.14 32.31 40.44
C LEU E 40 51.02 33.08 41.42
N GLY E 41 51.78 32.40 42.27
CA GLY E 41 52.62 33.12 43.21
C GLY E 41 51.79 33.92 44.19
N ASP E 42 52.22 35.16 44.43
CA ASP E 42 51.59 36.00 45.44
C ASP E 42 50.22 36.51 45.02
N SER E 43 49.84 36.36 43.75
CA SER E 43 48.55 36.83 43.27
C SER E 43 47.45 35.78 43.36
N ALA E 44 47.76 34.59 43.88
CA ALA E 44 46.77 33.53 43.95
C ALA E 44 45.71 33.88 44.99
N PRO E 45 44.42 33.74 44.66
CA PRO E 45 43.38 34.01 45.65
C PRO E 45 43.34 32.92 46.72
N ASP E 46 42.74 33.28 47.85
CA ASP E 46 42.68 32.37 48.98
C ASP E 46 41.63 31.28 48.74
N LYS E 47 41.82 30.15 49.44
CA LYS E 47 40.89 29.04 49.36
C LYS E 47 39.51 29.46 49.86
N LYS E 48 38.47 29.11 49.11
CA LYS E 48 37.10 29.46 49.45
C LYS E 48 36.24 28.21 49.35
N ILE E 49 35.65 27.81 50.48
CA ILE E 49 34.79 26.64 50.53
C ILE E 49 33.35 27.09 50.46
N HIS E 50 32.56 26.46 49.59
CA HIS E 50 31.16 26.81 49.39
C HIS E 50 30.30 25.62 49.78
N ARG E 51 29.64 25.71 50.92
CA ARG E 51 28.54 24.78 51.15
C ARG E 51 27.36 25.18 50.26
N PRO E 52 26.66 24.21 49.67
CA PRO E 52 25.53 24.55 48.80
C PRO E 52 24.51 25.39 49.54
N ASN E 53 23.94 26.36 48.82
CA ASN E 53 23.09 27.36 49.45
C ASN E 53 21.84 26.72 50.05
N TYR E 54 21.23 25.76 49.36
CA TYR E 54 19.97 25.20 49.82
C TYR E 54 20.11 24.37 51.08
N TRP E 55 21.34 24.00 51.48
CA TRP E 55 21.51 23.32 52.76
C TRP E 55 21.01 24.17 53.92
N SER E 56 21.10 25.49 53.78
CA SER E 56 20.57 26.39 54.80
C SER E 56 19.06 26.57 54.69
N PHE E 57 18.47 26.26 53.52
CA PHE E 57 17.04 26.43 53.37
C PHE E 57 16.26 25.50 54.28
N ASP E 58 16.71 24.26 54.43
CA ASP E 58 16.06 23.31 55.31
C ASP E 58 17.07 22.27 55.76
N LYS E 59 16.89 21.78 56.99
CA LYS E 59 17.84 20.82 57.54
C LYS E 59 17.84 19.52 56.76
N LYS E 60 16.67 19.08 56.30
CA LYS E 60 16.60 17.83 55.56
C LYS E 60 17.34 17.89 54.24
N PHE E 61 17.60 19.10 53.72
CA PHE E 61 18.48 19.20 52.56
C PHE E 61 19.91 18.82 52.89
N ASP E 62 20.34 19.10 54.12
CA ASP E 62 21.72 18.85 54.53
C ASP E 62 21.96 17.35 54.62
N PRO E 63 22.93 16.80 53.88
CA PRO E 63 23.27 15.38 54.05
C PRO E 63 23.72 15.06 55.46
N PHE E 64 24.45 15.97 56.10
CA PHE E 64 24.94 15.69 57.44
C PHE E 64 23.81 15.57 58.45
N TYR E 65 22.82 16.46 58.37
CA TYR E 65 21.69 16.35 59.28
C TYR E 65 20.89 15.09 59.04
N VAL E 66 20.67 14.74 57.77
CA VAL E 66 19.92 13.53 57.45
C VAL E 66 20.64 12.31 57.98
N LYS E 67 21.96 12.23 57.76
CA LYS E 67 22.73 11.13 58.32
C LYS E 67 22.71 11.15 59.84
N SER E 68 22.53 12.32 60.44
CA SER E 68 22.49 12.39 61.90
C SER E 68 21.29 11.62 62.45
N ASN E 69 20.10 11.89 61.93
CA ASN E 69 18.89 11.17 62.32
C ASN E 69 18.15 10.75 61.06
N TYR E 70 18.53 9.60 60.51
CA TYR E 70 17.83 9.04 59.37
C TYR E 70 16.82 7.97 59.76
N LYS E 71 17.03 7.31 60.90
CA LYS E 71 16.06 6.34 61.37
C LYS E 71 14.73 6.99 61.68
N SER E 72 14.76 8.15 62.35
CA SER E 72 13.52 8.86 62.67
C SER E 72 12.81 9.31 61.40
N ILE E 73 13.57 9.86 60.44
CA ILE E 73 12.97 10.29 59.19
C ILE E 73 12.34 9.12 58.46
N ALA E 74 13.04 7.98 58.41
CA ALA E 74 12.51 6.81 57.72
C ALA E 74 11.25 6.29 58.41
N ARG E 75 11.25 6.27 59.74
CA ARG E 75 10.07 5.83 60.48
C ARG E 75 8.88 6.74 60.17
N SER E 76 9.10 8.05 60.20
CA SER E 76 8.00 8.97 59.93
C SER E 76 7.51 8.84 58.49
N ILE E 77 8.44 8.66 57.55
CA ILE E 77 8.04 8.52 56.15
C ILE E 77 7.22 7.25 55.94
N ALA E 78 7.66 6.14 56.53
CA ALA E 78 6.92 4.89 56.39
C ALA E 78 5.55 4.99 57.03
N ASN E 79 5.48 5.61 58.21
CA ASN E 79 4.19 5.78 58.88
C ASN E 79 3.25 6.64 58.03
N LYS E 80 3.77 7.71 57.43
CA LYS E 80 2.92 8.57 56.62
C LYS E 80 2.49 7.87 55.34
N ILE E 81 3.37 7.06 54.75
CA ILE E 81 3.03 6.34 53.53
C ILE E 81 1.93 5.33 53.80
N GLU E 82 2.07 4.56 54.89
CA GLU E 82 1.06 3.57 55.22
C GLU E 82 -0.27 4.20 55.58
N ASN E 83 -0.26 5.44 56.09
CA ASN E 83 -1.50 6.15 56.37
C ASN E 83 -2.06 6.86 55.14
N ARG E 84 -1.36 6.79 54.01
CA ARG E 84 -1.77 7.47 52.78
C ARG E 84 -1.88 8.97 52.97
N THR E 85 -1.07 9.52 53.87
CA THR E 85 -1.01 10.95 54.10
C THR E 85 0.34 11.56 53.74
N TYR E 86 1.27 10.76 53.24
CA TYR E 86 2.60 11.25 52.92
C TYR E 86 2.54 12.22 51.75
N LEU E 87 3.29 13.32 51.86
CA LEU E 87 3.38 14.32 50.82
C LEU E 87 4.79 14.89 50.79
N PRO E 88 5.48 14.85 49.65
CA PRO E 88 6.85 15.35 49.60
C PRO E 88 6.92 16.84 49.87
N ASN E 89 7.97 17.25 50.56
CA ASN E 89 8.16 18.65 50.87
C ASN E 89 8.53 19.42 49.61
N GLU E 90 8.33 20.74 49.67
CA GLU E 90 8.57 21.57 48.50
C GLU E 90 10.05 21.57 48.14
N PRO E 91 10.40 21.32 46.88
CA PRO E 91 11.81 21.32 46.49
C PRO E 91 12.34 22.74 46.33
N PHE E 92 13.66 22.84 46.29
CA PHE E 92 14.33 24.11 46.01
C PHE E 92 14.51 24.21 44.50
N THR E 93 13.68 25.02 43.85
CA THR E 93 13.75 25.18 42.41
C THR E 93 14.79 26.23 42.05
N LYS E 94 15.69 25.88 41.14
CA LYS E 94 16.73 26.78 40.67
C LYS E 94 16.63 26.95 39.17
N ASP E 95 16.98 28.14 38.69
CA ASP E 95 16.89 28.45 37.27
C ASP E 95 18.22 28.10 36.62
N VAL E 96 18.36 26.84 36.23
CA VAL E 96 19.58 26.41 35.54
C VAL E 96 19.66 27.10 34.18
N PRO E 97 20.83 27.53 33.73
CA PRO E 97 20.90 28.30 32.48
C PRO E 97 20.58 27.44 31.26
N LYS E 98 19.66 27.92 30.44
CA LYS E 98 19.33 27.29 29.16
C LYS E 98 19.31 28.37 28.08
N PRO E 99 20.46 28.98 27.78
CA PRO E 99 20.47 30.08 26.80
C PRO E 99 19.99 29.66 25.42
N ASP E 100 20.09 28.37 25.10
CA ASP E 100 19.54 27.87 23.84
C ASP E 100 18.04 28.11 23.78
N GLY E 101 17.35 27.92 24.90
CA GLY E 101 15.92 28.13 24.95
C GLY E 101 15.46 29.03 26.08
N GLY E 102 16.29 30.02 26.44
CA GLY E 102 15.94 30.94 27.50
C GLY E 102 16.43 30.51 28.87
N ILE E 103 15.55 29.89 29.66
CA ILE E 103 15.90 29.40 30.98
C ILE E 103 15.20 28.06 31.18
N ARG E 104 15.72 27.27 32.11
CA ARG E 104 15.08 26.02 32.50
C ARG E 104 14.85 26.00 34.01
N LYS E 105 13.79 25.32 34.41
CA LYS E 105 13.35 25.28 35.81
C LYS E 105 13.66 23.90 36.37
N VAL E 106 14.77 23.78 37.07
CA VAL E 106 15.17 22.53 37.71
C VAL E 106 14.80 22.61 39.18
N SER E 107 14.53 21.44 39.77
CA SER E 107 14.10 21.36 41.16
C SER E 107 14.96 20.35 41.90
N ILE E 108 15.45 20.74 43.07
CA ILE E 108 16.26 19.88 43.93
C ILE E 108 15.38 19.49 45.11
N TYR E 109 14.91 18.25 45.12
CA TYR E 109 14.06 17.79 46.20
C TYR E 109 14.88 17.55 47.47
N GLN E 110 14.18 17.52 48.60
CA GLN E 110 14.84 17.20 49.85
C GLN E 110 15.34 15.76 49.83
N ILE E 111 16.36 15.49 50.65
CA ILE E 111 17.02 14.18 50.62
C ILE E 111 16.05 13.04 50.91
N PRO E 112 15.18 13.11 51.93
CA PRO E 112 14.23 11.99 52.13
C PRO E 112 13.29 11.79 50.96
N ASP E 113 12.69 12.87 50.43
CA ASP E 113 11.78 12.73 49.30
C ASP E 113 12.50 12.24 48.05
N ALA E 114 13.72 12.74 47.82
CA ALA E 114 14.49 12.28 46.67
C ALA E 114 14.81 10.80 46.80
N ALA E 115 15.16 10.37 48.02
CA ALA E 115 15.45 8.96 48.23
C ALA E 115 14.22 8.09 48.01
N ILE E 116 13.06 8.55 48.48
CA ILE E 116 11.84 7.79 48.27
C ILE E 116 11.52 7.70 46.78
N SER E 117 11.68 8.80 46.07
CA SER E 117 11.44 8.79 44.63
C SER E 117 12.39 7.83 43.92
N LYS E 118 13.66 7.84 44.33
CA LYS E 118 14.64 6.93 43.73
C LYS E 118 14.27 5.48 43.99
N LEU E 119 13.86 5.17 45.22
CA LEU E 119 13.51 3.80 45.56
C LEU E 119 12.31 3.32 44.74
N PHE E 120 11.26 4.14 44.68
CA PHE E 120 10.08 3.69 43.95
C PHE E 120 10.30 3.71 42.44
N PHE E 121 11.17 4.58 41.95
CA PHE E 121 11.55 4.53 40.55
C PHE E 121 12.29 3.24 40.24
N ASN E 122 13.20 2.83 41.13
CA ASN E 122 13.91 1.58 40.93
C ASN E 122 12.94 0.41 40.89
N ARG E 123 11.99 0.39 41.83
CA ARG E 123 11.02 -0.70 41.84
C ARG E 123 10.18 -0.72 40.57
N LEU E 124 9.62 0.42 40.20
CA LEU E 124 8.75 0.48 39.02
C LEU E 124 9.50 0.10 37.77
N LEU E 125 10.73 0.60 37.61
CA LEU E 125 11.52 0.24 36.44
C LEU E 125 11.83 -1.26 36.44
N ALA E 126 12.17 -1.82 37.60
CA ALA E 126 12.49 -3.24 37.67
C ALA E 126 11.31 -4.09 37.25
N LYS E 127 10.11 -3.78 37.72
CA LYS E 127 8.97 -4.62 37.42
C LYS E 127 8.26 -4.27 36.11
N ASN E 128 8.72 -3.24 35.39
CA ASN E 128 8.05 -2.81 34.17
C ASN E 128 8.95 -2.59 32.97
N ARG E 129 10.28 -2.66 33.12
CA ARG E 129 11.15 -2.34 32.00
C ARG E 129 10.99 -3.30 30.83
N HIS E 130 10.46 -4.49 31.07
CA HIS E 130 10.22 -5.42 29.97
C HIS E 130 9.12 -4.94 29.04
N ARG E 131 8.32 -3.97 29.47
CA ARG E 131 7.27 -3.42 28.63
C ARG E 131 7.72 -2.20 27.85
N PHE E 132 8.79 -1.54 28.28
CA PHE E 132 9.30 -0.39 27.55
C PHE E 132 9.87 -0.84 26.21
N SER E 133 9.70 0.01 25.19
CA SER E 133 10.25 -0.30 23.88
C SER E 133 11.77 -0.37 23.96
N SER E 134 12.34 -1.29 23.20
CA SER E 134 13.80 -1.42 23.18
C SER E 134 14.48 -0.21 22.58
N PHE E 135 13.73 0.68 21.93
CA PHE E 135 14.28 1.86 21.28
C PHE E 135 14.13 3.12 22.12
N SER E 136 13.79 2.99 23.39
CA SER E 136 13.79 4.11 24.33
C SER E 136 15.03 3.98 25.20
N TYR E 137 15.99 4.88 25.00
CA TYR E 137 17.31 4.75 25.59
C TYR E 137 17.55 5.72 26.74
N ALA E 138 16.49 6.27 27.32
CA ALA E 138 16.62 7.28 28.35
C ALA E 138 16.19 6.73 29.70
N TYR E 139 17.00 7.00 30.73
CA TYR E 139 16.63 6.71 32.11
C TYR E 139 16.39 5.21 32.34
N ARG E 140 17.34 4.40 31.88
CA ARG E 140 17.22 2.96 32.00
C ARG E 140 18.54 2.38 32.46
N ASN E 141 18.47 1.24 33.14
CA ASN E 141 19.66 0.52 33.54
C ASN E 141 20.08 -0.55 32.53
N ASP E 142 19.32 -0.70 31.44
CA ASP E 142 19.64 -1.67 30.40
C ASP E 142 19.80 -1.01 29.04
N ARG E 143 19.74 0.32 28.96
CA ARG E 143 19.89 1.06 27.72
C ARG E 143 20.72 2.30 27.98
N ASN E 144 21.45 2.73 26.96
CA ASN E 144 22.20 3.97 27.03
C ASN E 144 22.14 4.68 25.68
N VAL E 145 22.66 5.90 25.65
CA VAL E 145 22.71 6.67 24.41
C VAL E 145 23.58 5.97 23.38
N HIS E 146 24.66 5.32 23.83
CA HIS E 146 25.57 4.69 22.90
C HIS E 146 24.92 3.54 22.15
N PHE E 147 24.01 2.81 22.80
CA PHE E 147 23.27 1.78 22.07
C PHE E 147 22.45 2.40 20.96
N ALA E 148 21.81 3.55 21.23
CA ALA E 148 21.03 4.22 20.20
C ALA E 148 21.91 4.66 19.05
N ILE E 149 23.09 5.21 19.36
CA ILE E 149 23.96 5.70 18.29
C ILE E 149 24.48 4.53 17.46
N GLN E 150 24.79 3.41 18.12
CA GLN E 150 25.21 2.22 17.38
C GLN E 150 24.10 1.74 16.45
N ASP E 151 22.87 1.70 16.95
CA ASP E 151 21.75 1.26 16.13
C ASP E 151 21.57 2.17 14.92
N ILE E 152 21.57 3.48 15.16
CA ILE E 152 21.39 4.42 14.06
C ILE E 152 22.52 4.30 13.06
N SER E 153 23.76 4.17 13.54
CA SER E 153 24.90 4.09 12.64
C SER E 153 24.80 2.86 11.76
N VAL E 154 24.49 1.70 12.35
CA VAL E 154 24.39 0.48 11.57
C VAL E 154 23.28 0.60 10.54
N ASP E 155 22.11 1.08 10.96
CA ASP E 155 20.99 1.16 10.04
C ASP E 155 21.26 2.13 8.90
N LEU E 156 21.89 3.27 9.21
CA LEU E 156 22.23 4.23 8.16
C LEU E 156 23.25 3.65 7.20
N LYS E 157 24.25 2.92 7.71
CA LYS E 157 25.26 2.35 6.85
C LYS E 157 24.68 1.26 5.96
N LYS E 158 23.61 0.60 6.40
CA LYS E 158 23.01 -0.44 5.57
C LYS E 158 22.54 0.09 4.22
N ASN E 159 21.86 1.23 4.22
CA ASN E 159 21.28 1.79 3.02
C ASN E 159 22.04 3.05 2.60
N GLU E 160 21.52 3.71 1.55
CA GLU E 160 22.13 4.94 1.03
C GLU E 160 21.22 6.15 1.07
N ARG E 161 19.91 5.96 1.09
CA ARG E 161 18.94 7.06 1.11
C ARG E 161 17.92 6.78 2.19
N THR E 162 17.86 7.65 3.20
CA THR E 162 16.98 7.46 4.34
C THR E 162 16.19 8.73 4.58
N PHE E 163 14.94 8.57 4.99
CA PHE E 163 14.06 9.70 5.29
C PHE E 163 14.07 9.92 6.79
N LEU E 164 14.57 11.07 7.22
CA LEU E 164 14.63 11.36 8.65
C LEU E 164 13.43 12.19 9.09
N ALA E 165 13.23 12.22 10.40
CA ALA E 165 12.21 13.08 11.00
C ALA E 165 12.63 13.32 12.44
N GLU E 166 13.16 14.52 12.72
CA GLU E 166 13.63 14.86 14.05
C GLU E 166 12.63 15.77 14.72
N PHE E 167 12.27 15.44 15.96
CA PHE E 167 11.28 16.21 16.71
C PHE E 167 11.74 16.38 18.15
N ASP E 168 11.50 17.57 18.68
CA ASP E 168 11.70 17.86 20.09
C ASP E 168 10.39 18.37 20.67
N PHE E 169 10.06 17.91 21.87
CA PHE E 169 8.84 18.32 22.55
C PHE E 169 9.13 19.58 23.36
N SER E 170 8.36 20.62 23.13
CA SER E 170 8.54 21.88 23.84
C SER E 170 8.10 21.71 25.30
N ASP E 171 9.05 21.76 26.21
CA ASP E 171 8.81 21.57 27.64
C ASP E 171 8.07 20.25 27.87
N PHE E 172 8.77 19.16 27.54
CA PHE E 172 8.17 17.84 27.59
C PHE E 172 7.76 17.47 29.01
N PHE E 173 8.63 17.72 29.99
CA PHE E 173 8.33 17.34 31.36
C PHE E 173 7.17 18.14 31.92
N GLY E 174 7.13 19.44 31.65
CA GLY E 174 6.20 20.32 32.33
C GLY E 174 4.87 20.52 31.63
N SER E 175 4.50 19.62 30.72
CA SER E 175 3.23 19.78 30.03
C SER E 175 2.47 18.47 29.87
N ILE E 176 2.84 17.43 30.60
CA ILE E 176 2.10 16.17 30.55
C ILE E 176 0.79 16.33 31.29
N SER E 177 -0.31 15.98 30.64
CA SER E 177 -1.60 16.06 31.30
C SER E 177 -1.75 14.93 32.30
N HIS E 178 -2.24 15.27 33.50
CA HIS E 178 -2.36 14.28 34.56
C HIS E 178 -3.46 13.26 34.26
N SER E 179 -4.51 13.67 33.54
CA SER E 179 -5.53 12.71 33.14
C SER E 179 -4.93 11.62 32.26
N PHE E 180 -4.09 12.01 31.30
CA PHE E 180 -3.43 11.03 30.45
C PHE E 180 -2.58 10.07 31.28
N LEU E 181 -1.80 10.61 32.20
CA LEU E 181 -0.95 9.77 33.04
C LEU E 181 -1.78 8.77 33.84
N ASN E 182 -2.81 9.26 34.52
CA ASN E 182 -3.64 8.37 35.32
C ASN E 182 -4.40 7.36 34.48
N GLU E 183 -4.64 7.67 33.20
CA GLU E 183 -5.23 6.66 32.31
C GLU E 183 -4.21 5.63 31.85
N GLN E 184 -2.94 6.02 31.74
CA GLN E 184 -1.91 5.11 31.24
C GLN E 184 -1.53 4.03 32.23
N PHE E 185 -1.93 4.15 33.51
CA PHE E 185 -1.49 3.20 34.51
C PHE E 185 -2.05 1.80 34.32
N ASN E 186 -3.15 1.67 33.59
CA ASN E 186 -3.83 0.39 33.41
C ASN E 186 -3.69 -0.12 31.97
N GLU E 187 -2.57 0.18 31.33
CA GLU E 187 -2.37 -0.17 29.94
C GLU E 187 -1.05 -0.90 29.78
N ASN E 188 -0.89 -1.54 28.63
CA ASN E 188 0.35 -2.20 28.23
C ASN E 188 0.79 -3.28 29.22
N GLY E 189 -0.12 -3.74 30.07
CA GLY E 189 0.26 -4.71 31.08
C GLY E 189 1.26 -4.16 32.08
N PHE E 190 1.15 -2.89 32.42
CA PHE E 190 2.01 -2.30 33.43
C PHE E 190 1.61 -2.82 34.81
N TYR E 191 2.59 -3.16 35.62
CA TYR E 191 2.37 -3.70 36.95
C TYR E 191 2.76 -2.64 37.98
N ILE E 192 1.79 -1.81 38.36
CA ILE E 192 2.00 -0.76 39.34
C ILE E 192 1.11 -1.06 40.53
N SER E 193 1.73 -1.33 41.68
CA SER E 193 0.99 -1.64 42.87
C SER E 193 0.29 -0.39 43.39
N PRO E 194 -0.76 -0.55 44.21
CA PRO E 194 -1.44 0.62 44.76
C PRO E 194 -0.52 1.54 45.55
N GLU E 195 0.48 0.99 46.23
CA GLU E 195 1.43 1.83 46.95
C GLU E 195 2.23 2.70 45.99
N GLU E 196 2.73 2.11 44.91
CA GLU E 196 3.48 2.88 43.93
C GLU E 196 2.58 3.90 43.23
N LYS E 197 1.33 3.52 42.96
CA LYS E 197 0.40 4.46 42.35
C LYS E 197 0.14 5.64 43.26
N PHE E 198 -0.05 5.38 44.56
CA PHE E 198 -0.25 6.47 45.51
C PHE E 198 0.98 7.36 45.59
N ILE E 199 2.18 6.77 45.58
CA ILE E 199 3.39 7.57 45.64
C ILE E 199 3.48 8.46 44.40
N ILE E 200 3.22 7.88 43.22
CA ILE E 200 3.27 8.65 41.99
C ILE E 200 2.30 9.82 42.05
N ARG E 201 1.06 9.56 42.46
CA ARG E 201 0.09 10.65 42.59
C ARG E 201 0.53 11.66 43.63
N SER E 202 1.23 11.22 44.68
CA SER E 202 1.73 12.14 45.67
C SER E 202 2.76 13.10 45.07
N PHE E 203 3.63 12.59 44.22
CA PHE E 203 4.63 13.47 43.61
C PHE E 203 4.04 14.41 42.57
N LEU E 204 2.80 14.20 42.14
CA LEU E 204 2.16 15.07 41.17
C LEU E 204 1.12 15.99 41.78
N ARG E 205 0.98 15.99 43.10
CA ARG E 205 -0.13 16.70 43.73
C ARG E 205 0.07 18.21 43.77
N GLU E 206 1.32 18.67 43.91
CA GLU E 206 1.54 20.11 44.02
C GLU E 206 1.14 20.83 42.74
N ARG E 207 1.46 20.27 41.59
CA ARG E 207 1.13 20.88 40.31
C ARG E 207 -0.16 20.30 39.74
N LYS E 208 -0.63 20.92 38.66
CA LYS E 208 -1.83 20.45 37.99
C LYS E 208 -1.58 19.93 36.58
N VAL E 209 -0.38 20.12 36.03
CA VAL E 209 -0.04 19.60 34.72
C VAL E 209 1.48 19.45 34.68
N GLY E 210 1.93 18.36 34.07
CA GLY E 210 3.35 18.10 33.95
C GLY E 210 3.91 17.38 35.17
N ILE E 211 5.06 16.75 34.96
CA ILE E 211 5.72 15.99 36.02
C ILE E 211 6.86 16.83 36.57
N PRO E 212 7.27 16.63 37.82
CA PRO E 212 8.36 17.44 38.37
C PRO E 212 9.67 17.16 37.65
N GLN E 213 10.59 18.11 37.76
CA GLN E 213 11.88 18.04 37.10
C GLN E 213 12.96 17.87 38.15
N GLY E 214 13.73 16.78 38.05
CA GLY E 214 14.79 16.51 38.99
C GLY E 214 14.58 15.31 39.88
N THR E 215 13.56 14.50 39.64
CA THR E 215 13.33 13.29 40.41
C THR E 215 13.34 12.07 39.50
N SER E 216 13.62 10.91 40.10
CA SER E 216 13.68 9.68 39.33
C SER E 216 12.29 9.20 38.93
N ILE E 217 11.32 9.35 39.83
CA ILE E 217 9.95 8.95 39.50
C ILE E 217 9.45 9.70 38.28
N SER E 218 9.92 10.94 38.10
CA SER E 218 9.57 11.67 36.89
C SER E 218 10.20 11.04 35.67
N LEU E 219 11.41 10.50 35.81
CA LEU E 219 12.03 9.80 34.68
C LEU E 219 11.21 8.57 34.30
N PHE E 220 10.75 7.81 35.30
CA PHE E 220 9.91 6.66 34.99
C PHE E 220 8.61 7.09 34.33
N LEU E 221 8.01 8.18 34.82
CA LEU E 221 6.77 8.65 34.23
C LEU E 221 6.99 9.13 32.79
N ALA E 222 8.12 9.76 32.52
CA ALA E 222 8.44 10.16 31.15
C ALA E 222 8.58 8.95 30.25
N ASN E 223 9.26 7.91 30.73
CA ASN E 223 9.37 6.68 29.93
C ASN E 223 8.00 6.05 29.69
N LEU E 224 7.15 6.04 30.72
CA LEU E 224 5.85 5.41 30.61
C LEU E 224 4.94 6.19 29.66
N THR E 225 5.05 7.51 29.65
CA THR E 225 4.11 8.32 28.87
C THR E 225 4.20 8.00 27.38
N CYS E 226 5.40 7.86 26.86
CA CYS E 226 5.61 7.61 25.44
C CYS E 226 5.69 6.11 25.16
N TRP E 227 4.70 5.37 25.62
CA TRP E 227 4.60 3.95 25.28
C TRP E 227 3.68 3.70 24.10
N LYS E 228 2.54 4.39 24.05
CA LYS E 228 1.65 4.26 22.91
C LYS E 228 2.30 4.80 21.65
N LEU E 229 3.04 5.90 21.78
CA LEU E 229 3.78 6.44 20.64
C LEU E 229 4.81 5.44 20.14
N ASP E 230 5.56 4.82 21.06
CA ASP E 230 6.56 3.84 20.66
C ASP E 230 5.92 2.65 19.97
N GLN E 231 4.80 2.16 20.51
CA GLN E 231 4.13 1.03 19.90
C GLN E 231 3.61 1.38 18.51
N ASP E 232 3.04 2.58 18.36
CA ASP E 232 2.53 2.99 17.05
C ASP E 232 3.65 3.10 16.03
N LEU E 233 4.77 3.71 16.43
CA LEU E 233 5.90 3.83 15.51
C LEU E 233 6.45 2.47 15.13
N GLU E 234 6.54 1.56 16.10
CA GLU E 234 7.00 0.21 15.79
C GLU E 234 6.05 -0.49 14.83
N ARG E 235 4.75 -0.37 15.06
CA ARG E 235 3.78 -1.02 14.19
C ARG E 235 3.72 -0.39 12.81
N GLU E 236 4.16 0.86 12.66
CA GLU E 236 4.27 1.42 11.33
C GLU E 236 5.41 0.83 10.54
N GLY E 237 6.35 0.16 11.20
CA GLY E 237 7.51 -0.39 10.54
C GLY E 237 8.70 0.53 10.44
N VAL E 238 8.57 1.77 10.90
CA VAL E 238 9.69 2.69 10.87
C VAL E 238 10.69 2.32 11.96
N LYS E 239 11.92 2.79 11.78
CA LYS E 239 12.95 2.67 12.80
C LYS E 239 13.11 4.01 13.50
N PHE E 240 13.14 4.00 14.82
CA PHE E 240 13.22 5.22 15.59
C PHE E 240 14.12 4.99 16.80
N SER E 241 14.47 6.09 17.47
CA SER E 241 15.32 6.01 18.66
C SER E 241 15.02 7.26 19.49
N ARG E 242 14.25 7.08 20.56
CA ARG E 242 13.84 8.18 21.40
C ARG E 242 14.70 8.22 22.65
N TYR E 243 15.21 9.41 22.97
CA TYR E 243 15.97 9.66 24.19
C TYR E 243 15.33 10.85 24.87
N ALA E 244 14.51 10.59 25.89
CA ALA E 244 13.75 11.62 26.59
C ALA E 244 12.83 12.28 25.55
N ASP E 245 12.82 13.60 25.42
CA ASP E 245 11.96 14.22 24.41
C ASP E 245 12.57 14.10 23.02
N ASP E 246 13.90 14.08 22.92
CA ASP E 246 14.55 13.99 21.61
C ASP E 246 14.17 12.69 20.92
N THR E 247 13.75 12.80 19.67
CA THR E 247 13.29 11.65 18.91
C THR E 247 13.81 11.76 17.49
N ILE E 248 14.35 10.67 16.97
CA ILE E 248 14.77 10.58 15.58
C ILE E 248 14.07 9.37 14.96
N ILE E 249 13.37 9.60 13.85
CA ILE E 249 12.71 8.53 13.11
C ILE E 249 13.29 8.50 11.71
N TRP E 250 13.74 7.32 11.29
CA TRP E 250 14.28 7.16 9.95
C TRP E 250 13.67 5.92 9.31
N SER E 251 13.26 6.05 8.06
CA SER E 251 12.69 4.94 7.33
C SER E 251 13.06 5.09 5.86
N GLN E 252 12.94 3.99 5.13
CA GLN E 252 13.28 3.97 3.72
C GLN E 252 12.16 4.48 2.83
N GLU E 253 10.99 4.75 3.38
CA GLU E 253 9.82 5.14 2.61
C GLU E 253 9.29 6.49 3.07
N TYR E 254 8.90 7.32 2.11
CA TYR E 254 8.34 8.63 2.45
C TYR E 254 6.99 8.49 3.14
N SER E 255 6.16 7.53 2.70
CA SER E 255 4.84 7.35 3.29
C SER E 255 4.96 6.96 4.75
N LYS E 256 5.91 6.08 5.08
CA LYS E 256 6.09 5.68 6.47
C LYS E 256 6.47 6.87 7.34
N ILE E 257 7.35 7.74 6.84
CA ILE E 257 7.78 8.86 7.64
C ILE E 257 6.67 9.91 7.77
N CYS E 258 5.84 10.07 6.74
CA CYS E 258 4.67 10.94 6.88
C CYS E 258 3.70 10.40 7.92
N ASN E 259 3.49 9.07 7.91
CA ASN E 259 2.65 8.47 8.93
C ASN E 259 3.26 8.62 10.32
N ALA E 260 4.58 8.57 10.41
CA ALA E 260 5.24 8.80 11.70
C ALA E 260 5.01 10.22 12.18
N PHE E 261 5.07 11.19 11.27
CA PHE E 261 4.75 12.56 11.64
C PHE E 261 3.32 12.66 12.16
N ASN E 262 2.38 12.03 11.45
CA ASN E 262 0.98 12.07 11.89
C ASN E 262 0.82 11.40 13.24
N ILE E 263 1.55 10.30 13.47
CA ILE E 263 1.45 9.58 14.74
C ILE E 263 1.96 10.44 15.88
N ILE E 264 3.09 11.13 15.67
CA ILE E 264 3.61 12.00 16.71
C ILE E 264 2.66 13.17 16.97
N THR E 265 2.06 13.71 15.91
CA THR E 265 1.10 14.79 16.10
C THR E 265 -0.11 14.31 16.90
N ASN E 266 -0.62 13.12 16.60
CA ASN E 266 -1.75 12.58 17.35
C ASN E 266 -1.37 12.33 18.80
N PHE E 267 -0.18 11.80 19.04
CA PHE E 267 0.26 11.57 20.41
C PHE E 267 0.39 12.88 21.17
N SER E 268 0.92 13.92 20.52
CA SER E 268 1.01 15.22 21.17
C SER E 268 -0.36 15.78 21.50
N LYS E 269 -1.31 15.63 20.58
CA LYS E 269 -2.67 16.09 20.86
C LYS E 269 -3.31 15.28 21.97
N SER E 270 -2.92 14.01 22.12
CA SER E 270 -3.49 13.17 23.17
C SER E 270 -2.89 13.50 24.53
N ALA E 271 -1.61 13.84 24.58
CA ALA E 271 -0.91 14.09 25.84
C ALA E 271 -0.67 15.56 26.12
N GLY E 272 -0.89 16.44 25.15
CA GLY E 272 -0.73 17.86 25.38
C GLY E 272 0.69 18.38 25.30
N ILE E 273 1.64 17.56 24.85
CA ILE E 273 3.04 17.98 24.74
C ILE E 273 3.24 18.41 23.29
N LYS E 274 3.02 19.69 23.03
CA LYS E 274 3.19 20.22 21.68
C LYS E 274 4.66 20.19 21.27
N ILE E 275 4.90 19.88 20.00
CA ILE E 275 6.27 19.80 19.50
C ILE E 275 6.86 21.20 19.39
N ASN E 276 8.18 21.27 19.48
CA ASN E 276 8.88 22.55 19.41
C ASN E 276 9.23 22.84 17.96
N PRO E 277 8.63 23.85 17.32
CA PRO E 277 8.93 24.09 15.90
C PRO E 277 10.38 24.47 15.63
N LYS E 278 11.07 25.04 16.60
CA LYS E 278 12.43 25.52 16.34
C LYS E 278 13.45 24.39 16.41
N LYS E 279 13.38 23.56 17.46
CA LYS E 279 14.33 22.47 17.60
C LYS E 279 14.06 21.36 16.59
N SER E 280 12.81 21.11 16.25
CA SER E 280 12.45 20.03 15.35
C SER E 280 12.78 20.41 13.92
N GLU E 281 13.67 19.65 13.29
CA GLU E 281 14.08 19.94 11.92
C GLU E 281 13.05 19.52 10.89
N GLY E 282 12.10 18.68 11.26
CA GLY E 282 11.11 18.19 10.32
C GLY E 282 11.64 17.02 9.52
N ILE E 283 10.95 16.75 8.42
CA ILE E 283 11.27 15.60 7.57
C ILE E 283 12.37 16.01 6.60
N SER E 284 13.44 15.22 6.57
CA SER E 284 14.56 15.47 5.68
C SER E 284 14.87 14.22 4.88
N LEU E 285 15.98 14.23 4.15
CA LEU E 285 16.40 13.07 3.37
C LEU E 285 17.91 12.95 3.51
N LEU E 286 18.36 11.92 4.21
CA LEU E 286 19.79 11.72 4.47
C LEU E 286 20.40 10.92 3.34
N THR E 287 21.17 11.58 2.50
CA THR E 287 21.85 10.94 1.38
C THR E 287 23.35 10.90 1.65
N LYS E 288 24.11 10.46 0.65
CA LYS E 288 25.56 10.48 0.73
C LYS E 288 26.04 11.91 0.46
N LYS E 289 27.35 12.09 0.32
CA LYS E 289 27.91 13.44 0.24
C LYS E 289 27.45 14.16 -1.03
N GLY E 290 27.45 13.48 -2.17
CA GLY E 290 27.11 14.13 -3.42
C GLY E 290 26.00 13.46 -4.20
N LEU E 291 25.02 12.91 -3.50
CA LEU E 291 23.92 12.21 -4.14
C LEU E 291 22.76 13.19 -4.34
N PRO E 292 22.27 13.38 -5.56
CA PRO E 292 21.20 14.35 -5.78
C PRO E 292 19.93 13.96 -5.04
N SER E 293 19.23 14.97 -4.53
CA SER E 293 18.03 14.77 -3.73
C SER E 293 16.88 15.57 -4.30
N GLU E 294 15.67 14.99 -4.20
CA GLU E 294 14.48 15.63 -4.73
C GLU E 294 13.73 16.48 -3.71
N ILE E 295 13.99 16.29 -2.43
CA ILE E 295 13.38 17.09 -1.37
C ILE E 295 14.49 17.62 -0.47
N THR E 296 14.10 18.30 0.60
CA THR E 296 15.07 18.88 1.52
C THR E 296 16.02 17.81 2.03
N SER E 297 17.32 18.10 1.94
CA SER E 297 18.35 17.10 2.14
C SER E 297 19.37 17.56 3.17
N LYS E 298 20.03 16.60 3.78
CA LYS E 298 21.16 16.83 4.67
C LYS E 298 22.11 15.65 4.54
N ASN E 299 23.40 15.93 4.68
CA ASN E 299 24.40 14.87 4.58
C ASN E 299 24.71 14.22 5.91
N ASN E 300 24.33 14.84 7.03
CA ASN E 300 24.56 14.26 8.33
C ASN E 300 23.55 14.82 9.31
N LEU E 301 23.36 14.09 10.41
CA LEU E 301 22.43 14.49 11.46
C LEU E 301 23.15 14.50 12.79
N ASP E 302 22.62 15.27 13.74
CA ASP E 302 23.16 15.35 15.08
C ASP E 302 22.24 14.65 16.05
N PHE E 303 22.80 13.83 16.93
CA PHE E 303 21.99 13.10 17.91
C PHE E 303 22.83 12.93 19.17
N LEU E 304 22.64 13.85 20.13
CA LEU E 304 23.22 13.73 21.46
C LEU E 304 24.73 13.53 21.42
N GLY E 305 25.42 14.55 20.91
CA GLY E 305 26.86 14.56 20.91
C GLY E 305 27.52 13.85 19.76
N TYR E 306 26.75 13.21 18.88
CA TYR E 306 27.29 12.53 17.72
C TYR E 306 26.71 13.16 16.46
N THR E 307 27.57 13.42 15.48
CA THR E 307 27.13 13.84 14.16
C THR E 307 27.17 12.61 13.27
N LEU E 308 26.00 12.05 13.00
CA LEU E 308 25.89 10.80 12.26
C LEU E 308 25.68 11.09 10.79
N SER E 309 26.54 10.55 9.96
CA SER E 309 26.39 10.58 8.51
C SER E 309 26.09 9.16 8.03
N VAL E 310 25.98 9.02 6.71
CA VAL E 310 25.71 7.70 6.16
C VAL E 310 26.91 6.78 6.34
N GLU E 311 28.13 7.33 6.18
CA GLU E 311 29.31 6.50 6.15
C GLU E 311 29.98 6.34 7.51
N ASN E 312 30.03 7.40 8.33
CA ASN E 312 30.80 7.35 9.56
C ASN E 312 30.12 8.16 10.64
N VAL E 313 30.48 7.86 11.89
CA VAL E 313 29.99 8.55 13.07
C VAL E 313 31.09 9.47 13.57
N SER E 314 30.75 10.71 13.87
CA SER E 314 31.73 11.70 14.27
C SER E 314 31.19 12.53 15.43
N ILE E 315 32.12 13.15 16.16
CA ILE E 315 31.74 14.00 17.28
C ILE E 315 30.94 15.19 16.78
N LYS E 316 29.92 15.57 17.54
CA LYS E 316 29.12 16.73 17.20
C LYS E 316 29.99 17.98 17.17
N GLU E 317 29.69 18.89 16.26
CA GLU E 317 30.53 20.07 16.08
C GLU E 317 30.56 20.91 17.35
N LYS E 318 29.43 21.06 18.02
CA LYS E 318 29.41 21.80 19.28
C LYS E 318 30.26 21.10 20.33
N SER E 319 30.22 19.76 20.36
CA SER E 319 31.07 19.03 21.29
C SER E 319 32.55 19.18 20.94
N VAL E 320 32.87 19.23 19.65
CA VAL E 320 34.24 19.48 19.24
C VAL E 320 34.68 20.86 19.71
N LYS E 321 33.79 21.85 19.60
CA LYS E 321 34.12 23.18 20.09
C LYS E 321 34.32 23.17 21.60
N LYS E 322 33.53 22.38 22.33
CA LYS E 322 33.75 22.25 23.76
C LYS E 322 35.11 21.65 24.06
N ILE E 323 35.50 20.63 23.31
CA ILE E 323 36.81 20.00 23.49
C ILE E 323 37.91 21.02 23.24
N LYS E 324 37.78 21.78 22.15
CA LYS E 324 38.77 22.79 21.82
C LYS E 324 38.84 23.85 22.91
N LYS E 325 37.69 24.28 23.41
CA LYS E 325 37.66 25.27 24.49
C LYS E 325 38.39 24.75 25.71
N GLN E 326 38.14 23.49 26.08
CA GLN E 326 38.77 22.95 27.29
C GLN E 326 40.27 22.85 27.12
N ILE E 327 40.74 22.31 25.98
CA ILE E 327 42.17 22.15 25.79
C ILE E 327 42.87 23.49 25.70
N SER E 328 42.29 24.42 24.94
CA SER E 328 42.88 25.75 24.79
C SER E 328 42.91 26.47 26.13
N TYR E 329 41.86 26.31 26.94
CA TYR E 329 41.88 26.96 28.24
C TYR E 329 42.91 26.34 29.16
N ILE E 330 43.10 25.02 29.08
CA ILE E 330 44.17 24.40 29.88
C ILE E 330 45.51 25.01 29.51
N LEU E 331 45.78 25.13 28.21
CA LEU E 331 47.04 25.72 27.78
C LEU E 331 47.17 27.17 28.24
N TYR E 332 46.09 27.96 28.08
CA TYR E 332 46.14 29.36 28.47
C TYR E 332 46.32 29.52 29.97
N ARG E 333 45.65 28.69 30.75
CA ARG E 333 45.72 28.79 32.20
C ARG E 333 47.08 28.40 32.73
N ASN E 334 47.69 27.36 32.14
CA ASN E 334 48.97 26.91 32.66
C ASN E 334 50.18 27.55 31.98
N LEU E 335 49.98 28.32 30.91
CA LEU E 335 51.09 28.91 30.19
C LEU E 335 51.04 30.43 30.13
N ILE E 336 49.91 31.00 29.79
CA ILE E 336 49.80 32.42 29.48
C ILE E 336 49.21 33.21 30.63
N GLN E 337 48.11 32.72 31.21
CA GLN E 337 47.42 33.47 32.24
C GLN E 337 48.29 33.88 33.42
N PRO E 338 49.18 33.04 33.96
CA PRO E 338 50.05 33.52 35.04
C PRO E 338 50.93 34.68 34.63
N LEU E 339 51.33 34.75 33.37
CA LEU E 339 52.22 35.82 32.91
C LEU E 339 51.49 37.12 32.60
N LYS E 340 50.17 37.11 32.56
CA LYS E 340 49.39 38.32 32.30
C LYS E 340 49.06 39.09 33.57
N LYS E 341 49.51 38.62 34.73
CA LYS E 341 49.24 39.32 35.97
C LYS E 341 50.11 40.57 36.08
N THR E 342 49.80 41.39 37.08
CA THR E 342 50.55 42.62 37.28
C THR E 342 51.98 42.36 37.74
N SER E 343 52.19 41.31 38.52
CA SER E 343 53.51 40.97 39.01
C SER E 343 53.74 39.47 38.88
N LEU E 344 55.01 39.09 38.76
CA LEU E 344 55.40 37.69 38.67
C LEU E 344 56.02 37.18 39.95
N ALA E 345 55.75 37.83 41.08
CA ALA E 345 56.32 37.41 42.35
C ALA E 345 55.79 36.04 42.75
N GLY E 346 56.69 35.16 43.18
CA GLY E 346 56.32 33.83 43.60
C GLY E 346 56.13 32.84 42.47
N GLN E 347 56.35 33.24 41.23
CA GLN E 347 56.19 32.35 40.09
C GLN E 347 57.55 31.81 39.67
N THR E 348 57.57 30.57 39.18
CA THR E 348 58.80 29.95 38.73
C THR E 348 59.03 30.28 37.26
N ILE E 349 60.05 31.07 36.98
CA ILE E 349 60.38 31.43 35.61
C ILE E 349 61.13 30.27 34.96
N PRO E 350 60.69 29.81 33.78
CA PRO E 350 61.39 28.69 33.14
C PRO E 350 62.85 29.01 32.87
N ALA E 351 63.70 28.02 33.12
CA ALA E 351 65.13 28.19 32.92
C ALA E 351 65.77 26.81 32.78
N ASN E 352 66.97 26.80 32.21
CA ASN E 352 67.73 25.57 32.01
C ASN E 352 66.95 24.54 31.21
N ASP E 353 66.15 25.01 30.25
CA ASP E 353 65.33 24.13 29.41
C ASP E 353 64.41 23.24 30.23
N ARG E 354 63.84 23.81 31.29
CA ARG E 354 62.92 23.09 32.19
C ARG E 354 61.73 24.00 32.48
N ASP E 355 60.70 23.88 31.66
CA ASP E 355 59.45 24.62 31.87
C ASP E 355 58.48 23.68 32.56
N LYS E 356 58.38 23.79 33.88
CA LYS E 356 57.45 22.95 34.62
C LYS E 356 56.01 23.24 34.24
N ASN E 357 55.69 24.50 33.92
CA ASN E 357 54.33 24.84 33.55
C ASN E 357 53.93 24.16 32.25
N PHE E 358 54.85 24.05 31.30
CA PHE E 358 54.56 23.30 30.08
C PHE E 358 54.31 21.83 30.39
N LEU E 359 55.12 21.25 31.27
CA LEU E 359 54.91 19.87 31.67
C LEU E 359 53.55 19.69 32.34
N ILE E 360 53.19 20.63 33.22
CA ILE E 360 51.91 20.56 33.90
C ILE E 360 50.77 20.65 32.91
N ALA E 361 50.88 21.57 31.94
CA ALA E 361 49.83 21.72 30.94
C ALA E 361 49.68 20.47 30.10
N ILE E 362 50.80 19.88 29.68
CA ILE E 362 50.73 18.66 28.87
C ILE E 362 50.13 17.52 29.67
N CYS E 363 50.54 17.38 30.93
CA CYS E 363 49.99 16.31 31.77
C CYS E 363 48.50 16.50 31.99
N GLU E 364 48.06 17.74 32.21
CA GLU E 364 46.63 18.00 32.41
C GLU E 364 45.84 17.74 31.14
N ILE E 365 46.41 18.08 29.98
CA ILE E 365 45.75 17.76 28.72
C ILE E 365 45.60 16.25 28.58
N ARG E 366 46.68 15.52 28.84
CA ARG E 366 46.62 14.06 28.76
C ARG E 366 45.57 13.51 29.70
N ARG E 367 45.48 14.08 30.91
CA ARG E 367 44.44 13.68 31.84
C ARG E 367 43.06 13.96 31.26
N TYR E 368 42.92 15.05 30.50
CA TYR E 368 41.61 15.41 29.96
C TYR E 368 41.12 14.39 28.94
N MET E 369 41.98 14.01 28.01
CA MET E 369 41.56 13.15 26.91
C MET E 369 41.92 11.69 27.13
N TYR E 370 43.19 11.39 27.40
CA TYR E 370 43.56 10.01 27.70
C TYR E 370 43.06 9.58 29.07
N GLY E 371 43.13 10.46 30.05
CA GLY E 371 42.89 10.08 31.42
C GLY E 371 44.13 9.73 32.20
N GLY E 372 45.32 10.04 31.67
CA GLY E 372 46.57 9.71 32.33
C GLY E 372 47.31 8.55 31.71
N LEU E 373 46.83 8.00 30.60
CA LEU E 373 47.48 6.88 29.97
C LEU E 373 48.64 7.36 29.11
N SER E 374 49.80 6.73 29.29
CA SER E 374 50.93 7.00 28.42
C SER E 374 50.72 6.32 27.07
N LYS E 375 51.41 6.84 26.05
CA LYS E 375 51.35 6.21 24.73
C LYS E 375 51.88 4.78 24.77
N SER E 376 52.84 4.51 25.66
CA SER E 376 53.38 3.16 25.78
C SER E 376 52.29 2.18 26.20
N GLN E 377 51.45 2.56 27.16
CA GLN E 377 50.40 1.66 27.61
C GLN E 377 49.39 1.39 26.51
N ILE E 378 48.99 2.43 25.78
CA ILE E 378 48.02 2.25 24.70
C ILE E 378 48.59 1.38 23.60
N LYS E 379 49.86 1.60 23.24
CA LYS E 379 50.48 0.78 22.21
C LYS E 379 50.62 -0.67 22.68
N ASP E 380 50.95 -0.87 23.96
CA ASP E 380 51.01 -2.23 24.50
C ASP E 380 49.66 -2.91 24.40
N TYR E 381 48.59 -2.20 24.75
CA TYR E 381 47.26 -2.77 24.65
C TYR E 381 46.91 -3.11 23.20
N LEU E 382 47.25 -2.21 22.27
CA LEU E 382 46.96 -2.45 20.87
C LEU E 382 47.70 -3.68 20.35
N SER E 383 48.97 -3.83 20.71
CA SER E 383 49.75 -4.96 20.25
C SER E 383 49.28 -6.28 20.85
N GLY E 384 48.46 -6.22 21.90
CA GLY E 384 48.12 -7.42 22.64
C GLY E 384 49.11 -7.79 23.72
N ARG E 385 50.18 -7.01 23.89
CA ARG E 385 51.14 -7.28 24.95
C ARG E 385 50.49 -7.21 26.32
N SER E 386 49.47 -6.37 26.48
CA SER E 386 48.74 -6.25 27.73
C SER E 386 47.26 -6.44 27.47
N ASN E 387 46.54 -6.80 28.52
CA ASN E 387 45.11 -7.06 28.43
C ASN E 387 44.26 -6.08 29.23
N ARG E 388 44.85 -5.26 30.07
CA ARG E 388 44.12 -4.31 30.89
C ARG E 388 44.39 -2.89 30.41
N LEU E 389 43.33 -2.15 30.13
CA LEU E 389 43.43 -0.74 29.79
C LEU E 389 42.15 -0.06 30.22
N TYR E 390 42.28 1.00 30.99
CA TYR E 390 41.13 1.75 31.48
C TYR E 390 40.83 2.89 30.52
N PHE E 391 39.54 3.15 30.30
CA PHE E 391 39.09 4.19 29.38
C PHE E 391 38.29 5.21 30.17
N LYS E 392 38.93 6.31 30.58
CA LYS E 392 38.19 7.41 31.19
C LYS E 392 38.88 8.71 30.80
N GLY E 393 38.37 9.33 29.75
CA GLY E 393 38.83 10.64 29.32
C GLY E 393 37.71 11.33 28.57
N ILE E 394 38.03 12.30 27.72
CA ILE E 394 36.98 12.89 26.90
C ILE E 394 36.52 11.90 25.84
N MET E 395 37.39 10.97 25.45
CA MET E 395 37.03 10.02 24.41
C MET E 395 36.08 8.93 24.90
N SER E 396 36.12 8.59 26.19
CA SER E 396 35.22 7.57 26.69
C SER E 396 33.76 7.98 26.63
N PHE E 397 33.49 9.27 26.43
CA PHE E 397 32.14 9.73 26.21
C PHE E 397 31.71 9.62 24.75
N TYR E 398 32.64 9.32 23.85
CA TYR E 398 32.32 9.10 22.44
C TYR E 398 33.01 7.82 21.98
N PRO E 399 32.62 6.66 22.52
CA PRO E 399 33.30 5.42 22.15
C PRO E 399 33.06 4.98 20.72
N LEU E 400 31.95 5.38 20.12
CA LEU E 400 31.55 4.88 18.81
C LEU E 400 32.05 5.74 17.66
N VAL E 401 32.85 6.76 17.93
CA VAL E 401 33.34 7.63 16.87
C VAL E 401 34.32 6.83 16.00
N ASN E 402 33.98 6.69 14.72
CA ASN E 402 34.85 6.02 13.77
C ASN E 402 35.38 6.96 12.70
N ASP E 403 35.21 8.26 12.89
CA ASP E 403 35.72 9.26 11.93
C ASP E 403 37.18 9.52 12.25
N VAL E 404 38.08 8.84 11.54
CA VAL E 404 39.50 9.04 11.76
C VAL E 404 39.95 10.40 11.26
N GLU E 405 39.30 10.92 10.21
CA GLU E 405 39.70 12.21 9.66
C GLU E 405 39.47 13.34 10.65
N GLN E 406 38.33 13.31 11.35
CA GLN E 406 38.05 14.35 12.34
C GLN E 406 39.07 14.31 13.46
N LEU E 407 39.44 13.12 13.92
CA LEU E 407 40.44 13.01 14.98
C LEU E 407 41.81 13.46 14.48
N LYS E 408 42.14 13.20 13.23
CA LYS E 408 43.38 13.71 12.66
C LYS E 408 43.40 15.24 12.66
N GLN E 409 42.29 15.84 12.27
CA GLN E 409 42.20 17.30 12.30
C GLN E 409 42.32 17.82 13.72
N LEU E 410 41.69 17.13 14.68
CA LEU E 410 41.79 17.54 16.08
C LEU E 410 43.23 17.46 16.57
N ASP E 411 43.94 16.40 16.21
CA ASP E 411 45.34 16.28 16.60
C ASP E 411 46.19 17.40 16.02
N GLY E 412 45.99 17.69 14.74
CA GLY E 412 46.71 18.81 14.14
C GLY E 412 46.41 20.12 14.84
N TRP E 413 45.14 20.33 15.18
CA TRP E 413 44.76 21.52 15.93
C TRP E 413 45.46 21.59 17.26
N ILE E 414 45.55 20.46 17.96
CA ILE E 414 46.20 20.44 19.27
C ILE E 414 47.67 20.83 19.13
N VAL E 415 48.35 20.25 18.16
CA VAL E 415 49.78 20.55 17.98
C VAL E 415 49.97 22.02 17.64
N SER E 416 49.16 22.54 16.71
CA SER E 416 49.30 23.92 16.30
C SER E 416 49.02 24.88 17.45
N VAL E 417 47.98 24.60 18.23
CA VAL E 417 47.64 25.47 19.35
C VAL E 417 48.73 25.41 20.41
N ILE E 418 49.31 24.24 20.63
CA ILE E 418 50.43 24.14 21.57
C ILE E 418 51.58 25.01 21.11
N TYR E 419 51.90 24.95 19.82
CA TYR E 419 53.00 25.75 19.30
C TYR E 419 52.72 27.24 19.46
N ARG E 420 51.51 27.67 19.13
CA ARG E 420 51.19 29.09 19.19
C ARG E 420 51.15 29.59 20.63
N ALA E 421 50.62 28.78 21.54
CA ALA E 421 50.63 29.15 22.96
C ALA E 421 52.04 29.24 23.49
N LEU E 422 52.92 28.34 23.07
CA LEU E 422 54.32 28.43 23.48
C LEU E 422 54.98 29.68 22.94
N LYS E 423 54.65 30.05 21.69
CA LYS E 423 55.19 31.29 21.15
C LYS E 423 54.72 32.50 21.94
N LEU E 424 53.44 32.53 22.31
CA LEU E 424 52.94 33.65 23.10
C LEU E 424 53.59 33.68 24.47
N ARG E 425 53.82 32.50 25.07
CA ARG E 425 54.51 32.45 26.35
C ARG E 425 55.92 33.00 26.23
N CYS E 426 56.62 32.65 25.15
CA CYS E 426 57.96 33.17 24.93
C CYS E 426 57.93 34.68 24.77
N GLN E 427 56.95 35.19 24.02
CA GLN E 427 56.84 36.64 23.84
C GLN E 427 56.59 37.34 25.17
N LEU E 428 55.71 36.78 26.00
CA LEU E 428 55.41 37.38 27.29
C LEU E 428 56.62 37.33 28.21
N LEU E 429 57.37 36.22 28.18
CA LEU E 429 58.59 36.14 28.99
C LEU E 429 59.60 37.17 28.54
N SER E 430 59.74 37.37 27.22
CA SER E 430 60.64 38.41 26.73
C SER E 430 60.17 39.80 27.18
N LYS E 431 58.86 40.04 27.12
CA LYS E 431 58.32 41.32 27.56
C LYS E 431 58.51 41.52 29.06
N TRP E 432 58.63 40.43 29.82
CA TRP E 432 58.84 40.52 31.25
C TRP E 432 60.32 40.55 31.64
N GLY E 433 61.22 40.50 30.68
CA GLY E 433 62.63 40.57 30.95
C GLY E 433 63.36 39.25 31.00
N TYR E 434 62.87 38.22 30.31
CA TYR E 434 63.51 36.91 30.28
C TYR E 434 63.56 36.42 28.84
N ASN E 435 64.75 36.24 28.31
CA ASN E 435 64.93 35.67 26.99
C ASN E 435 65.06 34.16 27.11
N ARG E 436 64.10 33.43 26.55
CA ARG E 436 64.08 31.97 26.63
C ARG E 436 63.82 31.33 25.27
N SER E 437 63.95 32.09 24.18
CA SER E 437 63.61 31.56 22.87
C SER E 437 64.51 30.40 22.46
N HIS E 438 65.71 30.31 23.01
CA HIS E 438 66.63 29.24 22.66
C HIS E 438 66.51 28.02 23.57
N ASN E 439 65.64 28.06 24.58
CA ASN E 439 65.51 26.94 25.49
C ASN E 439 64.63 25.86 24.88
N PHE E 440 64.38 24.80 25.66
CA PHE E 440 63.74 23.60 25.14
C PHE E 440 62.34 23.86 24.57
N PRO E 441 61.36 24.26 25.39
CA PRO E 441 59.97 24.23 24.90
C PRO E 441 59.72 25.23 23.79
N PHE E 442 60.47 26.33 23.73
CA PHE E 442 60.17 27.41 22.80
C PHE E 442 60.94 27.29 21.49
N ILE E 443 62.17 26.77 21.52
CA ILE E 443 62.97 26.68 20.31
C ILE E 443 62.40 25.70 19.30
N LEU E 444 61.45 24.85 19.70
CA LEU E 444 60.94 23.84 18.79
C LEU E 444 60.02 24.45 17.75
N ASP E 445 60.15 23.96 16.52
CA ASP E 445 59.22 24.34 15.47
C ASP E 445 57.96 23.51 15.57
N ARG E 446 56.92 23.91 14.82
CA ARG E 446 55.66 23.19 14.86
C ARG E 446 55.84 21.76 14.40
N GLU E 447 56.65 21.54 13.37
CA GLU E 447 56.85 20.20 12.84
C GLU E 447 57.56 19.29 13.83
N ASP E 448 58.45 19.86 14.65
CA ASP E 448 59.31 19.06 15.52
C ASP E 448 58.81 18.98 16.95
N ILE E 449 57.65 19.56 17.27
CA ILE E 449 57.18 19.56 18.65
C ILE E 449 56.91 18.14 19.12
N VAL E 450 56.14 17.38 18.33
CA VAL E 450 55.76 16.04 18.75
C VAL E 450 56.97 15.11 18.74
N ASP E 451 57.79 15.21 17.69
CA ASP E 451 58.94 14.30 17.57
C ASP E 451 59.92 14.49 18.71
N LYS E 452 60.24 15.73 19.04
CA LYS E 452 61.18 15.98 20.12
C LYS E 452 60.55 15.72 21.48
N CYS E 453 59.26 16.05 21.64
CA CYS E 453 58.61 15.83 22.93
C CYS E 453 58.46 14.35 23.24
N SER E 454 58.35 13.50 22.21
CA SER E 454 58.30 12.07 22.46
C SER E 454 59.59 11.56 23.06
N LYS E 455 60.73 12.04 22.57
CA LYS E 455 62.02 11.59 23.09
C LYS E 455 62.27 12.07 24.50
N LYS E 456 61.77 13.26 24.85
CA LYS E 456 62.02 13.83 26.17
C LYS E 456 61.50 12.91 27.26
N THR E 457 62.33 12.67 28.27
CA THR E 457 62.01 11.75 29.35
C THR E 457 62.30 12.39 30.69
N ILE E 458 61.38 12.24 31.63
CA ILE E 458 61.54 12.72 33.00
C ILE E 458 61.17 11.59 33.95
N ALA E 459 62.08 11.30 34.88
CA ALA E 459 61.85 10.28 35.92
C ALA E 459 61.53 8.92 35.31
N GLY E 460 62.17 8.61 34.19
CA GLY E 460 61.97 7.33 33.54
C GLY E 460 60.64 7.19 32.83
N ARG E 461 59.89 8.27 32.67
CA ARG E 461 58.60 8.23 31.98
C ARG E 461 58.56 9.32 30.93
N LYS E 462 57.89 9.03 29.81
CA LYS E 462 57.72 10.00 28.73
C LYS E 462 56.50 10.85 29.04
N LEU E 463 56.68 11.78 29.97
CA LEU E 463 55.60 12.66 30.41
C LEU E 463 55.38 13.85 29.49
N PHE E 464 56.22 14.03 28.46
CA PHE E 464 56.14 15.19 27.59
C PHE E 464 55.52 14.88 26.24
N GLU E 465 55.14 13.63 25.98
CA GLU E 465 54.56 13.29 24.68
C GLU E 465 53.23 14.00 24.49
N ILE E 466 53.02 14.56 23.31
CA ILE E 466 51.79 15.27 23.01
C ILE E 466 50.70 14.23 22.75
N PRO E 467 49.59 14.27 23.47
CA PRO E 467 48.55 13.25 23.29
C PRO E 467 47.91 13.35 21.91
N SER E 468 47.46 12.21 21.41
CA SER E 468 46.87 12.10 20.08
C SER E 468 45.53 11.39 20.16
N PHE E 469 44.56 11.89 19.40
CA PHE E 469 43.24 11.27 19.40
C PHE E 469 43.24 9.94 18.67
N LEU E 470 44.06 9.79 17.62
CA LEU E 470 44.02 8.58 16.82
C LEU E 470 44.41 7.35 17.62
N LEU E 471 45.42 7.47 18.46
CA LEU E 471 45.88 6.33 19.25
C LEU E 471 44.79 5.86 20.21
N ILE E 472 44.21 6.80 20.95
CA ILE E 472 43.16 6.42 21.89
C ILE E 472 41.93 5.94 21.13
N HIS E 473 41.74 6.39 19.90
CA HIS E 473 40.62 5.87 19.11
C HIS E 473 40.86 4.42 18.71
N LYS E 474 42.09 4.08 18.34
CA LYS E 474 42.41 2.68 18.07
C LYS E 474 42.18 1.83 19.31
N ALA E 475 42.62 2.34 20.47
CA ALA E 475 42.37 1.62 21.72
C ALA E 475 40.88 1.48 21.98
N LEU E 476 40.11 2.52 21.66
CA LEU E 476 38.66 2.47 21.84
C LEU E 476 38.04 1.40 20.96
N GLN E 477 38.48 1.29 19.71
CA GLN E 477 37.93 0.28 18.81
C GLN E 477 38.26 -1.12 19.32
N LYS E 478 39.50 -1.35 19.73
CA LYS E 478 39.85 -2.66 20.24
C LYS E 478 39.09 -2.98 21.53
N GLY E 479 38.91 -1.98 22.38
CA GLY E 479 38.16 -2.21 23.61
C GLY E 479 36.69 -2.49 23.34
N LEU E 480 36.13 -1.85 22.32
CA LEU E 480 34.76 -2.17 21.92
C LEU E 480 34.66 -3.60 21.43
N GLN E 481 35.64 -4.05 20.64
CA GLN E 481 35.56 -5.39 20.00
C GLN E 481 35.85 -6.50 21.01
N GLU E 482 36.39 -6.16 22.20
CA GLU E 482 36.81 -7.20 23.17
C GLU E 482 36.07 -7.06 24.51
N SER E 483 35.34 -5.97 24.73
CA SER E 483 34.66 -5.72 26.03
C SER E 483 33.18 -5.41 25.80
N GLY E 484 32.88 -4.40 24.99
CA GLY E 484 31.48 -4.00 24.76
C GLY E 484 31.25 -2.56 25.19
N ILE E 485 30.36 -1.85 24.50
CA ILE E 485 30.14 -0.41 24.81
C ILE E 485 29.95 -0.27 26.31
N GLU E 486 29.14 -1.13 26.91
CA GLU E 486 28.83 -1.02 28.37
C GLU E 486 30.11 -0.74 29.16
N LYS E 487 31.11 -1.62 29.06
CA LYS E 487 32.32 -1.47 29.91
C LYS E 487 32.98 -0.11 29.68
N ILE E 488 33.10 0.32 28.42
CA ILE E 488 33.83 1.59 28.12
C ILE E 488 33.11 2.78 28.78
N MET E 489 31.80 2.92 28.58
CA MET E 489 31.07 4.09 29.11
C MET E 489 30.77 3.89 30.60
N ASN E 490 30.81 2.63 31.07
CA ASN E 490 30.59 2.28 32.50
C ASN E 490 31.24 3.33 33.41
N PRO E 491 32.58 3.53 33.42
CA PRO E 491 33.17 4.57 34.24
C PRO E 491 32.95 5.91 33.57
N GLN E 492 32.76 5.90 32.25
CA GLN E 492 32.56 7.17 31.51
C GLN E 492 31.24 7.81 31.98
N SER E 493 30.36 7.03 32.61
CA SER E 493 29.09 7.59 33.14
C SER E 493 28.51 8.57 32.11
N LEU E 494 28.23 8.08 30.90
CA LEU E 494 27.73 8.98 29.82
C LEU E 494 26.43 9.67 30.26
N ASN E 495 25.64 9.05 31.14
CA ASN E 495 24.37 9.64 31.63
C ASN E 495 24.39 11.16 31.48
N TYR E 496 23.75 11.69 30.43
CA TYR E 496 23.76 13.15 30.17
C TYR E 496 25.17 13.70 30.42
N MET F 1 47.15 -15.04 35.76
CA MET F 1 46.66 -14.74 34.42
C MET F 1 45.14 -14.55 34.44
N LYS F 2 44.64 -13.56 33.71
CA LYS F 2 43.23 -13.20 33.82
C LYS F 2 42.33 -14.32 33.30
N LEU F 3 42.61 -14.84 32.11
CA LEU F 3 41.77 -15.88 31.54
C LEU F 3 41.78 -17.14 32.39
N GLU F 4 42.96 -17.55 32.87
CA GLU F 4 43.07 -18.78 33.62
C GLU F 4 42.30 -18.72 34.93
N GLN F 5 42.32 -17.57 35.61
CA GLN F 5 41.53 -17.43 36.83
C GLN F 5 40.05 -17.53 36.54
N GLN F 6 39.60 -16.92 35.44
CA GLN F 6 38.19 -17.01 35.07
C GLN F 6 37.78 -18.46 34.81
N ILE F 7 38.62 -19.19 34.06
CA ILE F 7 38.31 -20.59 33.77
C ILE F 7 38.30 -21.40 35.06
N GLN F 8 39.25 -21.14 35.96
CA GLN F 8 39.26 -21.83 37.25
C GLN F 8 37.95 -21.60 37.99
N ARG F 9 37.52 -20.35 38.07
CA ARG F 9 36.29 -20.04 38.80
C ARG F 9 35.10 -20.75 38.18
N VAL F 10 34.99 -20.70 36.86
CA VAL F 10 33.83 -21.29 36.18
C VAL F 10 33.80 -22.79 36.38
N ILE F 11 34.94 -23.45 36.18
CA ILE F 11 35.01 -24.90 36.33
C ILE F 11 34.69 -25.31 37.76
N LEU F 12 35.27 -24.60 38.73
CA LEU F 12 35.03 -24.94 40.12
C LEU F 12 33.56 -24.76 40.50
N GLU F 13 32.95 -23.66 40.04
CA GLU F 13 31.55 -23.42 40.37
C GLU F 13 30.66 -24.49 39.74
N GLU F 14 30.91 -24.84 38.48
CA GLU F 14 30.09 -25.86 37.83
C GLU F 14 30.24 -27.21 38.53
N ALA F 15 31.47 -27.60 38.85
CA ALA F 15 31.68 -28.88 39.53
C ALA F 15 31.02 -28.90 40.90
N LYS F 16 31.13 -27.79 41.65
CA LYS F 16 30.51 -27.75 42.96
C LYS F 16 28.99 -27.81 42.85
N ALA F 17 28.42 -27.15 41.84
CA ALA F 17 26.97 -27.24 41.63
C ALA F 17 26.55 -28.67 41.35
N LEU F 18 27.29 -29.37 40.49
CA LEU F 18 26.95 -30.76 40.18
C LEU F 18 27.08 -31.64 41.41
N ILE F 19 28.12 -31.42 42.22
CA ILE F 19 28.30 -32.21 43.43
C ILE F 19 27.16 -31.97 44.41
N LYS F 20 26.75 -30.71 44.57
CA LYS F 20 25.62 -30.41 45.44
C LYS F 20 24.35 -31.08 44.94
N ASP F 21 24.13 -31.07 43.63
CA ASP F 21 22.96 -31.73 43.06
C ASP F 21 22.99 -33.22 43.37
N TYR F 22 24.14 -33.86 43.21
CA TYR F 22 24.24 -35.29 43.49
C TYR F 22 23.98 -35.60 44.95
N HIS F 23 24.53 -34.78 45.85
CA HIS F 23 24.33 -35.03 47.27
C HIS F 23 22.86 -34.86 47.65
N GLU F 24 22.22 -33.83 47.11
CA GLU F 24 20.78 -33.67 47.32
C GLU F 24 20.02 -34.88 46.78
N TYR F 25 20.42 -35.37 45.60
CA TYR F 25 19.74 -36.51 45.01
C TYR F 25 19.80 -37.73 45.92
N HIS F 26 20.99 -38.08 46.39
CA HIS F 26 21.07 -39.31 47.18
C HIS F 26 20.46 -39.13 48.57
N ASN F 27 20.57 -37.93 49.15
CA ASN F 27 19.91 -37.71 50.44
C ASN F 27 18.40 -37.84 50.33
N ARG F 28 17.80 -37.21 49.32
CA ARG F 28 16.36 -37.33 49.16
C ARG F 28 15.96 -38.73 48.74
N VAL F 29 16.83 -39.46 48.04
CA VAL F 29 16.52 -40.86 47.73
C VAL F 29 16.45 -41.67 49.00
N HIS F 30 17.40 -41.46 49.93
CA HIS F 30 17.33 -42.17 51.20
C HIS F 30 16.07 -41.82 51.97
N LEU F 31 15.73 -40.53 52.02
CA LEU F 31 14.54 -40.12 52.75
C LEU F 31 13.28 -40.73 52.13
N GLU F 32 13.17 -40.70 50.81
CA GLU F 32 12.03 -41.29 50.13
C GLU F 32 12.01 -42.80 50.29
N SER F 33 13.17 -43.44 50.41
CA SER F 33 13.19 -44.87 50.68
C SER F 33 12.63 -45.17 52.06
N VAL F 34 12.99 -44.35 53.05
CA VAL F 34 12.42 -44.51 54.39
C VAL F 34 10.90 -44.36 54.35
N ARG F 35 10.42 -43.32 53.66
CA ARG F 35 8.99 -43.11 53.55
C ARG F 35 8.32 -44.26 52.81
N ASN F 36 8.96 -44.77 51.76
CA ASN F 36 8.40 -45.89 51.00
C ASN F 36 8.28 -47.13 51.88
N LYS F 37 9.30 -47.43 52.67
CA LYS F 37 9.21 -48.57 53.58
C LYS F 37 8.09 -48.35 54.60
N LYS F 38 7.93 -47.12 55.09
CA LYS F 38 6.79 -46.84 55.94
C LYS F 38 5.47 -46.92 55.20
N ARG F 39 5.48 -46.92 53.87
CA ARG F 39 4.27 -46.99 53.06
C ARG F 39 3.96 -48.39 52.57
N LEU F 40 4.91 -49.06 51.91
CA LEU F 40 4.69 -50.37 51.33
C LEU F 40 4.96 -51.52 52.28
N GLY F 41 5.43 -51.24 53.49
CA GLY F 41 5.72 -52.33 54.42
C GLY F 41 6.82 -53.22 53.90
N ASP F 42 6.61 -54.54 54.04
CA ASP F 42 7.64 -55.51 53.68
C ASP F 42 7.86 -55.64 52.19
N SER F 43 6.97 -55.08 51.36
CA SER F 43 7.10 -55.17 49.92
C SER F 43 7.91 -54.03 49.31
N ALA F 44 8.38 -53.10 50.13
CA ALA F 44 9.12 -51.96 49.60
C ALA F 44 10.46 -52.41 49.04
N PRO F 45 10.86 -51.95 47.85
CA PRO F 45 12.17 -52.31 47.32
C PRO F 45 13.28 -51.58 48.06
N ASP F 46 14.49 -52.11 47.92
CA ASP F 46 15.65 -51.57 48.61
C ASP F 46 16.14 -50.29 47.92
N LYS F 47 16.83 -49.46 48.70
CA LYS F 47 17.40 -48.23 48.18
C LYS F 47 18.44 -48.53 47.11
N LYS F 48 18.34 -47.83 45.98
CA LYS F 48 19.25 -48.03 44.86
C LYS F 48 19.81 -46.67 44.44
N ILE F 49 21.13 -46.51 44.51
CA ILE F 49 21.79 -45.28 44.14
C ILE F 49 22.37 -45.43 42.74
N HIS F 50 22.10 -44.46 41.87
CA HIS F 50 22.55 -44.49 40.49
C HIS F 50 23.51 -43.33 40.24
N ARG F 51 24.79 -43.64 40.17
CA ARG F 51 25.67 -42.63 39.59
C ARG F 51 25.43 -42.56 38.09
N PRO F 52 25.43 -41.37 37.50
CA PRO F 52 25.17 -41.25 36.06
C PRO F 52 26.16 -42.08 35.26
N ASN F 53 25.67 -42.70 34.20
CA ASN F 53 26.46 -43.67 33.46
C ASN F 53 27.69 -43.03 32.83
N TYR F 54 27.55 -41.83 32.28
CA TYR F 54 28.66 -41.22 31.57
C TYR F 54 29.82 -40.81 32.47
N TRP F 55 29.62 -40.79 33.79
CA TRP F 55 30.74 -40.52 34.68
C TRP F 55 31.83 -41.58 34.53
N SER F 56 31.46 -42.80 34.15
CA SER F 56 32.44 -43.83 33.88
C SER F 56 33.03 -43.73 32.49
N PHE F 57 32.38 -43.00 31.57
CA PHE F 57 32.91 -42.88 30.22
C PHE F 57 34.24 -42.13 30.22
N ASP F 58 34.35 -41.08 31.02
CA ASP F 58 35.59 -40.32 31.11
C ASP F 58 35.65 -39.65 32.47
N LYS F 59 36.87 -39.48 32.98
CA LYS F 59 37.04 -38.90 34.31
C LYS F 59 36.59 -37.44 34.34
N LYS F 60 36.84 -36.71 33.26
CA LYS F 60 36.45 -35.30 33.23
C LYS F 60 34.93 -35.11 33.27
N PHE F 61 34.16 -36.15 32.93
CA PHE F 61 32.72 -36.07 33.14
C PHE F 61 32.38 -36.05 34.63
N ASP F 62 33.18 -36.72 35.44
CA ASP F 62 32.89 -36.84 36.87
C ASP F 62 33.11 -35.49 37.56
N PRO F 63 32.09 -34.92 38.20
CA PRO F 63 32.31 -33.70 38.97
C PRO F 63 33.35 -33.86 40.07
N PHE F 64 33.41 -35.03 40.70
CA PHE F 64 34.36 -35.22 41.79
C PHE F 64 35.79 -35.19 41.29
N TYR F 65 36.06 -35.85 40.15
CA TYR F 65 37.41 -35.83 39.61
C TYR F 65 37.80 -34.42 39.17
N VAL F 66 36.87 -33.70 38.54
CA VAL F 66 37.18 -32.34 38.11
C VAL F 66 37.47 -31.44 39.31
N LYS F 67 36.66 -31.55 40.36
CA LYS F 67 36.94 -30.79 41.57
C LYS F 67 38.25 -31.23 42.21
N SER F 68 38.67 -32.47 41.98
CA SER F 68 39.93 -32.94 42.55
C SER F 68 41.11 -32.15 41.99
N ASN F 69 41.21 -32.09 40.65
CA ASN F 69 42.26 -31.31 39.99
C ASN F 69 41.59 -30.43 38.95
N TYR F 70 41.11 -29.27 39.37
CA TYR F 70 40.56 -28.29 38.45
C TYR F 70 41.57 -27.22 38.06
N LYS F 71 42.54 -26.94 38.93
CA LYS F 71 43.59 -25.98 38.58
C LYS F 71 44.39 -26.47 37.38
N SER F 72 44.76 -27.75 37.38
CA SER F 72 45.52 -28.31 36.25
C SER F 72 44.70 -28.26 34.96
N ILE F 73 43.42 -28.62 35.05
CA ILE F 73 42.58 -28.61 33.87
C ILE F 73 42.45 -27.19 33.32
N ALA F 74 42.21 -26.23 34.21
CA ALA F 74 42.07 -24.85 33.77
C ALA F 74 43.37 -24.32 33.17
N ARG F 75 44.50 -24.68 33.78
CA ARG F 75 45.80 -24.26 33.25
C ARG F 75 46.01 -24.80 31.84
N SER F 76 45.73 -26.09 31.65
CA SER F 76 45.90 -26.68 30.33
C SER F 76 44.94 -26.08 29.33
N ILE F 77 43.70 -25.81 29.73
CA ILE F 77 42.72 -25.23 28.82
C ILE F 77 43.15 -23.84 28.39
N ALA F 78 43.61 -23.02 29.34
CA ALA F 78 44.07 -21.67 29.00
C ALA F 78 45.28 -21.74 28.09
N ASN F 79 46.22 -22.63 28.37
CA ASN F 79 47.40 -22.77 27.52
C ASN F 79 47.01 -23.18 26.11
N LYS F 80 46.05 -24.09 25.97
CA LYS F 80 45.63 -24.53 24.65
C LYS F 80 44.86 -23.44 23.92
N ILE F 81 44.06 -22.65 24.65
CA ILE F 81 43.30 -21.57 24.02
C ILE F 81 44.25 -20.50 23.49
N GLU F 82 45.25 -20.12 24.29
CA GLU F 82 46.19 -19.12 23.85
C GLU F 82 47.01 -19.60 22.66
N ASN F 83 47.23 -20.90 22.54
CA ASN F 83 47.94 -21.47 21.41
C ASN F 83 47.05 -21.70 20.20
N ARG F 84 45.74 -21.40 20.31
CA ARG F 84 44.79 -21.62 19.23
C ARG F 84 44.75 -23.08 18.80
N THR F 85 45.02 -24.00 19.73
CA THR F 85 44.96 -25.42 19.47
C THR F 85 43.89 -26.12 20.29
N TYR F 86 43.15 -25.39 21.11
CA TYR F 86 42.14 -25.99 21.97
C TYR F 86 41.00 -26.56 21.14
N LEU F 87 40.56 -27.75 21.51
CA LEU F 87 39.44 -28.42 20.85
C LEU F 87 38.63 -29.18 21.89
N PRO F 88 37.32 -28.95 21.98
CA PRO F 88 36.52 -29.63 23.00
C PRO F 88 36.47 -31.13 22.76
N ASN F 89 36.49 -31.89 23.85
CA ASN F 89 36.43 -33.34 23.75
C ASN F 89 35.03 -33.79 23.30
N GLU F 90 34.96 -35.00 22.79
CA GLU F 90 33.71 -35.51 22.25
C GLU F 90 32.67 -35.66 23.36
N PRO F 91 31.47 -35.13 23.19
CA PRO F 91 30.44 -35.25 24.22
C PRO F 91 29.80 -36.63 24.20
N PHE F 92 29.10 -36.94 25.29
CA PHE F 92 28.30 -38.15 25.38
C PHE F 92 26.89 -37.84 24.88
N THR F 93 26.56 -38.34 23.70
CA THR F 93 25.25 -38.09 23.09
C THR F 93 24.34 -39.27 23.39
N LYS F 94 23.15 -38.97 23.93
CA LYS F 94 22.15 -39.98 24.22
C LYS F 94 20.84 -39.62 23.53
N ASP F 95 19.97 -40.61 23.39
CA ASP F 95 18.70 -40.45 22.70
C ASP F 95 17.64 -39.99 23.69
N VAL F 96 17.53 -38.68 23.85
CA VAL F 96 16.45 -38.13 24.68
C VAL F 96 15.12 -38.40 23.99
N PRO F 97 14.14 -38.95 24.69
CA PRO F 97 12.89 -39.37 24.03
C PRO F 97 12.12 -38.16 23.49
N LYS F 98 11.79 -38.23 22.20
CA LYS F 98 10.95 -37.23 21.54
C LYS F 98 9.88 -37.95 20.75
N PRO F 99 8.97 -38.64 21.42
CA PRO F 99 7.94 -39.41 20.69
C PRO F 99 7.05 -38.55 19.82
N ASP F 100 6.92 -37.25 20.12
CA ASP F 100 6.17 -36.36 19.25
C ASP F 100 6.77 -36.30 17.86
N GLY F 101 8.10 -36.32 17.77
CA GLY F 101 8.77 -36.29 16.48
C GLY F 101 9.82 -37.37 16.32
N GLY F 102 9.59 -38.54 16.92
CA GLY F 102 10.53 -39.64 16.81
C GLY F 102 11.54 -39.70 17.95
N ILE F 103 12.74 -39.17 17.70
CA ILE F 103 13.79 -39.13 18.71
C ILE F 103 14.56 -37.82 18.55
N ARG F 104 15.23 -37.44 19.64
CA ARG F 104 16.06 -36.22 19.62
C ARG F 104 17.49 -36.59 20.02
N LYS F 105 18.48 -35.85 19.51
CA LYS F 105 19.90 -36.09 19.76
C LYS F 105 20.43 -35.01 20.69
N VAL F 106 20.42 -35.30 21.98
CA VAL F 106 21.01 -34.39 22.95
C VAL F 106 22.45 -34.81 23.18
N SER F 107 23.26 -33.86 23.63
CA SER F 107 24.68 -34.09 23.86
C SER F 107 25.08 -33.52 25.21
N ILE F 108 25.85 -34.29 25.96
CA ILE F 108 26.36 -33.88 27.27
C ILE F 108 27.87 -33.72 27.13
N TYR F 109 28.32 -32.47 27.12
CA TYR F 109 29.74 -32.20 27.00
C TYR F 109 30.46 -32.45 28.32
N GLN F 110 31.77 -32.63 28.24
CA GLN F 110 32.55 -32.80 29.43
C GLN F 110 32.53 -31.52 30.26
N ILE F 111 32.76 -31.67 31.56
CA ILE F 111 32.64 -30.53 32.48
C ILE F 111 33.55 -29.37 32.09
N PRO F 112 34.83 -29.58 31.78
CA PRO F 112 35.66 -28.43 31.36
C PRO F 112 35.14 -27.74 30.11
N ASP F 113 34.80 -28.52 29.07
CA ASP F 113 34.32 -27.91 27.84
C ASP F 113 32.97 -27.22 28.05
N ALA F 114 32.09 -27.84 28.85
CA ALA F 114 30.81 -27.20 29.14
C ALA F 114 31.03 -25.90 29.90
N ALA F 115 31.97 -25.88 30.85
CA ALA F 115 32.25 -24.66 31.59
C ALA F 115 32.80 -23.57 30.67
N ILE F 116 33.69 -23.94 29.74
CA ILE F 116 34.24 -22.95 28.82
C ILE F 116 33.12 -22.40 27.93
N SER F 117 32.24 -23.27 27.45
CA SER F 117 31.13 -22.81 26.63
C SER F 117 30.23 -21.87 27.41
N LYS F 118 29.95 -22.21 28.68
CA LYS F 118 29.12 -21.34 29.51
C LYS F 118 29.77 -19.98 29.72
N LEU F 119 31.07 -19.96 29.98
CA LEU F 119 31.77 -18.71 30.21
C LEU F 119 31.74 -17.82 28.97
N PHE F 120 32.04 -18.39 27.80
CA PHE F 120 32.08 -17.57 26.61
C PHE F 120 30.69 -17.20 26.14
N PHE F 121 29.69 -18.04 26.41
CA PHE F 121 28.31 -17.65 26.15
C PHE F 121 27.91 -16.47 27.03
N ASN F 122 28.28 -16.50 28.30
CA ASN F 122 27.99 -15.38 29.19
C ASN F 122 28.62 -14.10 28.66
N ARG F 123 29.88 -14.18 28.25
CA ARG F 123 30.56 -12.99 27.74
C ARG F 123 29.89 -12.47 26.48
N LEU F 124 29.65 -13.35 25.51
CA LEU F 124 29.06 -12.93 24.25
C LEU F 124 27.67 -12.34 24.45
N LEU F 125 26.86 -12.98 25.29
CA LEU F 125 25.53 -12.43 25.58
C LEU F 125 25.63 -11.08 26.25
N ALA F 126 26.56 -10.93 27.20
CA ALA F 126 26.70 -9.67 27.91
C ALA F 126 27.04 -8.54 26.96
N LYS F 127 27.99 -8.76 26.05
CA LYS F 127 28.43 -7.68 25.18
C LYS F 127 27.58 -7.54 23.92
N ASN F 128 26.57 -8.38 23.71
CA ASN F 128 25.78 -8.33 22.48
C ASN F 128 24.28 -8.36 22.67
N ARG F 129 23.77 -8.55 23.89
CA ARG F 129 22.33 -8.69 24.06
C ARG F 129 21.57 -7.43 23.70
N HIS F 130 22.24 -6.27 23.67
CA HIS F 130 21.57 -5.05 23.26
C HIS F 130 21.24 -5.05 21.78
N ARG F 131 21.83 -5.96 21.00
CA ARG F 131 21.53 -6.07 19.58
C ARG F 131 20.44 -7.07 19.28
N PHE F 132 20.17 -7.99 20.20
CA PHE F 132 19.10 -8.96 20.00
C PHE F 132 17.75 -8.27 20.03
N SER F 133 16.83 -8.74 19.21
CA SER F 133 15.49 -8.18 19.20
C SER F 133 14.83 -8.39 20.55
N SER F 134 14.05 -7.40 20.99
CA SER F 134 13.35 -7.51 22.25
C SER F 134 12.29 -8.61 22.24
N PHE F 135 11.95 -9.13 21.07
CA PHE F 135 10.93 -10.15 20.92
C PHE F 135 11.51 -11.55 20.81
N SER F 136 12.79 -11.73 21.11
CA SER F 136 13.39 -13.06 21.19
C SER F 136 13.56 -13.39 22.66
N TYR F 137 12.77 -14.35 23.15
CA TYR F 137 12.64 -14.62 24.57
C TYR F 137 13.36 -15.89 25.00
N ALA F 138 14.27 -16.41 24.19
CA ALA F 138 14.92 -17.67 24.46
C ALA F 138 16.38 -17.45 24.83
N TYR F 139 16.84 -18.13 25.88
CA TYR F 139 18.25 -18.17 26.24
C TYR F 139 18.80 -16.79 26.56
N ARG F 140 18.08 -16.06 27.40
CA ARG F 140 18.49 -14.71 27.76
C ARG F 140 18.30 -14.50 29.25
N ASN F 141 19.11 -13.59 29.81
CA ASN F 141 18.97 -13.22 31.21
C ASN F 141 18.08 -12.00 31.40
N ASP F 142 17.57 -11.41 30.32
CA ASP F 142 16.67 -10.27 30.39
C ASP F 142 15.29 -10.57 29.83
N ARG F 143 15.08 -11.77 29.28
CA ARG F 143 13.80 -12.16 28.72
C ARG F 143 13.44 -13.56 29.17
N ASN F 144 12.15 -13.81 29.32
CA ASN F 144 11.65 -15.16 29.59
C ASN F 144 10.39 -15.39 28.80
N VAL F 145 9.90 -16.63 28.86
CA VAL F 145 8.69 -17.00 28.13
C VAL F 145 7.49 -16.20 28.63
N HIS F 146 7.46 -15.90 29.93
CA HIS F 146 6.32 -15.20 30.50
C HIS F 146 6.19 -13.79 29.94
N PHE F 147 7.31 -13.13 29.65
CA PHE F 147 7.22 -11.83 28.98
C PHE F 147 6.56 -11.96 27.63
N ALA F 148 6.91 -13.00 26.88
CA ALA F 148 6.29 -13.23 25.58
C ALA F 148 4.79 -13.48 25.73
N ILE F 149 4.41 -14.27 26.71
CA ILE F 149 2.99 -14.56 26.88
C ILE F 149 2.23 -13.31 27.27
N GLN F 150 2.82 -12.48 28.14
CA GLN F 150 2.18 -11.22 28.50
C GLN F 150 2.01 -10.32 27.28
N ASP F 151 3.05 -10.23 26.45
CA ASP F 151 2.97 -9.39 25.26
C ASP F 151 1.87 -9.89 24.32
N ILE F 152 1.86 -11.19 24.06
CA ILE F 152 0.85 -11.74 23.16
C ILE F 152 -0.55 -11.54 23.73
N SER F 153 -0.72 -11.77 25.02
CA SER F 153 -2.02 -11.63 25.64
C SER F 153 -2.54 -10.20 25.52
N VAL F 154 -1.68 -9.22 25.84
CA VAL F 154 -2.09 -7.82 25.76
C VAL F 154 -2.45 -7.46 24.33
N ASP F 155 -1.61 -7.84 23.38
CA ASP F 155 -1.85 -7.45 21.99
C ASP F 155 -3.13 -8.11 21.46
N LEU F 156 -3.36 -9.38 21.81
CA LEU F 156 -4.59 -10.03 21.38
C LEU F 156 -5.81 -9.39 22.00
N LYS F 157 -5.73 -9.02 23.28
CA LYS F 157 -6.87 -8.40 23.94
C LYS F 157 -7.17 -7.03 23.37
N LYS F 158 -6.16 -6.35 22.82
CA LYS F 158 -6.41 -5.03 22.24
C LYS F 158 -7.41 -5.08 21.11
N ASN F 159 -7.28 -6.04 20.21
CA ASN F 159 -8.13 -6.14 19.02
C ASN F 159 -9.06 -7.33 19.14
N GLU F 160 -9.82 -7.57 18.06
CA GLU F 160 -10.76 -8.68 18.00
C GLU F 160 -10.51 -9.68 16.89
N ARG F 161 -9.75 -9.29 15.85
CA ARG F 161 -9.46 -10.18 14.73
C ARG F 161 -8.00 -10.05 14.39
N THR F 162 -7.26 -11.14 14.52
CA THR F 162 -5.82 -11.14 14.30
C THR F 162 -5.43 -12.28 13.39
N PHE F 163 -4.44 -12.04 12.54
CA PHE F 163 -3.95 -13.04 11.60
C PHE F 163 -2.70 -13.68 12.18
N LEU F 164 -2.80 -14.95 12.57
CA LEU F 164 -1.65 -15.64 13.14
C LEU F 164 -0.85 -16.33 12.05
N ALA F 165 0.38 -16.72 12.41
CA ALA F 165 1.22 -17.52 11.54
C ALA F 165 2.23 -18.24 12.44
N GLU F 166 1.99 -19.51 12.72
CA GLU F 166 2.85 -20.30 13.58
C GLU F 166 3.77 -21.17 12.74
N PHE F 167 5.06 -21.16 13.08
CA PHE F 167 6.07 -21.89 12.33
C PHE F 167 7.05 -22.55 13.27
N ASP F 168 7.36 -23.81 13.00
CA ASP F 168 8.43 -24.53 13.67
C ASP F 168 9.42 -25.00 12.63
N PHE F 169 10.70 -24.93 12.96
CA PHE F 169 11.75 -25.35 12.05
C PHE F 169 12.02 -26.84 12.22
N SER F 170 12.17 -27.53 11.10
CA SER F 170 12.23 -28.99 11.12
C SER F 170 13.38 -29.49 11.99
N ASP F 171 14.55 -28.89 11.84
CA ASP F 171 15.66 -29.19 12.74
C ASP F 171 16.49 -27.91 12.85
N PHE F 172 16.23 -27.12 13.89
CA PHE F 172 16.85 -25.81 13.98
C PHE F 172 18.32 -25.92 14.33
N PHE F 173 18.64 -26.56 15.46
CA PHE F 173 20.02 -26.65 15.89
C PHE F 173 20.86 -27.45 14.91
N GLY F 174 20.31 -28.51 14.36
CA GLY F 174 21.07 -29.46 13.58
C GLY F 174 21.23 -29.16 12.11
N SER F 175 20.78 -28.00 11.62
CA SER F 175 20.89 -27.73 10.19
C SER F 175 21.30 -26.30 9.87
N ILE F 176 21.90 -25.57 10.82
CA ILE F 176 22.42 -24.24 10.52
C ILE F 176 23.66 -24.38 9.65
N SER F 177 23.69 -23.65 8.53
CA SER F 177 24.85 -23.69 7.66
C SER F 177 25.98 -22.89 8.27
N HIS F 178 27.18 -23.48 8.28
CA HIS F 178 28.32 -22.82 8.92
C HIS F 178 28.77 -21.60 8.14
N SER F 179 28.61 -21.60 6.81
CA SER F 179 28.93 -20.41 6.04
C SER F 179 28.07 -19.23 6.46
N PHE F 180 26.77 -19.47 6.66
CA PHE F 180 25.88 -18.41 7.12
C PHE F 180 26.33 -17.88 8.48
N LEU F 181 26.64 -18.77 9.41
CA LEU F 181 27.07 -18.36 10.74
C LEU F 181 28.34 -17.51 10.65
N ASN F 182 29.34 -17.99 9.93
CA ASN F 182 30.59 -17.25 9.82
C ASN F 182 30.41 -15.92 9.09
N GLU F 183 29.39 -15.80 8.23
CA GLU F 183 29.08 -14.52 7.64
C GLU F 183 28.36 -13.59 8.60
N GLN F 184 27.60 -14.14 9.54
CA GLN F 184 26.82 -13.32 10.47
C GLN F 184 27.68 -12.63 11.52
N PHE F 185 28.94 -13.05 11.70
CA PHE F 185 29.74 -12.50 12.79
C PHE F 185 30.08 -11.04 12.60
N ASN F 186 30.01 -10.51 11.38
CA ASN F 186 30.40 -9.15 11.08
C ASN F 186 29.19 -8.29 10.70
N GLU F 187 28.05 -8.57 11.32
CA GLU F 187 26.82 -7.88 10.98
C GLU F 187 26.16 -7.37 12.25
N ASN F 188 25.20 -6.46 12.07
CA ASN F 188 24.36 -5.93 13.14
C ASN F 188 25.17 -5.27 14.25
N GLY F 189 26.42 -4.92 13.97
CA GLY F 189 27.27 -4.36 15.01
C GLY F 189 27.55 -5.31 16.13
N PHE F 190 27.67 -6.61 15.83
CA PHE F 190 28.02 -7.58 16.84
C PHE F 190 29.49 -7.41 17.24
N TYR F 191 29.75 -7.50 18.53
CA TYR F 191 31.10 -7.32 19.07
C TYR F 191 31.59 -8.69 19.54
N ILE F 192 32.27 -9.39 18.65
CA ILE F 192 32.84 -10.71 18.95
C ILE F 192 34.34 -10.62 18.79
N SER F 193 35.07 -10.79 19.90
CA SER F 193 36.51 -10.71 19.86
C SER F 193 37.09 -11.92 19.14
N PRO F 194 38.32 -11.82 18.64
CA PRO F 194 38.92 -12.97 17.96
C PRO F 194 38.99 -14.21 18.83
N GLU F 195 39.18 -14.05 20.15
CA GLU F 195 39.19 -15.21 21.03
C GLU F 195 37.83 -15.89 21.04
N GLU F 196 36.76 -15.12 21.19
CA GLU F 196 35.42 -15.69 21.18
C GLU F 196 35.10 -16.31 19.82
N LYS F 197 35.53 -15.66 18.74
CA LYS F 197 35.31 -16.22 17.41
C LYS F 197 36.02 -17.55 17.25
N PHE F 198 37.27 -17.63 17.73
CA PHE F 198 37.99 -18.90 17.66
C PHE F 198 37.31 -19.97 18.49
N ILE F 199 36.82 -19.61 19.69
CA ILE F 199 36.14 -20.59 20.51
C ILE F 199 34.88 -21.10 19.82
N ILE F 200 34.10 -20.17 19.24
CA ILE F 200 32.88 -20.56 18.53
C ILE F 200 33.22 -21.52 17.41
N ARG F 201 34.22 -21.19 16.60
CA ARG F 201 34.62 -22.08 15.51
C ARG F 201 35.12 -23.41 16.05
N SER F 202 35.74 -23.40 17.22
CA SER F 202 36.21 -24.64 17.83
C SER F 202 35.04 -25.54 18.17
N PHE F 203 33.96 -24.97 18.70
CA PHE F 203 32.80 -25.80 19.04
C PHE F 203 32.04 -26.29 17.83
N LEU F 204 32.32 -25.77 16.63
CA LEU F 204 31.66 -26.20 15.41
C LEU F 204 32.52 -27.08 14.53
N ARG F 205 33.73 -27.43 14.99
CA ARG F 205 34.68 -28.09 14.10
C ARG F 205 34.36 -29.56 13.87
N GLU F 206 33.80 -30.25 14.86
CA GLU F 206 33.53 -31.68 14.70
C GLU F 206 32.52 -31.93 13.58
N ARG F 207 31.48 -31.12 13.52
CA ARG F 207 30.43 -31.28 12.52
C ARG F 207 30.68 -30.36 11.34
N LYS F 208 29.88 -30.55 10.29
CA LYS F 208 29.98 -29.72 9.09
C LYS F 208 28.73 -28.87 8.85
N VAL F 209 27.64 -29.12 9.56
CA VAL F 209 26.44 -28.30 9.44
C VAL F 209 25.69 -28.40 10.77
N GLY F 210 25.13 -27.27 11.20
CA GLY F 210 24.39 -27.22 12.43
C GLY F 210 25.29 -26.99 13.64
N ILE F 211 24.66 -26.48 14.70
CA ILE F 211 25.37 -26.17 15.95
C ILE F 211 25.16 -27.34 16.91
N PRO F 212 26.04 -27.54 17.88
CA PRO F 212 25.83 -28.62 18.84
C PRO F 212 24.58 -28.38 19.67
N GLN F 213 24.14 -29.42 20.36
CA GLN F 213 22.91 -29.39 21.14
C GLN F 213 23.23 -29.79 22.56
N GLY F 214 23.15 -28.83 23.48
CA GLY F 214 23.46 -29.10 24.87
C GLY F 214 24.57 -28.24 25.43
N THR F 215 24.86 -27.13 24.74
CA THR F 215 25.85 -26.18 25.20
C THR F 215 25.26 -24.78 25.15
N SER F 216 25.83 -23.89 25.97
CA SER F 216 25.34 -22.51 26.02
C SER F 216 25.76 -21.72 24.78
N ILE F 217 26.98 -21.98 24.32
CA ILE F 217 27.51 -21.24 23.14
C ILE F 217 26.51 -21.45 21.98
N SER F 218 25.90 -22.63 21.92
CA SER F 218 24.93 -22.93 20.84
C SER F 218 23.74 -21.99 20.99
N LEU F 219 23.34 -21.72 22.23
CA LEU F 219 22.16 -20.86 22.47
C LEU F 219 22.42 -19.46 21.89
N PHE F 220 23.62 -18.93 22.10
CA PHE F 220 23.97 -17.58 21.57
C PHE F 220 23.93 -17.65 20.04
N LEU F 221 24.56 -18.68 19.48
CA LEU F 221 24.64 -18.80 18.00
C LEU F 221 23.21 -18.89 17.43
N ALA F 222 22.30 -19.53 18.15
CA ALA F 222 20.89 -19.63 17.71
C ALA F 222 20.29 -18.24 17.56
N ASN F 223 20.40 -17.43 18.61
CA ASN F 223 19.81 -16.05 18.58
C ASN F 223 20.54 -15.23 17.50
N LEU F 224 21.85 -15.42 17.37
CA LEU F 224 22.63 -14.69 16.34
C LEU F 224 22.07 -15.05 14.97
N THR F 225 21.75 -16.31 14.73
CA THR F 225 21.27 -16.74 13.40
C THR F 225 19.99 -16.02 13.04
N CYS F 226 19.06 -15.89 13.98
CA CYS F 226 17.73 -15.30 13.66
C CYS F 226 17.68 -13.79 13.93
N TRP F 227 18.74 -13.05 13.61
CA TRP F 227 18.74 -11.60 13.77
C TRP F 227 18.22 -10.88 12.55
N LYS F 228 18.61 -11.34 11.34
CA LYS F 228 18.07 -10.75 10.13
C LYS F 228 16.58 -11.02 10.00
N LEU F 229 16.16 -12.23 10.37
CA LEU F 229 14.73 -12.53 10.36
C LEU F 229 13.96 -11.63 11.31
N ASP F 230 14.49 -11.42 12.52
CA ASP F 230 13.82 -10.55 13.48
C ASP F 230 13.75 -9.12 12.96
N GLN F 231 14.85 -8.63 12.38
CA GLN F 231 14.85 -7.27 11.85
C GLN F 231 13.85 -7.12 10.71
N ASP F 232 13.79 -8.11 9.82
CA ASP F 232 12.86 -8.04 8.70
C ASP F 232 11.42 -8.05 9.19
N LEU F 233 11.11 -8.93 10.15
CA LEU F 233 9.76 -8.98 10.68
C LEU F 233 9.39 -7.68 11.38
N GLU F 234 10.32 -7.10 12.13
CA GLU F 234 10.06 -5.82 12.76
C GLU F 234 9.82 -4.73 11.72
N ARG F 235 10.63 -4.69 10.67
CA ARG F 235 10.48 -3.68 9.63
C ARG F 235 9.19 -3.87 8.83
N GLU F 236 8.64 -5.08 8.81
CA GLU F 236 7.35 -5.27 8.17
C GLU F 236 6.22 -4.68 9.00
N GLY F 237 6.46 -4.40 10.28
CA GLY F 237 5.43 -3.89 11.14
C GLY F 237 4.59 -4.94 11.82
N VAL F 238 4.88 -6.22 11.62
CA VAL F 238 4.13 -7.27 12.28
C VAL F 238 4.67 -7.45 13.69
N LYS F 239 3.76 -7.81 14.60
CA LYS F 239 4.16 -8.20 15.94
C LYS F 239 4.45 -9.70 15.94
N PHE F 240 5.51 -10.09 16.62
CA PHE F 240 5.90 -11.49 16.67
C PHE F 240 6.57 -11.78 18.00
N SER F 241 6.84 -13.06 18.23
CA SER F 241 7.50 -13.49 19.46
C SER F 241 8.13 -14.84 19.18
N ARG F 242 9.45 -14.89 19.18
CA ARG F 242 10.19 -16.11 18.86
C ARG F 242 10.83 -16.66 20.13
N TYR F 243 10.66 -17.96 20.34
CA TYR F 243 11.29 -18.68 21.45
C TYR F 243 12.00 -19.87 20.83
N ALA F 244 13.31 -19.75 20.64
CA ALA F 244 14.13 -20.76 19.98
C ALA F 244 13.58 -20.92 18.57
N ASP F 245 13.15 -22.12 18.14
CA ASP F 245 12.60 -22.27 16.81
C ASP F 245 11.13 -21.91 16.75
N ASP F 246 10.40 -22.07 17.85
CA ASP F 246 8.98 -21.76 17.86
C ASP F 246 8.76 -20.26 17.64
N THR F 247 8.00 -19.93 16.61
CA THR F 247 7.75 -18.55 16.25
C THR F 247 6.25 -18.36 16.06
N ILE F 248 5.73 -17.26 16.60
CA ILE F 248 4.35 -16.86 16.38
C ILE F 248 4.35 -15.43 15.88
N ILE F 249 3.70 -15.19 14.76
CA ILE F 249 3.56 -13.86 14.19
C ILE F 249 2.07 -13.55 14.09
N TRP F 250 1.67 -12.39 14.61
CA TRP F 250 0.30 -11.95 14.54
C TRP F 250 0.27 -10.50 14.08
N SER F 251 -0.62 -10.20 13.14
CA SER F 251 -0.79 -8.85 12.64
C SER F 251 -2.25 -8.65 12.29
N GLN F 252 -2.62 -7.39 12.16
CA GLN F 252 -3.99 -7.02 11.85
C GLN F 252 -4.30 -7.06 10.37
N GLU F 253 -3.30 -7.28 9.52
CA GLU F 253 -3.45 -7.24 8.08
C GLU F 253 -3.01 -8.55 7.46
N TYR F 254 -3.78 -9.01 6.47
CA TYR F 254 -3.44 -10.24 5.76
C TYR F 254 -2.17 -10.07 4.95
N SER F 255 -1.99 -8.92 4.32
CA SER F 255 -0.80 -8.70 3.50
C SER F 255 0.47 -8.76 4.34
N LYS F 256 0.43 -8.18 5.53
CA LYS F 256 1.59 -8.21 6.40
C LYS F 256 1.95 -9.64 6.78
N ILE F 257 0.95 -10.47 7.07
CA ILE F 257 1.24 -11.84 7.48
C ILE F 257 1.72 -12.67 6.28
N CYS F 258 1.22 -12.38 5.08
CA CYS F 258 1.76 -13.06 3.90
C CYS F 258 3.22 -12.67 3.67
N ASN F 259 3.53 -11.39 3.85
CA ASN F 259 4.92 -10.96 3.75
C ASN F 259 5.78 -11.59 4.83
N ALA F 260 5.23 -11.81 6.02
CA ALA F 260 5.97 -12.49 7.07
C ALA F 260 6.25 -13.93 6.67
N PHE F 261 5.28 -14.60 6.06
CA PHE F 261 5.52 -15.95 5.56
C PHE F 261 6.64 -15.95 4.53
N ASN F 262 6.60 -14.99 3.60
CA ASN F 262 7.66 -14.92 2.59
C ASN F 262 9.01 -14.64 3.22
N ILE F 263 9.04 -13.79 4.26
CA ILE F 263 10.28 -13.45 4.92
C ILE F 263 10.88 -14.68 5.60
N ILE F 264 10.03 -15.46 6.28
CA ILE F 264 10.53 -16.67 6.93
C ILE F 264 11.02 -17.67 5.89
N THR F 265 10.30 -17.78 4.77
CA THR F 265 10.76 -18.67 3.71
C THR F 265 12.12 -18.26 3.17
N ASN F 266 12.30 -16.96 2.94
CA ASN F 266 13.59 -16.47 2.46
C ASN F 266 14.69 -16.70 3.48
N PHE F 267 14.40 -16.47 4.76
CA PHE F 267 15.40 -16.72 5.80
C PHE F 267 15.77 -18.19 5.86
N SER F 268 14.79 -19.09 5.73
CA SER F 268 15.07 -20.51 5.73
C SER F 268 15.93 -20.90 4.53
N LYS F 269 15.64 -20.35 3.36
CA LYS F 269 16.46 -20.62 2.20
C LYS F 269 17.86 -20.06 2.36
N SER F 270 18.01 -18.96 3.12
CA SER F 270 19.33 -18.38 3.33
C SER F 270 20.15 -19.18 4.34
N ALA F 271 19.50 -19.71 5.38
CA ALA F 271 20.19 -20.42 6.44
C ALA F 271 20.09 -21.93 6.35
N GLY F 272 19.24 -22.45 5.45
CA GLY F 272 19.13 -23.89 5.30
C GLY F 272 18.32 -24.59 6.36
N ILE F 273 17.48 -23.88 7.11
CA ILE F 273 16.62 -24.50 8.11
C ILE F 273 15.20 -24.54 7.57
N LYS F 274 14.84 -25.65 6.93
CA LYS F 274 13.51 -25.77 6.36
C LYS F 274 12.46 -25.85 7.45
N ILE F 275 11.32 -25.21 7.22
CA ILE F 275 10.24 -25.22 8.20
C ILE F 275 9.61 -26.60 8.26
N ASN F 276 9.05 -26.95 9.42
CA ASN F 276 8.44 -28.25 9.61
C ASN F 276 6.98 -28.18 9.20
N PRO F 277 6.57 -28.85 8.13
CA PRO F 277 5.17 -28.74 7.68
C PRO F 277 4.17 -29.30 8.67
N LYS F 278 4.59 -30.17 9.59
CA LYS F 278 3.63 -30.80 10.49
C LYS F 278 3.32 -29.90 11.69
N LYS F 279 4.34 -29.45 12.41
CA LYS F 279 4.12 -28.65 13.60
C LYS F 279 3.78 -27.20 13.30
N SER F 280 3.96 -26.74 12.07
CA SER F 280 3.64 -25.37 11.70
C SER F 280 2.19 -25.33 11.23
N GLU F 281 1.35 -24.59 11.95
CA GLU F 281 -0.07 -24.54 11.62
C GLU F 281 -0.35 -23.66 10.41
N GLY F 282 0.59 -22.83 10.00
CA GLY F 282 0.35 -21.94 8.89
C GLY F 282 -0.42 -20.70 9.31
N ILE F 283 -0.94 -20.01 8.31
CA ILE F 283 -1.66 -18.75 8.52
C ILE F 283 -3.09 -19.05 8.94
N SER F 284 -3.50 -18.47 10.06
CA SER F 284 -4.86 -18.65 10.56
C SER F 284 -5.49 -17.30 10.85
N LEU F 285 -6.65 -17.30 11.48
CA LEU F 285 -7.33 -16.05 11.84
C LEU F 285 -7.93 -16.23 13.22
N LEU F 286 -7.37 -15.53 14.20
CA LEU F 286 -7.80 -15.66 15.59
C LEU F 286 -8.94 -14.68 15.84
N THR F 287 -10.14 -15.20 15.93
CA THR F 287 -11.32 -14.40 16.21
C THR F 287 -11.81 -14.66 17.62
N LYS F 288 -12.95 -14.10 17.96
CA LYS F 288 -13.60 -14.37 19.24
C LYS F 288 -14.30 -15.72 19.14
N LYS F 289 -15.09 -16.07 20.16
CA LYS F 289 -15.67 -17.40 20.23
C LYS F 289 -16.65 -17.66 19.10
N GLY F 290 -17.48 -16.68 18.77
CA GLY F 290 -18.53 -16.92 17.79
C GLY F 290 -18.57 -15.94 16.63
N LEU F 291 -17.44 -15.32 16.34
CA LEU F 291 -17.38 -14.39 15.20
C LEU F 291 -17.20 -15.17 13.90
N PRO F 292 -17.99 -14.90 12.87
CA PRO F 292 -17.78 -15.58 11.59
C PRO F 292 -16.43 -15.20 10.98
N SER F 293 -15.82 -16.16 10.30
CA SER F 293 -14.52 -15.97 9.68
C SER F 293 -14.57 -16.38 8.22
N GLU F 294 -13.79 -15.68 7.40
CA GLU F 294 -13.77 -15.92 5.96
C GLU F 294 -12.67 -16.87 5.54
N ILE F 295 -11.60 -17.00 6.33
CA ILE F 295 -10.54 -17.96 6.03
C ILE F 295 -10.42 -18.92 7.20
N THR F 296 -9.44 -19.81 7.15
CA THR F 296 -9.25 -20.78 8.22
C THR F 296 -9.12 -20.09 9.56
N SER F 297 -9.91 -20.54 10.53
CA SER F 297 -10.09 -19.83 11.79
C SER F 297 -9.78 -20.72 12.97
N LYS F 298 -9.42 -20.08 14.08
CA LYS F 298 -9.25 -20.75 15.36
C LYS F 298 -9.59 -19.77 16.46
N ASN F 299 -10.12 -20.28 17.57
CA ASN F 299 -10.50 -19.43 18.67
C ASN F 299 -9.39 -19.24 19.70
N ASN F 300 -8.38 -20.10 19.70
CA ASN F 300 -7.27 -19.97 20.62
C ASN F 300 -6.03 -20.60 20.01
N LEU F 301 -4.88 -20.19 20.54
CA LEU F 301 -3.59 -20.71 20.09
C LEU F 301 -2.80 -21.20 21.28
N ASP F 302 -1.87 -22.11 21.01
CA ASP F 302 -1.00 -22.67 22.03
C ASP F 302 0.41 -22.12 21.84
N PHE F 303 1.02 -21.68 22.93
CA PHE F 303 2.38 -21.15 22.86
C PHE F 303 3.09 -21.47 24.16
N LEU F 304 3.84 -22.57 24.18
CA LEU F 304 4.72 -22.94 25.29
C LEU F 304 3.97 -22.97 26.62
N GLY F 305 3.03 -23.91 26.70
CA GLY F 305 2.32 -24.17 27.94
C GLY F 305 1.13 -23.29 28.22
N TYR F 306 0.86 -22.31 27.36
CA TYR F 306 -0.29 -21.43 27.52
C TYR F 306 -1.19 -21.57 26.29
N THR F 307 -2.49 -21.67 26.53
CA THR F 307 -3.47 -21.63 25.46
C THR F 307 -4.05 -20.23 25.45
N LEU F 308 -3.61 -19.42 24.49
CA LEU F 308 -3.97 -18.02 24.43
C LEU F 308 -5.18 -17.84 23.53
N SER F 309 -6.23 -17.25 24.07
CA SER F 309 -7.40 -16.84 23.31
C SER F 309 -7.42 -15.32 23.23
N VAL F 310 -8.46 -14.78 22.61
CA VAL F 310 -8.59 -13.33 22.52
C VAL F 310 -8.87 -12.73 23.88
N GLU F 311 -9.68 -13.41 24.70
CA GLU F 311 -10.15 -12.82 25.94
C GLU F 311 -9.28 -13.16 27.14
N ASN F 312 -8.79 -14.40 27.24
CA ASN F 312 -8.10 -14.83 28.44
C ASN F 312 -6.98 -15.79 28.10
N VAL F 313 -6.03 -15.91 29.03
CA VAL F 313 -4.91 -16.82 28.94
C VAL F 313 -5.17 -18.01 29.83
N SER F 314 -4.95 -19.21 29.31
CA SER F 314 -5.25 -20.42 30.05
C SER F 314 -4.12 -21.43 29.86
N ILE F 315 -4.08 -22.39 30.79
CA ILE F 315 -3.07 -23.44 30.71
C ILE F 315 -3.31 -24.29 29.48
N LYS F 316 -2.22 -24.70 28.83
CA LYS F 316 -2.32 -25.56 27.67
C LYS F 316 -2.97 -26.88 28.04
N GLU F 317 -3.76 -27.43 27.13
CA GLU F 317 -4.52 -28.63 27.44
C GLU F 317 -3.61 -29.80 27.79
N LYS F 318 -2.49 -29.93 27.07
CA LYS F 318 -1.54 -30.98 27.39
C LYS F 318 -0.92 -30.76 28.77
N SER F 319 -0.67 -29.50 29.12
CA SER F 319 -0.16 -29.21 30.46
C SER F 319 -1.20 -29.51 31.52
N VAL F 320 -2.47 -29.24 31.22
CA VAL F 320 -3.53 -29.60 32.16
C VAL F 320 -3.60 -31.11 32.35
N LYS F 321 -3.40 -31.86 31.26
CA LYS F 321 -3.37 -33.31 31.38
C LYS F 321 -2.18 -33.77 32.20
N LYS F 322 -1.04 -33.09 32.06
CA LYS F 322 0.11 -33.40 32.91
C LYS F 322 -0.20 -33.16 34.38
N ILE F 323 -0.86 -32.03 34.67
CA ILE F 323 -1.24 -31.72 36.05
C ILE F 323 -2.17 -32.79 36.60
N LYS F 324 -3.16 -33.18 35.80
CA LYS F 324 -4.10 -34.22 36.23
C LYS F 324 -3.38 -35.53 36.45
N LYS F 325 -2.45 -35.89 35.56
CA LYS F 325 -1.69 -37.11 35.73
C LYS F 325 -0.91 -37.09 37.03
N GLN F 326 -0.25 -35.97 37.33
CA GLN F 326 0.56 -35.89 38.54
C GLN F 326 -0.31 -36.00 39.79
N ILE F 327 -1.41 -35.27 39.84
CA ILE F 327 -2.26 -35.30 41.03
C ILE F 327 -2.89 -36.66 41.21
N SER F 328 -3.43 -37.23 40.12
CA SER F 328 -4.05 -38.54 40.20
C SER F 328 -3.05 -39.60 40.60
N TYR F 329 -1.82 -39.50 40.09
CA TYR F 329 -0.82 -40.49 40.48
C TYR F 329 -0.43 -40.34 41.95
N ILE F 330 -0.38 -39.10 42.45
CA ILE F 330 -0.10 -38.91 43.87
C ILE F 330 -1.17 -39.63 44.69
N LEU F 331 -2.44 -39.41 44.32
CA LEU F 331 -3.53 -40.06 45.05
C LEU F 331 -3.44 -41.58 44.95
N TYR F 332 -3.18 -42.09 43.75
CA TYR F 332 -3.10 -43.54 43.55
C TYR F 332 -1.93 -44.15 44.32
N ARG F 333 -0.80 -43.46 44.31
CA ARG F 333 0.41 -43.98 44.96
C ARG F 333 0.25 -43.98 46.48
N ASN F 334 -0.38 -42.95 47.03
CA ASN F 334 -0.49 -42.88 48.49
C ASN F 334 -1.76 -43.51 49.04
N LEU F 335 -2.70 -43.89 48.18
CA LEU F 335 -3.98 -44.43 48.66
C LEU F 335 -4.26 -45.83 48.18
N ILE F 336 -4.07 -46.10 46.89
CA ILE F 336 -4.54 -47.33 46.27
C ILE F 336 -3.39 -48.31 46.04
N GLN F 337 -2.28 -47.82 45.49
CA GLN F 337 -1.18 -48.71 45.12
C GLN F 337 -0.67 -49.57 46.27
N PRO F 338 -0.50 -49.08 47.50
CA PRO F 338 -0.09 -49.98 48.58
C PRO F 338 -1.06 -51.12 48.83
N LEU F 339 -2.35 -50.89 48.60
CA LEU F 339 -3.36 -51.91 48.86
C LEU F 339 -3.49 -52.94 47.74
N LYS F 340 -2.87 -52.69 46.58
CA LYS F 340 -2.92 -53.63 45.47
C LYS F 340 -1.80 -54.66 45.52
N LYS F 341 -0.95 -54.62 46.54
CA LYS F 341 0.13 -55.58 46.65
C LYS F 341 -0.41 -56.94 47.09
N THR F 342 0.45 -57.96 46.99
CA THR F 342 0.05 -59.31 47.38
C THR F 342 -0.21 -59.41 48.87
N SER F 343 0.57 -58.73 49.70
CA SER F 343 0.42 -58.77 51.14
C SER F 343 0.41 -57.35 51.70
N LEU F 344 -0.26 -57.19 52.83
CA LEU F 344 -0.35 -55.91 53.51
C LEU F 344 0.54 -55.85 54.76
N ALA F 345 1.54 -56.73 54.84
CA ALA F 345 2.41 -56.76 56.00
C ALA F 345 3.24 -55.50 56.08
N GLY F 346 3.34 -54.94 57.29
CA GLY F 346 4.10 -53.74 57.51
C GLY F 346 3.41 -52.44 57.15
N GLN F 347 2.17 -52.50 56.70
CA GLN F 347 1.41 -51.31 56.33
C GLN F 347 0.47 -50.92 57.46
N THR F 348 0.25 -49.62 57.61
CA THR F 348 -0.64 -49.12 58.66
C THR F 348 -2.05 -49.04 58.11
N ILE F 349 -2.94 -49.88 58.63
CA ILE F 349 -4.34 -49.88 58.20
C ILE F 349 -5.06 -48.73 58.89
N PRO F 350 -5.78 -47.89 58.16
CA PRO F 350 -6.47 -46.76 58.78
C PRO F 350 -7.46 -47.24 59.84
N ALA F 351 -7.49 -46.53 60.96
CA ALA F 351 -8.39 -46.87 62.05
C ALA F 351 -8.58 -45.65 62.93
N ASN F 352 -9.66 -45.67 63.72
CA ASN F 352 -9.99 -44.59 64.64
C ASN F 352 -10.10 -43.25 63.93
N ASP F 353 -10.61 -43.28 62.69
CA ASP F 353 -10.79 -42.07 61.87
C ASP F 353 -9.48 -41.32 61.70
N ARG F 354 -8.38 -42.07 61.51
CA ARG F 354 -7.05 -41.47 61.32
C ARG F 354 -6.37 -42.23 60.18
N ASP F 355 -6.54 -41.73 58.96
CA ASP F 355 -5.89 -42.30 57.78
C ASP F 355 -4.68 -41.44 57.46
N LYS F 356 -3.51 -41.87 57.95
CA LYS F 356 -2.29 -41.11 57.70
C LYS F 356 -1.96 -41.06 56.22
N ASN F 357 -2.26 -42.13 55.48
CA ASN F 357 -2.00 -42.13 54.05
C ASN F 357 -2.80 -41.07 53.33
N PHE F 358 -4.05 -40.87 53.72
CA PHE F 358 -4.83 -39.77 53.16
C PHE F 358 -4.20 -38.43 53.49
N LEU F 359 -3.75 -38.27 54.74
CA LEU F 359 -3.08 -37.02 55.12
C LEU F 359 -1.82 -36.81 54.31
N ILE F 360 -1.04 -37.87 54.11
CA ILE F 360 0.19 -37.77 53.33
C ILE F 360 -0.13 -37.38 51.88
N ALA F 361 -1.15 -38.01 51.30
CA ALA F 361 -1.52 -37.69 49.93
C ALA F 361 -1.98 -36.25 49.80
N ILE F 362 -2.80 -35.77 50.74
CA ILE F 362 -3.27 -34.39 50.68
C ILE F 362 -2.10 -33.43 50.84
N CYS F 363 -1.18 -33.73 51.76
CA CYS F 363 -0.02 -32.86 51.96
C CYS F 363 0.86 -32.83 50.72
N GLU F 364 1.03 -33.97 50.06
CA GLU F 364 1.86 -34.00 48.86
C GLU F 364 1.18 -33.27 47.70
N ILE F 365 -0.13 -33.36 47.61
CA ILE F 365 -0.85 -32.59 46.58
C ILE F 365 -0.70 -31.10 46.86
N ARG F 366 -0.83 -30.71 48.12
CA ARG F 366 -0.63 -29.31 48.49
C ARG F 366 0.79 -28.86 48.15
N ARG F 367 1.78 -29.71 48.44
CA ARG F 367 3.14 -29.42 48.03
C ARG F 367 3.19 -29.15 46.53
N TYR F 368 2.82 -30.15 45.73
CA TYR F 368 2.91 -30.04 44.28
C TYR F 368 2.22 -28.79 43.74
N MET F 369 1.06 -28.43 44.30
CA MET F 369 0.31 -27.33 43.72
C MET F 369 0.76 -25.98 44.28
N TYR F 370 0.67 -25.79 45.59
CA TYR F 370 1.05 -24.52 46.18
C TYR F 370 2.56 -24.40 46.34
N GLY F 371 3.17 -25.33 47.08
CA GLY F 371 4.49 -25.12 47.61
C GLY F 371 4.51 -25.35 49.11
N GLY F 372 3.49 -26.03 49.61
CA GLY F 372 3.32 -26.21 51.03
C GLY F 372 2.59 -25.08 51.73
N LEU F 373 2.16 -24.07 50.99
CA LEU F 373 1.44 -22.96 51.59
C LEU F 373 0.09 -23.41 52.13
N SER F 374 -0.39 -22.69 53.13
CA SER F 374 -1.70 -22.95 53.70
C SER F 374 -2.71 -21.93 53.20
N LYS F 375 -3.99 -22.32 53.24
CA LYS F 375 -5.05 -21.39 52.89
C LYS F 375 -5.04 -20.18 53.82
N SER F 376 -4.69 -20.39 55.09
CA SER F 376 -4.59 -19.26 56.02
C SER F 376 -3.52 -18.28 55.56
N GLN F 377 -2.35 -18.79 55.17
CA GLN F 377 -1.28 -17.90 54.70
C GLN F 377 -1.69 -17.17 53.43
N ILE F 378 -2.31 -17.88 52.49
CA ILE F 378 -2.68 -17.25 51.24
C ILE F 378 -3.75 -16.18 51.47
N LYS F 379 -4.73 -16.46 52.32
CA LYS F 379 -5.74 -15.46 52.63
C LYS F 379 -5.15 -14.27 53.37
N ASP F 380 -4.18 -14.52 54.26
CA ASP F 380 -3.50 -13.43 54.94
C ASP F 380 -2.79 -12.53 53.94
N TYR F 381 -2.11 -13.13 52.96
CA TYR F 381 -1.46 -12.33 51.94
C TYR F 381 -2.48 -11.55 51.12
N LEU F 382 -3.60 -12.19 50.76
CA LEU F 382 -4.61 -11.51 49.95
C LEU F 382 -5.20 -10.31 50.69
N SER F 383 -5.50 -10.47 51.98
CA SER F 383 -6.09 -9.39 52.75
C SER F 383 -5.12 -8.24 53.01
N GLY F 384 -3.83 -8.44 52.75
CA GLY F 384 -2.83 -7.47 53.13
C GLY F 384 -2.34 -7.60 54.54
N ARG F 385 -2.86 -8.57 55.30
CA ARG F 385 -2.38 -8.79 56.66
C ARG F 385 -0.90 -9.14 56.68
N SER F 386 -0.41 -9.80 55.63
CA SER F 386 0.99 -10.15 55.51
C SER F 386 1.52 -9.64 54.18
N ASN F 387 2.84 -9.49 54.11
CA ASN F 387 3.50 -8.99 52.92
C ASN F 387 4.44 -9.98 52.27
N ARG F 388 4.71 -11.11 52.91
CA ARG F 388 5.62 -12.12 52.37
C ARG F 388 4.84 -13.35 51.97
N LEU F 389 5.02 -13.78 50.73
CA LEU F 389 4.44 -15.02 50.25
C LEU F 389 5.33 -15.54 49.12
N TYR F 390 5.70 -16.81 49.21
CA TYR F 390 6.57 -17.43 48.23
C TYR F 390 5.75 -18.32 47.30
N PHE F 391 6.00 -18.18 46.00
CA PHE F 391 5.26 -18.90 44.97
C PHE F 391 6.19 -19.93 44.34
N LYS F 392 6.12 -21.17 44.82
CA LYS F 392 6.87 -22.26 44.19
C LYS F 392 5.97 -23.49 44.16
N GLY F 393 5.20 -23.62 43.08
CA GLY F 393 4.36 -24.77 42.89
C GLY F 393 4.13 -25.00 41.41
N ILE F 394 3.13 -25.80 41.06
CA ILE F 394 2.81 -25.96 39.64
C ILE F 394 2.25 -24.66 39.09
N MET F 395 1.67 -23.82 39.94
CA MET F 395 1.10 -22.57 39.46
C MET F 395 2.17 -21.53 39.15
N SER F 396 3.30 -21.59 39.84
CA SER F 396 4.36 -20.62 39.59
C SER F 396 4.95 -20.75 38.20
N PHE F 397 4.70 -21.86 37.51
CA PHE F 397 5.09 -22.00 36.12
C PHE F 397 4.08 -21.41 35.16
N TYR F 398 2.91 -21.02 35.65
CA TYR F 398 1.88 -20.37 34.83
C TYR F 398 1.37 -19.15 35.58
N PRO F 399 2.21 -18.14 35.81
CA PRO F 399 1.76 -16.98 36.60
C PRO F 399 0.75 -16.12 35.88
N LEU F 400 0.70 -16.14 34.56
CA LEU F 400 -0.13 -15.24 33.80
C LEU F 400 -1.51 -15.81 33.47
N VAL F 401 -1.84 -16.99 33.99
CA VAL F 401 -3.13 -17.58 33.72
C VAL F 401 -4.22 -16.76 34.39
N ASN F 402 -5.11 -16.19 33.59
CA ASN F 402 -6.25 -15.44 34.10
C ASN F 402 -7.58 -16.13 33.84
N ASP F 403 -7.55 -17.37 33.40
CA ASP F 403 -8.78 -18.13 33.14
C ASP F 403 -9.27 -18.71 34.46
N VAL F 404 -10.20 -18.02 35.10
CA VAL F 404 -10.74 -18.51 36.37
C VAL F 404 -11.63 -19.73 36.15
N GLU F 405 -12.30 -19.81 34.99
CA GLU F 405 -13.18 -20.94 34.74
C GLU F 405 -12.40 -22.25 34.66
N GLN F 406 -11.24 -22.23 33.99
CA GLN F 406 -10.44 -23.44 33.87
C GLN F 406 -9.96 -23.90 35.25
N LEU F 407 -9.54 -22.96 36.09
CA LEU F 407 -9.12 -23.33 37.44
C LEU F 407 -10.28 -23.84 38.27
N LYS F 408 -11.48 -23.29 38.08
CA LYS F 408 -12.65 -23.83 38.76
C LYS F 408 -12.91 -25.27 38.35
N GLN F 409 -12.81 -25.55 37.05
CA GLN F 409 -12.99 -26.92 36.58
C GLN F 409 -11.92 -27.83 37.14
N LEU F 410 -10.68 -27.35 37.22
CA LEU F 410 -9.60 -28.15 37.80
C LEU F 410 -9.86 -28.45 39.27
N ASP F 411 -10.36 -27.46 40.02
CA ASP F 411 -10.68 -27.69 41.42
C ASP F 411 -11.78 -28.73 41.59
N GLY F 412 -12.82 -28.62 40.78
CA GLY F 412 -13.87 -29.62 40.82
C GLY F 412 -13.35 -31.00 40.49
N TRP F 413 -12.46 -31.09 39.49
CA TRP F 413 -11.85 -32.35 39.15
C TRP F 413 -11.06 -32.92 40.32
N ILE F 414 -10.31 -32.06 41.02
CA ILE F 414 -9.51 -32.52 42.15
C ILE F 414 -10.39 -33.10 43.23
N VAL F 415 -11.48 -32.39 43.56
CA VAL F 415 -12.38 -32.87 44.61
C VAL F 415 -13.01 -34.19 44.21
N SER F 416 -13.49 -34.27 42.96
CA SER F 416 -14.16 -35.50 42.53
C SER F 416 -13.20 -36.68 42.52
N VAL F 417 -11.97 -36.45 42.04
CA VAL F 417 -11.00 -37.54 41.99
C VAL F 417 -10.61 -37.97 43.39
N ILE F 418 -10.51 -37.02 44.33
CA ILE F 418 -10.23 -37.38 45.71
C ILE F 418 -11.34 -38.26 46.25
N TYR F 419 -12.59 -37.90 45.99
CA TYR F 419 -13.72 -38.69 46.47
C TYR F 419 -13.68 -40.10 45.88
N ARG F 420 -13.45 -40.20 44.58
CA ARG F 420 -13.47 -41.52 43.94
C ARG F 420 -12.31 -42.39 44.39
N ALA F 421 -11.13 -41.79 44.56
CA ALA F 421 -9.99 -42.54 45.06
C ALA F 421 -10.24 -43.02 46.49
N LEU F 422 -10.87 -42.19 47.31
CA LEU F 422 -11.22 -42.61 48.66
C LEU F 422 -12.22 -43.77 48.64
N LYS F 423 -13.19 -43.70 47.73
CA LYS F 423 -14.13 -44.81 47.60
C LYS F 423 -13.42 -46.09 47.20
N LEU F 424 -12.49 -46.01 46.25
CA LEU F 424 -11.76 -47.20 45.84
C LEU F 424 -10.90 -47.73 46.98
N ARG F 425 -10.31 -46.83 47.77
CA ARG F 425 -9.53 -47.27 48.93
C ARG F 425 -10.42 -47.99 49.93
N CYS F 426 -11.62 -47.46 50.16
CA CYS F 426 -12.55 -48.13 51.08
C CYS F 426 -12.93 -49.51 50.55
N GLN F 427 -13.18 -49.62 49.25
CA GLN F 427 -13.53 -50.91 48.66
C GLN F 427 -12.38 -51.90 48.81
N LEU F 428 -11.15 -51.44 48.58
CA LEU F 428 -10.00 -52.33 48.71
C LEU F 428 -9.79 -52.76 50.16
N LEU F 429 -9.99 -51.83 51.10
CA LEU F 429 -9.88 -52.18 52.51
C LEU F 429 -10.94 -53.22 52.90
N SER F 430 -12.17 -53.05 52.39
CA SER F 430 -13.20 -54.04 52.65
C SER F 430 -12.82 -55.39 52.06
N LYS F 431 -12.27 -55.38 50.84
CA LYS F 431 -11.84 -56.62 50.22
C LYS F 431 -10.69 -57.26 50.97
N TRP F 432 -9.93 -56.47 51.72
CA TRP F 432 -8.82 -56.97 52.52
C TRP F 432 -9.22 -57.35 53.93
N GLY F 433 -10.51 -57.25 54.27
CA GLY F 433 -10.98 -57.63 55.58
C GLY F 433 -11.11 -56.52 56.60
N TYR F 434 -11.13 -55.26 56.16
CA TYR F 434 -11.26 -54.13 57.07
C TYR F 434 -12.43 -53.27 56.63
N ASN F 435 -13.43 -53.15 57.48
CA ASN F 435 -14.57 -52.27 57.21
C ASN F 435 -14.27 -50.90 57.81
N ARG F 436 -14.20 -49.88 56.95
CA ARG F 436 -13.87 -48.52 57.39
C ARG F 436 -14.79 -47.49 56.76
N SER F 437 -15.92 -47.91 56.19
CA SER F 437 -16.79 -46.99 55.47
C SER F 437 -17.39 -45.93 56.38
N HIS F 438 -17.48 -46.19 57.69
CA HIS F 438 -18.06 -45.24 58.63
C HIS F 438 -17.02 -44.32 59.26
N ASN F 439 -15.74 -44.50 58.94
CA ASN F 439 -14.70 -43.68 59.54
C ASN F 439 -14.61 -42.33 58.83
N PHE F 440 -13.64 -41.52 59.24
CA PHE F 440 -13.58 -40.13 58.80
C PHE F 440 -13.41 -39.98 57.29
N PRO F 441 -12.30 -40.42 56.69
CA PRO F 441 -12.05 -40.02 55.30
C PRO F 441 -13.04 -40.61 54.32
N PHE F 442 -13.64 -41.76 54.62
CA PHE F 442 -14.47 -42.46 53.66
C PHE F 442 -15.95 -42.12 53.78
N ILE F 443 -16.43 -41.83 55.00
CA ILE F 443 -17.85 -41.54 55.18
C ILE F 443 -18.28 -40.23 54.54
N LEU F 444 -17.33 -39.39 54.13
CA LEU F 444 -17.67 -38.09 53.60
C LEU F 444 -18.23 -38.21 52.18
N ASP F 445 -19.28 -37.44 51.90
CA ASP F 445 -19.79 -37.34 50.55
C ASP F 445 -18.93 -36.36 49.74
N ARG F 446 -19.14 -36.36 48.43
CA ARG F 446 -18.36 -35.48 47.57
C ARG F 446 -18.61 -34.01 47.92
N GLU F 447 -19.86 -33.67 48.24
CA GLU F 447 -20.18 -32.28 48.55
C GLU F 447 -19.53 -31.83 49.85
N ASP F 448 -19.35 -32.74 50.80
CA ASP F 448 -18.90 -32.38 52.13
C ASP F 448 -17.41 -32.60 52.34
N ILE F 449 -16.66 -33.02 51.32
CA ILE F 449 -15.25 -33.32 51.52
C ILE F 449 -14.49 -32.05 51.89
N VAL F 450 -14.66 -30.98 51.11
CA VAL F 450 -13.91 -29.76 51.36
C VAL F 450 -14.37 -29.11 52.67
N ASP F 451 -15.68 -29.06 52.91
CA ASP F 451 -16.19 -28.38 54.10
C ASP F 451 -15.70 -29.06 55.37
N LYS F 452 -15.78 -30.39 55.43
CA LYS F 452 -15.35 -31.10 56.62
C LYS F 452 -13.83 -31.14 56.73
N CYS F 453 -13.12 -31.23 55.60
CA CYS F 453 -11.67 -31.29 55.65
C CYS F 453 -11.07 -29.96 56.07
N SER F 454 -11.75 -28.85 55.79
CA SER F 454 -11.26 -27.56 56.26
C SER F 454 -11.28 -27.46 57.78
N LYS F 455 -12.35 -27.98 58.39
CA LYS F 455 -12.46 -27.91 59.85
C LYS F 455 -11.46 -28.82 60.54
N LYS F 456 -11.11 -29.95 59.92
CA LYS F 456 -10.21 -30.90 60.54
C LYS F 456 -8.87 -30.25 60.84
N THR F 457 -8.37 -30.46 62.06
CA THR F 457 -7.12 -29.83 62.50
C THR F 457 -6.22 -30.87 63.16
N ILE F 458 -4.94 -30.83 62.81
CA ILE F 458 -3.93 -31.69 63.41
C ILE F 458 -2.75 -30.82 63.81
N ALA F 459 -2.32 -30.97 65.08
CA ALA F 459 -1.17 -30.24 65.61
C ALA F 459 -1.35 -28.74 65.48
N GLY F 460 -2.56 -28.26 65.70
CA GLY F 460 -2.84 -26.84 65.64
C GLY F 460 -2.77 -26.24 64.25
N ARG F 461 -2.76 -27.06 63.20
CA ARG F 461 -2.71 -26.57 61.84
C ARG F 461 -3.72 -27.35 61.01
N LYS F 462 -4.20 -26.70 59.94
CA LYS F 462 -5.19 -27.33 59.05
C LYS F 462 -4.44 -28.01 57.90
N LEU F 463 -3.93 -29.20 58.18
CA LEU F 463 -3.21 -29.97 57.18
C LEU F 463 -4.11 -30.77 56.26
N PHE F 464 -5.42 -30.75 56.50
CA PHE F 464 -6.34 -31.58 55.74
C PHE F 464 -7.16 -30.80 54.71
N GLU F 465 -7.00 -29.48 54.64
CA GLU F 465 -7.77 -28.70 53.68
C GLU F 465 -7.40 -29.11 52.26
N ILE F 466 -8.40 -29.29 51.42
CA ILE F 466 -8.17 -29.66 50.02
C ILE F 466 -7.71 -28.41 49.30
N PRO F 467 -6.52 -28.43 48.68
CA PRO F 467 -6.01 -27.22 48.04
C PRO F 467 -6.82 -26.85 46.81
N SER F 468 -6.86 -25.55 46.53
CA SER F 468 -7.67 -24.99 45.46
C SER F 468 -6.83 -24.15 44.53
N PHE F 469 -7.13 -24.20 43.24
CA PHE F 469 -6.39 -23.40 42.27
C PHE F 469 -6.81 -21.93 42.31
N LEU F 470 -8.07 -21.65 42.60
CA LEU F 470 -8.55 -20.27 42.55
C LEU F 470 -7.84 -19.39 43.58
N LEU F 471 -7.65 -19.92 44.79
CA LEU F 471 -7.01 -19.13 45.83
C LEU F 471 -5.58 -18.78 45.45
N ILE F 472 -4.80 -19.78 45.02
CA ILE F 472 -3.43 -19.50 44.64
C ILE F 472 -3.38 -18.64 43.40
N HIS F 473 -4.42 -18.68 42.56
CA HIS F 473 -4.46 -17.78 41.41
C HIS F 473 -4.68 -16.34 41.85
N LYS F 474 -5.54 -16.12 42.83
CA LYS F 474 -5.69 -14.78 43.38
C LYS F 474 -4.39 -14.28 43.97
N ALA F 475 -3.69 -15.16 44.70
CA ALA F 475 -2.38 -14.80 45.24
C ALA F 475 -1.40 -14.48 44.11
N LEU F 476 -1.46 -15.25 43.03
CA LEU F 476 -0.58 -15.00 41.88
C LEU F 476 -0.86 -13.64 41.28
N GLN F 477 -2.13 -13.27 41.12
CA GLN F 477 -2.45 -11.97 40.56
C GLN F 477 -1.96 -10.84 41.44
N LYS F 478 -2.18 -10.95 42.75
CA LYS F 478 -1.70 -9.90 43.64
C LYS F 478 -0.18 -9.84 43.64
N GLY F 479 0.48 -10.99 43.60
CA GLY F 479 1.94 -11.00 43.53
C GLY F 479 2.47 -10.41 42.25
N LEU F 480 1.77 -10.63 41.14
CA LEU F 480 2.16 -9.99 39.88
C LEU F 480 2.03 -8.48 39.98
N GLN F 481 0.99 -8.01 40.69
CA GLN F 481 0.73 -6.55 40.77
C GLN F 481 1.67 -5.88 41.77
N GLU F 482 2.46 -6.65 42.51
CA GLU F 482 3.35 -6.08 43.56
C GLU F 482 4.81 -6.45 43.35
N SER F 483 5.12 -7.47 42.54
CA SER F 483 6.51 -7.95 42.37
C SER F 483 6.91 -8.02 40.90
N GLY F 484 5.95 -8.28 40.00
CA GLY F 484 6.26 -8.41 38.57
C GLY F 484 6.52 -9.86 38.20
N ILE F 485 6.40 -10.19 36.92
CA ILE F 485 6.54 -11.60 36.48
C ILE F 485 7.92 -12.12 36.91
N GLU F 486 8.95 -11.28 36.82
CA GLU F 486 10.34 -11.72 37.14
C GLU F 486 10.33 -12.55 38.43
N LYS F 487 9.98 -11.93 39.56
CA LYS F 487 10.00 -12.63 40.86
C LYS F 487 9.20 -13.94 40.78
N ILE F 488 8.07 -13.93 40.07
CA ILE F 488 7.20 -15.14 40.02
C ILE F 488 8.00 -16.32 39.42
N MET F 489 8.66 -16.10 38.28
CA MET F 489 9.45 -17.18 37.63
C MET F 489 10.93 -17.05 38.03
N ASN F 490 11.22 -16.27 39.07
CA ASN F 490 12.61 -16.21 39.58
C ASN F 490 13.00 -17.63 40.02
N PRO F 491 12.20 -18.33 40.87
CA PRO F 491 12.53 -19.71 41.22
C PRO F 491 11.84 -20.71 40.30
N GLN F 492 11.30 -20.25 39.18
CA GLN F 492 10.72 -21.20 38.20
C GLN F 492 11.75 -22.31 37.94
N SER F 493 12.94 -21.92 37.45
CA SER F 493 14.02 -22.92 37.25
C SER F 493 13.49 -24.13 36.47
N LEU F 494 13.16 -23.94 35.19
CA LEU F 494 12.68 -25.06 34.35
C LEU F 494 13.07 -24.82 32.89
N ASN F 495 12.39 -23.85 32.28
CA ASN F 495 12.69 -23.49 30.87
C ASN F 495 12.11 -24.52 29.90
N TYR F 496 12.52 -25.80 29.98
CA TYR F 496 12.15 -26.76 28.89
C TYR F 496 11.99 -28.16 29.48
PG DTP S . 32.79 6.58 -16.80
O1G DTP S . 32.62 7.50 -15.62
O2G DTP S . 33.76 5.46 -16.54
O3G DTP S . 33.09 7.32 -18.08
PB DTP S . 30.95 4.64 -17.95
O1B DTP S . 32.11 4.33 -18.84
O2B DTP S . 30.35 3.58 -17.10
O3B DTP S . 31.35 5.87 -17.02
PA DTP S . 29.16 4.75 -20.22
O1A DTP S . 30.08 5.08 -21.36
O2A DTP S . 27.73 5.18 -20.31
O3A DTP S . 29.81 5.30 -18.86
O5' DTP S . 29.23 3.18 -19.91
C5' DTP S . 29.04 2.18 -20.94
C4' DTP S . 29.64 0.88 -20.48
O4' DTP S . 30.28 0.24 -21.60
C3' DTP S . 30.76 1.05 -19.46
O3' DTP S . 31.01 -0.17 -18.78
C2' DTP S . 31.93 1.43 -20.37
C1' DTP S . 31.62 0.71 -21.68
N9 DTP S . 31.71 1.58 -22.84
C8 DTP S . 31.52 2.94 -22.91
N7 DTP S . 31.67 3.42 -24.12
C5 DTP S . 31.99 2.30 -24.89
C6 DTP S . 32.27 2.15 -26.26
N6 DTP S . 32.29 3.15 -27.13
N1 DTP S . 32.56 0.89 -26.70
C2 DTP S . 32.54 -0.11 -25.81
N3 DTP S . 32.29 -0.08 -24.50
C4 DTP S . 32.02 1.17 -24.11
MG MG T . 27.62 4.12 -15.72
PG DTP U . -15.73 -21.49 -24.94
O1G DTP U . -16.18 -21.25 -23.51
O2G DTP U . -16.56 -20.76 -25.95
O3G DTP U . -15.58 -22.97 -25.25
PB DTP U . -13.17 -20.90 -26.21
O1B DTP U . -13.69 -21.75 -27.33
O2B DTP U . -12.72 -19.52 -26.49
O3B DTP U . -14.25 -20.86 -25.04
PA DTP U . -10.55 -22.16 -26.06
O1A DTP U . -10.77 -23.23 -27.07
O2A DTP U . -9.64 -22.44 -24.90
O3A DTP U . -11.97 -21.71 -25.49
O5' DTP U . -10.10 -20.81 -26.78
C5' DTP U . -9.09 -20.82 -27.82
C4' DTP U . -9.48 -19.83 -28.88
O4' DTP U . -8.92 -20.25 -30.14
C3' DTP U . -10.98 -19.76 -29.15
O3' DTP U . -11.31 -18.58 -29.87
C2' DTP U . -11.17 -21.02 -29.99
C1' DTP U . -9.86 -21.12 -30.77
N9 DTP U . -9.29 -22.46 -30.77
C8 DTP U . -9.58 -23.50 -29.93
N7 DTP U . -8.87 -24.58 -30.20
C5 DTP U . -8.08 -24.21 -31.27
C6 DTP U . -7.11 -24.91 -32.01
N6 DTP U . -6.77 -26.17 -31.80
N1 DTP U . -6.50 -24.23 -33.02
C2 DTP U . -6.86 -22.96 -33.25
N3 DTP U . -7.74 -22.21 -32.62
C4 DTP U . -8.32 -22.91 -31.63
MG MG V . -11.47 -18.81 -23.20
PG DTP W . -10.05 30.00 -18.28
O1G DTP W . -8.65 29.55 -17.97
O2G DTP W . -10.48 29.68 -19.68
O3G DTP W . -10.31 31.44 -17.89
PB DTP W . -12.53 29.35 -16.84
O1B DTP W . -13.16 30.35 -17.75
O2B DTP W . -13.17 28.02 -16.65
O3B DTP W . -11.01 29.12 -17.32
PA DTP W . -13.02 31.17 -14.61
O1A DTP W . -13.43 32.25 -15.57
O2A DTP W . -12.19 31.57 -13.43
O3A DTP W . -12.28 30.02 -15.41
O5' DTP W . -14.33 30.40 -14.10
C5' DTP W . -15.52 30.49 -14.92
C4' DTP W . -15.92 29.11 -15.36
O4' DTP W . -17.00 28.64 -14.54
C3' DTP W . -16.37 28.97 -16.81
O3' DTP W . -15.58 28.00 -17.49
C2' DTP W . -17.82 28.49 -16.71
C1' DTP W . -18.20 28.78 -15.27
N9 DTP W . -18.71 30.11 -15.03
C8 DTP W . -18.69 31.22 -15.85
N7 DTP W . -19.20 32.27 -15.29
C5 DTP W . -19.58 31.85 -14.03
C6 DTP W . -20.20 32.51 -12.94
N6 DTP W . -20.54 33.79 -12.98
N1 DTP W . -20.44 31.78 -11.83
C2 DTP W . -20.08 30.49 -11.82
N3 DTP W . -19.50 29.77 -12.77
C4 DTP W . -19.28 30.53 -13.85
MG MG X . -12.12 27.25 -14.15
PG DTP Y . -32.13 -5.83 19.21
O1G DTP Y . -31.81 -7.30 19.11
O2G DTP Y . -31.92 -5.27 20.60
O3G DTP Y . -33.49 -5.47 18.65
PB DTP Y . -30.85 -3.55 17.88
O1B DTP Y . -31.82 -2.73 18.68
O2B DTP Y . -29.39 -3.21 17.91
O3B DTP Y . -31.05 -5.08 18.28
PA DTP Y . -32.61 -2.93 15.63
O1A DTP Y . -33.85 -3.44 16.29
O2A DTP Y . -32.46 -3.11 14.16
O3A DTP Y . -31.34 -3.60 16.36
O5' DTP Y . -32.37 -1.40 16.02
C5' DTP Y . -33.16 -0.38 15.35
C4' DTP Y . -33.95 0.39 16.39
O4' DTP Y . -34.83 1.32 15.72
C3' DTP Y . -34.85 -0.47 17.26
O3' DTP Y . -34.13 -0.93 18.41
C2' DTP Y . -35.95 0.51 17.64
C1' DTP Y . -36.08 1.36 16.39
N9 DTP Y . -37.10 0.87 15.48
C8 DTP Y . -36.95 0.07 14.37
N7 DTP Y . -38.09 -0.19 13.77
C5 DTP Y . -39.05 0.48 14.53
C6 DTP Y . -40.44 0.60 14.40
N6 DTP Y . -41.15 0.03 13.43
N1 DTP Y . -41.08 1.34 15.34
C2 DTP Y . -40.36 1.91 16.31
N3 DTP Y . -39.05 1.88 16.52
C4 DTP Y . -38.45 1.13 15.58
MG MG Z . -27.73 -4.06 15.72
PG DTP AA . 11.52 24.35 25.08
O1G DTP AA . 10.86 24.66 23.75
O2G DTP AA . 10.52 24.24 26.21
O3G DTP AA . 12.67 25.28 25.39
PB DTP AA . 12.62 21.82 26.04
O1B DTP AA . 13.09 22.56 27.25
O2B DTP AA . 11.56 20.79 26.17
O3B DTP AA . 12.17 22.88 24.94
PA DTP AA . 14.92 20.04 25.82
O1A DTP AA . 15.73 20.59 26.94
O2A DTP AA . 15.61 19.47 24.63
O3A DTP AA . 13.89 21.17 25.32
O5' DTP AA . 13.88 18.97 26.39
C5' DTP AA . 14.26 18.19 27.54
C4' DTP AA . 13.03 17.81 28.31
O4' DTP AA . 13.43 17.23 29.56
C3' DTP AA . 12.17 18.99 28.71
O3' DTP AA . 10.91 18.56 29.21
C2' DTP AA . 13.03 19.56 29.83
C1' DTP AA . 13.55 18.29 30.51
N9 DTP AA . 14.93 18.38 30.91
C8 DTP AA . 15.97 19.02 30.28
N7 DTP AA . 17.10 18.91 30.93
C5 DTP AA . 16.79 18.15 32.05
C6 DTP AA . 17.56 17.68 33.13
N6 DTP AA . 18.86 17.91 33.27
N1 DTP AA . 16.92 16.95 34.07
C2 DTP AA . 15.61 16.71 33.92
N3 DTP AA . 14.78 17.10 32.96
C4 DTP AA . 15.45 17.82 32.04
MG MG BA . 11.46 18.78 23.15
PG DTP CA . 12.02 -31.31 15.67
O1G DTP CA . 10.88 -31.50 14.70
O2G DTP CA . 13.24 -32.13 15.33
O3G DTP CA . 11.59 -31.49 17.11
PB DTP CA . 13.27 -28.84 16.55
O1B DTP CA . 14.26 -29.70 17.27
O2B DTP CA . 13.76 -27.63 15.83
O3B DTP CA . 12.47 -29.78 15.54
PA DTP CA . 12.16 -27.97 19.08
O1A DTP CA . 12.46 -29.14 19.95
O2A DTP CA . 10.93 -27.16 19.37
O3A DTP CA . 12.10 -28.44 17.56
O5' DTP CA . 13.43 -27.00 19.01
C5' DTP CA . 13.97 -26.42 20.22
C4' DTP CA . 15.46 -26.62 20.23
O4' DTP CA . 15.90 -26.81 21.59
C3' DTP CA . 15.93 -27.86 19.48
O3' DTP CA . 17.30 -27.76 19.14
C2' DTP CA . 15.70 -28.92 20.55
C1' DTP CA . 16.17 -28.20 21.79
N9 DTP CA . 15.48 -28.62 22.99
C8 DTP CA . 14.13 -28.56 23.25
N7 DTP CA . 13.83 -29.02 24.44
C5 DTP CA . 15.04 -29.42 24.98
C6 DTP CA . 15.39 -30.00 26.22
N6 DTP CA . 14.50 -30.29 27.17
N1 DTP CA . 16.70 -30.26 26.44
C2 DTP CA . 17.58 -29.96 25.48
N3 DTP CA . 17.37 -29.41 24.27
C4 DTP CA . 16.06 -29.17 24.10
MG MG DA . 11.23 -26.30 14.60
MG MG EA . 29.15 34.90 -33.82
MG MG FA . -8.48 -53.64 -15.91
MG MG GA . -0.44 56.58 0.99
MG MG HA . -49.09 -28.33 0.50
MG MG IA . 42.60 34.17 14.94
MG MG JA . -13.78 -43.67 33.31
#